data_6X0K
#
_entry.id   6X0K
#
_cell.length_a   105.902
_cell.length_b   155.044
_cell.length_c   146.846
_cell.angle_alpha   90.000
_cell.angle_beta   91.010
_cell.angle_gamma   90.000
#
_symmetry.space_group_name_H-M   'P 1 21 1'
#
loop_
_entity.id
_entity.type
_entity.pdbx_description
1 polymer 'L-ornithine N(5)-monooxygenase'
2 non-polymer 'DIHYDROFLAVINE-ADENINE DINUCLEOTIDE'
3 non-polymer L-ornithine
4 water water
#
_entity_poly.entity_id   1
_entity_poly.type   'polypeptide(L)'
_entity_poly.pdbx_seq_one_letter_code
;MGSSHHHHHHSSGLVPRGSHMPRLRSTPQDELHDLLCVGFGPASLAIAIALHDALDPRLNKSASNIHAQPKICFLERQKQ
FAWHSGMLVPGSKMQISFIKDLATLRDPRSSFTFLNYLHQKGRLIHFTNLSTFLPARLEFEDYMRWCAQQFSDVVAYGEE
VVEVIPGKSDPSSSVVDFFTVRSRNVETGEISARRTRKVVIAIGGTAKMPSGLPQDPRIIHSSKYCTTLPALLKDKSKPY
NIAVLGSGQSAAEIFHDLQKRYPNSRTTLIMRDSAMRPSDDSPFVNEIFNPERVDKFYSQSAAERQRSLLADKATNYSVV
RLELIEEIYNDMYLQRVKNPDETQWQHRILPERKITRVEHHGPQSRMRIHLKSSKPESEGAANDVKETLEVDALMVATGY
NRNAHERLLSKVQHLRPTGQDQWKPHRDYRVEMDPSKVSSEAGIWLQGCNERTHGLSDSLLSVLAVRGGEMVQSIFGEQL
ERAAVQGHQLRAML
;
_entity_poly.pdbx_strand_id   A,B,C,D,E,F,G,H
#
# COMPACT_ATOMS: atom_id res chain seq x y z
N LEU A 24 -23.80 23.81 -20.21
CA LEU A 24 -24.19 25.19 -20.07
C LEU A 24 -22.99 26.11 -20.32
N ARG A 25 -23.14 27.11 -21.18
CA ARG A 25 -22.05 28.03 -21.48
C ARG A 25 -22.13 29.26 -20.56
N SER A 26 -20.97 29.81 -20.24
CA SER A 26 -20.89 30.95 -19.35
C SER A 26 -21.39 32.21 -20.03
N THR A 27 -21.83 33.16 -19.23
CA THR A 27 -22.23 34.46 -19.76
C THR A 27 -21.23 35.51 -19.31
N PRO A 28 -20.74 36.39 -20.18
CA PRO A 28 -19.82 37.43 -19.71
C PRO A 28 -20.42 38.18 -18.53
N GLN A 29 -19.58 38.46 -17.55
CA GLN A 29 -20.06 38.92 -16.25
C GLN A 29 -20.82 40.24 -16.34
N ASP A 30 -20.43 41.13 -17.25
CA ASP A 30 -21.04 42.46 -17.33
C ASP A 30 -22.36 42.48 -18.11
N GLU A 31 -22.81 41.37 -18.70
CA GLU A 31 -24.01 41.38 -19.52
C GLU A 31 -25.27 41.18 -18.68
N LEU A 32 -26.41 41.51 -19.27
CA LEU A 32 -27.72 41.39 -18.61
C LEU A 32 -28.15 39.93 -18.59
N HIS A 33 -28.20 39.33 -17.41
CA HIS A 33 -28.54 37.92 -17.28
C HIS A 33 -30.05 37.70 -17.33
N ASP A 34 -30.45 36.48 -17.74
CA ASP A 34 -31.84 36.04 -17.57
C ASP A 34 -32.08 35.56 -16.15
N LEU A 35 -31.11 34.85 -15.58
CA LEU A 35 -31.27 34.34 -14.23
C LEU A 35 -29.93 34.36 -13.54
N LEU A 36 -29.96 34.80 -12.28
CA LEU A 36 -28.84 34.71 -11.36
C LEU A 36 -29.39 34.03 -10.11
N CYS A 37 -28.76 32.93 -9.71
CA CYS A 37 -29.12 32.19 -8.52
C CYS A 37 -28.07 32.50 -7.47
N VAL A 38 -28.51 32.87 -6.27
CA VAL A 38 -27.60 33.10 -5.16
C VAL A 38 -27.44 31.78 -4.41
N GLY A 39 -26.21 31.26 -4.39
CA GLY A 39 -25.97 30.00 -3.73
C GLY A 39 -25.88 28.86 -4.73
N PHE A 40 -24.94 27.94 -4.53
CA PHE A 40 -24.87 26.71 -5.31
C PHE A 40 -24.80 25.48 -4.41
N GLY A 41 -25.86 25.24 -3.61
CA GLY A 41 -26.06 24.00 -2.90
C GLY A 41 -27.01 23.09 -3.67
N PRO A 42 -27.52 22.01 -3.03
CA PRO A 42 -28.39 21.10 -3.79
C PRO A 42 -29.59 21.78 -4.43
N ALA A 43 -30.21 22.78 -3.77
CA ALA A 43 -31.40 23.40 -4.36
C ALA A 43 -31.07 24.08 -5.69
N SER A 44 -30.01 24.88 -5.72
CA SER A 44 -29.63 25.46 -6.99
C SER A 44 -29.09 24.40 -7.94
N LEU A 45 -28.41 23.38 -7.41
CA LEU A 45 -27.85 22.35 -8.29
C LEU A 45 -28.95 21.63 -9.07
N ALA A 46 -30.10 21.36 -8.43
CA ALA A 46 -31.21 20.75 -9.15
C ALA A 46 -31.73 21.66 -10.27
N ILE A 47 -31.61 22.99 -10.11
CA ILE A 47 -31.98 23.93 -11.16
C ILE A 47 -31.04 23.81 -12.36
N ALA A 48 -29.73 23.80 -12.11
CA ALA A 48 -28.80 23.72 -13.22
C ALA A 48 -28.96 22.40 -13.97
N ILE A 49 -29.11 21.30 -13.24
CA ILE A 49 -29.34 20.01 -13.87
C ILE A 49 -30.63 20.03 -14.67
N ALA A 50 -31.69 20.63 -14.09
CA ALA A 50 -32.98 20.67 -14.76
C ALA A 50 -32.93 21.46 -16.07
N LEU A 51 -32.22 22.59 -16.07
CA LEU A 51 -32.10 23.37 -17.29
C LEU A 51 -31.27 22.65 -18.33
N HIS A 52 -30.16 22.04 -17.90
CA HIS A 52 -29.39 21.19 -18.80
C HIS A 52 -30.29 20.15 -19.46
N ASP A 53 -31.07 19.41 -18.67
CA ASP A 53 -31.95 18.38 -19.24
C ASP A 53 -33.03 18.96 -20.14
N ALA A 54 -33.55 20.14 -19.79
CA ALA A 54 -34.57 20.77 -20.63
C ALA A 54 -34.04 21.09 -22.01
N LEU A 55 -32.73 21.30 -22.13
CA LEU A 55 -32.08 21.62 -23.40
C LEU A 55 -31.51 20.40 -24.12
N ASP A 56 -31.68 19.19 -23.55
CA ASP A 56 -31.14 17.97 -24.17
C ASP A 56 -32.18 17.30 -25.07
N PRO A 57 -31.92 17.19 -26.36
CA PRO A 57 -32.91 16.54 -27.25
C PRO A 57 -33.23 15.09 -26.92
N ARG A 58 -32.32 14.31 -26.30
CA ARG A 58 -32.71 12.97 -25.88
C ARG A 58 -33.85 13.00 -24.87
N LEU A 59 -33.91 14.06 -24.06
CA LEU A 59 -34.86 14.06 -22.97
C LEU A 59 -36.07 14.94 -23.24
N ASN A 60 -36.01 15.81 -24.25
CA ASN A 60 -37.15 16.66 -24.57
C ASN A 60 -37.59 16.49 -26.03
N GLN A 69 -29.41 29.25 -25.56
CA GLN A 69 -29.37 28.92 -24.13
C GLN A 69 -29.54 30.17 -23.26
N PRO A 70 -30.37 30.08 -22.23
CA PRO A 70 -30.54 31.21 -21.32
C PRO A 70 -29.21 31.65 -20.71
N LYS A 71 -29.13 32.94 -20.37
CA LYS A 71 -27.92 33.51 -19.77
C LYS A 71 -28.04 33.35 -18.25
N ILE A 72 -27.33 32.37 -17.70
CA ILE A 72 -27.51 31.96 -16.31
C ILE A 72 -26.17 32.04 -15.58
N CYS A 73 -26.23 32.33 -14.29
CA CYS A 73 -25.00 32.28 -13.51
C CYS A 73 -25.35 32.02 -12.06
N PHE A 74 -24.46 31.32 -11.38
CA PHE A 74 -24.65 30.95 -9.99
C PHE A 74 -23.53 31.56 -9.19
N LEU A 75 -23.84 32.09 -8.01
CA LEU A 75 -22.81 32.67 -7.13
C LEU A 75 -22.79 31.88 -5.83
N GLU A 76 -21.61 31.42 -5.42
CA GLU A 76 -21.50 30.57 -4.25
C GLU A 76 -20.41 31.05 -3.31
N ARG A 77 -20.77 31.14 -2.03
CA ARG A 77 -19.85 31.68 -1.03
C ARG A 77 -18.66 30.74 -0.82
N GLN A 78 -18.90 29.42 -0.79
CA GLN A 78 -17.80 28.48 -0.61
C GLN A 78 -16.89 28.45 -1.84
N LYS A 79 -15.62 28.14 -1.60
CA LYS A 79 -14.60 28.22 -2.66
C LYS A 79 -14.72 27.11 -3.69
N GLN A 80 -15.47 26.07 -3.38
CA GLN A 80 -15.72 24.95 -4.28
C GLN A 80 -17.01 24.35 -3.77
N PHE A 81 -17.60 23.46 -4.56
CA PHE A 81 -18.83 22.82 -4.11
C PHE A 81 -18.58 21.95 -2.89
N ALA A 82 -19.43 22.11 -1.88
CA ALA A 82 -19.40 21.31 -0.66
C ALA A 82 -20.77 21.35 -0.01
N TRP A 83 -21.14 20.24 0.59
CA TRP A 83 -22.45 19.99 1.19
C TRP A 83 -22.24 19.69 2.67
N HIS A 84 -22.46 20.71 3.52
CA HIS A 84 -22.40 20.61 4.98
C HIS A 84 -21.15 19.86 5.46
N SER A 85 -19.98 20.36 5.04
CA SER A 85 -18.75 19.63 5.34
C SER A 85 -18.44 19.58 6.83
N GLY A 86 -19.00 20.49 7.64
CA GLY A 86 -18.78 20.40 9.08
C GLY A 86 -19.43 19.18 9.70
N MET A 87 -20.38 18.55 8.99
CA MET A 87 -21.08 17.38 9.52
C MET A 87 -20.91 16.14 8.65
N LEU A 88 -19.86 16.07 7.85
CA LEU A 88 -19.53 14.82 7.15
C LEU A 88 -18.80 13.92 8.15
N VAL A 89 -19.52 13.49 9.17
CA VAL A 89 -18.93 12.69 10.24
C VAL A 89 -18.76 11.28 9.70
N PRO A 90 -17.69 10.58 10.08
CA PRO A 90 -17.48 9.20 9.61
C PRO A 90 -18.67 8.31 9.91
N GLY A 91 -19.07 7.51 8.92
CA GLY A 91 -20.15 6.58 9.10
C GLY A 91 -21.52 7.22 9.05
N SER A 92 -21.59 8.54 8.91
CA SER A 92 -22.90 9.16 8.82
C SER A 92 -23.52 8.79 7.48
N LYS A 93 -24.81 8.53 7.50
CA LYS A 93 -25.56 8.05 6.37
C LYS A 93 -26.62 9.06 5.96
N MET A 94 -27.12 8.92 4.74
CA MET A 94 -28.24 9.73 4.34
C MET A 94 -29.49 9.30 5.11
N GLN A 95 -30.47 10.21 5.15
CA GLN A 95 -31.76 9.86 5.70
C GLN A 95 -32.82 9.98 4.63
N ILE A 96 -32.43 9.76 3.39
CA ILE A 96 -33.38 9.84 2.29
C ILE A 96 -32.93 8.86 1.23
N SER A 97 -33.90 8.21 0.59
CA SER A 97 -33.59 7.23 -0.44
C SER A 97 -32.78 7.84 -1.57
N PHE A 98 -31.79 7.08 -2.07
CA PHE A 98 -31.01 7.59 -3.19
C PHE A 98 -31.91 7.84 -4.40
N ILE A 99 -33.11 7.26 -4.43
CA ILE A 99 -34.06 7.50 -5.52
C ILE A 99 -34.49 8.96 -5.52
N LYS A 100 -34.43 9.61 -4.36
CA LYS A 100 -34.73 11.03 -4.24
C LYS A 100 -33.47 11.86 -4.48
N ASP A 101 -32.72 11.52 -5.51
CA ASP A 101 -31.51 12.29 -5.82
C ASP A 101 -31.89 13.54 -6.61
N LEU A 102 -30.93 14.16 -7.29
CA LEU A 102 -31.20 15.44 -7.93
C LEU A 102 -31.82 15.33 -9.35
N ALA A 103 -32.22 14.13 -9.82
CA ALA A 103 -32.75 13.98 -11.20
C ALA A 103 -33.83 12.90 -11.36
N THR A 104 -33.73 11.83 -10.60
CA THR A 104 -34.45 10.60 -10.91
C THR A 104 -35.97 10.78 -10.85
N LEU A 105 -36.50 11.51 -9.85
CA LEU A 105 -37.95 11.67 -9.78
C LEU A 105 -38.51 12.53 -10.90
N ARG A 106 -37.66 13.30 -11.55
CA ARG A 106 -38.10 14.08 -12.68
C ARG A 106 -37.94 13.29 -13.96
N ASP A 107 -36.82 12.56 -14.09
CA ASP A 107 -36.52 11.71 -15.24
C ASP A 107 -35.47 10.68 -14.87
N PRO A 108 -35.85 9.42 -14.69
CA PRO A 108 -34.84 8.40 -14.40
C PRO A 108 -33.76 8.24 -15.49
N ARG A 109 -34.01 8.74 -16.72
CA ARG A 109 -33.04 8.66 -17.82
C ARG A 109 -31.94 9.71 -17.74
N SER A 110 -32.03 10.66 -16.81
CA SER A 110 -31.07 11.75 -16.80
C SER A 110 -29.66 11.21 -16.57
N SER A 111 -28.67 11.92 -17.09
CA SER A 111 -27.31 11.54 -16.76
C SER A 111 -26.89 11.95 -15.33
N PHE A 112 -27.68 12.75 -14.61
CA PHE A 112 -27.28 13.23 -13.28
C PHE A 112 -27.91 12.41 -12.17
N THR A 113 -28.38 11.20 -12.47
CA THR A 113 -28.89 10.32 -11.43
C THR A 113 -27.76 9.72 -10.61
N PHE A 114 -28.09 9.31 -9.38
CA PHE A 114 -27.11 8.66 -8.51
C PHE A 114 -26.70 7.30 -9.06
N LEU A 115 -27.63 6.57 -9.65
CA LEU A 115 -27.25 5.31 -10.27
C LEU A 115 -26.33 5.58 -11.45
N ASN A 116 -26.56 6.67 -12.20
CA ASN A 116 -25.62 6.93 -13.29
C ASN A 116 -24.26 7.35 -12.78
N TYR A 117 -24.23 8.09 -11.66
CA TYR A 117 -22.96 8.45 -11.06
C TYR A 117 -22.15 7.20 -10.70
N LEU A 118 -22.80 6.24 -10.04
CA LEU A 118 -22.11 5.01 -9.63
C LEU A 118 -21.54 4.30 -10.84
N HIS A 119 -22.33 4.22 -11.91
CA HIS A 119 -21.88 3.55 -13.13
C HIS A 119 -20.65 4.23 -13.70
N GLN A 120 -20.63 5.56 -13.73
CA GLN A 120 -19.46 6.30 -14.24
C GLN A 120 -18.24 6.06 -13.37
N LYS A 121 -18.43 5.86 -12.05
CA LYS A 121 -17.31 5.56 -11.16
C LYS A 121 -16.97 4.07 -11.13
N GLY A 122 -17.69 3.24 -11.91
CA GLY A 122 -17.41 1.82 -11.93
C GLY A 122 -17.72 1.15 -10.62
N ARG A 123 -18.73 1.65 -9.90
CA ARG A 123 -19.07 1.21 -8.56
C ARG A 123 -20.51 0.77 -8.43
N LEU A 124 -21.27 0.72 -9.54
CA LEU A 124 -22.68 0.41 -9.45
C LEU A 124 -22.92 -0.99 -8.92
N ILE A 125 -22.14 -1.96 -9.40
CA ILE A 125 -22.35 -3.32 -8.93
C ILE A 125 -21.97 -3.45 -7.45
N HIS A 126 -20.95 -2.71 -7.02
CA HIS A 126 -20.56 -2.86 -5.62
C HIS A 126 -21.60 -2.22 -4.69
N PHE A 127 -22.21 -1.11 -5.11
CA PHE A 127 -23.28 -0.51 -4.31
C PHE A 127 -24.51 -1.40 -4.28
N THR A 128 -24.81 -2.11 -5.38
CA THR A 128 -25.96 -3.00 -5.37
C THR A 128 -25.83 -4.00 -4.24
N ASN A 129 -24.64 -4.57 -4.05
CA ASN A 129 -24.48 -5.56 -2.97
C ASN A 129 -24.51 -4.94 -1.55
N LEU A 130 -24.43 -3.60 -1.41
CA LEU A 130 -24.64 -3.00 -0.09
C LEU A 130 -26.07 -3.23 0.39
N SER A 131 -27.01 -3.46 -0.54
CA SER A 131 -28.43 -3.61 -0.25
C SER A 131 -28.96 -2.48 0.66
N THR A 132 -28.65 -1.23 0.33
CA THR A 132 -29.15 -0.09 1.09
C THR A 132 -29.67 1.01 0.16
N PHE A 133 -30.73 1.70 0.60
CA PHE A 133 -31.18 2.93 -0.06
C PHE A 133 -30.48 4.18 0.47
N LEU A 134 -29.60 4.05 1.47
CA LEU A 134 -29.01 5.15 2.22
C LEU A 134 -27.48 5.15 2.08
N PRO A 135 -26.94 5.87 1.10
CA PRO A 135 -25.49 5.95 0.96
C PRO A 135 -24.86 6.72 2.12
N ALA A 136 -23.56 6.52 2.29
CA ALA A 136 -22.84 7.38 3.22
C ALA A 136 -22.99 8.84 2.77
N ARG A 137 -23.03 9.76 3.74
CA ARG A 137 -23.07 11.18 3.40
C ARG A 137 -21.83 11.58 2.62
N LEU A 138 -20.69 10.99 2.97
CA LEU A 138 -19.48 11.29 2.22
C LEU A 138 -19.67 10.89 0.75
N GLU A 139 -20.29 9.74 0.50
CA GLU A 139 -20.48 9.28 -0.87
C GLU A 139 -21.50 10.16 -1.58
N PHE A 140 -22.60 10.50 -0.89
CA PHE A 140 -23.64 11.29 -1.52
C PHE A 140 -23.16 12.70 -1.83
N GLU A 141 -22.28 13.27 -0.99
CA GLU A 141 -21.64 14.53 -1.34
C GLU A 141 -20.72 14.39 -2.57
N ASP A 142 -20.01 13.25 -2.70
CA ASP A 142 -19.17 13.09 -3.90
C ASP A 142 -20.03 13.04 -5.17
N TYR A 143 -21.19 12.38 -5.11
CA TYR A 143 -22.15 12.40 -6.21
C TYR A 143 -22.63 13.83 -6.51
N MET A 144 -22.85 14.64 -5.48
CA MET A 144 -23.28 15.99 -5.83
C MET A 144 -22.13 16.82 -6.35
N ARG A 145 -20.92 16.63 -5.81
CA ARG A 145 -19.74 17.27 -6.38
C ARG A 145 -19.50 16.83 -7.82
N TRP A 146 -19.68 15.54 -8.12
CA TRP A 146 -19.55 15.06 -9.49
C TRP A 146 -20.53 15.75 -10.43
N CYS A 147 -21.77 15.98 -9.97
CA CYS A 147 -22.74 16.77 -10.75
C CYS A 147 -22.30 18.22 -10.86
N ALA A 148 -21.95 18.84 -9.71
CA ALA A 148 -21.64 20.26 -9.67
C ALA A 148 -20.46 20.59 -10.57
N GLN A 149 -19.49 19.69 -10.68
CA GLN A 149 -18.31 19.95 -11.48
C GLN A 149 -18.63 20.14 -12.96
N GLN A 150 -19.74 19.60 -13.44
CA GLN A 150 -20.14 19.80 -14.83
C GLN A 150 -20.75 21.17 -15.11
N PHE A 151 -20.90 22.04 -14.10
CA PHE A 151 -21.41 23.39 -14.35
C PHE A 151 -20.39 24.47 -14.06
N SER A 152 -19.10 24.10 -14.05
CA SER A 152 -18.08 25.01 -13.56
C SER A 152 -18.08 26.32 -14.32
N ASP A 153 -18.51 26.33 -15.58
CA ASP A 153 -18.45 27.56 -16.36
C ASP A 153 -19.52 28.58 -15.96
N VAL A 154 -20.59 28.17 -15.28
CA VAL A 154 -21.67 29.08 -14.93
C VAL A 154 -21.77 29.32 -13.42
N VAL A 155 -20.78 28.91 -12.64
CA VAL A 155 -20.78 29.10 -11.19
C VAL A 155 -19.59 29.97 -10.84
N ALA A 156 -19.83 31.01 -10.05
CA ALA A 156 -18.74 31.84 -9.57
C ALA A 156 -18.58 31.56 -8.09
N TYR A 157 -17.53 30.81 -7.76
CA TYR A 157 -17.28 30.46 -6.37
C TYR A 157 -16.50 31.57 -5.66
N GLY A 158 -16.49 31.48 -4.34
CA GLY A 158 -15.83 32.49 -3.54
C GLY A 158 -16.50 33.83 -3.63
N GLU A 159 -17.80 33.85 -3.90
CA GLU A 159 -18.60 35.06 -4.04
C GLU A 159 -19.70 35.01 -2.99
N GLU A 160 -19.62 35.91 -2.01
CA GLU A 160 -20.61 36.01 -0.94
C GLU A 160 -21.57 37.13 -1.34
N VAL A 161 -22.80 36.77 -1.70
CA VAL A 161 -23.75 37.81 -2.08
C VAL A 161 -24.12 38.64 -0.85
N VAL A 162 -24.12 39.97 -1.00
CA VAL A 162 -24.41 40.87 0.10
C VAL A 162 -25.66 41.73 -0.11
N GLU A 163 -26.10 41.98 -1.34
CA GLU A 163 -27.33 42.74 -1.53
C GLU A 163 -27.93 42.50 -2.91
N VAL A 164 -29.25 42.67 -2.97
CA VAL A 164 -30.02 42.68 -4.20
C VAL A 164 -30.58 44.09 -4.36
N ILE A 165 -30.12 44.81 -5.38
CA ILE A 165 -30.41 46.23 -5.59
C ILE A 165 -31.34 46.40 -6.79
N PRO A 166 -32.33 47.30 -6.72
CA PRO A 166 -33.22 47.48 -7.88
C PRO A 166 -32.52 48.12 -9.06
N GLY A 167 -33.11 47.92 -10.24
CA GLY A 167 -32.60 48.54 -11.45
C GLY A 167 -33.73 48.99 -12.35
N LYS A 168 -33.56 50.13 -13.01
CA LYS A 168 -34.56 50.69 -13.91
C LYS A 168 -33.84 51.00 -15.20
N SER A 169 -34.19 50.26 -16.25
CA SER A 169 -33.50 50.45 -17.53
C SER A 169 -33.88 51.76 -18.19
N ASP A 170 -35.10 52.26 -17.98
CA ASP A 170 -35.60 53.45 -18.66
C ASP A 170 -35.51 54.67 -17.75
N PRO A 171 -34.85 55.75 -18.16
CA PRO A 171 -34.87 56.97 -17.33
C PRO A 171 -36.23 57.62 -17.24
N SER A 172 -37.13 57.37 -18.19
CA SER A 172 -38.49 57.90 -18.16
C SER A 172 -39.42 57.10 -17.26
N SER A 173 -39.01 55.91 -16.84
CA SER A 173 -39.87 55.00 -16.08
C SER A 173 -39.43 54.93 -14.63
N SER A 174 -40.42 54.78 -13.75
CA SER A 174 -40.22 54.46 -12.33
C SER A 174 -40.34 52.95 -12.07
N VAL A 175 -40.41 52.15 -13.12
CA VAL A 175 -40.69 50.74 -13.00
C VAL A 175 -39.37 49.98 -12.87
N VAL A 176 -39.32 49.07 -11.92
CA VAL A 176 -38.16 48.20 -11.76
C VAL A 176 -38.27 47.05 -12.77
N ASP A 177 -37.20 46.83 -13.56
CA ASP A 177 -37.18 45.75 -14.55
C ASP A 177 -35.92 44.89 -14.57
N PHE A 178 -34.96 45.11 -13.68
CA PHE A 178 -33.85 44.19 -13.48
C PHE A 178 -33.33 44.45 -12.07
N PHE A 179 -32.49 43.53 -11.61
CA PHE A 179 -31.93 43.56 -10.28
C PHE A 179 -30.42 43.43 -10.37
N THR A 180 -29.71 44.20 -9.54
CA THR A 180 -28.27 44.15 -9.45
C THR A 180 -27.93 43.35 -8.20
N VAL A 181 -27.13 42.30 -8.38
CA VAL A 181 -26.68 41.45 -7.30
C VAL A 181 -25.23 41.80 -7.01
N ARG A 182 -24.93 42.18 -5.77
CA ARG A 182 -23.58 42.54 -5.37
C ARG A 182 -23.02 41.43 -4.52
N SER A 183 -21.80 41.00 -4.84
CA SER A 183 -21.18 39.88 -4.16
C SER A 183 -19.78 40.26 -3.71
N ARG A 184 -19.39 39.78 -2.54
CA ARG A 184 -18.06 40.07 -1.99
C ARG A 184 -17.15 38.90 -2.30
N ASN A 185 -15.98 39.18 -2.85
CA ASN A 185 -14.99 38.12 -3.06
C ASN A 185 -14.42 37.72 -1.70
N VAL A 186 -14.53 36.42 -1.36
CA VAL A 186 -14.11 35.97 -0.04
C VAL A 186 -12.60 36.01 0.14
N GLU A 187 -11.83 36.02 -0.94
CA GLU A 187 -10.39 36.06 -0.82
C GLU A 187 -9.87 37.49 -0.77
N THR A 188 -10.35 38.34 -1.68
CA THR A 188 -9.80 39.68 -1.87
C THR A 188 -10.61 40.77 -1.20
N GLY A 189 -11.87 40.51 -0.84
CA GLY A 189 -12.76 41.51 -0.32
C GLY A 189 -13.38 42.43 -1.37
N GLU A 190 -13.00 42.30 -2.63
CA GLU A 190 -13.52 43.17 -3.66
C GLU A 190 -14.99 42.90 -3.91
N ILE A 191 -15.75 43.96 -4.16
CA ILE A 191 -17.18 43.88 -4.45
C ILE A 191 -17.36 43.89 -5.95
N SER A 192 -18.31 43.10 -6.45
CA SER A 192 -18.59 43.07 -7.88
C SER A 192 -20.10 42.99 -8.07
N ALA A 193 -20.55 43.48 -9.22
CA ALA A 193 -21.97 43.63 -9.51
C ALA A 193 -22.32 42.89 -10.80
N ARG A 194 -23.41 42.16 -10.76
CA ARG A 194 -23.93 41.50 -11.94
C ARG A 194 -25.40 41.84 -12.05
N ARG A 195 -25.87 42.08 -13.27
CA ARG A 195 -27.26 42.44 -13.54
C ARG A 195 -28.03 41.27 -14.16
N THR A 196 -29.27 41.08 -13.70
CA THR A 196 -30.13 39.99 -14.14
C THR A 196 -31.60 40.42 -14.06
N ARG A 197 -32.43 39.83 -14.94
CA ARG A 197 -33.86 40.11 -14.88
C ARG A 197 -34.55 39.37 -13.74
N LYS A 198 -34.07 38.18 -13.38
CA LYS A 198 -34.71 37.34 -12.38
C LYS A 198 -33.66 36.79 -11.44
N VAL A 199 -34.07 36.59 -10.18
CA VAL A 199 -33.19 36.16 -9.09
C VAL A 199 -33.84 35.00 -8.36
N VAL A 200 -33.04 33.99 -8.04
CA VAL A 200 -33.44 32.92 -7.14
C VAL A 200 -32.57 33.01 -5.90
N ILE A 201 -33.17 32.96 -4.72
CA ILE A 201 -32.42 32.94 -3.47
C ILE A 201 -32.44 31.51 -2.96
N ALA A 202 -31.26 30.86 -2.92
CA ALA A 202 -31.19 29.44 -2.52
C ALA A 202 -30.00 29.25 -1.57
N ILE A 203 -30.11 29.82 -0.38
CA ILE A 203 -28.96 29.97 0.49
C ILE A 203 -29.05 29.12 1.75
N GLY A 204 -29.96 28.14 1.79
CA GLY A 204 -30.03 27.21 2.91
C GLY A 204 -30.37 27.91 4.21
N GLY A 205 -29.69 27.52 5.29
CA GLY A 205 -30.00 28.02 6.61
C GLY A 205 -28.82 28.63 7.34
N THR A 206 -29.08 29.41 8.38
CA THR A 206 -27.99 29.91 9.21
C THR A 206 -28.02 29.22 10.57
N ALA A 207 -26.84 29.03 11.12
CA ALA A 207 -26.73 28.38 12.42
C ALA A 207 -27.60 29.08 13.45
N LYS A 208 -28.40 28.30 14.17
CA LYS A 208 -29.23 28.78 15.27
C LYS A 208 -28.51 28.50 16.58
N MET A 209 -28.28 29.55 17.38
CA MET A 209 -27.68 29.33 18.69
C MET A 209 -28.68 29.69 19.77
N PRO A 210 -28.75 28.93 20.85
CA PRO A 210 -29.61 29.34 21.96
C PRO A 210 -29.13 30.67 22.51
N SER A 211 -30.06 31.61 22.66
CA SER A 211 -29.67 32.88 23.22
C SER A 211 -29.24 32.64 24.65
N GLY A 212 -28.28 33.41 25.12
CA GLY A 212 -27.73 33.14 26.42
C GLY A 212 -26.59 32.15 26.43
N LEU A 213 -26.31 31.51 25.31
CA LEU A 213 -24.95 30.99 25.30
C LEU A 213 -24.02 32.11 24.84
N PRO A 214 -22.88 32.30 25.49
CA PRO A 214 -21.97 33.36 25.06
C PRO A 214 -21.08 32.87 23.92
N GLN A 215 -20.46 33.85 23.26
CA GLN A 215 -19.52 33.55 22.19
C GLN A 215 -18.15 33.23 22.77
N ASP A 216 -17.58 32.09 22.38
CA ASP A 216 -16.30 31.60 22.88
C ASP A 216 -15.80 30.56 21.88
N PRO A 217 -14.51 30.54 21.52
CA PRO A 217 -14.03 29.55 20.54
C PRO A 217 -14.29 28.10 20.97
N ARG A 218 -14.47 27.84 22.26
CA ARG A 218 -14.75 26.49 22.73
C ARG A 218 -16.23 26.15 22.63
N ILE A 219 -17.05 27.05 22.07
CA ILE A 219 -18.48 26.83 21.90
C ILE A 219 -18.77 26.82 20.40
N ILE A 220 -18.97 25.63 19.83
CA ILE A 220 -19.00 25.46 18.38
C ILE A 220 -20.30 24.84 17.97
N HIS A 221 -20.99 25.48 17.03
CA HIS A 221 -22.21 24.97 16.43
C HIS A 221 -21.92 23.70 15.60
N SER A 222 -22.95 22.88 15.44
CA SER A 222 -22.76 21.59 14.78
C SER A 222 -22.27 21.76 13.35
N SER A 223 -22.69 22.84 12.67
CA SER A 223 -22.29 23.13 11.30
C SER A 223 -20.78 23.27 11.13
N LYS A 224 -20.04 23.43 12.23
CA LYS A 224 -18.59 23.62 12.18
C LYS A 224 -17.83 22.52 12.91
N TYR A 225 -18.44 21.34 13.06
CA TYR A 225 -17.83 20.28 13.87
C TYR A 225 -16.55 19.75 13.22
N CYS A 226 -16.68 19.17 12.02
CA CYS A 226 -15.54 18.51 11.36
C CYS A 226 -14.47 19.48 10.95
N THR A 227 -14.85 20.73 10.70
CA THR A 227 -13.88 21.71 10.23
C THR A 227 -13.22 22.51 11.36
N THR A 228 -13.85 22.62 12.54
CA THR A 228 -13.35 23.50 13.60
C THR A 228 -12.88 22.80 14.86
N LEU A 229 -13.56 21.73 15.29
CA LEU A 229 -13.18 21.09 16.55
C LEU A 229 -11.76 20.52 16.51
N PRO A 230 -11.29 19.86 15.45
CA PRO A 230 -9.89 19.42 15.46
C PRO A 230 -8.90 20.54 15.68
N ALA A 231 -9.18 21.73 15.18
CA ALA A 231 -8.28 22.84 15.45
C ALA A 231 -8.31 23.24 16.93
N LEU A 232 -9.44 23.02 17.62
CA LEU A 232 -9.52 23.41 19.03
C LEU A 232 -8.88 22.36 19.94
N LEU A 233 -9.20 21.09 19.73
CA LEU A 233 -8.74 19.97 20.55
C LEU A 233 -7.83 19.09 19.69
N LYS A 234 -6.53 19.40 19.70
CA LYS A 234 -5.62 18.77 18.73
C LYS A 234 -5.25 17.33 19.09
N ASP A 235 -5.20 16.98 20.38
CA ASP A 235 -4.64 15.69 20.82
C ASP A 235 -5.77 14.66 20.93
N LYS A 236 -5.82 13.72 19.98
CA LYS A 236 -6.93 12.78 19.95
C LYS A 236 -6.96 11.85 21.15
N SER A 237 -5.86 11.70 21.86
CA SER A 237 -5.81 10.78 22.98
C SER A 237 -5.98 11.46 24.33
N LYS A 238 -6.03 12.78 24.37
CA LYS A 238 -6.12 13.49 25.64
C LYS A 238 -7.51 13.27 26.24
N PRO A 239 -7.62 13.15 27.59
CA PRO A 239 -8.93 12.96 28.26
C PRO A 239 -9.70 14.27 28.37
N TYR A 240 -10.15 14.77 27.23
CA TYR A 240 -10.98 15.97 27.22
C TYR A 240 -12.33 15.67 27.82
N ASN A 241 -12.93 16.70 28.43
CA ASN A 241 -14.36 16.69 28.71
C ASN A 241 -15.03 17.51 27.61
N ILE A 242 -15.94 16.87 26.86
CA ILE A 242 -16.63 17.50 25.74
C ILE A 242 -18.13 17.33 25.94
N ALA A 243 -18.86 18.42 25.90
CA ALA A 243 -20.31 18.38 26.06
C ALA A 243 -21.00 18.66 24.72
N VAL A 244 -22.18 18.08 24.55
CA VAL A 244 -23.00 18.23 23.33
C VAL A 244 -24.41 18.63 23.73
N LEU A 245 -24.92 19.70 23.12
CA LEU A 245 -26.22 20.27 23.49
C LEU A 245 -27.26 20.00 22.41
N GLY A 246 -28.32 19.29 22.78
CA GLY A 246 -29.39 18.95 21.85
C GLY A 246 -29.76 17.48 21.91
N SER A 247 -30.82 17.15 21.15
CA SER A 247 -31.37 15.80 21.18
C SER A 247 -31.79 15.32 19.79
N GLY A 248 -31.33 15.98 18.72
CA GLY A 248 -31.63 15.59 17.36
C GLY A 248 -30.53 14.83 16.65
N GLN A 249 -30.69 14.70 15.32
CA GLN A 249 -29.81 13.84 14.55
C GLN A 249 -28.34 14.24 14.68
N SER A 250 -28.05 15.52 14.51
CA SER A 250 -26.67 16.01 14.61
C SER A 250 -26.09 15.84 16.02
N ALA A 251 -26.93 16.01 17.03
CA ALA A 251 -26.49 15.85 18.42
C ALA A 251 -26.11 14.41 18.69
N ALA A 252 -26.92 13.46 18.20
CA ALA A 252 -26.59 12.05 18.39
C ALA A 252 -25.31 11.68 17.65
N GLU A 253 -25.15 12.15 16.41
CA GLU A 253 -23.96 11.83 15.61
C GLU A 253 -22.71 12.46 16.20
N ILE A 254 -22.81 13.67 16.73
CA ILE A 254 -21.62 14.23 17.33
C ILE A 254 -21.28 13.49 18.62
N PHE A 255 -22.29 13.22 19.46
CA PHE A 255 -22.06 12.46 20.69
C PHE A 255 -21.40 11.11 20.40
N HIS A 256 -21.93 10.38 19.42
CA HIS A 256 -21.40 9.07 19.09
C HIS A 256 -20.02 9.20 18.44
N ASP A 257 -19.83 10.16 17.51
CA ASP A 257 -18.53 10.25 16.87
C ASP A 257 -17.43 10.64 17.87
N LEU A 258 -17.72 11.56 18.81
CA LEU A 258 -16.69 12.00 19.76
C LEU A 258 -16.07 10.82 20.49
N GLN A 259 -16.88 9.82 20.82
CA GLN A 259 -16.39 8.67 21.58
C GLN A 259 -15.36 7.86 20.79
N LYS A 260 -15.45 7.82 19.47
CA LYS A 260 -14.42 7.15 18.70
C LYS A 260 -13.27 8.10 18.38
N ARG A 261 -13.58 9.37 18.10
CA ARG A 261 -12.54 10.31 17.68
C ARG A 261 -11.61 10.66 18.85
N TYR A 262 -12.15 10.83 20.06
CA TYR A 262 -11.34 11.04 21.26
C TYR A 262 -11.65 9.88 22.21
N PRO A 263 -10.97 8.74 22.07
CA PRO A 263 -11.40 7.53 22.79
C PRO A 263 -11.25 7.61 24.29
N ASN A 264 -10.46 8.53 24.82
CA ASN A 264 -10.32 8.63 26.27
C ASN A 264 -11.16 9.76 26.84
N SER A 265 -11.98 10.40 26.02
CA SER A 265 -12.72 11.57 26.47
C SER A 265 -13.88 11.19 27.37
N ARG A 266 -14.39 12.20 28.06
CA ARG A 266 -15.67 12.14 28.78
C ARG A 266 -16.63 13.06 28.03
N THR A 267 -17.67 12.46 27.47
CA THR A 267 -18.63 13.22 26.72
C THR A 267 -19.92 13.30 27.50
N THR A 268 -20.62 14.41 27.34
CA THR A 268 -21.90 14.60 28.01
C THR A 268 -22.89 15.16 26.99
N LEU A 269 -23.99 14.45 26.79
CA LEU A 269 -25.04 14.94 25.91
C LEU A 269 -26.09 15.62 26.78
N ILE A 270 -26.33 16.92 26.51
CA ILE A 270 -27.25 17.72 27.29
C ILE A 270 -28.51 17.94 26.49
N MET A 271 -29.63 17.42 27.00
CA MET A 271 -30.89 17.56 26.27
C MET A 271 -31.95 18.16 27.16
N ARG A 272 -32.77 19.01 26.53
CA ARG A 272 -33.96 19.54 27.20
C ARG A 272 -35.06 18.48 27.26
N ASP A 273 -35.14 17.64 26.24
CA ASP A 273 -36.14 16.57 26.19
C ASP A 273 -35.73 15.43 27.11
N SER A 274 -36.71 14.58 27.42
CA SER A 274 -36.43 13.42 28.25
C SER A 274 -35.72 12.31 27.48
N ALA A 275 -35.84 12.25 26.16
CA ALA A 275 -35.18 11.15 25.44
C ALA A 275 -34.98 11.52 23.99
N MET A 276 -33.99 10.86 23.38
CA MET A 276 -33.87 10.92 21.94
C MET A 276 -35.08 10.25 21.29
N ARG A 277 -35.65 10.91 20.28
CA ARG A 277 -36.84 10.28 19.72
C ARG A 277 -36.65 9.89 18.25
N PRO A 278 -37.26 8.79 17.80
CA PRO A 278 -36.95 8.28 16.46
C PRO A 278 -37.56 9.11 15.35
N SER A 279 -36.81 9.30 14.29
CA SER A 279 -37.35 9.92 13.10
C SER A 279 -38.37 9.00 12.43
N ASP A 280 -39.34 9.61 11.77
CA ASP A 280 -40.46 8.92 11.15
C ASP A 280 -40.33 8.96 9.63
N ASP A 281 -40.13 7.79 9.00
CA ASP A 281 -40.37 7.68 7.56
C ASP A 281 -41.18 6.43 7.21
N SER A 282 -42.01 5.97 8.15
CA SER A 282 -43.09 5.04 7.90
C SER A 282 -43.85 5.44 6.63
N PRO A 283 -44.39 4.48 5.88
CA PRO A 283 -44.75 4.77 4.47
C PRO A 283 -46.00 5.64 4.28
N PHE A 284 -47.04 5.51 5.08
CA PHE A 284 -48.16 6.42 4.84
C PHE A 284 -47.77 7.85 5.23
N VAL A 285 -47.11 8.02 6.39
CA VAL A 285 -46.66 9.34 6.83
C VAL A 285 -45.68 9.93 5.85
N ASN A 286 -44.80 9.10 5.27
CA ASN A 286 -43.74 9.68 4.43
C ASN A 286 -44.25 10.31 3.15
N GLU A 287 -45.52 10.17 2.84
CA GLU A 287 -46.03 10.75 1.59
C GLU A 287 -46.17 12.28 1.62
N ILE A 288 -46.10 12.95 2.77
CA ILE A 288 -46.10 14.40 2.75
C ILE A 288 -44.89 14.94 2.02
N PHE A 289 -43.86 14.14 1.86
CA PHE A 289 -42.71 14.54 1.08
C PHE A 289 -42.86 14.23 -0.40
N ASN A 290 -43.99 13.66 -0.83
CA ASN A 290 -44.17 13.41 -2.26
C ASN A 290 -44.17 14.71 -3.05
N PRO A 291 -43.54 14.75 -4.22
CA PRO A 291 -43.58 15.98 -5.05
C PRO A 291 -44.98 16.48 -5.32
N GLU A 292 -45.96 15.58 -5.47
CA GLU A 292 -47.35 15.92 -5.77
C GLU A 292 -48.12 16.41 -4.53
N ARG A 293 -47.50 16.43 -3.37
CA ARG A 293 -48.13 17.04 -2.21
C ARG A 293 -47.89 18.53 -2.12
N VAL A 294 -46.90 19.07 -2.84
CA VAL A 294 -46.66 20.50 -2.73
C VAL A 294 -47.87 21.31 -3.17
N ASP A 295 -48.55 20.89 -4.24
CA ASP A 295 -49.77 21.57 -4.67
C ASP A 295 -50.83 21.56 -3.55
N LYS A 296 -51.14 20.38 -3.02
CA LYS A 296 -52.24 20.28 -2.05
C LYS A 296 -51.90 20.99 -0.75
N PHE A 297 -50.68 20.81 -0.25
CA PHE A 297 -50.31 21.48 0.99
C PHE A 297 -50.42 23.00 0.81
N TYR A 298 -49.90 23.50 -0.32
CA TYR A 298 -49.84 24.95 -0.51
C TYR A 298 -51.22 25.57 -0.52
N SER A 299 -52.19 24.92 -1.18
CA SER A 299 -53.53 25.46 -1.34
C SER A 299 -54.32 25.49 -0.04
N GLN A 300 -53.77 24.94 1.02
CA GLN A 300 -54.45 24.93 2.29
C GLN A 300 -54.29 26.27 3.02
N SER A 301 -55.18 26.49 3.97
CA SER A 301 -55.12 27.70 4.79
C SER A 301 -53.95 27.62 5.75
N ALA A 302 -53.58 28.80 6.27
CA ALA A 302 -52.47 28.89 7.21
C ALA A 302 -52.69 27.99 8.43
N ALA A 303 -53.91 27.99 8.98
CA ALA A 303 -54.17 27.19 10.19
C ALA A 303 -53.97 25.70 9.94
N GLU A 304 -54.50 25.19 8.83
CA GLU A 304 -54.32 23.78 8.51
C GLU A 304 -52.86 23.49 8.18
N ARG A 305 -52.19 24.44 7.51
CA ARG A 305 -50.79 24.25 7.18
C ARG A 305 -49.92 24.27 8.43
N GLN A 306 -50.19 25.21 9.33
CA GLN A 306 -49.46 25.30 10.60
C GLN A 306 -49.75 24.07 11.47
N ARG A 307 -51.00 23.61 11.46
CA ARG A 307 -51.35 22.39 12.18
C ARG A 307 -50.75 21.14 11.53
N SER A 308 -50.73 21.06 10.20
CA SER A 308 -50.19 19.86 9.57
C SER A 308 -48.70 19.72 9.86
N LEU A 309 -47.94 20.81 9.74
CA LEU A 309 -46.52 20.77 10.02
C LEU A 309 -46.26 20.32 11.45
N LEU A 310 -47.09 20.78 12.37
CA LEU A 310 -46.89 20.41 13.76
C LEU A 310 -47.07 18.92 13.96
N ALA A 311 -48.13 18.36 13.37
CA ALA A 311 -48.43 16.94 13.55
C ALA A 311 -47.35 16.05 12.95
N ASP A 312 -46.60 16.54 11.97
CA ASP A 312 -45.58 15.73 11.31
C ASP A 312 -44.17 16.09 11.75
N LYS A 313 -44.03 16.74 12.92
CA LYS A 313 -42.71 17.16 13.39
C LYS A 313 -41.75 15.98 13.52
N ALA A 314 -42.26 14.80 13.87
CA ALA A 314 -41.35 13.67 14.03
C ALA A 314 -40.74 13.19 12.73
N THR A 315 -41.17 13.69 11.59
CA THR A 315 -40.50 13.30 10.35
C THR A 315 -39.17 14.01 10.16
N ASN A 316 -38.91 15.11 10.89
CA ASN A 316 -37.77 15.93 10.54
C ASN A 316 -37.09 16.68 11.69
N TYR A 317 -37.79 16.98 12.77
CA TYR A 317 -37.23 17.89 13.76
C TYR A 317 -37.04 17.22 15.11
N SER A 318 -35.85 17.43 15.69
CA SER A 318 -35.44 16.88 16.99
C SER A 318 -35.75 15.38 17.06
N VAL A 319 -35.31 14.68 16.01
CA VAL A 319 -35.51 13.24 15.89
C VAL A 319 -34.20 12.62 15.41
N VAL A 320 -34.01 11.35 15.74
CA VAL A 320 -32.80 10.60 15.44
C VAL A 320 -33.17 9.32 14.70
N ARG A 321 -32.31 8.93 13.76
CA ARG A 321 -32.41 7.62 13.15
C ARG A 321 -32.48 6.52 14.20
N LEU A 322 -33.50 5.66 14.10
CA LEU A 322 -33.68 4.63 15.12
C LEU A 322 -32.41 3.80 15.30
N GLU A 323 -31.75 3.44 14.19
CA GLU A 323 -30.56 2.60 14.30
C GLU A 323 -29.46 3.28 15.13
N LEU A 324 -29.30 4.59 14.97
CA LEU A 324 -28.31 5.32 15.77
C LEU A 324 -28.74 5.38 17.25
N ILE A 325 -30.03 5.60 17.52
CA ILE A 325 -30.53 5.52 18.89
C ILE A 325 -30.17 4.19 19.51
N GLU A 326 -30.39 3.10 18.76
CA GLU A 326 -30.13 1.78 19.31
C GLU A 326 -28.63 1.58 19.53
N GLU A 327 -27.79 2.08 18.62
CA GLU A 327 -26.36 1.96 18.85
C GLU A 327 -25.96 2.69 20.12
N ILE A 328 -26.30 3.99 20.20
CA ILE A 328 -25.99 4.77 21.40
C ILE A 328 -26.51 4.07 22.65
N TYR A 329 -27.70 3.48 22.56
CA TYR A 329 -28.19 2.80 23.75
C TYR A 329 -27.31 1.62 24.09
N ASN A 330 -26.92 0.83 23.07
CA ASN A 330 -26.05 -0.32 23.35
C ASN A 330 -24.74 0.12 23.99
N ASP A 331 -24.19 1.26 23.57
CA ASP A 331 -22.98 1.74 24.21
C ASP A 331 -23.24 2.04 25.69
N MET A 332 -24.39 2.64 26.03
CA MET A 332 -24.72 2.95 27.42
C MET A 332 -24.94 1.69 28.24
N TYR A 333 -25.60 0.69 27.65
CA TYR A 333 -25.87 -0.56 28.38
C TYR A 333 -24.56 -1.26 28.75
N LEU A 334 -23.61 -1.26 27.84
CA LEU A 334 -22.31 -1.85 28.12
C LEU A 334 -21.63 -1.16 29.30
N GLN A 335 -21.75 0.17 29.38
CA GLN A 335 -21.19 0.87 30.54
C GLN A 335 -21.88 0.45 31.82
N ARG A 336 -23.17 0.13 31.74
CA ARG A 336 -23.88 -0.40 32.91
C ARG A 336 -23.41 -1.81 33.28
N VAL A 337 -23.05 -2.64 32.28
CA VAL A 337 -22.41 -3.93 32.56
C VAL A 337 -21.10 -3.73 33.29
N LYS A 338 -20.31 -2.73 32.87
CA LYS A 338 -18.98 -2.49 33.41
C LYS A 338 -19.01 -1.79 34.76
N ASN A 339 -19.98 -0.90 34.96
CA ASN A 339 -20.11 -0.17 36.23
C ASN A 339 -21.56 0.23 36.47
N PRO A 340 -22.23 -0.33 37.48
CA PRO A 340 -23.65 0.00 37.69
C PRO A 340 -23.91 1.44 38.13
N ASP A 341 -22.90 2.18 38.58
CA ASP A 341 -23.10 3.56 39.01
C ASP A 341 -23.01 4.46 37.79
N GLU A 342 -24.17 4.94 37.32
CA GLU A 342 -24.18 5.79 36.14
C GLU A 342 -23.35 7.05 36.30
N THR A 343 -23.15 7.54 37.55
CA THR A 343 -22.42 8.80 37.72
C THR A 343 -20.95 8.64 37.35
N GLN A 344 -20.43 7.42 37.37
CA GLN A 344 -19.03 7.17 37.06
C GLN A 344 -18.76 6.92 35.59
N TRP A 345 -19.78 6.94 34.73
CA TRP A 345 -19.60 6.54 33.35
C TRP A 345 -18.78 7.54 32.56
N GLN A 346 -17.97 7.00 31.63
CA GLN A 346 -17.17 7.84 30.75
C GLN A 346 -18.04 8.76 29.89
N HIS A 347 -19.13 8.22 29.35
CA HIS A 347 -20.03 8.96 28.47
C HIS A 347 -21.44 8.92 29.04
N ARG A 348 -22.04 10.08 29.22
CA ARG A 348 -23.33 10.15 29.89
C ARG A 348 -24.31 11.01 29.09
N ILE A 349 -25.59 10.75 29.32
CA ILE A 349 -26.66 11.55 28.78
C ILE A 349 -27.43 12.16 29.94
N LEU A 350 -27.61 13.48 29.88
CA LEU A 350 -28.27 14.25 30.93
C LEU A 350 -29.60 14.75 30.37
N PRO A 351 -30.70 14.06 30.63
CA PRO A 351 -32.00 14.48 30.11
C PRO A 351 -32.63 15.56 30.98
N GLU A 352 -33.57 16.30 30.38
CA GLU A 352 -34.34 17.33 31.08
C GLU A 352 -33.41 18.26 31.86
N ARG A 353 -32.49 18.85 31.09
CA ARG A 353 -31.50 19.77 31.57
C ARG A 353 -31.64 21.07 30.81
N LYS A 354 -31.29 22.17 31.46
CA LYS A 354 -31.11 23.44 30.79
C LYS A 354 -29.85 24.06 31.35
N ILE A 355 -29.15 24.78 30.49
CA ILE A 355 -27.93 25.49 30.88
C ILE A 355 -28.28 26.85 31.51
N THR A 356 -27.89 27.05 32.78
CA THR A 356 -28.19 28.31 33.45
C THR A 356 -27.05 29.33 33.39
N ARG A 357 -25.82 28.91 33.11
CA ARG A 357 -24.71 29.86 33.10
C ARG A 357 -23.46 29.17 32.57
N VAL A 358 -22.60 29.95 31.91
CA VAL A 358 -21.30 29.48 31.39
C VAL A 358 -20.19 30.40 31.83
N GLU A 359 -19.20 29.86 32.56
CA GLU A 359 -18.01 30.60 32.94
C GLU A 359 -16.91 30.30 31.93
N HIS A 360 -16.46 31.34 31.20
CA HIS A 360 -15.50 31.13 30.14
C HIS A 360 -14.33 32.11 30.16
N HIS A 361 -14.34 33.11 31.04
CA HIS A 361 -13.11 33.87 31.22
C HIS A 361 -12.24 33.19 32.26
N GLY A 362 -11.04 33.73 32.44
CA GLY A 362 -10.04 33.10 33.27
C GLY A 362 -9.06 32.32 32.41
N PRO A 363 -7.87 32.05 32.96
CA PRO A 363 -6.85 31.33 32.19
C PRO A 363 -7.20 29.87 31.92
N GLN A 364 -8.28 29.36 32.50
CA GLN A 364 -8.54 27.92 32.52
C GLN A 364 -8.87 27.40 31.12
N SER A 365 -8.28 26.24 30.78
CA SER A 365 -8.61 25.60 29.51
C SER A 365 -10.09 25.30 29.41
N ARG A 366 -10.73 24.95 30.51
CA ARG A 366 -12.08 24.42 30.50
C ARG A 366 -13.07 25.48 30.96
N MET A 367 -14.27 25.39 30.40
CA MET A 367 -15.42 26.18 30.82
C MET A 367 -16.15 25.42 31.92
N ARG A 368 -16.91 26.16 32.72
CA ARG A 368 -17.77 25.57 33.73
C ARG A 368 -19.19 25.81 33.26
N ILE A 369 -19.88 24.75 32.90
CA ILE A 369 -21.27 24.83 32.50
C ILE A 369 -22.12 24.57 33.71
N HIS A 370 -23.03 25.48 34.03
CA HIS A 370 -23.92 25.28 35.16
C HIS A 370 -25.27 24.83 34.63
N LEU A 371 -25.80 23.77 35.23
CA LEU A 371 -27.00 23.11 34.75
C LEU A 371 -28.08 23.15 35.81
N LYS A 372 -29.33 23.29 35.37
CA LYS A 372 -30.48 23.02 36.21
C LYS A 372 -31.42 22.12 35.44
N SER A 373 -32.34 21.48 36.15
CA SER A 373 -33.38 20.72 35.49
C SER A 373 -34.22 21.64 34.62
N SER A 374 -34.75 21.09 33.52
CA SER A 374 -35.56 21.85 32.60
C SER A 374 -37.04 21.73 32.91
N LYS A 375 -37.39 21.01 33.96
CA LYS A 375 -38.78 20.93 34.35
C LYS A 375 -39.17 22.28 34.90
N LYS A 386 -28.85 21.11 39.95
CA LYS A 386 -27.68 21.39 40.77
C LYS A 386 -26.47 20.64 40.23
N GLU A 387 -26.04 21.02 39.02
CA GLU A 387 -25.00 20.32 38.31
C GLU A 387 -24.03 21.29 37.66
N THR A 388 -22.76 20.92 37.66
CA THR A 388 -21.75 21.68 36.95
C THR A 388 -20.91 20.66 36.18
N LEU A 389 -20.55 21.05 34.98
CA LEU A 389 -19.67 20.32 34.10
C LEU A 389 -18.50 21.22 33.75
N GLU A 390 -17.30 20.69 33.85
CA GLU A 390 -16.12 21.39 33.35
C GLU A 390 -15.78 20.77 32.00
N VAL A 391 -15.77 21.58 30.94
CA VAL A 391 -15.69 21.04 29.58
C VAL A 391 -14.61 21.76 28.80
N ASP A 392 -13.89 21.00 27.98
CA ASP A 392 -12.95 21.63 27.07
C ASP A 392 -13.64 22.20 25.84
N ALA A 393 -14.87 21.79 25.58
CA ALA A 393 -15.61 22.27 24.41
C ALA A 393 -17.08 21.96 24.63
N LEU A 394 -17.93 22.80 24.06
CA LEU A 394 -19.37 22.57 24.05
C LEU A 394 -19.81 22.59 22.59
N MET A 395 -20.24 21.43 22.08
CA MET A 395 -20.80 21.37 20.74
C MET A 395 -22.30 21.61 20.84
N VAL A 396 -22.82 22.49 20.00
CA VAL A 396 -24.19 22.98 20.07
C VAL A 396 -24.93 22.52 18.81
N ALA A 397 -25.86 21.58 18.97
CA ALA A 397 -26.59 20.98 17.84
C ALA A 397 -28.04 21.43 17.88
N THR A 398 -28.25 22.70 17.57
CA THR A 398 -29.53 23.35 17.77
C THR A 398 -30.20 23.80 16.47
N GLY A 399 -29.75 23.29 15.32
CA GLY A 399 -30.46 23.55 14.07
C GLY A 399 -30.14 24.89 13.41
N TYR A 400 -31.10 25.34 12.61
CA TYR A 400 -30.93 26.46 11.70
C TYR A 400 -32.17 27.33 11.73
N ASN A 401 -31.98 28.58 11.35
CA ASN A 401 -33.02 29.49 10.90
C ASN A 401 -32.96 29.59 9.39
N ARG A 402 -34.10 29.87 8.77
CA ARG A 402 -34.16 30.03 7.31
C ARG A 402 -34.83 31.36 6.97
N ASN A 403 -34.22 32.44 7.47
CA ASN A 403 -34.67 33.81 7.25
C ASN A 403 -33.56 34.69 6.69
N ALA A 404 -32.44 34.12 6.25
CA ALA A 404 -31.31 34.94 5.82
C ALA A 404 -31.60 35.75 4.57
N HIS A 405 -32.58 35.35 3.76
CA HIS A 405 -32.91 36.11 2.54
C HIS A 405 -33.51 37.47 2.84
N GLU A 406 -34.07 37.67 4.05
CA GLU A 406 -34.74 38.93 4.35
C GLU A 406 -33.76 40.10 4.38
N ARG A 407 -32.55 39.88 4.92
CA ARG A 407 -31.49 40.89 4.86
C ARG A 407 -30.96 41.06 3.44
N LEU A 408 -30.75 39.94 2.72
CA LEU A 408 -30.28 40.05 1.33
C LEU A 408 -31.27 40.79 0.45
N LEU A 409 -32.56 40.73 0.77
CA LEU A 409 -33.55 41.42 -0.04
C LEU A 409 -33.96 42.75 0.56
N SER A 410 -33.24 43.23 1.58
CA SER A 410 -33.71 44.40 2.31
C SER A 410 -33.89 45.60 1.40
N LYS A 411 -32.99 45.77 0.42
CA LYS A 411 -33.03 46.92 -0.47
C LYS A 411 -34.11 46.84 -1.53
N VAL A 412 -34.84 45.72 -1.63
CA VAL A 412 -35.94 45.62 -2.57
C VAL A 412 -37.27 45.36 -1.88
N GLN A 413 -37.31 45.33 -0.54
CA GLN A 413 -38.56 44.96 0.10
C GLN A 413 -39.65 46.02 -0.05
N HIS A 414 -39.28 47.24 -0.43
CA HIS A 414 -40.24 48.28 -0.71
C HIS A 414 -40.99 48.03 -2.01
N LEU A 415 -40.59 47.02 -2.78
CA LEU A 415 -41.32 46.64 -3.96
C LEU A 415 -42.42 45.63 -3.64
N ARG A 416 -42.48 45.15 -2.40
CA ARG A 416 -43.57 44.29 -1.99
C ARG A 416 -44.86 45.10 -2.01
N PRO A 417 -46.01 44.44 -2.14
CA PRO A 417 -47.28 45.17 -2.05
C PRO A 417 -47.38 45.88 -0.71
N THR A 418 -48.20 46.94 -0.70
CA THR A 418 -48.33 47.77 0.49
C THR A 418 -48.83 46.92 1.64
N GLY A 419 -48.14 47.03 2.79
CA GLY A 419 -48.59 46.42 4.03
C GLY A 419 -48.06 45.04 4.35
N GLN A 420 -47.16 44.47 3.54
CA GLN A 420 -46.58 43.15 3.83
C GLN A 420 -45.30 43.32 4.63
N ASP A 421 -45.11 42.44 5.62
CA ASP A 421 -43.88 42.41 6.40
C ASP A 421 -43.01 41.20 6.11
N GLN A 422 -43.44 40.30 5.23
CA GLN A 422 -42.63 39.15 4.85
C GLN A 422 -42.85 38.90 3.35
N TRP A 423 -41.86 38.28 2.72
CA TRP A 423 -42.01 37.93 1.31
C TRP A 423 -43.03 36.82 1.15
N LYS A 424 -43.93 36.99 0.20
CA LYS A 424 -45.06 36.06 0.03
C LYS A 424 -44.80 35.21 -1.20
N PRO A 425 -44.33 33.97 -1.07
CA PRO A 425 -44.08 33.17 -2.26
C PRO A 425 -45.34 32.52 -2.84
N HIS A 426 -45.49 32.62 -4.16
CA HIS A 426 -46.57 31.94 -4.86
C HIS A 426 -46.27 30.44 -4.94
N ARG A 427 -47.24 29.69 -5.47
CA ARG A 427 -47.04 28.25 -5.62
C ARG A 427 -45.75 27.97 -6.38
N ASP A 428 -45.46 28.75 -7.42
CA ASP A 428 -44.26 28.56 -8.20
C ASP A 428 -43.02 29.22 -7.61
N TYR A 429 -43.09 29.70 -6.34
CA TYR A 429 -41.95 30.16 -5.53
C TYR A 429 -41.53 31.57 -5.88
N ARG A 430 -42.22 32.23 -6.78
CA ARG A 430 -42.00 33.63 -7.09
C ARG A 430 -42.68 34.52 -6.05
N VAL A 431 -41.96 35.54 -5.54
CA VAL A 431 -42.52 36.39 -4.50
C VAL A 431 -43.44 37.44 -5.09
N GLU A 432 -44.44 37.83 -4.31
CA GLU A 432 -45.37 38.88 -4.72
C GLU A 432 -44.64 40.21 -4.74
N MET A 433 -44.69 40.90 -5.89
CA MET A 433 -44.23 42.27 -6.09
C MET A 433 -45.43 43.14 -6.48
N ASP A 434 -45.33 44.43 -6.18
CA ASP A 434 -46.33 45.39 -6.62
C ASP A 434 -46.28 45.51 -8.14
N PRO A 435 -47.35 45.21 -8.86
CA PRO A 435 -47.28 45.25 -10.33
C PRO A 435 -47.13 46.67 -10.90
N SER A 436 -47.42 47.71 -10.14
CA SER A 436 -47.15 49.05 -10.67
C SER A 436 -45.72 49.49 -10.42
N LYS A 437 -44.96 48.69 -9.67
CA LYS A 437 -43.56 49.00 -9.37
C LYS A 437 -42.57 48.09 -10.06
N VAL A 438 -42.95 46.85 -10.37
CA VAL A 438 -42.03 45.84 -10.90
C VAL A 438 -42.59 45.32 -12.22
N SER A 439 -41.75 45.33 -13.26
CA SER A 439 -42.16 44.82 -14.56
C SER A 439 -42.44 43.32 -14.49
N SER A 440 -43.34 42.86 -15.36
CA SER A 440 -43.69 41.45 -15.37
C SER A 440 -42.55 40.56 -15.85
N GLU A 441 -41.56 41.14 -16.53
CA GLU A 441 -40.38 40.40 -16.95
C GLU A 441 -39.34 40.24 -15.84
N ALA A 442 -39.53 40.86 -14.68
CA ALA A 442 -38.56 40.78 -13.59
C ALA A 442 -39.19 40.13 -12.37
N GLY A 443 -38.37 39.41 -11.60
CA GLY A 443 -38.88 38.72 -10.43
C GLY A 443 -37.79 38.06 -9.63
N ILE A 444 -38.19 37.63 -8.43
CA ILE A 444 -37.32 37.00 -7.45
C ILE A 444 -38.01 35.73 -6.95
N TRP A 445 -37.26 34.64 -6.89
CA TRP A 445 -37.78 33.36 -6.40
C TRP A 445 -37.03 32.93 -5.14
N LEU A 446 -37.72 32.26 -4.22
CA LEU A 446 -37.11 31.74 -3.01
C LEU A 446 -37.09 30.20 -3.08
N GLN A 447 -35.99 29.60 -2.61
CA GLN A 447 -35.87 28.14 -2.61
C GLN A 447 -35.33 27.67 -1.27
N GLY A 448 -36.01 26.71 -0.65
CA GLY A 448 -35.52 26.08 0.55
C GLY A 448 -35.96 26.73 1.85
N CYS A 449 -36.56 27.92 1.79
CA CYS A 449 -37.00 28.62 2.99
C CYS A 449 -38.53 28.71 3.09
N ASN A 450 -39.24 27.86 2.35
CA ASN A 450 -40.67 28.06 2.17
C ASN A 450 -41.51 26.95 2.79
N GLU A 451 -40.94 26.25 3.77
CA GLU A 451 -41.68 25.21 4.46
C GLU A 451 -43.05 25.68 4.93
N ARG A 452 -43.16 26.94 5.40
CA ARG A 452 -44.44 27.37 5.97
C ARG A 452 -45.54 27.33 4.92
N THR A 453 -45.21 27.59 3.66
CA THR A 453 -46.21 27.57 2.60
C THR A 453 -46.20 26.27 1.79
N HIS A 454 -45.07 25.58 1.72
CA HIS A 454 -44.91 24.50 0.76
C HIS A 454 -44.67 23.13 1.38
N GLY A 455 -44.53 23.04 2.69
CA GLY A 455 -44.49 21.75 3.33
C GLY A 455 -43.08 21.37 3.75
N LEU A 456 -43.02 20.30 4.56
CA LEU A 456 -41.77 19.87 5.17
C LEU A 456 -40.69 19.47 4.17
N SER A 457 -41.04 19.21 2.91
CA SER A 457 -40.00 18.82 1.98
C SER A 457 -39.18 20.00 1.46
N ASP A 458 -39.56 21.24 1.81
CA ASP A 458 -39.01 22.40 1.10
C ASP A 458 -37.51 22.55 1.30
N SER A 459 -37.02 22.35 2.53
CA SER A 459 -35.59 22.50 2.84
C SER A 459 -34.77 21.22 2.65
N LEU A 460 -35.36 20.13 2.20
CA LEU A 460 -34.65 18.86 2.09
C LEU A 460 -34.27 18.55 0.63
N LEU A 461 -33.79 17.33 0.37
CA LEU A 461 -33.57 16.85 -1.00
C LEU A 461 -34.81 16.29 -1.64
N SER A 462 -35.92 16.22 -0.89
CA SER A 462 -37.06 15.37 -1.24
C SER A 462 -37.67 15.72 -2.60
N VAL A 463 -37.90 16.99 -2.86
CA VAL A 463 -38.61 17.33 -4.08
C VAL A 463 -37.74 18.16 -5.02
N LEU A 464 -36.43 18.14 -4.78
CA LEU A 464 -35.52 18.95 -5.59
C LEU A 464 -35.56 18.57 -7.07
N ALA A 465 -35.63 17.26 -7.38
CA ALA A 465 -35.57 16.86 -8.79
C ALA A 465 -36.74 17.43 -9.56
N VAL A 466 -37.93 17.30 -8.99
CA VAL A 466 -39.14 17.80 -9.63
C VAL A 466 -39.22 19.32 -9.53
N ARG A 467 -38.84 19.88 -8.37
CA ARG A 467 -38.90 21.32 -8.20
C ARG A 467 -37.92 22.02 -9.13
N GLY A 468 -36.73 21.44 -9.31
CA GLY A 468 -35.81 21.99 -10.29
C GLY A 468 -36.46 22.12 -11.65
N GLY A 469 -37.25 21.11 -12.04
CA GLY A 469 -37.95 21.15 -13.32
C GLY A 469 -39.01 22.22 -13.40
N GLU A 470 -39.87 22.33 -12.36
CA GLU A 470 -40.88 23.38 -12.37
C GLU A 470 -40.22 24.75 -12.46
N MET A 471 -39.12 24.93 -11.72
CA MET A 471 -38.46 26.22 -11.70
C MET A 471 -37.99 26.59 -13.09
N VAL A 472 -37.47 25.59 -13.82
CA VAL A 472 -37.04 25.88 -15.18
C VAL A 472 -38.24 26.23 -16.04
N GLN A 473 -39.37 25.55 -15.86
CA GLN A 473 -40.57 25.95 -16.61
C GLN A 473 -41.03 27.35 -16.22
N SER A 474 -41.07 27.67 -14.93
CA SER A 474 -41.58 28.98 -14.54
C SER A 474 -40.65 30.11 -14.99
N ILE A 475 -39.34 29.91 -14.87
CA ILE A 475 -38.39 30.98 -15.19
C ILE A 475 -38.06 31.00 -16.68
N PHE A 476 -37.93 29.84 -17.33
CA PHE A 476 -37.52 29.80 -18.73
C PHE A 476 -38.55 29.22 -19.69
N GLY A 477 -39.73 28.84 -19.22
CA GLY A 477 -40.67 28.13 -20.06
C GLY A 477 -41.04 28.80 -21.36
N GLU A 478 -41.58 30.01 -21.24
CA GLU A 478 -42.00 30.77 -22.41
C GLU A 478 -40.81 31.07 -23.33
N GLN A 479 -39.61 31.24 -22.76
CA GLN A 479 -38.42 31.55 -23.54
C GLN A 479 -38.05 30.37 -24.45
N LEU A 480 -38.20 29.14 -23.95
CA LEU A 480 -37.94 27.92 -24.71
C LEU A 480 -39.16 27.43 -25.49
N GLU A 481 -40.00 28.33 -25.99
CA GLU A 481 -41.19 27.91 -26.73
C GLU A 481 -40.91 27.79 -28.22
N LEU B 24 -37.35 -1.06 -32.85
CA LEU B 24 -36.81 -1.92 -33.92
C LEU B 24 -37.83 -2.22 -35.04
N ARG B 25 -37.42 -2.05 -36.29
CA ARG B 25 -38.34 -2.23 -37.39
C ARG B 25 -38.37 -3.69 -37.85
N SER B 26 -39.53 -4.15 -38.29
CA SER B 26 -39.66 -5.53 -38.73
C SER B 26 -38.97 -5.76 -40.07
N THR B 27 -38.56 -6.99 -40.28
CA THR B 27 -38.03 -7.50 -41.55
C THR B 27 -39.01 -8.50 -42.17
N PRO B 28 -39.26 -8.41 -43.48
CA PRO B 28 -40.09 -9.42 -44.13
C PRO B 28 -39.63 -10.82 -43.79
N GLN B 29 -40.60 -11.72 -43.57
CA GLN B 29 -40.34 -13.05 -43.05
C GLN B 29 -39.43 -13.88 -43.97
N ASP B 30 -39.56 -13.70 -45.29
CA ASP B 30 -38.85 -14.49 -46.29
C ASP B 30 -37.46 -13.94 -46.61
N GLU B 31 -37.08 -12.82 -46.02
CA GLU B 31 -35.80 -12.23 -46.34
C GLU B 31 -34.72 -12.89 -45.47
N LEU B 32 -33.46 -12.68 -45.84
CA LEU B 32 -32.34 -13.29 -45.11
C LEU B 32 -32.00 -12.41 -43.90
N HIS B 33 -32.29 -12.89 -42.69
CA HIS B 33 -32.09 -12.08 -41.49
C HIS B 33 -30.62 -12.02 -41.08
N ASP B 34 -30.26 -10.94 -40.38
CA ASP B 34 -28.95 -10.91 -39.75
C ASP B 34 -28.93 -11.74 -38.48
N LEU B 35 -30.01 -11.73 -37.73
CA LEU B 35 -30.08 -12.49 -36.49
C LEU B 35 -31.50 -12.98 -36.27
N LEU B 36 -31.62 -14.22 -35.84
CA LEU B 36 -32.87 -14.79 -35.35
C LEU B 36 -32.62 -15.35 -33.95
N CYS B 37 -33.45 -14.95 -33.00
CA CYS B 37 -33.38 -15.44 -31.63
C CYS B 37 -34.52 -16.41 -31.39
N VAL B 38 -34.19 -17.57 -30.85
CA VAL B 38 -35.20 -18.56 -30.47
C VAL B 38 -35.61 -18.31 -29.02
N GLY B 39 -36.86 -17.92 -28.83
CA GLY B 39 -37.35 -17.63 -27.50
C GLY B 39 -37.35 -16.14 -27.27
N PHE B 40 -38.43 -15.60 -26.67
CA PHE B 40 -38.43 -14.20 -26.24
C PHE B 40 -38.70 -14.07 -24.75
N GLY B 41 -37.85 -14.65 -23.92
CA GLY B 41 -37.86 -14.42 -22.50
C GLY B 41 -36.87 -13.33 -22.18
N PRO B 42 -36.55 -13.11 -20.89
CA PRO B 42 -35.66 -12.00 -20.54
C PRO B 42 -34.33 -12.02 -21.26
N ALA B 43 -33.75 -13.19 -21.53
CA ALA B 43 -32.42 -13.23 -22.14
C ALA B 43 -32.44 -12.60 -23.53
N SER B 44 -33.44 -12.98 -24.33
CA SER B 44 -33.63 -12.40 -25.64
C SER B 44 -34.09 -10.97 -25.55
N LEU B 45 -34.97 -10.67 -24.57
CA LEU B 45 -35.45 -9.30 -24.40
C LEU B 45 -34.30 -8.35 -24.12
N ALA B 46 -33.32 -8.77 -23.31
CA ALA B 46 -32.16 -7.92 -23.02
C ALA B 46 -31.30 -7.70 -24.25
N ILE B 47 -31.23 -8.68 -25.17
CA ILE B 47 -30.55 -8.45 -26.45
C ILE B 47 -31.31 -7.39 -27.25
N ALA B 48 -32.64 -7.51 -27.31
CA ALA B 48 -33.46 -6.55 -28.05
C ALA B 48 -33.33 -5.15 -27.49
N ILE B 49 -33.30 -5.01 -26.16
CA ILE B 49 -33.09 -3.72 -25.52
C ILE B 49 -31.71 -3.17 -25.85
N ALA B 50 -30.69 -4.01 -25.70
CA ALA B 50 -29.33 -3.57 -25.97
C ALA B 50 -29.16 -3.11 -27.40
N LEU B 51 -29.80 -3.80 -28.35
CA LEU B 51 -29.71 -3.35 -29.74
C LEU B 51 -30.35 -1.98 -29.89
N HIS B 52 -31.56 -1.81 -29.36
CA HIS B 52 -32.21 -0.50 -29.37
C HIS B 52 -31.31 0.57 -28.81
N ASP B 53 -30.75 0.34 -27.62
CA ASP B 53 -29.88 1.35 -27.03
C ASP B 53 -28.61 1.54 -27.85
N ALA B 54 -28.07 0.47 -28.41
CA ALA B 54 -26.90 0.62 -29.27
C ALA B 54 -27.21 1.42 -30.52
N LEU B 55 -28.48 1.45 -30.97
CA LEU B 55 -28.87 2.22 -32.15
C LEU B 55 -29.36 3.63 -31.81
N ASP B 56 -29.39 4.01 -30.54
CA ASP B 56 -29.87 5.33 -30.15
C ASP B 56 -28.69 6.30 -30.11
N PRO B 57 -28.66 7.31 -30.97
CA PRO B 57 -27.53 8.24 -30.94
C PRO B 57 -27.39 8.95 -29.60
N ARG B 58 -28.50 9.09 -28.88
CA ARG B 58 -28.48 9.69 -27.55
C ARG B 58 -27.67 8.87 -26.55
N LEU B 59 -27.59 7.56 -26.72
CA LEU B 59 -26.91 6.69 -25.78
C LEU B 59 -25.58 6.11 -26.25
N ASN B 60 -25.25 6.23 -27.54
CA ASN B 60 -24.04 5.61 -28.11
C ASN B 60 -23.15 6.65 -28.81
N LYS B 61 -22.02 6.16 -29.34
CA LYS B 61 -21.11 6.98 -30.15
C LYS B 61 -21.73 7.40 -31.50
N GLN B 69 -30.29 -0.46 -39.90
CA GLN B 69 -30.66 -1.34 -38.78
C GLN B 69 -30.54 -2.80 -39.16
N PRO B 70 -30.00 -3.61 -38.25
CA PRO B 70 -29.93 -5.05 -38.51
C PRO B 70 -31.30 -5.67 -38.72
N LYS B 71 -31.33 -6.73 -39.51
CA LYS B 71 -32.56 -7.47 -39.78
C LYS B 71 -32.68 -8.55 -38.72
N ILE B 72 -33.57 -8.32 -37.76
CA ILE B 72 -33.67 -9.17 -36.59
C ILE B 72 -35.11 -9.65 -36.51
N CYS B 73 -35.29 -10.89 -36.06
CA CYS B 73 -36.60 -11.30 -35.57
C CYS B 73 -36.42 -12.26 -34.39
N PHE B 74 -37.51 -12.42 -33.65
CA PHE B 74 -37.58 -13.26 -32.46
C PHE B 74 -38.78 -14.18 -32.57
N LEU B 75 -38.61 -15.44 -32.20
CA LEU B 75 -39.72 -16.40 -32.22
C LEU B 75 -39.94 -16.91 -30.80
N GLU B 76 -41.19 -16.86 -30.34
CA GLU B 76 -41.57 -17.25 -29.00
C GLU B 76 -42.79 -18.16 -29.08
N ARG B 77 -42.73 -19.30 -28.38
CA ARG B 77 -43.83 -20.27 -28.47
C ARG B 77 -45.10 -19.77 -27.75
N GLN B 78 -44.96 -19.02 -26.66
CA GLN B 78 -46.12 -18.50 -25.94
C GLN B 78 -46.88 -17.48 -26.78
N LYS B 79 -48.20 -17.39 -26.53
CA LYS B 79 -49.08 -16.56 -27.34
C LYS B 79 -48.91 -15.07 -27.06
N GLN B 80 -48.28 -14.74 -25.96
CA GLN B 80 -47.87 -13.38 -25.65
C GLN B 80 -46.80 -13.46 -24.60
N PHE B 81 -46.07 -12.37 -24.41
CA PHE B 81 -45.01 -12.37 -23.42
C PHE B 81 -45.57 -12.69 -22.05
N ALA B 82 -44.92 -13.62 -21.36
CA ALA B 82 -45.29 -13.98 -20.00
C ALA B 82 -44.03 -14.56 -19.36
N TRP B 83 -43.84 -14.30 -18.06
CA TRP B 83 -42.63 -14.69 -17.31
C TRP B 83 -43.02 -15.67 -16.21
N HIS B 84 -42.87 -16.97 -16.49
CA HIS B 84 -43.12 -18.06 -15.54
C HIS B 84 -44.48 -17.91 -14.85
N SER B 85 -45.53 -17.81 -15.68
CA SER B 85 -46.86 -17.52 -15.17
C SER B 85 -47.41 -18.62 -14.27
N GLY B 86 -46.89 -19.85 -14.40
CA GLY B 86 -47.29 -20.92 -13.52
C GLY B 86 -46.85 -20.73 -12.09
N MET B 87 -45.89 -19.83 -11.86
CA MET B 87 -45.36 -19.56 -10.53
C MET B 87 -45.44 -18.08 -10.17
N LEU B 88 -46.38 -17.34 -10.76
CA LEU B 88 -46.67 -15.98 -10.30
C LEU B 88 -47.56 -16.11 -9.06
N VAL B 89 -46.95 -16.64 -7.99
CA VAL B 89 -47.73 -16.95 -6.79
C VAL B 89 -48.11 -15.66 -6.08
N PRO B 90 -49.34 -15.53 -5.58
CA PRO B 90 -49.70 -14.31 -4.86
C PRO B 90 -48.69 -14.09 -3.74
N GLY B 91 -48.20 -12.85 -3.67
CA GLY B 91 -47.22 -12.45 -2.68
C GLY B 91 -45.79 -12.85 -2.98
N SER B 92 -45.53 -13.59 -4.04
CA SER B 92 -44.14 -14.00 -4.29
C SER B 92 -43.30 -12.80 -4.73
N LYS B 93 -42.05 -12.79 -4.30
CA LYS B 93 -41.18 -11.65 -4.52
C LYS B 93 -39.97 -12.04 -5.36
N MET B 94 -39.37 -11.05 -6.01
CA MET B 94 -38.08 -11.24 -6.68
C MET B 94 -36.99 -11.57 -5.67
N GLN B 95 -35.93 -12.20 -6.14
CA GLN B 95 -34.81 -12.58 -5.31
C GLN B 95 -33.56 -11.92 -5.81
N ILE B 96 -33.72 -10.72 -6.38
CA ILE B 96 -32.59 -10.00 -6.90
C ILE B 96 -32.93 -8.52 -6.86
N SER B 97 -31.95 -7.68 -6.55
CA SER B 97 -32.22 -6.26 -6.54
C SER B 97 -32.72 -5.79 -7.91
N PHE B 98 -33.71 -4.87 -7.89
CA PHE B 98 -34.23 -4.28 -9.14
C PHE B 98 -33.16 -3.53 -9.94
N ILE B 99 -32.02 -3.20 -9.31
CA ILE B 99 -30.91 -2.58 -10.03
C ILE B 99 -30.34 -3.55 -11.08
N LYS B 100 -30.49 -4.86 -10.84
CA LYS B 100 -30.08 -5.89 -11.80
C LYS B 100 -31.18 -6.12 -12.83
N ASP B 101 -31.74 -5.03 -13.37
CA ASP B 101 -32.81 -5.18 -14.34
C ASP B 101 -32.23 -5.42 -15.73
N LEU B 102 -33.03 -5.21 -16.77
CA LEU B 102 -32.60 -5.52 -18.13
C LEU B 102 -31.81 -4.40 -18.80
N ALA B 103 -31.44 -3.33 -18.07
CA ALA B 103 -30.67 -2.25 -18.72
C ALA B 103 -29.69 -1.54 -17.78
N THR B 104 -30.08 -1.37 -16.50
CA THR B 104 -29.41 -0.40 -15.64
C THR B 104 -27.92 -0.70 -15.48
N LEU B 105 -27.53 -1.97 -15.30
CA LEU B 105 -26.10 -2.22 -15.12
C LEU B 105 -25.27 -1.91 -16.35
N ARG B 106 -25.89 -1.87 -17.56
CA ARG B 106 -25.15 -1.52 -18.76
C ARG B 106 -25.19 -0.01 -18.99
N ASP B 107 -26.37 0.63 -18.72
CA ASP B 107 -26.62 2.07 -18.84
C ASP B 107 -27.82 2.55 -18.03
N PRO B 108 -27.62 3.20 -16.87
CA PRO B 108 -28.76 3.73 -16.12
C PRO B 108 -29.55 4.79 -16.88
N ARG B 109 -28.99 5.36 -17.93
CA ARG B 109 -29.75 6.31 -18.72
C ARG B 109 -30.77 5.64 -19.65
N SER B 110 -30.72 4.30 -19.80
CA SER B 110 -31.58 3.66 -20.78
C SER B 110 -33.05 3.93 -20.47
N SER B 111 -33.87 3.93 -21.53
CA SER B 111 -35.31 4.05 -21.31
C SER B 111 -35.93 2.77 -20.75
N PHE B 112 -35.19 1.66 -20.69
CA PHE B 112 -35.72 0.37 -20.25
C PHE B 112 -35.36 -0.01 -18.82
N THR B 113 -34.88 0.93 -18.01
CA THR B 113 -34.64 0.63 -16.60
C THR B 113 -35.96 0.37 -15.90
N PHE B 114 -35.89 -0.37 -14.81
CA PHE B 114 -37.08 -0.57 -13.98
C PHE B 114 -37.58 0.73 -13.37
N LEU B 115 -36.66 1.64 -13.01
CA LEU B 115 -37.07 2.93 -12.46
C LEU B 115 -37.79 3.79 -13.49
N ASN B 116 -37.34 3.75 -14.75
CA ASN B 116 -38.05 4.54 -15.78
C ASN B 116 -39.44 3.97 -16.02
N TYR B 117 -39.57 2.66 -15.96
CA TYR B 117 -40.89 2.03 -16.07
C TYR B 117 -41.86 2.50 -14.98
N LEU B 118 -41.40 2.53 -13.72
CA LEU B 118 -42.24 3.03 -12.64
C LEU B 118 -42.65 4.48 -12.90
N HIS B 119 -41.68 5.30 -13.33
CA HIS B 119 -41.98 6.69 -13.65
C HIS B 119 -42.98 6.77 -14.81
N GLN B 120 -42.79 5.95 -15.85
CA GLN B 120 -43.77 5.99 -16.93
C GLN B 120 -45.15 5.61 -16.42
N LYS B 121 -45.22 4.76 -15.40
CA LYS B 121 -46.51 4.37 -14.85
C LYS B 121 -47.01 5.32 -13.76
N GLY B 122 -46.29 6.39 -13.44
CA GLY B 122 -46.74 7.22 -12.35
C GLY B 122 -46.68 6.53 -10.99
N ARG B 123 -45.69 5.67 -10.80
CA ARG B 123 -45.62 4.86 -9.61
C ARG B 123 -44.28 4.99 -8.88
N LEU B 124 -43.35 5.82 -9.40
CA LEU B 124 -42.01 5.84 -8.85
C LEU B 124 -41.98 6.32 -7.40
N ILE B 125 -42.74 7.39 -7.10
CA ILE B 125 -42.70 7.89 -5.72
C ILE B 125 -43.32 6.85 -4.81
N HIS B 126 -44.29 6.11 -5.29
CA HIS B 126 -44.96 5.12 -4.47
C HIS B 126 -44.08 3.91 -4.19
N PHE B 127 -43.31 3.46 -5.20
CA PHE B 127 -42.39 2.35 -4.99
C PHE B 127 -41.25 2.74 -4.05
N THR B 128 -40.80 4.01 -4.15
CA THR B 128 -39.75 4.52 -3.27
C THR B 128 -40.09 4.32 -1.81
N ASN B 129 -41.34 4.59 -1.43
CA ASN B 129 -41.82 4.43 -0.05
C ASN B 129 -41.98 2.97 0.37
N LEU B 130 -41.94 2.00 -0.57
CA LEU B 130 -41.86 0.58 -0.24
C LEU B 130 -40.55 0.23 0.46
N SER B 131 -39.54 1.07 0.30
CA SER B 131 -38.16 0.77 0.73
C SER B 131 -37.83 -0.72 0.57
N THR B 132 -38.02 -1.24 -0.65
CA THR B 132 -37.56 -2.58 -0.99
C THR B 132 -36.80 -2.56 -2.31
N PHE B 133 -35.77 -3.38 -2.37
CA PHE B 133 -35.08 -3.70 -3.61
C PHE B 133 -35.77 -4.86 -4.35
N LEU B 134 -36.83 -5.43 -3.77
CA LEU B 134 -37.44 -6.69 -4.18
C LEU B 134 -38.89 -6.47 -4.60
N PRO B 135 -39.15 -6.17 -5.87
CA PRO B 135 -40.53 -6.05 -6.32
C PRO B 135 -41.22 -7.40 -6.27
N ALA B 136 -42.55 -7.34 -6.18
CA ALA B 136 -43.39 -8.51 -6.33
C ALA B 136 -43.09 -9.14 -7.68
N ARG B 137 -43.20 -10.46 -7.76
CA ARG B 137 -42.98 -11.10 -9.06
C ARG B 137 -43.97 -10.61 -10.09
N LEU B 138 -45.21 -10.37 -9.66
CA LEU B 138 -46.22 -9.85 -10.55
C LEU B 138 -45.78 -8.52 -11.13
N GLU B 139 -45.19 -7.65 -10.31
CA GLU B 139 -44.80 -6.34 -10.81
C GLU B 139 -43.60 -6.42 -11.76
N PHE B 140 -42.59 -7.23 -11.41
CA PHE B 140 -41.43 -7.32 -12.29
C PHE B 140 -41.81 -7.97 -13.63
N GLU B 141 -42.77 -8.91 -13.62
CA GLU B 141 -43.26 -9.43 -14.89
C GLU B 141 -43.96 -8.36 -15.70
N ASP B 142 -44.76 -7.52 -15.03
CA ASP B 142 -45.40 -6.43 -15.76
C ASP B 142 -44.35 -5.44 -16.30
N TYR B 143 -43.27 -5.23 -15.56
CA TYR B 143 -42.16 -4.44 -16.06
C TYR B 143 -41.58 -5.06 -17.33
N MET B 144 -41.43 -6.39 -17.37
CA MET B 144 -40.88 -6.99 -18.58
C MET B 144 -41.89 -6.98 -19.70
N ARG B 145 -43.19 -7.12 -19.36
CA ARG B 145 -44.23 -6.98 -20.37
C ARG B 145 -44.22 -5.60 -20.97
N TRP B 146 -44.03 -4.57 -20.13
CA TRP B 146 -43.89 -3.21 -20.63
C TRP B 146 -42.68 -3.09 -21.54
N CYS B 147 -41.58 -3.76 -21.19
CA CYS B 147 -40.43 -3.75 -22.11
C CYS B 147 -40.75 -4.50 -23.41
N ALA B 148 -41.27 -5.71 -23.31
CA ALA B 148 -41.40 -6.56 -24.50
C ALA B 148 -42.34 -5.93 -25.54
N GLN B 149 -43.42 -5.28 -25.07
CA GLN B 149 -44.43 -4.82 -26.01
C GLN B 149 -43.89 -3.75 -26.96
N GLN B 150 -42.82 -3.07 -26.59
CA GLN B 150 -42.17 -2.13 -27.50
C GLN B 150 -41.36 -2.79 -28.63
N PHE B 151 -41.20 -4.13 -28.61
CA PHE B 151 -40.53 -4.82 -29.70
C PHE B 151 -41.48 -5.72 -30.47
N SER B 152 -42.80 -5.52 -30.28
CA SER B 152 -43.82 -6.41 -30.85
C SER B 152 -43.76 -6.53 -32.37
N ASP B 153 -43.19 -5.54 -33.06
CA ASP B 153 -43.07 -5.65 -34.50
C ASP B 153 -42.00 -6.67 -34.92
N VAL B 154 -41.09 -7.06 -34.03
CA VAL B 154 -40.01 -7.98 -34.41
C VAL B 154 -40.13 -9.31 -33.68
N VAL B 155 -41.25 -9.57 -33.01
CA VAL B 155 -41.47 -10.79 -32.27
C VAL B 155 -42.68 -11.50 -32.88
N ALA B 156 -42.53 -12.78 -33.17
CA ALA B 156 -43.64 -13.60 -33.64
C ALA B 156 -43.98 -14.59 -32.53
N TYR B 157 -45.12 -14.39 -31.88
CA TYR B 157 -45.59 -15.21 -30.78
C TYR B 157 -46.34 -16.42 -31.31
N GLY B 158 -46.51 -17.41 -30.46
CA GLY B 158 -47.13 -18.64 -30.93
C GLY B 158 -46.29 -19.39 -31.93
N GLU B 159 -44.98 -19.28 -31.84
CA GLU B 159 -44.07 -19.95 -32.76
C GLU B 159 -43.14 -20.86 -31.94
N GLU B 160 -43.29 -22.17 -32.11
CA GLU B 160 -42.44 -23.16 -31.46
C GLU B 160 -41.36 -23.60 -32.43
N VAL B 161 -40.12 -23.15 -32.23
CA VAL B 161 -39.04 -23.57 -33.12
C VAL B 161 -38.77 -25.06 -32.93
N VAL B 162 -38.60 -25.77 -34.04
CA VAL B 162 -38.41 -27.22 -33.99
C VAL B 162 -37.08 -27.68 -34.58
N GLU B 163 -36.43 -26.90 -35.45
CA GLU B 163 -35.15 -27.34 -35.99
C GLU B 163 -34.39 -26.15 -36.59
N VAL B 164 -33.07 -26.30 -36.62
CA VAL B 164 -32.15 -25.40 -37.32
C VAL B 164 -31.46 -26.24 -38.37
N ILE B 165 -31.52 -25.79 -39.62
CA ILE B 165 -31.04 -26.56 -40.76
C ILE B 165 -29.95 -25.75 -41.45
N PRO B 166 -28.84 -26.37 -41.87
CA PRO B 166 -27.82 -25.63 -42.59
C PRO B 166 -28.29 -25.18 -43.98
N GLY B 167 -27.64 -24.15 -44.47
CA GLY B 167 -27.89 -23.64 -45.81
C GLY B 167 -26.60 -23.15 -46.42
N LYS B 168 -26.49 -23.31 -47.74
CA LYS B 168 -25.33 -22.89 -48.50
C LYS B 168 -25.81 -22.03 -49.67
N SER B 169 -25.49 -20.74 -49.63
CA SER B 169 -25.95 -19.79 -50.64
C SER B 169 -25.23 -19.88 -51.98
N ASP B 170 -24.03 -20.48 -52.05
CA ASP B 170 -23.20 -20.49 -53.27
C ASP B 170 -23.07 -21.90 -53.82
N PRO B 171 -23.37 -22.11 -55.11
CA PRO B 171 -23.22 -23.46 -55.71
C PRO B 171 -21.79 -23.99 -55.68
N SER B 172 -20.79 -23.11 -55.70
CA SER B 172 -19.39 -23.53 -55.77
C SER B 172 -18.88 -24.14 -54.47
N SER B 173 -19.53 -23.87 -53.34
CA SER B 173 -18.99 -24.18 -52.03
C SER B 173 -19.85 -25.21 -51.30
N SER B 174 -19.19 -26.09 -50.56
CA SER B 174 -19.82 -26.94 -49.56
C SER B 174 -19.88 -26.28 -48.18
N VAL B 175 -19.63 -24.97 -48.13
CA VAL B 175 -19.48 -24.25 -46.87
C VAL B 175 -20.84 -23.71 -46.45
N VAL B 176 -21.23 -23.94 -45.19
CA VAL B 176 -22.50 -23.41 -44.67
C VAL B 176 -22.33 -21.94 -44.33
N ASP B 177 -23.22 -21.11 -44.88
CA ASP B 177 -23.17 -19.66 -44.68
C ASP B 177 -24.53 -19.08 -44.30
N PHE B 178 -25.52 -19.92 -44.08
CA PHE B 178 -26.73 -19.45 -43.42
C PHE B 178 -27.41 -20.64 -42.77
N PHE B 179 -28.45 -20.34 -41.99
CA PHE B 179 -29.26 -21.36 -41.33
C PHE B 179 -30.72 -21.08 -41.62
N THR B 180 -31.47 -22.15 -41.79
CA THR B 180 -32.91 -22.09 -41.93
C THR B 180 -33.49 -22.55 -40.60
N VAL B 181 -34.31 -21.70 -40.00
CA VAL B 181 -34.97 -21.98 -38.73
C VAL B 181 -36.40 -22.32 -39.04
N ARG B 182 -36.86 -23.46 -38.55
CA ARG B 182 -38.22 -23.93 -38.77
C ARG B 182 -39.02 -23.86 -37.48
N SER B 183 -40.20 -23.27 -37.55
CA SER B 183 -41.02 -23.11 -36.36
C SER B 183 -42.42 -23.59 -36.64
N ARG B 184 -43.05 -24.17 -35.63
CA ARG B 184 -44.43 -24.61 -35.72
C ARG B 184 -45.33 -23.61 -35.02
N ASN B 185 -46.35 -23.13 -35.73
CA ASN B 185 -47.32 -22.22 -35.14
C ASN B 185 -48.25 -22.98 -34.19
N VAL B 186 -48.33 -22.55 -32.92
CA VAL B 186 -49.12 -23.28 -31.94
C VAL B 186 -50.61 -23.21 -32.21
N GLU B 187 -51.05 -22.26 -33.03
CA GLU B 187 -52.48 -22.14 -33.33
C GLU B 187 -52.89 -22.92 -34.59
N THR B 188 -52.09 -22.86 -35.66
CA THR B 188 -52.45 -23.52 -36.90
C THR B 188 -51.75 -24.85 -37.10
N GLY B 189 -50.60 -25.05 -36.45
CA GLY B 189 -49.76 -26.19 -36.72
C GLY B 189 -48.94 -26.08 -37.97
N GLU B 190 -49.07 -25.00 -38.72
CA GLU B 190 -48.34 -24.85 -39.96
C GLU B 190 -46.86 -24.61 -39.68
N ILE B 191 -46.02 -25.19 -40.51
CA ILE B 191 -44.57 -25.07 -40.38
C ILE B 191 -44.11 -23.93 -41.27
N SER B 192 -43.41 -22.98 -40.69
CA SER B 192 -42.85 -21.86 -41.43
C SER B 192 -41.33 -21.93 -41.36
N ALA B 193 -40.67 -21.26 -42.29
CA ALA B 193 -39.23 -21.35 -42.41
C ALA B 193 -38.67 -19.96 -42.54
N ARG B 194 -37.62 -19.67 -41.79
CA ARG B 194 -36.99 -18.37 -41.88
C ARG B 194 -35.49 -18.58 -42.05
N ARG B 195 -34.89 -17.74 -42.87
CA ARG B 195 -33.46 -17.82 -43.12
C ARG B 195 -32.76 -16.73 -42.35
N THR B 196 -31.64 -17.08 -41.74
CA THR B 196 -30.86 -16.09 -41.00
C THR B 196 -29.40 -16.48 -41.06
N ARG B 197 -28.54 -15.45 -41.03
CA ARG B 197 -27.11 -15.67 -41.02
C ARG B 197 -26.62 -16.16 -39.66
N LYS B 198 -27.26 -15.73 -38.57
CA LYS B 198 -26.86 -16.06 -37.22
C LYS B 198 -28.08 -16.40 -36.38
N VAL B 199 -27.91 -17.29 -35.41
CA VAL B 199 -28.99 -17.81 -34.56
C VAL B 199 -28.59 -17.66 -33.10
N VAL B 200 -29.54 -17.27 -32.25
CA VAL B 200 -29.40 -17.28 -30.80
C VAL B 200 -30.42 -18.25 -30.23
N ILE B 201 -29.99 -19.13 -29.34
CA ILE B 201 -30.89 -20.04 -28.64
C ILE B 201 -31.00 -19.55 -27.20
N ALA B 202 -32.21 -19.09 -26.82
CA ALA B 202 -32.47 -18.57 -25.48
C ALA B 202 -33.82 -19.11 -25.04
N ILE B 203 -33.87 -20.40 -24.71
CA ILE B 203 -35.15 -21.06 -24.46
C ILE B 203 -35.28 -21.54 -23.02
N GLY B 204 -34.46 -21.00 -22.10
CA GLY B 204 -34.64 -21.27 -20.68
C GLY B 204 -34.53 -22.75 -20.37
N GLY B 205 -35.47 -23.25 -19.55
CA GLY B 205 -35.42 -24.61 -19.10
C GLY B 205 -36.72 -25.34 -19.32
N THR B 206 -36.62 -26.66 -19.29
CA THR B 206 -37.75 -27.58 -19.30
C THR B 206 -37.83 -28.18 -17.91
N ALA B 207 -39.06 -28.45 -17.47
CA ALA B 207 -39.31 -29.01 -16.15
C ALA B 207 -38.55 -30.31 -15.92
N LYS B 208 -37.87 -30.41 -14.78
CA LYS B 208 -37.19 -31.62 -14.33
C LYS B 208 -38.06 -32.34 -13.31
N MET B 209 -38.40 -33.59 -13.60
CA MET B 209 -39.23 -34.47 -12.78
C MET B 209 -38.42 -35.63 -12.25
N PRO B 210 -38.71 -36.14 -11.05
CA PRO B 210 -38.08 -37.39 -10.61
C PRO B 210 -38.54 -38.50 -11.55
N SER B 211 -37.58 -39.34 -11.99
CA SER B 211 -37.88 -40.33 -13.01
C SER B 211 -38.90 -41.37 -12.55
N GLY B 212 -38.95 -41.66 -11.26
CA GLY B 212 -39.83 -42.70 -10.75
C GLY B 212 -41.27 -42.34 -10.50
N LEU B 213 -41.64 -41.08 -10.68
CA LEU B 213 -43.03 -40.68 -10.56
C LEU B 213 -43.79 -41.02 -11.85
N PRO B 214 -45.00 -41.51 -11.76
CA PRO B 214 -45.78 -41.77 -12.97
C PRO B 214 -46.47 -40.50 -13.46
N GLN B 215 -46.91 -40.57 -14.71
CA GLN B 215 -47.63 -39.47 -15.34
C GLN B 215 -49.11 -39.52 -15.00
N ASP B 216 -49.67 -38.39 -14.53
CA ASP B 216 -51.07 -38.36 -14.09
C ASP B 216 -51.54 -36.92 -14.01
N PRO B 217 -52.80 -36.61 -14.36
CA PRO B 217 -53.24 -35.20 -14.30
C PRO B 217 -53.08 -34.55 -12.93
N ARG B 218 -53.08 -35.37 -11.86
CA ARG B 218 -52.97 -34.91 -10.49
C ARG B 218 -51.52 -34.79 -10.02
N ILE B 219 -50.56 -34.97 -10.93
CA ILE B 219 -49.13 -34.78 -10.65
C ILE B 219 -48.64 -33.62 -11.50
N ILE B 220 -48.44 -32.48 -10.86
CA ILE B 220 -48.21 -31.22 -11.56
C ILE B 220 -46.90 -30.61 -11.11
N HIS B 221 -46.04 -30.32 -12.07
CA HIS B 221 -44.79 -29.61 -11.81
C HIS B 221 -45.04 -28.14 -11.43
N SER B 222 -44.09 -27.58 -10.67
CA SER B 222 -44.27 -26.23 -10.14
C SER B 222 -44.41 -25.20 -11.25
N SER B 223 -43.78 -25.45 -12.40
CA SER B 223 -43.91 -24.55 -13.53
C SER B 223 -45.34 -24.38 -14.00
N LYS B 224 -46.26 -25.27 -13.60
CA LYS B 224 -47.67 -25.15 -13.99
C LYS B 224 -48.60 -25.01 -12.79
N TYR B 225 -48.11 -24.51 -11.66
CA TYR B 225 -48.91 -24.48 -10.44
C TYR B 225 -50.15 -23.60 -10.60
N CYS B 226 -49.95 -22.30 -10.83
CA CYS B 226 -51.07 -21.36 -10.90
C CYS B 226 -51.94 -21.59 -12.12
N THR B 227 -51.39 -22.13 -13.21
CA THR B 227 -52.18 -22.21 -14.44
C THR B 227 -53.05 -23.46 -14.55
N THR B 228 -52.68 -24.58 -13.90
CA THR B 228 -53.41 -25.84 -14.03
C THR B 228 -54.00 -26.38 -12.74
N LEU B 229 -53.35 -26.19 -11.60
CA LEU B 229 -53.92 -26.72 -10.36
C LEU B 229 -55.30 -26.15 -10.03
N PRO B 230 -55.59 -24.86 -10.22
CA PRO B 230 -56.97 -24.40 -9.99
C PRO B 230 -58.00 -25.13 -10.85
N ALA B 231 -57.64 -25.48 -12.09
CA ALA B 231 -58.58 -26.25 -12.90
C ALA B 231 -58.74 -27.67 -12.38
N LEU B 232 -57.72 -28.20 -11.72
CA LEU B 232 -57.84 -29.56 -11.19
C LEU B 232 -58.66 -29.57 -9.90
N LEU B 233 -58.39 -28.65 -8.99
CA LEU B 233 -59.11 -28.53 -7.72
C LEU B 233 -59.90 -27.21 -7.75
N LYS B 234 -61.14 -27.27 -8.25
CA LYS B 234 -61.88 -26.04 -8.51
C LYS B 234 -62.43 -25.40 -7.24
N ASP B 235 -62.74 -26.21 -6.23
CA ASP B 235 -63.47 -25.76 -5.04
C ASP B 235 -62.49 -25.38 -3.93
N LYS B 236 -62.35 -24.08 -3.67
CA LYS B 236 -61.37 -23.58 -2.72
C LYS B 236 -61.68 -23.96 -1.27
N SER B 237 -62.90 -24.35 -0.96
CA SER B 237 -63.29 -24.68 0.41
C SER B 237 -63.31 -26.17 0.72
N LYS B 238 -63.14 -27.03 -0.27
CA LYS B 238 -63.15 -28.47 0.00
C LYS B 238 -61.88 -28.86 0.74
N PRO B 239 -61.96 -29.84 1.64
CA PRO B 239 -60.77 -30.27 2.38
C PRO B 239 -59.87 -31.21 1.58
N TYR B 240 -59.17 -30.68 0.57
CA TYR B 240 -58.25 -31.50 -0.23
C TYR B 240 -57.00 -31.88 0.56
N ASN B 241 -56.45 -33.04 0.23
CA ASN B 241 -55.09 -33.39 0.61
C ASN B 241 -54.19 -33.06 -0.57
N ILE B 242 -53.23 -32.16 -0.36
CA ILE B 242 -52.30 -31.75 -1.41
C ILE B 242 -50.89 -31.92 -0.88
N ALA B 243 -50.05 -32.64 -1.62
CA ALA B 243 -48.66 -32.86 -1.24
C ALA B 243 -47.76 -32.00 -2.11
N VAL B 244 -46.60 -31.61 -1.55
CA VAL B 244 -45.62 -30.81 -2.26
C VAL B 244 -44.27 -31.49 -2.11
N LEU B 245 -43.59 -31.71 -3.23
CA LEU B 245 -42.33 -32.44 -3.29
C LEU B 245 -41.19 -31.49 -3.60
N GLY B 246 -40.22 -31.40 -2.70
CA GLY B 246 -39.08 -30.51 -2.83
C GLY B 246 -38.82 -29.71 -1.56
N SER B 247 -37.69 -29.01 -1.58
CA SER B 247 -37.28 -28.22 -0.42
C SER B 247 -36.63 -26.90 -0.81
N GLY B 248 -36.79 -26.46 -2.06
CA GLY B 248 -36.27 -25.19 -2.53
C GLY B 248 -37.33 -24.10 -2.56
N GLN B 249 -36.97 -22.97 -3.20
CA GLN B 249 -37.84 -21.80 -3.15
C GLN B 249 -39.26 -22.10 -3.66
N SER B 250 -39.38 -22.79 -4.81
CA SER B 250 -40.70 -23.05 -5.38
C SER B 250 -41.51 -23.98 -4.48
N ALA B 251 -40.86 -24.97 -3.87
CA ALA B 251 -41.57 -25.89 -2.97
C ALA B 251 -42.13 -25.15 -1.77
N ALA B 252 -41.31 -24.30 -1.12
CA ALA B 252 -41.79 -23.54 0.04
C ALA B 252 -42.91 -22.59 -0.35
N GLU B 253 -42.75 -21.87 -1.48
CA GLU B 253 -43.80 -20.94 -1.91
C GLU B 253 -45.10 -21.67 -2.23
N ILE B 254 -45.03 -22.88 -2.81
CA ILE B 254 -46.27 -23.61 -3.10
C ILE B 254 -46.91 -24.12 -1.81
N PHE B 255 -46.11 -24.72 -0.92
CA PHE B 255 -46.61 -25.16 0.38
C PHE B 255 -47.30 -24.00 1.11
N HIS B 256 -46.66 -22.84 1.15
CA HIS B 256 -47.24 -21.71 1.86
C HIS B 256 -48.47 -21.19 1.14
N ASP B 257 -48.42 -21.07 -0.20
CA ASP B 257 -49.58 -20.51 -0.89
C ASP B 257 -50.80 -21.40 -0.73
N LEU B 258 -50.60 -22.73 -0.79
CA LEU B 258 -51.72 -23.66 -0.69
C LEU B 258 -52.51 -23.45 0.58
N GLN B 259 -51.84 -23.08 1.67
CA GLN B 259 -52.54 -22.93 2.93
C GLN B 259 -53.50 -21.75 2.91
N LYS B 260 -53.20 -20.71 2.11
CA LYS B 260 -54.11 -19.59 1.86
C LYS B 260 -55.05 -19.86 0.70
N ARG B 261 -54.58 -20.52 -0.36
CA ARG B 261 -55.44 -20.71 -1.52
C ARG B 261 -56.56 -21.70 -1.21
N TYR B 262 -56.24 -22.80 -0.51
CA TYR B 262 -57.23 -23.78 -0.06
C TYR B 262 -57.22 -23.84 1.47
N PRO B 263 -57.94 -22.95 2.16
CA PRO B 263 -57.79 -22.81 3.61
C PRO B 263 -58.25 -24.02 4.43
N ASN B 264 -59.02 -24.95 3.86
CA ASN B 264 -59.46 -26.14 4.59
C ASN B 264 -58.67 -27.40 4.23
N SER B 265 -57.61 -27.26 3.44
CA SER B 265 -56.85 -28.42 2.98
C SER B 265 -55.96 -28.99 4.08
N ARG B 266 -55.47 -30.21 3.86
CA ARG B 266 -54.37 -30.77 4.63
C ARG B 266 -53.17 -30.89 3.67
N THR B 267 -52.14 -30.12 3.93
CA THR B 267 -50.98 -30.12 3.03
C THR B 267 -49.80 -30.80 3.69
N THR B 268 -48.93 -31.36 2.85
CA THR B 268 -47.77 -32.09 3.33
C THR B 268 -46.56 -31.70 2.48
N LEU B 269 -45.48 -31.29 3.14
CA LEU B 269 -44.24 -31.00 2.42
C LEU B 269 -43.31 -32.20 2.54
N ILE B 270 -42.93 -32.77 1.40
CA ILE B 270 -42.07 -33.94 1.36
C ILE B 270 -40.70 -33.52 0.85
N MET B 271 -39.70 -33.67 1.68
CA MET B 271 -38.35 -33.26 1.31
C MET B 271 -37.36 -34.38 1.54
N ARG B 272 -36.38 -34.48 0.65
CA ARG B 272 -35.29 -35.41 0.84
C ARG B 272 -34.33 -34.92 1.92
N ASP B 273 -34.14 -33.61 2.01
CA ASP B 273 -33.25 -33.01 2.98
C ASP B 273 -33.89 -33.08 4.37
N SER B 274 -33.07 -32.85 5.40
CA SER B 274 -33.61 -32.81 6.76
C SER B 274 -34.33 -31.49 7.03
N ALA B 275 -34.03 -30.43 6.29
CA ALA B 275 -34.69 -29.15 6.58
C ALA B 275 -34.57 -28.23 5.37
N MET B 276 -35.47 -27.25 5.32
CA MET B 276 -35.31 -26.11 4.40
C MET B 276 -34.10 -25.28 4.82
N ARG B 277 -33.29 -24.87 3.84
CA ARG B 277 -32.06 -24.18 4.14
C ARG B 277 -32.03 -22.81 3.46
N PRO B 278 -31.36 -21.81 4.07
CA PRO B 278 -31.50 -20.43 3.57
C PRO B 278 -30.65 -20.11 2.35
N SER B 279 -31.24 -19.34 1.44
CA SER B 279 -30.47 -18.86 0.31
C SER B 279 -29.46 -17.84 0.80
N ASP B 280 -28.35 -17.79 0.10
CA ASP B 280 -27.19 -17.01 0.44
C ASP B 280 -27.06 -15.89 -0.57
N ASP B 281 -27.31 -14.64 -0.13
CA ASP B 281 -26.94 -13.46 -0.90
C ASP B 281 -26.15 -12.47 -0.04
N SER B 282 -25.42 -12.99 0.95
CA SER B 282 -24.42 -12.23 1.68
C SER B 282 -23.43 -11.60 0.69
N PRO B 283 -22.88 -10.42 1.00
CA PRO B 283 -22.36 -9.54 -0.07
C PRO B 283 -21.06 -10.02 -0.72
N PHE B 284 -20.17 -10.65 0.04
CA PHE B 284 -18.96 -11.19 -0.58
C PHE B 284 -19.28 -12.37 -1.48
N VAL B 285 -20.11 -13.30 -1.00
CA VAL B 285 -20.50 -14.47 -1.78
C VAL B 285 -21.20 -14.03 -3.05
N ASN B 286 -22.03 -12.99 -2.92
CA ASN B 286 -22.86 -12.54 -4.01
C ASN B 286 -22.05 -11.94 -5.13
N GLU B 287 -20.76 -11.69 -4.92
CA GLU B 287 -19.96 -11.13 -5.99
C GLU B 287 -19.72 -12.13 -7.12
N ILE B 288 -20.04 -13.42 -6.96
CA ILE B 288 -19.89 -14.37 -8.07
C ILE B 288 -20.84 -14.02 -9.20
N PHE B 289 -21.89 -13.26 -8.89
CA PHE B 289 -22.87 -12.80 -9.87
C PHE B 289 -22.52 -11.46 -10.53
N ASN B 290 -21.41 -10.81 -10.15
CA ASN B 290 -21.05 -9.54 -10.79
C ASN B 290 -20.79 -9.75 -12.29
N PRO B 291 -21.21 -8.81 -13.15
CA PRO B 291 -20.94 -9.04 -14.57
C PRO B 291 -19.46 -9.24 -14.86
N GLU B 292 -18.57 -8.55 -14.15
CA GLU B 292 -17.16 -8.66 -14.53
C GLU B 292 -16.52 -9.99 -14.10
N ARG B 293 -17.25 -10.88 -13.41
CA ARG B 293 -16.66 -12.16 -13.04
C ARG B 293 -16.78 -13.20 -14.14
N VAL B 294 -17.62 -12.98 -15.13
CA VAL B 294 -17.79 -13.98 -16.17
C VAL B 294 -16.47 -14.26 -16.88
N ASP B 295 -15.66 -13.22 -17.11
CA ASP B 295 -14.33 -13.43 -17.70
C ASP B 295 -13.51 -14.38 -16.84
N LYS B 296 -13.40 -14.09 -15.54
CA LYS B 296 -12.57 -14.89 -14.64
C LYS B 296 -13.15 -16.29 -14.46
N PHE B 297 -14.46 -16.41 -14.37
CA PHE B 297 -15.02 -17.74 -14.25
C PHE B 297 -14.70 -18.56 -15.50
N TYR B 298 -14.91 -17.97 -16.68
CA TYR B 298 -14.80 -18.75 -17.91
C TYR B 298 -13.38 -19.26 -18.13
N SER B 299 -12.39 -18.43 -17.85
CA SER B 299 -11.01 -18.80 -18.12
C SER B 299 -10.45 -19.80 -17.13
N GLN B 300 -11.17 -20.14 -16.06
CA GLN B 300 -10.65 -21.14 -15.13
C GLN B 300 -10.90 -22.54 -15.65
N SER B 301 -10.15 -23.50 -15.10
CA SER B 301 -10.22 -24.86 -15.59
C SER B 301 -11.55 -25.52 -15.22
N ALA B 302 -11.87 -26.57 -15.99
CA ALA B 302 -13.13 -27.27 -15.81
C ALA B 302 -13.31 -27.75 -14.38
N ALA B 303 -12.29 -28.40 -13.83
CA ALA B 303 -12.41 -28.89 -12.46
C ALA B 303 -12.64 -27.71 -11.51
N GLU B 304 -11.90 -26.62 -11.69
CA GLU B 304 -12.08 -25.46 -10.81
C GLU B 304 -13.48 -24.87 -10.96
N ARG B 305 -14.05 -24.90 -12.16
CA ARG B 305 -15.39 -24.37 -12.36
C ARG B 305 -16.41 -25.20 -11.61
N GLN B 306 -16.32 -26.54 -11.72
CA GLN B 306 -17.27 -27.42 -11.01
C GLN B 306 -17.09 -27.33 -9.50
N ARG B 307 -15.85 -27.21 -9.01
CA ARG B 307 -15.70 -27.05 -7.57
C ARG B 307 -16.29 -25.72 -7.11
N SER B 308 -16.16 -24.66 -7.92
CA SER B 308 -16.69 -23.34 -7.57
C SER B 308 -18.22 -23.34 -7.54
N LEU B 309 -18.84 -23.97 -8.55
CA LEU B 309 -20.29 -24.07 -8.58
C LEU B 309 -20.80 -24.81 -7.35
N LEU B 310 -20.12 -25.88 -6.95
CA LEU B 310 -20.56 -26.64 -5.79
C LEU B 310 -20.44 -25.83 -4.51
N ALA B 311 -19.29 -25.20 -4.31
CA ALA B 311 -19.07 -24.43 -3.08
C ALA B 311 -20.09 -23.29 -2.95
N ASP B 312 -20.62 -22.78 -4.05
CA ASP B 312 -21.58 -21.69 -4.02
C ASP B 312 -23.02 -22.16 -4.25
N LYS B 313 -23.28 -23.45 -4.10
CA LYS B 313 -24.60 -24.01 -4.38
C LYS B 313 -25.70 -23.31 -3.58
N ALA B 314 -25.40 -22.84 -2.36
CA ALA B 314 -26.43 -22.22 -1.52
C ALA B 314 -26.92 -20.89 -2.05
N THR B 315 -26.28 -20.35 -3.09
CA THR B 315 -26.77 -19.10 -3.67
C THR B 315 -28.00 -19.28 -4.55
N ASN B 316 -28.30 -20.51 -4.99
CA ASN B 316 -29.32 -20.64 -6.03
C ASN B 316 -30.13 -21.93 -6.03
N TYR B 317 -29.59 -23.02 -5.50
CA TYR B 317 -30.21 -24.32 -5.72
C TYR B 317 -30.62 -24.94 -4.39
N SER B 318 -31.84 -25.48 -4.36
CA SER B 318 -32.39 -26.12 -3.16
C SER B 318 -32.30 -25.22 -1.92
N VAL B 319 -32.68 -23.96 -2.08
CA VAL B 319 -32.66 -23.03 -0.96
C VAL B 319 -33.94 -22.21 -0.98
N VAL B 320 -34.28 -21.66 0.20
CA VAL B 320 -35.48 -20.88 0.47
C VAL B 320 -35.06 -19.56 1.11
N ARG B 321 -35.70 -18.48 0.67
CA ARG B 321 -35.47 -17.18 1.33
C ARG B 321 -35.79 -17.26 2.82
N LEU B 322 -34.84 -16.81 3.66
CA LEU B 322 -34.97 -16.94 5.12
C LEU B 322 -36.33 -16.45 5.62
N GLU B 323 -36.79 -15.31 5.11
CA GLU B 323 -38.07 -14.78 5.54
C GLU B 323 -39.17 -15.80 5.33
N LEU B 324 -39.17 -16.50 4.19
CA LEU B 324 -40.17 -17.53 3.97
C LEU B 324 -39.97 -18.70 4.93
N ILE B 325 -38.71 -19.09 5.18
CA ILE B 325 -38.43 -20.12 6.19
C ILE B 325 -39.04 -19.75 7.54
N GLU B 326 -38.84 -18.51 7.96
CA GLU B 326 -39.33 -18.04 9.25
C GLU B 326 -40.87 -17.99 9.30
N GLU B 327 -41.52 -17.50 8.24
CA GLU B 327 -42.97 -17.52 8.25
C GLU B 327 -43.51 -18.93 8.30
N ILE B 328 -42.89 -19.87 7.57
CA ILE B 328 -43.39 -21.24 7.64
C ILE B 328 -43.12 -21.83 9.02
N TYR B 329 -41.98 -21.51 9.61
CA TYR B 329 -41.73 -22.02 10.95
C TYR B 329 -42.72 -21.45 11.96
N ASN B 330 -43.02 -20.14 11.87
CA ASN B 330 -44.02 -19.56 12.78
C ASN B 330 -45.40 -20.20 12.60
N ASP B 331 -45.78 -20.51 11.36
CA ASP B 331 -47.06 -21.19 11.13
C ASP B 331 -47.06 -22.57 11.76
N MET B 332 -45.94 -23.30 11.66
CA MET B 332 -45.85 -24.59 12.34
C MET B 332 -45.95 -24.41 13.85
N TYR B 333 -45.31 -23.37 14.38
CA TYR B 333 -45.32 -23.14 15.82
C TYR B 333 -46.75 -22.90 16.32
N LEU B 334 -47.53 -22.11 15.58
CA LEU B 334 -48.92 -21.86 16.00
C LEU B 334 -49.71 -23.15 16.10
N GLN B 335 -49.50 -24.09 15.18
CA GLN B 335 -50.18 -25.37 15.30
C GLN B 335 -49.74 -26.09 16.56
N ARG B 336 -48.46 -25.94 16.91
CA ARG B 336 -47.94 -26.56 18.12
C ARG B 336 -48.60 -25.98 19.37
N VAL B 337 -48.87 -24.67 19.37
CA VAL B 337 -49.60 -24.07 20.47
C VAL B 337 -50.98 -24.67 20.59
N LYS B 338 -51.65 -24.87 19.45
CA LYS B 338 -53.04 -25.31 19.47
C LYS B 338 -53.15 -26.80 19.77
N ASN B 339 -52.16 -27.57 19.36
CA ASN B 339 -52.14 -29.02 19.56
C ASN B 339 -50.68 -29.48 19.62
N PRO B 340 -50.23 -30.04 20.74
CA PRO B 340 -48.82 -30.44 20.83
C PRO B 340 -48.49 -31.65 19.98
N ASP B 341 -49.49 -32.41 19.54
CA ASP B 341 -49.28 -33.65 18.79
C ASP B 341 -49.16 -33.36 17.30
N GLU B 342 -47.94 -33.44 16.78
CA GLU B 342 -47.67 -33.03 15.41
C GLU B 342 -48.41 -33.89 14.39
N THR B 343 -48.72 -35.14 14.73
CA THR B 343 -49.41 -35.96 13.74
C THR B 343 -50.81 -35.44 13.45
N GLN B 344 -51.38 -34.65 14.35
CA GLN B 344 -52.71 -34.13 14.14
C GLN B 344 -52.70 -32.74 13.48
N TRP B 345 -51.55 -32.21 13.13
CA TRP B 345 -51.52 -30.87 12.56
C TRP B 345 -52.13 -30.87 11.16
N GLN B 346 -52.76 -29.75 10.82
CA GLN B 346 -53.35 -29.59 9.50
C GLN B 346 -52.29 -29.62 8.41
N HIS B 347 -51.18 -28.94 8.64
CA HIS B 347 -50.13 -28.84 7.64
C HIS B 347 -48.81 -29.34 8.23
N ARG B 348 -48.18 -30.28 7.54
CA ARG B 348 -47.01 -30.96 8.08
C ARG B 348 -45.85 -30.90 7.08
N ILE B 349 -44.65 -31.00 7.64
CA ILE B 349 -43.42 -31.18 6.89
C ILE B 349 -42.86 -32.55 7.24
N LEU B 350 -42.55 -33.34 6.21
CA LEU B 350 -42.01 -34.68 6.39
C LEU B 350 -40.58 -34.70 5.86
N PRO B 351 -39.57 -34.49 6.72
CA PRO B 351 -38.19 -34.39 6.25
C PRO B 351 -37.56 -35.76 6.08
N GLU B 352 -36.47 -35.78 5.29
CA GLU B 352 -35.71 -36.99 5.00
C GLU B 352 -36.63 -38.13 4.55
N ARG B 353 -37.41 -37.82 3.50
CA ARG B 353 -38.39 -38.73 2.94
C ARG B 353 -38.10 -38.86 1.45
N LYS B 354 -38.40 -40.03 0.89
CA LYS B 354 -38.40 -40.20 -0.56
C LYS B 354 -39.61 -41.00 -0.97
N ILE B 355 -40.13 -40.67 -2.14
CA ILE B 355 -41.29 -41.36 -2.70
C ILE B 355 -40.81 -42.65 -3.35
N THR B 356 -41.33 -43.79 -2.86
CA THR B 356 -41.01 -45.10 -3.43
C THR B 356 -42.04 -45.58 -4.44
N ARG B 357 -43.25 -45.04 -4.42
CA ARG B 357 -44.31 -45.52 -5.30
C ARG B 357 -45.46 -44.54 -5.19
N VAL B 358 -46.15 -44.32 -6.31
CA VAL B 358 -47.38 -43.53 -6.33
C VAL B 358 -48.42 -44.37 -7.08
N GLU B 359 -49.54 -44.66 -6.42
CA GLU B 359 -50.64 -45.37 -7.06
C GLU B 359 -51.60 -44.34 -7.65
N HIS B 360 -51.81 -44.41 -8.97
CA HIS B 360 -52.60 -43.43 -9.70
C HIS B 360 -53.58 -44.07 -10.66
N HIS B 361 -54.04 -45.30 -10.36
CA HIS B 361 -54.97 -46.04 -11.22
C HIS B 361 -56.35 -46.08 -10.59
N GLY B 362 -57.38 -46.11 -11.45
CA GLY B 362 -58.74 -46.15 -10.97
C GLY B 362 -59.48 -44.81 -10.94
N PRO B 363 -60.80 -44.89 -10.76
CA PRO B 363 -61.64 -43.70 -10.85
C PRO B 363 -61.63 -42.82 -9.60
N GLN B 364 -60.94 -43.22 -8.54
CA GLN B 364 -61.04 -42.52 -7.27
C GLN B 364 -60.31 -41.18 -7.29
N SER B 365 -60.81 -40.25 -6.47
CA SER B 365 -60.29 -38.89 -6.43
C SER B 365 -58.80 -38.84 -6.12
N ARG B 366 -58.29 -39.76 -5.31
CA ARG B 366 -56.99 -39.58 -4.66
C ARG B 366 -55.99 -40.65 -5.05
N MET B 367 -54.72 -40.25 -5.09
CA MET B 367 -53.58 -41.13 -5.24
C MET B 367 -53.06 -41.56 -3.86
N ARG B 368 -52.33 -42.68 -3.83
CA ARG B 368 -51.69 -43.17 -2.62
C ARG B 368 -50.17 -43.09 -2.83
N ILE B 369 -49.53 -42.16 -2.12
CA ILE B 369 -48.09 -41.98 -2.15
C ILE B 369 -47.46 -42.84 -1.04
N HIS B 370 -46.45 -43.64 -1.39
CA HIS B 370 -45.72 -44.45 -0.43
C HIS B 370 -44.37 -43.82 -0.15
N LEU B 371 -44.04 -43.67 1.14
CA LEU B 371 -42.86 -42.93 1.58
C LEU B 371 -41.93 -43.84 2.36
N LYS B 372 -40.62 -43.69 2.11
CA LYS B 372 -39.56 -44.26 2.92
C LYS B 372 -38.56 -43.16 3.27
N SER B 373 -37.70 -43.44 4.25
CA SER B 373 -36.59 -42.54 4.56
C SER B 373 -35.66 -42.37 3.35
N SER B 374 -35.07 -41.18 3.21
CA SER B 374 -34.17 -40.88 2.10
C SER B 374 -32.73 -41.27 2.42
N LYS B 375 -32.52 -41.93 3.55
CA LYS B 375 -31.20 -42.35 3.93
C LYS B 375 -30.67 -43.33 2.89
N PRO B 376 -29.33 -43.41 2.76
CA PRO B 376 -28.64 -44.38 1.91
C PRO B 376 -29.08 -45.80 2.19
N LYS B 386 -42.77 -47.52 7.64
CA LYS B 386 -43.53 -47.30 6.41
C LYS B 386 -44.69 -46.33 6.64
N GLU B 387 -45.13 -45.65 5.60
CA GLU B 387 -46.15 -44.61 5.73
C GLU B 387 -46.76 -44.33 4.36
N THR B 388 -48.04 -43.97 4.36
CA THR B 388 -48.77 -43.65 3.15
C THR B 388 -49.53 -42.33 3.30
N LEU B 389 -49.58 -41.57 2.20
CA LEU B 389 -50.39 -40.36 2.11
C LEU B 389 -51.39 -40.51 0.98
N GLU B 390 -52.64 -40.16 1.24
CA GLU B 390 -53.63 -40.04 0.19
C GLU B 390 -53.82 -38.57 -0.12
N VAL B 391 -53.54 -38.17 -1.38
CA VAL B 391 -53.53 -36.78 -1.80
C VAL B 391 -54.35 -36.60 -3.07
N ASP B 392 -54.96 -35.41 -3.19
CA ASP B 392 -55.72 -35.05 -4.38
C ASP B 392 -54.83 -34.56 -5.50
N ALA B 393 -53.61 -34.14 -5.16
CA ALA B 393 -52.65 -33.61 -6.10
C ALA B 393 -51.28 -33.69 -5.45
N LEU B 394 -50.26 -33.82 -6.29
CA LEU B 394 -48.88 -33.80 -5.85
C LEU B 394 -48.22 -32.71 -6.69
N MET B 395 -47.82 -31.61 -6.04
CA MET B 395 -47.06 -30.55 -6.71
C MET B 395 -45.57 -30.88 -6.59
N VAL B 396 -44.86 -30.84 -7.72
CA VAL B 396 -43.50 -31.36 -7.80
C VAL B 396 -42.58 -30.18 -8.09
N ALA B 397 -41.75 -29.83 -7.12
CA ALA B 397 -40.92 -28.63 -7.25
C ALA B 397 -39.45 -28.99 -7.36
N THR B 398 -39.07 -29.65 -8.47
CA THR B 398 -37.74 -30.20 -8.59
C THR B 398 -36.86 -29.49 -9.61
N GLY B 399 -37.23 -28.29 -10.03
CA GLY B 399 -36.34 -27.53 -10.88
C GLY B 399 -36.45 -27.90 -12.35
N TYR B 400 -35.36 -27.63 -13.07
CA TYR B 400 -35.41 -27.61 -14.51
C TYR B 400 -34.13 -28.22 -15.07
N ASN B 401 -34.22 -28.71 -16.31
CA ASN B 401 -33.07 -29.02 -17.16
C ASN B 401 -32.89 -27.94 -18.21
N ARG B 402 -31.64 -27.69 -18.61
CA ARG B 402 -31.34 -26.67 -19.66
C ARG B 402 -30.53 -27.32 -20.78
N ASN B 403 -31.13 -28.36 -21.39
CA ASN B 403 -30.49 -29.12 -22.44
C ASN B 403 -31.32 -29.13 -23.71
N ALA B 404 -32.36 -28.29 -23.81
CA ALA B 404 -33.23 -28.32 -24.97
C ALA B 404 -32.53 -27.85 -26.24
N HIS B 405 -31.42 -27.14 -26.13
CA HIS B 405 -30.77 -26.74 -27.37
C HIS B 405 -30.17 -27.93 -28.11
N GLU B 406 -29.92 -29.06 -27.44
CA GLU B 406 -29.32 -30.20 -28.13
C GLU B 406 -30.31 -30.81 -29.11
N ARG B 407 -31.57 -30.94 -28.71
CA ARG B 407 -32.58 -31.43 -29.63
C ARG B 407 -32.81 -30.43 -30.76
N LEU B 408 -32.90 -29.13 -30.42
CA LEU B 408 -33.14 -28.12 -31.43
C LEU B 408 -32.01 -28.01 -32.44
N LEU B 409 -30.77 -28.32 -32.04
CA LEU B 409 -29.62 -28.15 -32.92
C LEU B 409 -29.11 -29.46 -33.53
N SER B 410 -29.88 -30.55 -33.43
CA SER B 410 -29.35 -31.84 -33.91
C SER B 410 -29.04 -31.80 -35.39
N LYS B 411 -29.89 -31.16 -36.19
CA LYS B 411 -29.63 -31.20 -37.63
C LYS B 411 -28.44 -30.33 -38.04
N VAL B 412 -27.82 -29.61 -37.09
CA VAL B 412 -26.59 -28.91 -37.42
C VAL B 412 -25.41 -29.39 -36.59
N GLN B 413 -25.59 -30.44 -35.78
CA GLN B 413 -24.46 -30.82 -34.94
C GLN B 413 -23.31 -31.43 -35.73
N HIS B 414 -23.54 -31.84 -36.99
CA HIS B 414 -22.40 -32.30 -37.80
C HIS B 414 -21.45 -31.16 -38.17
N LEU B 415 -21.77 -29.91 -37.85
CA LEU B 415 -20.88 -28.79 -38.10
C LEU B 415 -19.92 -28.49 -36.94
N ARG B 416 -20.02 -29.20 -35.82
CA ARG B 416 -19.04 -29.03 -34.75
C ARG B 416 -17.68 -29.57 -35.18
N PRO B 417 -16.60 -29.09 -34.55
CA PRO B 417 -15.29 -29.69 -34.81
C PRO B 417 -15.31 -31.17 -34.46
N THR B 418 -14.42 -31.93 -35.10
CA THR B 418 -14.43 -33.38 -34.97
C THR B 418 -14.24 -33.81 -33.52
N GLY B 419 -15.10 -34.72 -33.06
CA GLY B 419 -14.99 -35.35 -31.76
C GLY B 419 -15.78 -34.74 -30.63
N GLN B 420 -16.60 -33.72 -30.88
CA GLN B 420 -17.39 -33.09 -29.83
C GLN B 420 -18.75 -33.76 -29.69
N ASP B 421 -19.14 -34.05 -28.44
CA ASP B 421 -20.46 -34.55 -28.16
C ASP B 421 -21.34 -33.52 -27.46
N GLN B 422 -20.81 -32.32 -27.23
CA GLN B 422 -21.55 -31.19 -26.67
C GLN B 422 -21.14 -29.93 -27.42
N TRP B 423 -22.02 -28.93 -27.42
CA TRP B 423 -21.67 -27.63 -27.99
C TRP B 423 -20.72 -26.86 -27.07
N LYS B 424 -19.72 -26.22 -27.66
CA LYS B 424 -18.69 -25.51 -26.89
C LYS B 424 -18.79 -24.00 -27.09
N PRO B 425 -19.43 -23.25 -26.22
CA PRO B 425 -19.53 -21.81 -26.44
C PRO B 425 -18.24 -21.12 -26.06
N HIS B 426 -17.84 -20.14 -26.86
CA HIS B 426 -16.70 -19.31 -26.46
C HIS B 426 -17.13 -18.34 -25.38
N ARG B 427 -16.17 -17.55 -24.89
CA ARG B 427 -16.48 -16.52 -23.92
C ARG B 427 -17.61 -15.62 -24.43
N ASP B 428 -17.57 -15.27 -25.73
CA ASP B 428 -18.63 -14.43 -26.27
C ASP B 428 -19.90 -15.23 -26.63
N TYR B 429 -20.00 -16.49 -26.21
CA TYR B 429 -21.19 -17.35 -26.26
C TYR B 429 -21.45 -17.97 -27.65
N ARG B 430 -20.61 -17.71 -28.67
CA ARG B 430 -20.70 -18.36 -29.98
C ARG B 430 -20.13 -19.77 -29.92
N VAL B 431 -20.88 -20.76 -30.42
CA VAL B 431 -20.42 -22.14 -30.33
C VAL B 431 -19.38 -22.38 -31.41
N GLU B 432 -18.47 -23.31 -31.13
CA GLU B 432 -17.42 -23.65 -32.09
C GLU B 432 -17.99 -24.42 -33.26
N MET B 433 -17.70 -23.94 -34.45
CA MET B 433 -18.00 -24.67 -35.69
C MET B 433 -16.69 -25.01 -36.37
N ASP B 434 -16.73 -26.09 -37.14
CA ASP B 434 -15.62 -26.45 -37.99
C ASP B 434 -15.44 -25.34 -39.01
N PRO B 435 -14.31 -24.65 -39.03
CA PRO B 435 -14.16 -23.49 -39.93
C PRO B 435 -14.02 -23.86 -41.42
N SER B 436 -13.73 -25.11 -41.75
CA SER B 436 -13.75 -25.47 -43.16
C SER B 436 -15.15 -25.85 -43.62
N LYS B 437 -16.12 -25.90 -42.70
CA LYS B 437 -17.51 -26.21 -42.99
C LYS B 437 -18.47 -25.03 -42.80
N VAL B 438 -18.11 -24.03 -41.99
CA VAL B 438 -18.99 -22.90 -41.71
C VAL B 438 -18.27 -21.59 -42.00
N SER B 439 -18.95 -20.69 -42.70
CA SER B 439 -18.41 -19.36 -42.98
C SER B 439 -18.28 -18.53 -41.70
N SER B 440 -17.33 -17.60 -41.73
CA SER B 440 -17.11 -16.71 -40.60
C SER B 440 -18.26 -15.71 -40.44
N GLU B 441 -19.09 -15.54 -41.47
CA GLU B 441 -20.28 -14.69 -41.38
C GLU B 441 -21.48 -15.40 -40.75
N ALA B 442 -21.38 -16.69 -40.46
CA ALA B 442 -22.48 -17.45 -39.87
C ALA B 442 -22.05 -17.99 -38.52
N GLY B 443 -23.03 -18.16 -37.63
CA GLY B 443 -22.75 -18.71 -36.32
C GLY B 443 -24.03 -18.85 -35.52
N ILE B 444 -23.90 -19.61 -34.43
CA ILE B 444 -24.99 -19.88 -33.50
C ILE B 444 -24.49 -19.57 -32.09
N TRP B 445 -25.29 -18.84 -31.33
CA TRP B 445 -24.96 -18.45 -29.97
C TRP B 445 -25.95 -19.10 -29.01
N LEU B 446 -25.47 -19.43 -27.80
CA LEU B 446 -26.33 -19.96 -26.76
C LEU B 446 -26.47 -18.97 -25.60
N GLN B 447 -27.68 -18.86 -25.05
CA GLN B 447 -28.01 -17.98 -23.95
C GLN B 447 -28.83 -18.72 -22.93
N GLY B 448 -28.42 -18.62 -21.64
CA GLY B 448 -29.16 -19.15 -20.52
C GLY B 448 -28.84 -20.58 -20.11
N CYS B 449 -28.06 -21.32 -20.90
CA CYS B 449 -27.76 -22.71 -20.59
C CYS B 449 -26.28 -22.95 -20.36
N ASN B 450 -25.50 -21.92 -20.01
CA ASN B 450 -24.06 -22.02 -19.99
C ASN B 450 -23.48 -21.91 -18.58
N GLU B 451 -24.28 -22.20 -17.55
CA GLU B 451 -23.82 -22.12 -16.17
C GLU B 451 -22.50 -22.85 -15.94
N ARG B 452 -22.32 -24.02 -16.59
CA ARG B 452 -21.11 -24.80 -16.39
C ARG B 452 -19.86 -24.08 -16.88
N THR B 453 -20.00 -23.25 -17.91
CA THR B 453 -18.86 -22.57 -18.49
C THR B 453 -18.72 -21.09 -18.15
N HIS B 454 -19.81 -20.41 -17.77
CA HIS B 454 -19.83 -18.96 -17.58
C HIS B 454 -20.29 -18.50 -16.20
N GLY B 455 -20.75 -19.39 -15.33
CA GLY B 455 -21.02 -19.08 -13.94
C GLY B 455 -22.49 -19.13 -13.59
N LEU B 456 -22.74 -19.06 -12.28
CA LEU B 456 -24.07 -19.22 -11.69
C LEU B 456 -25.04 -18.13 -12.09
N SER B 457 -24.56 -17.04 -12.67
CA SER B 457 -25.47 -16.01 -13.14
C SER B 457 -26.05 -16.30 -14.51
N ASP B 458 -25.62 -17.38 -15.19
CA ASP B 458 -25.98 -17.54 -16.59
C ASP B 458 -27.47 -17.75 -16.79
N SER B 459 -28.11 -18.48 -15.90
CA SER B 459 -29.53 -18.72 -16.11
C SER B 459 -30.42 -17.65 -15.48
N LEU B 460 -29.86 -16.63 -14.81
CA LEU B 460 -30.60 -15.64 -14.03
C LEU B 460 -30.74 -14.32 -14.80
N LEU B 461 -31.26 -13.30 -14.13
CA LEU B 461 -31.25 -11.95 -14.67
C LEU B 461 -29.99 -11.17 -14.37
N SER B 462 -29.08 -11.76 -13.58
CA SER B 462 -27.99 -11.03 -12.93
C SER B 462 -27.11 -10.27 -13.92
N VAL B 463 -26.72 -10.91 -15.02
CA VAL B 463 -25.78 -10.29 -15.96
C VAL B 463 -26.47 -9.98 -17.29
N LEU B 464 -27.80 -9.98 -17.30
CA LEU B 464 -28.58 -9.84 -18.55
C LEU B 464 -28.38 -8.51 -19.25
N ALA B 465 -28.37 -7.40 -18.49
CA ALA B 465 -28.17 -6.09 -19.11
C ALA B 465 -26.82 -6.00 -19.81
N VAL B 466 -25.77 -6.48 -19.14
CA VAL B 466 -24.42 -6.39 -19.67
C VAL B 466 -24.21 -7.41 -20.79
N ARG B 467 -24.71 -8.63 -20.59
CA ARG B 467 -24.59 -9.68 -21.60
C ARG B 467 -25.29 -9.28 -22.89
N GLY B 468 -26.48 -8.66 -22.78
CA GLY B 468 -27.14 -8.14 -23.97
C GLY B 468 -26.25 -7.19 -24.75
N GLY B 469 -25.49 -6.35 -24.04
CA GLY B 469 -24.55 -5.43 -24.68
C GLY B 469 -23.40 -6.16 -25.36
N GLU B 470 -22.78 -7.12 -24.65
CA GLU B 470 -21.70 -7.92 -25.23
C GLU B 470 -22.19 -8.67 -26.46
N MET B 471 -23.41 -9.21 -26.38
CA MET B 471 -23.96 -9.97 -27.48
C MET B 471 -24.14 -9.08 -28.70
N VAL B 472 -24.63 -7.86 -28.50
CA VAL B 472 -24.82 -6.94 -29.62
C VAL B 472 -23.50 -6.63 -30.28
N GLN B 473 -22.44 -6.46 -29.48
CA GLN B 473 -21.14 -6.26 -30.10
C GLN B 473 -20.69 -7.51 -30.82
N SER B 474 -20.95 -8.68 -30.24
CA SER B 474 -20.48 -9.92 -30.85
C SER B 474 -21.18 -10.16 -32.18
N ILE B 475 -22.52 -10.09 -32.19
CA ILE B 475 -23.30 -10.46 -33.36
C ILE B 475 -23.30 -9.33 -34.38
N PHE B 476 -23.39 -8.08 -33.92
CA PHE B 476 -23.59 -6.94 -34.81
C PHE B 476 -22.46 -5.92 -34.83
N GLY B 477 -21.36 -6.15 -34.12
CA GLY B 477 -20.36 -5.12 -33.97
C GLY B 477 -19.84 -4.52 -35.26
N GLU B 478 -19.23 -5.35 -36.11
CA GLU B 478 -18.68 -4.88 -37.38
C GLU B 478 -19.76 -4.28 -38.27
N GLN B 479 -21.00 -4.78 -38.17
CA GLN B 479 -22.07 -4.25 -38.99
C GLN B 479 -22.43 -2.80 -38.61
N LEU B 480 -22.48 -2.49 -37.32
CA LEU B 480 -22.78 -1.12 -36.93
C LEU B 480 -21.54 -0.24 -36.90
N GLU B 481 -20.35 -0.81 -37.08
CA GLU B 481 -19.10 -0.05 -37.04
C GLU B 481 -18.65 0.35 -38.45
N LEU C 24 -22.82 -25.46 47.31
CA LEU C 24 -22.08 -26.70 47.55
C LEU C 24 -20.95 -26.51 48.54
N ARG C 25 -20.85 -27.41 49.51
CA ARG C 25 -19.83 -27.37 50.54
C ARG C 25 -18.60 -28.17 50.12
N SER C 26 -17.44 -27.76 50.63
CA SER C 26 -16.16 -28.37 50.29
C SER C 26 -16.01 -29.76 50.90
N THR C 27 -15.16 -30.55 50.26
CA THR C 27 -14.69 -31.83 50.77
C THR C 27 -13.21 -31.69 51.09
N PRO C 28 -12.75 -32.21 52.23
CA PRO C 28 -11.31 -32.20 52.52
C PRO C 28 -10.53 -32.86 51.39
N GLN C 29 -9.40 -32.24 51.02
CA GLN C 29 -8.67 -32.63 49.81
C GLN C 29 -8.22 -34.08 49.82
N ASP C 30 -7.90 -34.62 51.00
CA ASP C 30 -7.36 -35.96 51.16
C ASP C 30 -8.42 -37.06 51.19
N GLU C 31 -9.70 -36.72 51.12
CA GLU C 31 -10.73 -37.74 51.20
C GLU C 31 -11.00 -38.32 49.81
N LEU C 32 -11.68 -39.46 49.79
CA LEU C 32 -12.02 -40.14 48.54
C LEU C 32 -13.33 -39.55 48.01
N HIS C 33 -13.25 -38.83 46.89
CA HIS C 33 -14.39 -38.11 46.34
C HIS C 33 -15.35 -39.03 45.59
N ASP C 34 -16.61 -38.56 45.48
CA ASP C 34 -17.58 -39.21 44.59
C ASP C 34 -17.36 -38.78 43.14
N LEU C 35 -17.04 -37.51 42.91
CA LEU C 35 -16.77 -37.00 41.57
C LEU C 35 -15.73 -35.89 41.61
N LEU C 36 -14.80 -35.95 40.67
CA LEU C 36 -13.86 -34.89 40.39
C LEU C 36 -14.01 -34.54 38.91
N CYS C 37 -14.23 -33.25 38.64
CA CYS C 37 -14.36 -32.76 37.27
C CYS C 37 -13.09 -32.01 36.93
N VAL C 38 -12.49 -32.33 35.78
CA VAL C 38 -11.29 -31.67 35.30
C VAL C 38 -11.69 -30.49 34.42
N GLY C 39 -11.36 -29.27 34.87
CA GLY C 39 -11.69 -28.07 34.13
C GLY C 39 -12.92 -27.40 34.68
N PHE C 40 -12.92 -26.07 34.82
CA PHE C 40 -14.16 -25.43 35.26
C PHE C 40 -14.64 -24.40 34.25
N GLY C 41 -14.92 -24.89 33.04
CA GLY C 41 -15.56 -24.10 32.03
C GLY C 41 -17.03 -24.31 32.08
N PRO C 42 -17.75 -23.83 31.07
CA PRO C 42 -19.22 -23.92 31.11
C PRO C 42 -19.74 -25.34 31.30
N ALA C 43 -19.10 -26.35 30.70
CA ALA C 43 -19.63 -27.70 30.83
C ALA C 43 -19.60 -28.17 32.28
N SER C 44 -18.48 -27.94 32.98
CA SER C 44 -18.43 -28.31 34.39
C SER C 44 -19.33 -27.43 35.24
N LEU C 45 -19.40 -26.13 34.92
CA LEU C 45 -20.27 -25.22 35.66
C LEU C 45 -21.72 -25.65 35.59
N ALA C 46 -22.18 -26.09 34.41
CA ALA C 46 -23.56 -26.58 34.32
C ALA C 46 -23.76 -27.82 35.16
N ILE C 47 -22.74 -28.66 35.24
CA ILE C 47 -22.82 -29.84 36.11
C ILE C 47 -22.94 -29.40 37.57
N ALA C 48 -22.13 -28.43 37.97
CA ALA C 48 -22.21 -27.91 39.33
C ALA C 48 -23.59 -27.30 39.61
N ILE C 49 -24.11 -26.53 38.64
CA ILE C 49 -25.44 -25.92 38.75
C ILE C 49 -26.54 -26.98 38.82
N ALA C 50 -26.48 -27.99 37.95
CA ALA C 50 -27.50 -29.02 37.99
C ALA C 50 -27.50 -29.76 39.32
N LEU C 51 -26.32 -29.99 39.90
CA LEU C 51 -26.27 -30.66 41.19
C LEU C 51 -26.88 -29.78 42.28
N HIS C 52 -26.54 -28.49 42.30
CA HIS C 52 -27.17 -27.55 43.23
C HIS C 52 -28.68 -27.62 43.13
N ASP C 53 -29.20 -27.51 41.90
CA ASP C 53 -30.63 -27.57 41.72
C ASP C 53 -31.21 -28.93 42.12
N ALA C 54 -30.45 -30.01 41.93
CA ALA C 54 -30.95 -31.33 42.36
C ALA C 54 -31.06 -31.41 43.87
N LEU C 55 -30.22 -30.68 44.59
CA LEU C 55 -30.23 -30.71 46.05
C LEU C 55 -31.12 -29.63 46.65
N ASP C 56 -31.77 -28.80 45.82
CA ASP C 56 -32.65 -27.72 46.28
C ASP C 56 -34.08 -28.23 46.41
N PRO C 57 -34.67 -28.20 47.59
CA PRO C 57 -36.04 -28.71 47.72
C PRO C 57 -37.06 -27.95 46.89
N ARG C 58 -36.84 -26.67 46.58
CA ARG C 58 -37.80 -25.96 45.75
C ARG C 58 -37.93 -26.60 44.37
N LEU C 59 -36.86 -27.21 43.87
CA LEU C 59 -36.86 -27.70 42.51
C LEU C 59 -36.96 -29.23 42.40
N ASN C 60 -36.58 -29.98 43.44
CA ASN C 60 -36.72 -31.44 43.47
C ASN C 60 -37.24 -31.87 44.83
N LYS C 61 -38.51 -32.25 44.94
CA LYS C 61 -39.11 -32.60 46.24
C LYS C 61 -38.79 -34.01 46.71
N GLN C 69 -25.24 -34.96 50.88
CA GLN C 69 -24.70 -34.33 49.67
C GLN C 69 -23.46 -35.04 49.16
N PRO C 70 -23.42 -35.26 47.84
CA PRO C 70 -22.24 -35.89 47.24
C PRO C 70 -20.96 -35.11 47.47
N LYS C 71 -19.85 -35.84 47.50
CA LYS C 71 -18.51 -35.27 47.67
C LYS C 71 -17.91 -34.97 46.31
N ILE C 72 -17.84 -33.68 45.96
CA ILE C 72 -17.44 -33.20 44.65
C ILE C 72 -16.31 -32.20 44.81
N CYS C 73 -15.55 -31.99 43.73
CA CYS C 73 -14.59 -30.90 43.64
C CYS C 73 -14.16 -30.70 42.19
N PHE C 74 -13.72 -29.49 41.88
CA PHE C 74 -13.34 -29.07 40.54
C PHE C 74 -11.91 -28.56 40.52
N LEU C 75 -11.17 -28.91 39.47
CA LEU C 75 -9.79 -28.49 39.27
C LEU C 75 -9.70 -27.67 37.99
N GLU C 76 -9.16 -26.46 38.08
CA GLU C 76 -9.10 -25.56 36.92
C GLU C 76 -7.74 -24.91 36.78
N ARG C 77 -7.21 -24.93 35.56
CA ARG C 77 -5.87 -24.43 35.29
C ARG C 77 -5.75 -22.93 35.48
N GLN C 78 -6.77 -22.16 35.05
CA GLN C 78 -6.76 -20.70 35.16
C GLN C 78 -6.91 -20.27 36.61
N LYS C 79 -6.32 -19.10 36.93
CA LYS C 79 -6.28 -18.65 38.32
C LYS C 79 -7.64 -18.22 38.83
N GLN C 80 -8.57 -17.95 37.92
CA GLN C 80 -9.93 -17.56 38.25
C GLN C 80 -10.79 -17.90 37.04
N PHE C 81 -12.11 -17.86 37.23
CA PHE C 81 -13.01 -18.19 36.14
C PHE C 81 -12.84 -17.18 35.01
N ALA C 82 -12.76 -17.71 33.78
CA ALA C 82 -12.69 -16.91 32.58
C ALA C 82 -13.20 -17.74 31.40
N TRP C 83 -13.84 -17.06 30.47
CA TRP C 83 -14.47 -17.68 29.31
C TRP C 83 -13.81 -17.07 28.07
N HIS C 84 -12.86 -17.80 27.47
CA HIS C 84 -12.18 -17.41 26.23
C HIS C 84 -11.72 -15.94 26.27
N SER C 85 -10.90 -15.65 27.29
CA SER C 85 -10.48 -14.28 27.56
C SER C 85 -9.69 -13.70 26.40
N GLY C 86 -9.01 -14.54 25.62
CA GLY C 86 -8.29 -14.05 24.48
C GLY C 86 -9.18 -13.50 23.38
N MET C 87 -10.47 -13.83 23.43
CA MET C 87 -11.38 -13.41 22.36
C MET C 87 -12.58 -12.62 22.88
N LEU C 88 -12.44 -11.94 24.02
CA LEU C 88 -13.44 -10.97 24.44
C LEU C 88 -13.17 -9.63 23.76
N VAL C 89 -13.32 -9.61 22.43
CA VAL C 89 -13.03 -8.42 21.63
C VAL C 89 -14.15 -7.41 21.80
N PRO C 90 -13.84 -6.12 21.84
CA PRO C 90 -14.90 -5.11 22.01
C PRO C 90 -15.96 -5.26 20.93
N GLY C 91 -17.22 -5.20 21.37
CA GLY C 91 -18.36 -5.37 20.51
C GLY C 91 -18.71 -6.80 20.15
N SER C 92 -17.94 -7.80 20.56
CA SER C 92 -18.28 -9.16 20.19
C SER C 92 -19.54 -9.58 20.95
N LYS C 93 -20.41 -10.29 20.24
CA LYS C 93 -21.71 -10.66 20.72
C LYS C 93 -21.78 -12.18 20.79
N MET C 94 -22.73 -12.68 21.57
CA MET C 94 -23.01 -14.10 21.58
C MET C 94 -23.65 -14.54 20.26
N GLN C 95 -23.48 -15.81 19.92
CA GLN C 95 -24.09 -16.37 18.72
C GLN C 95 -25.11 -17.42 19.08
N ILE C 96 -25.76 -17.24 20.23
CA ILE C 96 -26.77 -18.20 20.69
C ILE C 96 -27.74 -17.45 21.61
N SER C 97 -29.04 -17.79 21.52
CA SER C 97 -30.02 -17.11 22.36
C SER C 97 -29.70 -17.26 23.85
N PHE C 98 -29.92 -16.17 24.61
CA PHE C 98 -29.70 -16.23 26.06
C PHE C 98 -30.59 -17.26 26.71
N ILE C 99 -31.64 -17.72 26.02
CA ILE C 99 -32.45 -18.77 26.62
C ILE C 99 -31.62 -20.04 26.77
N LYS C 100 -30.60 -20.21 25.92
CA LYS C 100 -29.70 -21.35 25.99
C LYS C 100 -28.57 -21.12 27.00
N ASP C 101 -28.90 -20.62 28.18
CA ASP C 101 -27.92 -20.39 29.24
C ASP C 101 -27.61 -21.68 29.98
N LEU C 102 -27.06 -21.60 31.19
CA LEU C 102 -26.64 -22.80 31.88
C LEU C 102 -27.75 -23.45 32.70
N ALA C 103 -28.99 -22.96 32.61
CA ALA C 103 -30.02 -23.56 33.45
C ALA C 103 -31.40 -23.60 32.80
N THR C 104 -31.72 -22.57 32.00
CA THR C 104 -33.11 -22.27 31.66
C THR C 104 -33.81 -23.40 30.90
N LEU C 105 -33.13 -24.02 29.93
CA LEU C 105 -33.80 -25.10 29.20
C LEU C 105 -34.07 -26.31 30.07
N ARG C 106 -33.39 -26.42 31.20
CA ARG C 106 -33.64 -27.52 32.14
C ARG C 106 -34.70 -27.16 33.18
N ASP C 107 -34.68 -25.93 33.71
CA ASP C 107 -35.70 -25.48 34.66
C ASP C 107 -35.72 -23.96 34.67
N PRO C 108 -36.71 -23.33 34.04
CA PRO C 108 -36.74 -21.86 34.01
C PRO C 108 -36.78 -21.21 35.37
N ARG C 109 -37.19 -21.95 36.42
CA ARG C 109 -37.25 -21.43 37.79
C ARG C 109 -35.89 -21.40 38.48
N SER C 110 -34.83 -21.93 37.87
CA SER C 110 -33.54 -21.99 38.55
C SER C 110 -33.06 -20.58 38.87
N SER C 111 -32.29 -20.45 39.95
CA SER C 111 -31.70 -19.15 40.28
C SER C 111 -30.49 -18.80 39.41
N PHE C 112 -29.99 -19.75 38.62
CA PHE C 112 -28.80 -19.57 37.81
C PHE C 112 -29.12 -19.19 36.36
N THR C 113 -30.38 -18.82 36.08
CA THR C 113 -30.71 -18.35 34.74
C THR C 113 -30.05 -17.00 34.46
N PHE C 114 -29.89 -16.72 33.17
CA PHE C 114 -29.34 -15.43 32.75
C PHE C 114 -30.27 -14.28 33.15
N LEU C 115 -31.58 -14.51 33.11
CA LEU C 115 -32.54 -13.50 33.53
C LEU C 115 -32.45 -13.28 35.04
N ASN C 116 -32.21 -14.33 35.81
CA ASN C 116 -32.07 -14.10 37.25
C ASN C 116 -30.78 -13.34 37.58
N TYR C 117 -29.69 -13.62 36.86
CA TYR C 117 -28.46 -12.86 37.01
C TYR C 117 -28.68 -11.38 36.75
N LEU C 118 -29.37 -11.03 35.67
CA LEU C 118 -29.66 -9.62 35.35
C LEU C 118 -30.48 -8.95 36.44
N HIS C 119 -31.50 -9.64 36.95
CA HIS C 119 -32.31 -9.09 38.02
C HIS C 119 -31.46 -8.86 39.26
N GLN C 120 -30.58 -9.82 39.59
CA GLN C 120 -29.69 -9.65 40.73
C GLN C 120 -28.77 -8.47 40.55
N LYS C 121 -28.42 -8.14 39.29
CA LYS C 121 -27.56 -7.01 39.02
C LYS C 121 -28.33 -5.70 38.83
N GLY C 122 -29.66 -5.71 38.98
CA GLY C 122 -30.42 -4.50 38.77
C GLY C 122 -30.40 -4.04 37.32
N ARG C 123 -30.34 -4.97 36.38
CA ARG C 123 -30.16 -4.63 34.97
C ARG C 123 -31.24 -5.26 34.09
N LEU C 124 -32.22 -5.96 34.67
CA LEU C 124 -33.16 -6.74 33.88
C LEU C 124 -34.06 -5.87 33.03
N ILE C 125 -34.56 -4.75 33.57
CA ILE C 125 -35.38 -3.88 32.73
C ILE C 125 -34.51 -3.25 31.62
N HIS C 126 -33.24 -2.97 31.91
CA HIS C 126 -32.44 -2.33 30.87
C HIS C 126 -32.10 -3.30 29.75
N PHE C 127 -31.84 -4.57 30.08
CA PHE C 127 -31.57 -5.58 29.04
C PHE C 127 -32.82 -5.83 28.20
N THR C 128 -34.01 -5.79 28.82
CA THR C 128 -35.25 -6.00 28.08
C THR C 128 -35.33 -5.05 26.91
N ASN C 129 -34.99 -3.76 27.14
CA ASN C 129 -35.07 -2.70 26.14
C ASN C 129 -33.98 -2.75 25.08
N LEU C 130 -32.91 -3.54 25.26
CA LEU C 130 -31.97 -3.80 24.16
C LEU C 130 -32.65 -4.52 23.01
N SER C 131 -33.74 -5.22 23.27
CA SER C 131 -34.44 -6.07 22.31
C SER C 131 -33.47 -6.92 21.51
N THR C 132 -32.70 -7.72 22.24
CA THR C 132 -31.77 -8.66 21.63
C THR C 132 -31.75 -9.95 22.43
N PHE C 133 -31.61 -11.06 21.72
CA PHE C 133 -31.33 -12.35 22.33
C PHE C 133 -29.83 -12.62 22.47
N LEU C 134 -28.98 -11.72 21.97
CA LEU C 134 -27.55 -12.01 21.85
C LEU C 134 -26.82 -10.98 22.69
N PRO C 135 -26.59 -11.26 23.97
CA PRO C 135 -25.84 -10.33 24.82
C PRO C 135 -24.40 -10.25 24.34
N ALA C 136 -23.73 -9.17 24.75
CA ALA C 136 -22.30 -9.06 24.50
C ALA C 136 -21.59 -10.26 25.12
N ARG C 137 -20.53 -10.72 24.46
CA ARG C 137 -19.73 -11.79 25.06
C ARG C 137 -19.13 -11.32 26.38
N LEU C 138 -18.77 -10.03 26.48
CA LEU C 138 -18.33 -9.48 27.76
C LEU C 138 -19.40 -9.69 28.83
N GLU C 139 -20.67 -9.46 28.47
CA GLU C 139 -21.74 -9.60 29.45
C GLU C 139 -21.96 -11.07 29.80
N PHE C 140 -21.95 -11.93 28.78
CA PHE C 140 -22.21 -13.34 29.04
C PHE C 140 -21.08 -13.97 29.85
N GLU C 141 -19.84 -13.54 29.65
CA GLU C 141 -18.82 -14.08 30.52
C GLU C 141 -19.10 -13.68 31.95
N ASP C 142 -19.57 -12.44 32.17
CA ASP C 142 -19.88 -12.01 33.53
C ASP C 142 -21.00 -12.82 34.14
N TYR C 143 -21.98 -13.19 33.32
CA TYR C 143 -23.04 -14.07 33.81
C TYR C 143 -22.48 -15.38 34.37
N MET C 144 -21.55 -16.01 33.63
CA MET C 144 -21.02 -17.30 34.09
C MET C 144 -20.03 -17.13 35.23
N ARG C 145 -19.31 -15.99 35.26
CA ARG C 145 -18.50 -15.63 36.42
C ARG C 145 -19.36 -15.52 37.66
N TRP C 146 -20.53 -14.88 37.51
CA TRP C 146 -21.46 -14.78 38.63
C TRP C 146 -21.94 -16.16 39.08
N CYS C 147 -22.18 -17.07 38.13
CA CYS C 147 -22.51 -18.45 38.51
C CYS C 147 -21.35 -19.12 39.21
N ALA C 148 -20.14 -18.98 38.65
CA ALA C 148 -18.99 -19.72 39.15
C ALA C 148 -18.65 -19.39 40.59
N GLN C 149 -18.80 -18.12 40.98
CA GLN C 149 -18.39 -17.69 42.31
C GLN C 149 -19.23 -18.36 43.40
N GLN C 150 -20.43 -18.79 43.07
CA GLN C 150 -21.25 -19.54 44.02
C GLN C 150 -20.74 -20.97 44.23
N PHE C 151 -19.72 -21.39 43.51
CA PHE C 151 -19.14 -22.71 43.75
C PHE C 151 -17.69 -22.62 44.17
N SER C 152 -17.26 -21.45 44.65
CA SER C 152 -15.86 -21.21 44.95
C SER C 152 -15.30 -22.20 45.95
N ASP C 153 -16.15 -22.78 46.79
CA ASP C 153 -15.64 -23.68 47.82
C ASP C 153 -15.23 -25.04 47.26
N VAL C 154 -15.66 -25.42 46.06
CA VAL C 154 -15.33 -26.73 45.53
C VAL C 154 -14.45 -26.66 44.30
N VAL C 155 -13.90 -25.49 43.99
CA VAL C 155 -13.09 -25.29 42.81
C VAL C 155 -11.69 -24.91 43.28
N ALA C 156 -10.68 -25.58 42.74
CA ALA C 156 -9.28 -25.26 43.01
C ALA C 156 -8.69 -24.63 41.76
N TYR C 157 -8.47 -23.32 41.81
CA TYR C 157 -7.97 -22.63 40.64
C TYR C 157 -6.44 -22.71 40.57
N GLY C 158 -5.89 -22.39 39.40
CA GLY C 158 -4.46 -22.47 39.19
C GLY C 158 -3.92 -23.88 39.30
N GLU C 159 -4.71 -24.89 38.93
CA GLU C 159 -4.34 -26.30 39.04
C GLU C 159 -4.43 -26.96 37.66
N GLU C 160 -3.29 -27.39 37.13
CA GLU C 160 -3.21 -28.06 35.83
C GLU C 160 -3.21 -29.57 36.06
N VAL C 161 -4.31 -30.25 35.73
CA VAL C 161 -4.35 -31.71 35.82
C VAL C 161 -3.37 -32.28 34.80
N VAL C 162 -2.54 -33.22 35.23
CA VAL C 162 -1.50 -33.76 34.36
C VAL C 162 -1.62 -35.25 34.10
N GLU C 163 -2.29 -36.02 34.96
CA GLU C 163 -2.51 -37.43 34.68
C GLU C 163 -3.64 -37.97 35.54
N VAL C 164 -4.31 -38.99 35.02
CA VAL C 164 -5.30 -39.76 35.76
C VAL C 164 -4.79 -41.19 35.87
N ILE C 165 -4.58 -41.66 37.10
CA ILE C 165 -3.93 -42.93 37.37
C ILE C 165 -4.94 -43.88 38.03
N PRO C 166 -4.93 -45.17 37.71
CA PRO C 166 -5.87 -46.10 38.35
C PRO C 166 -5.52 -46.36 39.81
N GLY C 167 -6.52 -46.84 40.53
CA GLY C 167 -6.33 -47.20 41.92
C GLY C 167 -7.10 -48.45 42.25
N LYS C 168 -6.55 -49.22 43.19
CA LYS C 168 -7.16 -50.47 43.66
C LYS C 168 -7.24 -50.41 45.18
N SER C 169 -8.46 -50.37 45.72
CA SER C 169 -8.63 -50.33 47.17
C SER C 169 -8.24 -51.68 47.76
N SER C 173 -6.22 -57.93 44.86
CA SER C 173 -7.25 -57.59 43.88
C SER C 173 -6.69 -56.92 42.62
N SER C 174 -7.24 -57.29 41.46
CA SER C 174 -6.88 -56.69 40.19
C SER C 174 -7.95 -55.76 39.64
N VAL C 175 -8.99 -55.47 40.41
CA VAL C 175 -10.09 -54.64 39.94
C VAL C 175 -9.85 -53.21 40.37
N VAL C 176 -9.92 -52.29 39.42
CA VAL C 176 -9.81 -50.87 39.69
C VAL C 176 -11.14 -50.34 40.22
N ASP C 177 -11.10 -49.62 41.34
CA ASP C 177 -12.32 -49.04 41.89
C ASP C 177 -12.19 -47.56 42.26
N PHE C 178 -11.08 -46.89 41.91
CA PHE C 178 -11.00 -45.43 42.00
C PHE C 178 -9.88 -44.93 41.08
N PHE C 179 -9.77 -43.61 40.97
CA PHE C 179 -8.74 -42.99 40.15
C PHE C 179 -8.04 -41.90 40.94
N THR C 180 -6.71 -41.81 40.79
CA THR C 180 -5.92 -40.75 41.41
C THR C 180 -5.58 -39.71 40.36
N VAL C 181 -6.04 -38.47 40.58
CA VAL C 181 -5.84 -37.36 39.65
C VAL C 181 -4.74 -36.48 40.20
N ARG C 182 -3.69 -36.26 39.42
CA ARG C 182 -2.54 -35.48 39.86
C ARG C 182 -2.54 -34.15 39.12
N SER C 183 -2.36 -33.06 39.87
CA SER C 183 -2.37 -31.72 39.30
C SER C 183 -1.14 -30.94 39.73
N ARG C 184 -0.61 -30.13 38.80
CA ARG C 184 0.50 -29.23 39.07
C ARG C 184 -0.04 -27.84 39.35
N ASN C 185 0.37 -27.27 40.48
CA ASN C 185 0.01 -25.91 40.81
C ASN C 185 0.78 -24.93 39.93
N VAL C 186 0.06 -24.05 39.24
CA VAL C 186 0.68 -23.14 38.29
C VAL C 186 1.55 -22.09 38.98
N GLU C 187 1.31 -21.83 40.27
CA GLU C 187 2.12 -20.85 41.00
C GLU C 187 3.33 -21.49 41.65
N THR C 188 3.17 -22.65 42.29
CA THR C 188 4.27 -23.28 42.99
C THR C 188 4.94 -24.38 42.16
N GLY C 189 4.23 -24.94 41.19
CA GLY C 189 4.76 -26.08 40.48
C GLY C 189 4.68 -27.38 41.23
N GLU C 190 4.23 -27.36 42.48
CA GLU C 190 4.15 -28.59 43.26
C GLU C 190 2.99 -29.44 42.79
N ILE C 191 3.20 -30.75 42.78
CA ILE C 191 2.23 -31.72 42.30
C ILE C 191 1.39 -32.19 43.47
N SER C 192 0.10 -31.83 43.46
CA SER C 192 -0.87 -32.35 44.41
C SER C 192 -1.55 -33.60 43.82
N ALA C 193 -2.23 -34.35 44.69
CA ALA C 193 -2.88 -35.58 44.25
C ALA C 193 -4.22 -35.76 44.97
N ARG C 194 -5.26 -36.12 44.21
CA ARG C 194 -6.60 -36.34 44.74
C ARG C 194 -7.18 -37.66 44.26
N ARG C 195 -7.90 -38.34 45.15
CA ARG C 195 -8.53 -39.62 44.85
C ARG C 195 -10.03 -39.42 44.67
N THR C 196 -10.59 -40.07 43.64
CA THR C 196 -12.02 -39.99 43.32
C THR C 196 -12.49 -41.30 42.70
N ARG C 197 -13.77 -41.60 42.94
CA ARG C 197 -14.42 -42.78 42.36
C ARG C 197 -14.80 -42.56 40.89
N LYS C 198 -15.14 -41.32 40.51
CA LYS C 198 -15.57 -40.96 39.16
C LYS C 198 -14.91 -39.65 38.76
N VAL C 199 -14.62 -39.52 37.46
CA VAL C 199 -13.89 -38.38 36.92
C VAL C 199 -14.62 -37.88 35.69
N VAL C 200 -14.74 -36.55 35.56
CA VAL C 200 -15.27 -35.89 34.38
C VAL C 200 -14.13 -35.08 33.75
N ILE C 201 -13.92 -35.26 32.45
CA ILE C 201 -12.93 -34.53 31.68
C ILE C 201 -13.70 -33.51 30.83
N ALA C 202 -13.56 -32.22 31.16
CA ALA C 202 -14.25 -31.14 30.46
C ALA C 202 -13.25 -30.00 30.24
N ILE C 203 -12.31 -30.21 29.33
CA ILE C 203 -11.16 -29.35 29.18
C ILE C 203 -11.20 -28.58 27.85
N GLY C 204 -12.37 -28.53 27.21
CA GLY C 204 -12.54 -27.72 26.01
C GLY C 204 -11.59 -28.18 24.91
N GLY C 205 -10.96 -27.21 24.25
CA GLY C 205 -10.08 -27.51 23.14
C GLY C 205 -8.72 -26.87 23.29
N THR C 206 -7.78 -27.38 22.51
CA THR C 206 -6.46 -26.81 22.36
C THR C 206 -6.37 -26.14 21.00
N ALA C 207 -5.59 -25.06 20.93
CA ALA C 207 -5.43 -24.32 19.69
C ALA C 207 -4.91 -25.22 18.58
N LYS C 208 -5.57 -25.17 17.42
CA LYS C 208 -5.15 -25.92 16.26
C LYS C 208 -4.37 -24.98 15.34
N MET C 209 -3.11 -25.33 15.08
CA MET C 209 -2.21 -24.53 14.27
C MET C 209 -1.83 -25.22 12.95
N PRO C 210 -1.60 -24.45 11.89
CA PRO C 210 -1.01 -25.02 10.67
C PRO C 210 0.39 -25.57 10.94
N SER C 211 0.67 -26.74 10.37
CA SER C 211 1.93 -27.42 10.65
C SER C 211 3.14 -26.63 10.18
N GLY C 212 2.95 -25.80 9.16
CA GLY C 212 4.05 -25.08 8.55
C GLY C 212 4.43 -23.78 9.18
N LEU C 213 3.70 -23.33 10.20
CA LEU C 213 4.11 -22.10 10.87
C LEU C 213 5.23 -22.36 11.87
N PRO C 214 6.23 -21.49 11.93
CA PRO C 214 7.30 -21.63 12.91
C PRO C 214 6.92 -20.99 14.24
N GLN C 215 7.75 -21.26 15.25
CA GLN C 215 7.57 -20.66 16.57
C GLN C 215 8.18 -19.27 16.58
N ASP C 216 7.39 -18.26 16.91
CA ASP C 216 7.84 -16.88 16.92
C ASP C 216 6.80 -16.16 17.75
N PRO C 217 7.18 -15.23 18.63
CA PRO C 217 6.18 -14.52 19.45
C PRO C 217 5.12 -13.77 18.64
N ARG C 218 5.42 -13.39 17.40
CA ARG C 218 4.52 -12.60 16.54
C ARG C 218 3.50 -13.44 15.77
N ILE C 219 3.41 -14.74 16.03
CA ILE C 219 2.42 -15.62 15.40
C ILE C 219 1.53 -16.13 16.52
N ILE C 220 0.31 -15.59 16.61
CA ILE C 220 -0.56 -15.78 17.76
C ILE C 220 -1.88 -16.41 17.34
N HIS C 221 -2.23 -17.53 17.97
CA HIS C 221 -3.55 -18.11 17.79
C HIS C 221 -4.61 -17.15 18.36
N SER C 222 -5.85 -17.29 17.84
CA SER C 222 -6.94 -16.40 18.20
C SER C 222 -7.27 -16.45 19.69
N SER C 223 -7.09 -17.63 20.30
CA SER C 223 -7.37 -17.85 21.71
C SER C 223 -6.57 -16.94 22.62
N LYS C 224 -5.50 -16.32 22.11
CA LYS C 224 -4.66 -15.42 22.89
C LYS C 224 -4.62 -14.03 22.28
N TYR C 225 -5.65 -13.65 21.51
CA TYR C 225 -5.61 -12.37 20.79
C TYR C 225 -5.61 -11.20 21.76
N CYS C 226 -6.68 -11.07 22.57
CA CYS C 226 -6.82 -9.90 23.43
C CYS C 226 -5.75 -9.86 24.52
N THR C 227 -5.28 -11.02 24.96
CA THR C 227 -4.38 -11.11 26.09
C THR C 227 -2.92 -10.97 25.69
N THR C 228 -2.57 -11.25 24.45
CA THR C 228 -1.17 -11.31 24.05
C THR C 228 -0.77 -10.28 23.00
N LEU C 229 -1.62 -9.97 22.03
CA LEU C 229 -1.23 -9.04 20.99
C LEU C 229 -0.94 -7.62 21.51
N PRO C 230 -1.75 -7.03 22.40
CA PRO C 230 -1.42 -5.68 22.91
C PRO C 230 -0.04 -5.58 23.56
N ALA C 231 0.40 -6.63 24.26
CA ALA C 231 1.74 -6.62 24.84
C ALA C 231 2.82 -6.66 23.76
N LEU C 232 2.50 -7.19 22.59
CA LEU C 232 3.43 -7.25 21.47
C LEU C 232 3.45 -5.94 20.70
N LEU C 233 2.27 -5.37 20.41
CA LEU C 233 2.13 -4.17 19.59
C LEU C 233 1.73 -3.02 20.53
N LYS C 234 2.72 -2.35 21.12
CA LYS C 234 2.43 -1.45 22.23
C LYS C 234 1.83 -0.12 21.76
N ASP C 235 2.27 0.41 20.61
CA ASP C 235 1.90 1.76 20.17
C ASP C 235 0.74 1.69 19.20
N LYS C 236 -0.45 2.14 19.65
CA LYS C 236 -1.66 2.02 18.84
C LYS C 236 -1.61 2.85 17.56
N SER C 237 -0.70 3.81 17.44
CA SER C 237 -0.73 4.72 16.30
C SER C 237 0.27 4.35 15.21
N LYS C 238 1.13 3.35 15.43
CA LYS C 238 2.12 2.98 14.43
C LYS C 238 1.48 2.30 13.21
N PRO C 239 2.09 2.45 12.03
CA PRO C 239 1.58 1.74 10.83
C PRO C 239 2.02 0.29 10.79
N TYR C 240 1.50 -0.54 11.70
CA TYR C 240 1.82 -1.96 11.68
C TYR C 240 1.15 -2.66 10.51
N ASN C 241 1.83 -3.66 9.96
CA ASN C 241 1.23 -4.64 9.06
C ASN C 241 0.89 -5.89 9.85
N ILE C 242 -0.38 -6.23 9.88
CA ILE C 242 -0.88 -7.37 10.64
C ILE C 242 -1.71 -8.25 9.71
N ALA C 243 -1.41 -9.54 9.69
CA ALA C 243 -2.18 -10.47 8.90
C ALA C 243 -3.06 -11.31 9.80
N VAL C 244 -4.21 -11.69 9.26
CA VAL C 244 -5.18 -12.53 9.95
C VAL C 244 -5.42 -13.72 9.04
N LEU C 245 -5.26 -14.93 9.57
CA LEU C 245 -5.35 -16.16 8.79
C LEU C 245 -6.63 -16.88 9.12
N GLY C 246 -7.47 -17.09 8.11
CA GLY C 246 -8.73 -17.77 8.33
C GLY C 246 -9.91 -16.97 7.81
N SER C 247 -11.07 -17.60 7.88
CA SER C 247 -12.29 -17.03 7.32
C SER C 247 -13.52 -17.27 8.17
N GLY C 248 -13.37 -17.68 9.44
CA GLY C 248 -14.50 -17.89 10.32
C GLY C 248 -14.79 -16.69 11.21
N GLN C 249 -15.64 -16.93 12.22
CA GLN C 249 -16.11 -15.85 13.08
C GLN C 249 -14.93 -15.14 13.75
N SER C 250 -13.94 -15.92 14.19
CA SER C 250 -12.79 -15.33 14.89
C SER C 250 -11.93 -14.49 13.96
N ALA C 251 -11.72 -14.95 12.73
CA ALA C 251 -10.91 -14.17 11.80
C ALA C 251 -11.60 -12.85 11.49
N ALA C 252 -12.91 -12.89 11.24
CA ALA C 252 -13.64 -11.66 10.95
C ALA C 252 -13.61 -10.70 12.14
N GLU C 253 -13.83 -11.21 13.36
CA GLU C 253 -13.81 -10.34 14.54
C GLU C 253 -12.43 -9.73 14.75
N ILE C 254 -11.38 -10.53 14.57
CA ILE C 254 -10.03 -10.01 14.76
C ILE C 254 -9.70 -9.02 13.65
N PHE C 255 -9.99 -9.41 12.41
CA PHE C 255 -9.76 -8.52 11.28
C PHE C 255 -10.46 -7.19 11.50
N HIS C 256 -11.76 -7.25 11.84
CA HIS C 256 -12.51 -6.03 12.05
C HIS C 256 -12.02 -5.26 13.28
N ASP C 257 -11.72 -5.96 14.38
CA ASP C 257 -11.25 -5.24 15.57
C ASP C 257 -9.92 -4.52 15.33
N LEU C 258 -9.00 -5.15 14.57
CA LEU C 258 -7.68 -4.55 14.33
C LEU C 258 -7.78 -3.17 13.70
N GLN C 259 -8.72 -3.00 12.79
CA GLN C 259 -8.85 -1.73 12.09
C GLN C 259 -9.30 -0.62 13.01
N LYS C 260 -10.01 -0.96 14.08
CA LYS C 260 -10.37 0.04 15.06
C LYS C 260 -9.27 0.23 16.09
N ARG C 261 -8.58 -0.86 16.48
CA ARG C 261 -7.55 -0.79 17.53
C ARG C 261 -6.28 -0.11 17.06
N TYR C 262 -5.82 -0.38 15.83
CA TYR C 262 -4.65 0.27 15.24
C TYR C 262 -5.08 1.02 13.98
N PRO C 263 -5.61 2.24 14.12
CA PRO C 263 -6.28 2.89 12.99
C PRO C 263 -5.38 3.27 11.83
N ASN C 264 -4.06 3.28 12.00
CA ASN C 264 -3.15 3.54 10.89
C ASN C 264 -2.46 2.27 10.41
N SER C 265 -2.89 1.10 10.90
CA SER C 265 -2.25 -0.15 10.48
C SER C 265 -2.68 -0.55 9.05
N ARG C 266 -1.92 -1.47 8.45
CA ARG C 266 -2.35 -2.10 7.19
C ARG C 266 -2.64 -3.56 7.50
N THR C 267 -3.92 -3.95 7.42
CA THR C 267 -4.37 -5.28 7.78
C THR C 267 -4.73 -6.10 6.54
N THR C 268 -4.52 -7.41 6.64
CA THR C 268 -4.78 -8.34 5.55
C THR C 268 -5.40 -9.61 6.12
N LEU C 269 -6.57 -9.96 5.62
CA LEU C 269 -7.27 -11.19 5.94
C LEU C 269 -6.95 -12.22 4.85
N ILE C 270 -6.35 -13.34 5.24
CA ILE C 270 -5.88 -14.36 4.32
C ILE C 270 -6.81 -15.57 4.43
N MET C 271 -7.50 -15.90 3.34
CA MET C 271 -8.44 -17.00 3.39
C MET C 271 -8.18 -17.99 2.26
N ARG C 272 -8.33 -19.27 2.61
CA ARG C 272 -8.26 -20.34 1.63
C ARG C 272 -9.49 -20.33 0.73
N ASP C 273 -10.63 -19.94 1.29
CA ASP C 273 -11.92 -19.82 0.64
C ASP C 273 -11.99 -18.54 -0.19
N SER C 274 -12.99 -18.46 -1.06
CA SER C 274 -13.22 -17.29 -1.87
C SER C 274 -13.94 -16.19 -1.12
N ALA C 275 -14.66 -16.51 -0.06
CA ALA C 275 -15.42 -15.50 0.67
C ALA C 275 -15.76 -15.96 2.09
N MET C 276 -15.95 -15.00 2.96
CA MET C 276 -16.60 -15.32 4.21
C MET C 276 -18.04 -15.71 3.90
N ARG C 277 -18.53 -16.72 4.59
CA ARG C 277 -19.87 -17.23 4.38
C ARG C 277 -20.70 -17.11 5.66
N PRO C 278 -22.01 -16.93 5.54
CA PRO C 278 -22.83 -16.62 6.72
C PRO C 278 -23.14 -17.85 7.55
N SER C 279 -23.16 -17.68 8.86
CA SER C 279 -23.57 -18.76 9.75
C SER C 279 -25.07 -19.00 9.63
N ASP C 280 -25.48 -20.25 9.87
CA ASP C 280 -26.87 -20.66 9.67
C ASP C 280 -27.51 -20.94 11.03
N ASP C 281 -28.53 -20.16 11.37
CA ASP C 281 -29.38 -20.50 12.50
C ASP C 281 -30.84 -20.27 12.15
N SER C 282 -31.16 -20.35 10.84
CA SER C 282 -32.49 -20.55 10.29
C SER C 282 -33.19 -21.59 11.14
N PRO C 283 -34.50 -21.45 11.40
CA PRO C 283 -35.07 -22.17 12.55
C PRO C 283 -35.19 -23.67 12.35
N PHE C 284 -35.50 -24.16 11.14
CA PHE C 284 -35.57 -25.61 10.96
C PHE C 284 -34.16 -26.24 11.03
N VAL C 285 -33.17 -25.63 10.36
CA VAL C 285 -31.83 -26.19 10.47
C VAL C 285 -31.41 -26.23 11.93
N ASN C 286 -31.76 -25.17 12.68
CA ASN C 286 -31.26 -24.97 14.03
C ASN C 286 -31.78 -26.00 15.03
N GLU C 287 -32.73 -26.85 14.65
CA GLU C 287 -33.28 -27.82 15.61
C GLU C 287 -32.31 -28.97 15.91
N ILE C 288 -31.21 -29.10 15.15
CA ILE C 288 -30.20 -30.09 15.46
C ILE C 288 -29.53 -29.82 16.81
N PHE C 289 -29.55 -28.58 17.28
CA PHE C 289 -29.01 -28.20 18.58
C PHE C 289 -30.02 -28.35 19.71
N ASN C 290 -31.26 -28.77 19.42
CA ASN C 290 -32.24 -29.01 20.48
C ASN C 290 -31.75 -30.14 21.39
N PRO C 291 -32.03 -30.05 22.70
CA PRO C 291 -31.55 -31.10 23.63
C PRO C 291 -32.05 -32.51 23.34
N GLU C 292 -33.30 -32.67 22.92
CA GLU C 292 -33.88 -34.00 22.72
C GLU C 292 -33.42 -34.65 21.41
N ARG C 293 -32.63 -33.95 20.57
CA ARG C 293 -32.09 -34.54 19.35
C ARG C 293 -30.82 -35.35 19.58
N VAL C 294 -30.16 -35.18 20.74
CA VAL C 294 -28.97 -35.94 21.07
C VAL C 294 -29.28 -37.43 21.12
N ASP C 295 -30.46 -37.79 21.63
CA ASP C 295 -30.89 -39.19 21.63
C ASP C 295 -30.90 -39.74 20.22
N LYS C 296 -31.59 -39.06 19.30
CA LYS C 296 -31.69 -39.56 17.93
C LYS C 296 -30.34 -39.52 17.24
N PHE C 297 -29.56 -38.46 17.47
CA PHE C 297 -28.26 -38.36 16.80
C PHE C 297 -27.34 -39.49 17.26
N TYR C 298 -27.26 -39.72 18.57
CA TYR C 298 -26.30 -40.70 19.07
C TYR C 298 -26.55 -42.08 18.50
N SER C 299 -27.83 -42.46 18.37
CA SER C 299 -28.22 -43.77 17.89
C SER C 299 -28.04 -43.94 16.39
N GLN C 300 -27.65 -42.92 15.66
CA GLN C 300 -27.47 -43.10 14.23
C GLN C 300 -26.13 -43.76 13.96
N SER C 301 -25.99 -44.33 12.77
CA SER C 301 -24.76 -45.01 12.39
C SER C 301 -23.65 -44.00 12.16
N ALA C 302 -22.41 -44.51 12.17
CA ALA C 302 -21.25 -43.64 11.97
C ALA C 302 -21.40 -42.87 10.68
N ALA C 303 -21.78 -43.56 9.61
CA ALA C 303 -21.95 -42.93 8.32
C ALA C 303 -23.03 -41.86 8.36
N GLU C 304 -24.17 -42.16 9.01
CA GLU C 304 -25.22 -41.16 9.11
C GLU C 304 -24.78 -39.97 9.97
N ARG C 305 -24.03 -40.24 11.06
CA ARG C 305 -23.52 -39.14 11.87
C ARG C 305 -22.52 -38.28 11.10
N GLN C 306 -21.60 -38.92 10.38
CA GLN C 306 -20.61 -38.17 9.64
C GLN C 306 -21.26 -37.36 8.53
N ARG C 307 -22.21 -37.95 7.81
CA ARG C 307 -22.89 -37.18 6.77
C ARG C 307 -23.78 -36.08 7.38
N SER C 308 -24.37 -36.32 8.55
CA SER C 308 -25.19 -35.29 9.17
C SER C 308 -24.33 -34.10 9.57
N LEU C 309 -23.15 -34.36 10.13
CA LEU C 309 -22.23 -33.30 10.53
C LEU C 309 -21.78 -32.45 9.34
N LEU C 310 -21.48 -33.09 8.21
CA LEU C 310 -20.97 -32.34 7.05
C LEU C 310 -22.03 -31.42 6.46
N ALA C 311 -23.26 -31.92 6.31
CA ALA C 311 -24.31 -31.09 5.72
C ALA C 311 -24.65 -29.88 6.59
N ASP C 312 -24.47 -29.97 7.90
CA ASP C 312 -24.82 -28.86 8.79
C ASP C 312 -23.60 -28.06 9.20
N LYS C 313 -22.50 -28.20 8.45
CA LYS C 313 -21.25 -27.52 8.76
C LYS C 313 -21.43 -26.00 8.85
N ALA C 314 -22.32 -25.42 8.03
CA ALA C 314 -22.52 -23.98 8.00
C ALA C 314 -23.12 -23.44 9.29
N THR C 315 -23.55 -24.31 10.21
CA THR C 315 -24.06 -23.82 11.47
C THR C 315 -22.95 -23.44 12.44
N ASN C 316 -21.72 -23.89 12.19
CA ASN C 316 -20.74 -23.75 13.26
C ASN C 316 -19.31 -23.54 12.80
N TYR C 317 -18.94 -23.97 11.59
CA TYR C 317 -17.53 -24.00 11.21
C TYR C 317 -17.29 -23.14 9.97
N SER C 318 -16.23 -22.32 10.03
CA SER C 318 -15.84 -21.46 8.92
C SER C 318 -16.98 -20.57 8.46
N VAL C 319 -17.69 -19.98 9.41
CA VAL C 319 -18.84 -19.15 9.09
C VAL C 319 -18.78 -17.91 9.95
N VAL C 320 -19.40 -16.84 9.45
CA VAL C 320 -19.41 -15.55 10.10
C VAL C 320 -20.85 -15.09 10.22
N ARG C 321 -21.19 -14.51 11.36
CA ARG C 321 -22.50 -13.92 11.53
C ARG C 321 -22.74 -12.89 10.43
N LEU C 322 -23.91 -12.99 9.78
CA LEU C 322 -24.20 -12.14 8.63
C LEU C 322 -23.94 -10.67 8.93
N GLU C 323 -24.39 -10.20 10.10
CA GLU C 323 -24.22 -8.79 10.43
C GLU C 323 -22.76 -8.37 10.37
N LEU C 324 -21.85 -9.24 10.82
CA LEU C 324 -20.44 -8.89 10.75
C LEU C 324 -19.93 -8.92 9.31
N ILE C 325 -20.36 -9.91 8.50
CA ILE C 325 -19.97 -9.92 7.08
C ILE C 325 -20.33 -8.59 6.43
N GLU C 326 -21.57 -8.14 6.64
CA GLU C 326 -22.05 -6.92 6.01
C GLU C 326 -21.29 -5.68 6.54
N GLU C 327 -21.05 -5.64 7.86
CA GLU C 327 -20.27 -4.55 8.44
C GLU C 327 -18.90 -4.46 7.78
N ILE C 328 -18.23 -5.60 7.65
CA ILE C 328 -16.94 -5.63 6.97
C ILE C 328 -17.10 -5.26 5.50
N TYR C 329 -18.21 -5.67 4.88
CA TYR C 329 -18.37 -5.33 3.46
C TYR C 329 -18.52 -3.83 3.27
N ASN C 330 -19.29 -3.17 4.15
CA ASN C 330 -19.43 -1.73 3.99
C ASN C 330 -18.08 -1.02 4.20
N ASP C 331 -17.27 -1.53 5.14
CA ASP C 331 -15.94 -0.98 5.35
C ASP C 331 -15.09 -1.13 4.11
N MET C 332 -15.15 -2.28 3.43
CA MET C 332 -14.45 -2.37 2.16
C MET C 332 -15.03 -1.39 1.15
N TYR C 333 -16.36 -1.24 1.16
CA TYR C 333 -16.97 -0.39 0.15
C TYR C 333 -16.51 1.07 0.27
N LEU C 334 -16.43 1.59 1.50
CA LEU C 334 -15.95 2.96 1.72
C LEU C 334 -14.52 3.14 1.19
N GLN C 335 -13.66 2.12 1.35
CA GLN C 335 -12.33 2.18 0.74
C GLN C 335 -12.42 2.22 -0.78
N ARG C 336 -13.38 1.51 -1.35
CA ARG C 336 -13.57 1.55 -2.80
C ARG C 336 -14.00 2.94 -3.26
N VAL C 337 -14.83 3.63 -2.46
CA VAL C 337 -15.22 4.99 -2.80
C VAL C 337 -14.00 5.89 -2.93
N LYS C 338 -13.02 5.74 -2.03
CA LYS C 338 -11.88 6.64 -2.00
C LYS C 338 -10.83 6.28 -3.03
N ASN C 339 -10.74 4.98 -3.37
CA ASN C 339 -9.75 4.46 -4.29
C ASN C 339 -10.30 3.25 -5.03
N PRO C 340 -10.55 3.36 -6.33
CA PRO C 340 -11.13 2.24 -7.06
C PRO C 340 -10.20 1.04 -7.17
N ASP C 341 -8.90 1.23 -6.96
CA ASP C 341 -7.89 0.17 -7.03
C ASP C 341 -7.83 -0.51 -5.67
N GLU C 342 -8.41 -1.70 -5.58
CA GLU C 342 -8.45 -2.48 -4.35
C GLU C 342 -7.06 -2.89 -3.89
N THR C 343 -6.08 -2.93 -4.81
CA THR C 343 -4.72 -3.32 -4.45
C THR C 343 -4.00 -2.21 -3.67
N GLN C 344 -4.51 -0.98 -3.69
CA GLN C 344 -3.95 0.12 -2.90
C GLN C 344 -4.66 0.37 -1.56
N TRP C 345 -5.66 -0.44 -1.19
CA TRP C 345 -6.47 -0.20 0.01
C TRP C 345 -5.66 -0.44 1.30
N GLN C 346 -6.06 0.28 2.36
CA GLN C 346 -5.38 0.16 3.65
C GLN C 346 -5.54 -1.24 4.24
N HIS C 347 -6.76 -1.77 4.20
CA HIS C 347 -7.13 -3.07 4.74
C HIS C 347 -7.66 -3.94 3.62
N ARG C 348 -7.12 -5.13 3.48
CA ARG C 348 -7.45 -5.97 2.34
C ARG C 348 -7.84 -7.37 2.78
N ILE C 349 -8.59 -8.02 1.89
CA ILE C 349 -8.93 -9.42 1.97
C ILE C 349 -8.30 -10.10 0.76
N LEU C 350 -7.55 -11.19 1.00
CA LEU C 350 -6.89 -11.97 -0.05
C LEU C 350 -7.55 -13.35 -0.09
N PRO C 351 -8.56 -13.55 -0.94
CA PRO C 351 -9.27 -14.83 -0.96
C PRO C 351 -8.51 -15.86 -1.76
N GLU C 352 -8.86 -17.13 -1.53
CA GLU C 352 -8.27 -18.26 -2.25
C GLU C 352 -6.75 -18.22 -2.21
N ARG C 353 -6.20 -18.14 -1.00
CA ARG C 353 -4.75 -18.02 -0.76
C ARG C 353 -4.33 -19.08 0.24
N LYS C 354 -3.08 -19.51 0.16
CA LYS C 354 -2.53 -20.33 1.22
C LYS C 354 -1.13 -19.85 1.54
N ILE C 355 -0.75 -19.99 2.81
CA ILE C 355 0.59 -19.62 3.27
C ILE C 355 1.54 -20.75 2.91
N THR C 356 2.58 -20.43 2.14
CA THR C 356 3.55 -21.46 1.77
C THR C 356 4.80 -21.47 2.64
N ARG C 357 5.12 -20.37 3.33
CA ARG C 357 6.33 -20.23 4.12
C ARG C 357 6.24 -18.94 4.90
N VAL C 358 6.80 -18.94 6.10
CA VAL C 358 6.93 -17.71 6.90
C VAL C 358 8.39 -17.63 7.31
N GLU C 359 9.08 -16.59 6.84
CA GLU C 359 10.48 -16.39 7.17
C GLU C 359 10.72 -15.48 8.38
N ARG C 366 10.65 -7.80 10.90
CA ARG C 366 9.37 -8.24 10.31
C ARG C 366 9.41 -9.60 9.62
N MET C 367 8.30 -10.33 9.72
CA MET C 367 8.23 -11.63 9.07
C MET C 367 7.77 -11.47 7.63
N ARG C 368 8.19 -12.42 6.80
CA ARG C 368 7.89 -12.43 5.37
C ARG C 368 6.98 -13.62 5.09
N ILE C 369 5.72 -13.34 4.80
CA ILE C 369 4.75 -14.37 4.45
C ILE C 369 4.76 -14.53 2.94
N HIS C 370 4.89 -15.76 2.47
CA HIS C 370 4.83 -16.07 1.05
C HIS C 370 3.50 -16.75 0.75
N LEU C 371 2.79 -16.25 -0.25
CA LEU C 371 1.46 -16.76 -0.54
C LEU C 371 1.43 -17.38 -1.92
N LYS C 372 0.62 -18.43 -2.04
CA LYS C 372 0.27 -19.03 -3.32
C LYS C 372 -1.25 -19.14 -3.39
N SER C 373 -1.75 -19.37 -4.60
CA SER C 373 -3.16 -19.71 -4.77
C SER C 373 -3.48 -20.98 -3.98
N SER C 374 -4.69 -21.03 -3.44
CA SER C 374 -5.10 -22.20 -2.65
C SER C 374 -5.80 -23.27 -3.49
N LYS C 375 -5.97 -23.04 -4.80
CA LYS C 375 -6.61 -24.02 -5.64
C LYS C 375 -5.71 -25.25 -5.80
N PRO C 376 -6.31 -26.43 -6.08
CA PRO C 376 -5.55 -27.69 -6.25
C PRO C 376 -4.49 -27.63 -7.36
N LYS C 386 3.66 -15.76 -6.97
CA LYS C 386 4.64 -15.24 -6.02
C LYS C 386 4.16 -13.93 -5.40
N GLU C 387 3.54 -14.05 -4.23
CA GLU C 387 3.06 -12.93 -3.45
C GLU C 387 3.77 -12.93 -2.09
N THR C 388 4.09 -11.75 -1.58
CA THR C 388 4.71 -11.65 -0.27
C THR C 388 4.14 -10.50 0.55
N LEU C 389 3.96 -10.75 1.84
CA LEU C 389 3.58 -9.73 2.80
C LEU C 389 4.67 -9.68 3.86
N GLU C 390 5.09 -8.48 4.23
CA GLU C 390 5.96 -8.25 5.38
C GLU C 390 5.05 -7.80 6.52
N VAL C 391 5.06 -8.53 7.64
CA VAL C 391 4.09 -8.29 8.70
C VAL C 391 4.78 -8.13 10.05
N ASP C 392 4.21 -7.24 10.88
CA ASP C 392 4.67 -7.12 12.25
C ASP C 392 4.06 -8.20 13.14
N ALA C 393 2.95 -8.78 12.71
CA ALA C 393 2.27 -9.81 13.50
C ALA C 393 1.38 -10.64 12.58
N LEU C 394 1.20 -11.91 12.94
CA LEU C 394 0.33 -12.82 12.23
C LEU C 394 -0.65 -13.42 13.23
N MET C 395 -1.93 -13.08 13.09
CA MET C 395 -3.00 -13.68 13.86
C MET C 395 -3.57 -14.92 13.16
N VAL C 396 -3.64 -16.04 13.88
CA VAL C 396 -4.00 -17.34 13.34
C VAL C 396 -5.32 -17.77 13.97
N ALA C 397 -6.39 -17.74 13.18
CA ALA C 397 -7.73 -18.06 13.66
C ALA C 397 -8.21 -19.33 12.98
N THR C 398 -7.60 -20.45 13.38
CA THR C 398 -7.81 -21.73 12.72
C THR C 398 -8.53 -22.74 13.62
N GLY C 399 -9.15 -22.27 14.70
CA GLY C 399 -10.01 -23.16 15.45
C GLY C 399 -9.24 -24.03 16.43
N TYR C 400 -9.83 -25.20 16.75
CA TYR C 400 -9.40 -26.03 17.85
C TYR C 400 -9.47 -27.51 17.51
N ASN C 401 -8.60 -28.28 18.18
CA ASN C 401 -8.70 -29.72 18.33
C ASN C 401 -9.17 -30.02 19.75
N ARG C 402 -9.94 -31.10 19.90
CA ARG C 402 -10.47 -31.54 21.17
C ARG C 402 -10.09 -33.00 21.42
N ASN C 403 -8.78 -33.25 21.46
CA ASN C 403 -8.23 -34.58 21.67
C ASN C 403 -7.27 -34.60 22.85
N ALA C 404 -7.29 -33.55 23.67
CA ALA C 404 -6.42 -33.41 24.82
C ALA C 404 -6.71 -34.42 25.94
N HIS C 405 -7.90 -35.03 25.97
CA HIS C 405 -8.20 -36.02 27.00
C HIS C 405 -7.43 -37.32 26.81
N GLU C 406 -6.99 -37.61 25.58
CA GLU C 406 -6.34 -38.88 25.32
C GLU C 406 -5.01 -39.00 26.05
N ARG C 407 -4.22 -37.90 26.05
CA ARG C 407 -2.99 -37.88 26.83
C ARG C 407 -3.29 -37.86 28.33
N LEU C 408 -4.31 -37.11 28.74
CA LEU C 408 -4.64 -37.05 30.16
C LEU C 408 -5.01 -38.42 30.72
N LEU C 409 -5.59 -39.27 29.87
CA LEU C 409 -6.05 -40.60 30.27
C LEU C 409 -5.14 -41.72 29.78
N SER C 410 -3.92 -41.40 29.33
CA SER C 410 -3.08 -42.42 28.71
C SER C 410 -2.80 -43.59 29.65
N LYS C 411 -2.57 -43.29 30.92
CA LYS C 411 -2.25 -44.31 31.91
C LYS C 411 -3.46 -45.13 32.37
N VAL C 412 -4.66 -44.84 31.90
CA VAL C 412 -5.82 -45.68 32.21
C VAL C 412 -6.43 -46.30 30.96
N GLN C 413 -5.86 -46.07 29.78
CA GLN C 413 -6.43 -46.58 28.55
C GLN C 413 -6.28 -48.10 28.42
N HIS C 414 -5.44 -48.73 29.24
CA HIS C 414 -5.36 -50.18 29.29
C HIS C 414 -6.57 -50.80 29.96
N LEU C 415 -7.46 -49.98 30.51
CA LEU C 415 -8.72 -50.44 31.08
C LEU C 415 -9.83 -50.45 30.05
N ARG C 416 -9.59 -49.95 28.85
CA ARG C 416 -10.57 -50.08 27.78
C ARG C 416 -10.62 -51.54 27.32
N PRO C 417 -11.74 -51.97 26.76
CA PRO C 417 -11.80 -53.33 26.18
C PRO C 417 -10.76 -53.55 25.08
N THR C 418 -10.44 -54.84 24.88
CA THR C 418 -9.39 -55.24 23.95
C THR C 418 -9.68 -54.74 22.54
N GLY C 419 -8.67 -54.13 21.92
CA GLY C 419 -8.75 -53.71 20.54
C GLY C 419 -9.16 -52.28 20.29
N GLN C 420 -9.32 -51.47 21.34
CA GLN C 420 -9.75 -50.08 21.16
C GLN C 420 -8.55 -49.16 20.99
N ASP C 421 -8.62 -48.30 19.99
CA ASP C 421 -7.63 -47.26 19.79
C ASP C 421 -8.18 -45.88 20.12
N GLN C 422 -9.44 -45.80 20.54
CA GLN C 422 -10.07 -44.56 20.96
C GLN C 422 -10.97 -44.82 22.15
N TRP C 423 -11.21 -43.77 22.93
CA TRP C 423 -12.20 -43.85 24.00
C TRP C 423 -13.60 -43.81 23.39
N LYS C 424 -14.47 -44.73 23.84
CA LYS C 424 -15.81 -44.87 23.27
C LYS C 424 -16.87 -44.41 24.26
N PRO C 425 -17.42 -43.20 24.15
CA PRO C 425 -18.42 -42.75 25.12
C PRO C 425 -19.78 -43.33 24.81
N HIS C 426 -20.48 -43.76 25.86
CA HIS C 426 -21.87 -44.19 25.75
C HIS C 426 -22.78 -42.96 25.63
N ARG C 427 -24.09 -43.20 25.44
CA ARG C 427 -25.03 -42.08 25.33
C ARG C 427 -24.95 -41.12 26.50
N ASP C 428 -24.79 -41.64 27.71
CA ASP C 428 -24.72 -40.81 28.92
C ASP C 428 -23.32 -40.26 29.18
N TYR C 429 -22.41 -40.38 28.21
CA TYR C 429 -21.07 -39.79 28.16
C TYR C 429 -20.07 -40.61 29.00
N ARG C 430 -20.51 -41.70 29.62
CA ARG C 430 -19.59 -42.55 30.34
C ARG C 430 -18.83 -43.41 29.33
N VAL C 431 -17.49 -43.46 29.46
CA VAL C 431 -16.67 -44.23 28.52
C VAL C 431 -16.71 -45.70 28.90
N GLU C 432 -16.60 -46.56 27.89
CA GLU C 432 -16.59 -47.99 28.15
C GLU C 432 -15.29 -48.40 28.82
N MET C 433 -15.41 -49.09 29.94
CA MET C 433 -14.30 -49.74 30.61
C MET C 433 -14.50 -51.24 30.54
N ASP C 434 -13.39 -51.96 30.59
CA ASP C 434 -13.43 -53.42 30.66
C ASP C 434 -14.12 -53.85 31.95
N PRO C 435 -15.26 -54.55 31.88
CA PRO C 435 -16.03 -54.83 33.11
C PRO C 435 -15.33 -55.79 34.06
N SER C 436 -14.35 -56.54 33.59
CA SER C 436 -13.54 -57.38 34.45
C SER C 436 -12.33 -56.64 35.01
N LYS C 437 -12.07 -55.41 34.54
CA LYS C 437 -10.96 -54.64 35.05
C LYS C 437 -11.36 -53.47 35.93
N VAL C 438 -12.55 -52.91 35.75
CA VAL C 438 -12.98 -51.71 36.46
C VAL C 438 -14.28 -52.02 37.17
N SER C 439 -14.37 -51.66 38.45
CA SER C 439 -15.62 -51.81 39.17
C SER C 439 -16.72 -50.94 38.57
N SER C 440 -17.96 -51.40 38.70
CA SER C 440 -19.10 -50.68 38.16
C SER C 440 -19.36 -49.38 38.93
N GLU C 441 -18.84 -49.27 40.14
CA GLU C 441 -18.92 -48.03 40.90
C GLU C 441 -17.88 -47.00 40.44
N ALA C 442 -17.01 -47.38 39.51
CA ALA C 442 -15.96 -46.51 38.99
C ALA C 442 -16.17 -46.31 37.49
N GLY C 443 -15.78 -45.13 37.00
CA GLY C 443 -15.95 -44.82 35.59
C GLY C 443 -15.44 -43.42 35.30
N ILE C 444 -15.31 -43.13 34.00
CA ILE C 444 -14.81 -41.86 33.49
C ILE C 444 -15.78 -41.33 32.44
N TRP C 445 -16.13 -40.06 32.54
CA TRP C 445 -17.05 -39.39 31.64
C TRP C 445 -16.30 -38.31 30.86
N LEU C 446 -16.71 -38.11 29.60
CA LEU C 446 -16.17 -37.06 28.75
C LEU C 446 -17.22 -36.01 28.43
N GLN C 447 -16.79 -34.75 28.37
CA GLN C 447 -17.67 -33.61 28.12
C GLN C 447 -17.02 -32.63 27.15
N GLY C 448 -17.74 -32.30 26.08
CA GLY C 448 -17.32 -31.28 25.12
C GLY C 448 -16.50 -31.79 23.96
N CYS C 449 -16.02 -33.02 24.02
CA CYS C 449 -15.20 -33.58 22.96
C CYS C 449 -15.92 -34.73 22.24
N ASN C 450 -17.25 -34.74 22.28
CA ASN C 450 -18.04 -35.86 21.80
C ASN C 450 -18.90 -35.51 20.59
N GLU C 451 -18.53 -34.46 19.85
CA GLU C 451 -19.29 -34.04 18.68
C GLU C 451 -19.57 -35.21 17.75
N ARG C 452 -18.59 -36.13 17.59
CA ARG C 452 -18.74 -37.23 16.64
C ARG C 452 -19.87 -38.16 17.02
N THR C 453 -20.13 -38.35 18.32
CA THR C 453 -21.16 -39.25 18.77
C THR C 453 -22.43 -38.54 19.22
N HIS C 454 -22.37 -37.28 19.62
CA HIS C 454 -23.54 -36.67 20.24
C HIS C 454 -24.05 -35.44 19.51
N GLY C 455 -23.34 -34.95 18.49
CA GLY C 455 -23.83 -33.90 17.62
C GLY C 455 -23.10 -32.57 17.83
N LEU C 456 -23.38 -31.65 16.89
CA LEU C 456 -22.70 -30.36 16.82
C LEU C 456 -22.95 -29.49 18.05
N SER C 457 -23.94 -29.82 18.87
CA SER C 457 -24.20 -29.08 20.09
C SER C 457 -23.24 -29.43 21.22
N ASP C 458 -22.36 -30.39 21.01
CA ASP C 458 -21.58 -30.97 22.11
C ASP C 458 -20.54 -30.03 22.68
N SER C 459 -19.86 -29.28 21.82
CA SER C 459 -18.84 -28.35 22.25
C SER C 459 -19.37 -26.95 22.53
N LEU C 460 -20.68 -26.71 22.35
CA LEU C 460 -21.27 -25.39 22.47
C LEU C 460 -22.01 -25.25 23.80
N LEU C 461 -22.73 -24.12 23.98
CA LEU C 461 -23.57 -23.91 25.15
C LEU C 461 -24.97 -24.50 24.98
N SER C 462 -25.27 -25.03 23.78
CA SER C 462 -26.66 -25.30 23.37
C SER C 462 -27.39 -26.22 24.32
N VAL C 463 -26.76 -27.32 24.75
CA VAL C 463 -27.47 -28.32 25.53
C VAL C 463 -26.91 -28.45 26.94
N LEU C 464 -26.12 -27.47 27.39
CA LEU C 464 -25.43 -27.59 28.67
C LEU C 464 -26.41 -27.68 29.84
N ALA C 465 -27.46 -26.85 29.82
CA ALA C 465 -28.41 -26.85 30.92
C ALA C 465 -29.01 -28.23 31.11
N VAL C 466 -29.44 -28.85 30.00
CA VAL C 466 -30.04 -30.18 30.08
C VAL C 466 -28.97 -31.23 30.31
N ARG C 467 -27.82 -31.11 29.65
CA ARG C 467 -26.76 -32.11 29.80
C ARG C 467 -26.25 -32.16 31.23
N GLY C 468 -26.11 -31.01 31.87
CA GLY C 468 -25.78 -31.01 33.29
C GLY C 468 -26.75 -31.84 34.10
N GLY C 469 -28.05 -31.71 33.80
CA GLY C 469 -29.04 -32.52 34.50
C GLY C 469 -28.85 -34.00 34.26
N GLU C 470 -28.67 -34.41 32.99
CA GLU C 470 -28.39 -35.81 32.71
C GLU C 470 -27.12 -36.28 33.40
N MET C 471 -26.10 -35.44 33.40
CA MET C 471 -24.83 -35.82 34.04
C MET C 471 -25.00 -35.99 35.56
N VAL C 472 -25.79 -35.14 36.20
CA VAL C 472 -26.00 -35.31 37.64
C VAL C 472 -26.79 -36.59 37.94
N GLN C 473 -27.81 -36.90 37.14
CA GLN C 473 -28.52 -38.16 37.32
C GLN C 473 -27.64 -39.35 36.98
N SER C 474 -26.90 -39.27 35.87
CA SER C 474 -25.94 -40.30 35.50
C SER C 474 -25.00 -40.60 36.66
N ILE C 475 -24.35 -39.56 37.18
CA ILE C 475 -23.21 -39.70 38.09
C ILE C 475 -23.65 -39.84 39.53
N PHE C 476 -24.66 -39.08 39.97
CA PHE C 476 -25.10 -39.07 41.36
C PHE C 476 -26.50 -39.63 41.56
N GLY C 477 -27.14 -40.16 40.51
CA GLY C 477 -28.52 -40.60 40.57
C GLY C 477 -28.90 -41.58 41.67
N GLU C 478 -28.25 -42.75 41.70
CA GLU C 478 -28.54 -43.74 42.73
C GLU C 478 -28.21 -43.23 44.13
N GLN C 479 -27.21 -42.34 44.25
CA GLN C 479 -26.82 -41.82 45.55
C GLN C 479 -27.95 -40.97 46.17
N LEU C 480 -28.64 -40.17 45.35
CA LEU C 480 -29.67 -39.29 45.88
C LEU C 480 -31.02 -39.95 46.07
N GLU C 481 -31.17 -41.22 45.69
CA GLU C 481 -32.44 -41.92 45.89
C GLU C 481 -32.42 -42.76 47.18
N LEU D 24 -53.31 -20.76 46.47
CA LEU D 24 -54.14 -20.01 47.43
C LEU D 24 -55.36 -20.80 47.89
N ARG D 25 -55.62 -20.83 49.19
CA ARG D 25 -56.76 -21.58 49.69
C ARG D 25 -57.98 -20.67 49.68
N SER D 26 -59.14 -21.26 49.39
CA SER D 26 -60.35 -20.46 49.30
C SER D 26 -60.83 -20.05 50.67
N THR D 27 -61.55 -18.95 50.72
CA THR D 27 -62.16 -18.57 51.99
C THR D 27 -63.68 -18.72 51.93
N PRO D 28 -64.30 -19.27 52.97
CA PRO D 28 -65.75 -19.40 52.99
C PRO D 28 -66.45 -18.08 52.69
N GLN D 29 -67.47 -18.17 51.83
CA GLN D 29 -68.11 -17.01 51.20
C GLN D 29 -68.73 -16.03 52.22
N ASP D 30 -69.25 -16.53 53.33
CA ASP D 30 -69.95 -15.69 54.28
C ASP D 30 -69.01 -15.02 55.29
N GLU D 31 -67.71 -15.28 55.25
CA GLU D 31 -66.76 -14.76 56.23
C GLU D 31 -66.27 -13.37 55.86
N LEU D 32 -65.61 -12.73 56.83
CA LEU D 32 -65.05 -11.39 56.66
C LEU D 32 -63.68 -11.50 56.01
N HIS D 33 -63.59 -11.10 54.75
CA HIS D 33 -62.37 -11.22 53.94
C HIS D 33 -61.37 -10.11 54.21
N ASP D 34 -60.10 -10.43 53.98
CA ASP D 34 -59.04 -9.43 53.99
C ASP D 34 -59.02 -8.63 52.70
N LEU D 35 -59.25 -9.29 51.57
CA LEU D 35 -59.24 -8.60 50.29
C LEU D 35 -60.24 -9.24 49.34
N LEU D 36 -60.99 -8.40 48.66
CA LEU D 36 -61.85 -8.81 47.56
C LEU D 36 -61.46 -8.00 46.35
N CYS D 37 -61.15 -8.68 45.25
CA CYS D 37 -60.77 -8.02 44.01
C CYS D 37 -61.92 -8.09 43.02
N VAL D 38 -62.28 -6.96 42.47
CA VAL D 38 -63.29 -6.92 41.44
C VAL D 38 -62.57 -7.08 40.11
N GLY D 39 -62.83 -8.18 39.42
CA GLY D 39 -62.20 -8.47 38.15
C GLY D 39 -61.07 -9.49 38.25
N PHE D 40 -61.01 -10.44 37.33
CA PHE D 40 -59.84 -11.30 37.29
C PHE D 40 -59.22 -11.22 35.90
N GLY D 41 -58.78 -10.02 35.53
CA GLY D 41 -57.97 -9.81 34.36
C GLY D 41 -56.51 -9.78 34.75
N PRO D 42 -55.64 -9.36 33.83
CA PRO D 42 -54.19 -9.42 34.12
C PRO D 42 -53.81 -8.67 35.40
N ALA D 43 -54.44 -7.52 35.68
CA ALA D 43 -54.04 -6.73 36.85
C ALA D 43 -54.27 -7.52 38.13
N SER D 44 -55.44 -8.14 38.26
CA SER D 44 -55.68 -8.95 39.44
C SER D 44 -54.85 -10.23 39.42
N LEU D 45 -54.64 -10.82 38.23
CA LEU D 45 -53.88 -12.08 38.15
C LEU D 45 -52.47 -11.91 38.68
N ALA D 46 -51.83 -10.79 38.38
CA ALA D 46 -50.48 -10.53 38.89
C ALA D 46 -50.49 -10.39 40.41
N ILE D 47 -51.56 -9.83 40.97
CA ILE D 47 -51.68 -9.74 42.43
C ILE D 47 -51.79 -11.14 43.05
N ALA D 48 -52.68 -11.98 42.50
CA ALA D 48 -52.81 -13.34 43.04
C ALA D 48 -51.51 -14.10 42.90
N ILE D 49 -50.84 -13.96 41.74
CA ILE D 49 -49.54 -14.58 41.55
C ILE D 49 -48.55 -14.03 42.57
N ALA D 50 -48.54 -12.71 42.76
CA ALA D 50 -47.62 -12.12 43.73
C ALA D 50 -47.90 -12.61 45.15
N LEU D 51 -49.16 -12.80 45.50
CA LEU D 51 -49.49 -13.30 46.82
C LEU D 51 -49.00 -14.73 47.00
N HIS D 52 -49.22 -15.58 45.99
CA HIS D 52 -48.66 -16.93 46.03
C HIS D 52 -47.16 -16.89 46.27
N ASP D 53 -46.44 -16.12 45.45
CA ASP D 53 -44.99 -16.06 45.58
C ASP D 53 -44.54 -15.45 46.92
N ALA D 54 -45.32 -14.55 47.50
CA ALA D 54 -44.98 -14.05 48.83
C ALA D 54 -45.13 -15.13 49.89
N LEU D 55 -46.04 -16.06 49.69
CA LEU D 55 -46.33 -17.09 50.68
C LEU D 55 -45.50 -18.35 50.48
N ASP D 56 -44.63 -18.38 49.47
CA ASP D 56 -43.83 -19.55 49.20
C ASP D 56 -42.50 -19.42 49.93
N PRO D 57 -42.20 -20.28 50.91
CA PRO D 57 -40.91 -20.18 51.61
C PRO D 57 -39.73 -20.32 50.67
N ARG D 58 -39.95 -20.93 49.51
CA ARG D 58 -38.92 -21.06 48.49
C ARG D 58 -38.45 -19.71 47.94
N LEU D 59 -39.33 -18.69 47.91
CA LEU D 59 -38.96 -17.41 47.33
C LEU D 59 -38.79 -16.27 48.33
N ASN D 60 -39.33 -16.36 49.55
CA ASN D 60 -39.23 -15.30 50.56
C ASN D 60 -38.70 -15.86 51.88
N LYS D 61 -38.57 -14.97 52.88
CA LYS D 61 -38.03 -15.34 54.19
C LYS D 61 -38.92 -16.33 54.93
N GLN D 69 -52.62 -17.92 55.74
CA GLN D 69 -52.87 -17.26 54.47
C GLN D 69 -54.00 -16.27 54.61
N PRO D 70 -53.82 -15.07 54.06
CA PRO D 70 -54.90 -14.07 54.09
C PRO D 70 -56.14 -14.56 53.38
N LYS D 71 -57.28 -14.00 53.79
CA LYS D 71 -58.57 -14.39 53.22
C LYS D 71 -58.85 -13.52 52.00
N ILE D 72 -58.74 -14.14 50.82
CA ILE D 72 -58.78 -13.47 49.53
C ILE D 72 -59.83 -14.11 48.64
N CYS D 73 -60.49 -13.29 47.81
CA CYS D 73 -61.36 -13.83 46.77
C CYS D 73 -61.48 -12.81 45.64
N PHE D 74 -61.60 -13.34 44.42
CA PHE D 74 -61.65 -12.56 43.19
C PHE D 74 -63.01 -12.76 42.53
N LEU D 75 -63.58 -11.69 41.99
CA LEU D 75 -64.87 -11.75 41.29
C LEU D 75 -64.71 -11.32 39.84
N GLU D 76 -65.16 -12.16 38.90
CA GLU D 76 -64.98 -11.91 37.47
C GLU D 76 -66.28 -12.11 36.72
N ARG D 77 -66.62 -11.13 35.88
CA ARG D 77 -67.91 -11.13 35.18
C ARG D 77 -67.97 -12.21 34.10
N GLN D 78 -66.87 -12.47 33.41
CA GLN D 78 -66.83 -13.48 32.35
C GLN D 78 -66.93 -14.88 32.96
N LYS D 79 -67.45 -15.84 32.17
CA LYS D 79 -67.69 -17.18 32.68
C LYS D 79 -66.40 -17.94 32.96
N GLN D 80 -65.28 -17.50 32.40
CA GLN D 80 -63.96 -18.05 32.68
C GLN D 80 -62.92 -17.00 32.24
N PHE D 81 -61.67 -17.23 32.60
CA PHE D 81 -60.64 -16.27 32.25
C PHE D 81 -60.52 -16.11 30.73
N ALA D 82 -60.48 -14.86 30.27
CA ALA D 82 -60.26 -14.52 28.87
C ALA D 82 -59.70 -13.10 28.78
N TRP D 83 -58.81 -12.89 27.80
CA TRP D 83 -58.09 -11.63 27.63
C TRP D 83 -58.44 -11.02 26.26
N HIS D 84 -59.40 -10.10 26.27
CA HIS D 84 -59.79 -9.34 25.09
C HIS D 84 -60.00 -10.28 23.90
N SER D 85 -60.83 -11.31 24.10
CA SER D 85 -61.03 -12.34 23.09
C SER D 85 -61.72 -11.79 21.84
N GLY D 86 -62.42 -10.67 21.97
CA GLY D 86 -62.97 -10.03 20.81
C GLY D 86 -61.90 -9.50 19.88
N MET D 87 -60.64 -9.41 20.34
CA MET D 87 -59.58 -8.91 19.49
C MET D 87 -58.41 -9.88 19.34
N LEU D 88 -58.65 -11.17 19.54
CA LEU D 88 -57.65 -12.20 19.28
C LEU D 88 -57.62 -12.48 17.78
N VAL D 89 -57.12 -11.50 17.04
CA VAL D 89 -57.12 -11.57 15.56
C VAL D 89 -56.05 -12.54 15.11
N PRO D 90 -56.33 -13.41 14.14
CA PRO D 90 -55.29 -14.32 13.65
C PRO D 90 -54.07 -13.52 13.25
N GLY D 91 -52.89 -13.99 13.67
CA GLY D 91 -51.65 -13.29 13.38
C GLY D 91 -51.35 -12.10 14.28
N SER D 92 -52.26 -11.74 15.20
CA SER D 92 -51.97 -10.60 16.05
C SER D 92 -50.87 -10.96 17.03
N LYS D 93 -49.96 -10.03 17.25
CA LYS D 93 -48.77 -10.25 18.06
C LYS D 93 -48.90 -9.44 19.35
N MET D 94 -48.13 -9.82 20.37
CA MET D 94 -47.99 -8.97 21.53
C MET D 94 -47.16 -7.76 21.15
N GLN D 95 -47.41 -6.66 21.86
CA GLN D 95 -46.68 -5.42 21.60
C GLN D 95 -45.81 -5.03 22.80
N ILE D 96 -45.35 -6.04 23.54
CA ILE D 96 -44.49 -5.85 24.69
C ILE D 96 -43.65 -7.12 24.79
N SER D 97 -42.38 -6.97 25.19
CA SER D 97 -41.49 -8.12 25.32
C SER D 97 -42.05 -9.12 26.33
N PHE D 98 -41.89 -10.42 26.05
CA PHE D 98 -42.41 -11.44 26.96
C PHE D 98 -41.78 -11.38 28.35
N ILE D 99 -40.62 -10.74 28.50
CA ILE D 99 -40.01 -10.60 29.81
C ILE D 99 -40.92 -9.79 30.73
N LYS D 100 -41.75 -8.92 30.16
CA LYS D 100 -42.73 -8.13 30.90
C LYS D 100 -44.03 -8.90 31.12
N ASP D 101 -43.86 -10.15 31.50
CA ASP D 101 -44.96 -11.05 31.83
C ASP D 101 -45.43 -10.80 33.26
N LEU D 102 -46.17 -11.74 33.84
CA LEU D 102 -46.83 -11.55 35.12
C LEU D 102 -45.94 -11.87 36.32
N ALA D 103 -44.65 -12.15 36.13
CA ALA D 103 -43.80 -12.46 37.28
C ALA D 103 -42.35 -12.00 37.11
N THR D 104 -41.84 -12.07 35.88
CA THR D 104 -40.39 -12.07 35.67
C THR D 104 -39.73 -10.80 36.18
N LEU D 105 -40.33 -9.62 35.96
CA LEU D 105 -39.66 -8.43 36.44
C LEU D 105 -39.62 -8.35 37.96
N ARG D 106 -40.52 -9.07 38.65
CA ARG D 106 -40.47 -9.10 40.10
C ARG D 106 -39.55 -10.21 40.57
N ASP D 107 -39.59 -11.37 39.93
CA ASP D 107 -38.68 -12.46 40.26
C ASP D 107 -38.63 -13.47 39.11
N PRO D 108 -37.53 -13.51 38.37
CA PRO D 108 -37.44 -14.49 37.27
C PRO D 108 -37.61 -15.93 37.71
N ARG D 109 -37.44 -16.23 39.01
CA ARG D 109 -37.55 -17.61 39.47
C ARG D 109 -38.98 -18.11 39.68
N SER D 110 -40.00 -17.27 39.58
CA SER D 110 -41.37 -17.70 39.82
C SER D 110 -41.77 -18.78 38.82
N SER D 111 -42.70 -19.66 39.24
CA SER D 111 -43.25 -20.64 38.31
C SER D 111 -44.23 -20.01 37.32
N PHE D 112 -44.61 -18.75 37.51
CA PHE D 112 -45.61 -18.12 36.66
C PHE D 112 -44.98 -17.28 35.56
N THR D 113 -43.68 -17.46 35.30
CA THR D 113 -43.04 -16.79 34.19
C THR D 113 -43.51 -17.38 32.85
N PHE D 114 -43.38 -16.57 31.79
CA PHE D 114 -43.75 -17.04 30.46
C PHE D 114 -42.80 -18.15 30.00
N LEU D 115 -41.51 -18.03 30.33
CA LEU D 115 -40.57 -19.07 29.94
C LEU D 115 -40.85 -20.38 30.66
N ASN D 116 -41.30 -20.33 31.91
CA ASN D 116 -41.64 -21.57 32.61
C ASN D 116 -42.90 -22.21 32.05
N TYR D 117 -43.89 -21.38 31.69
CA TYR D 117 -45.11 -21.88 31.06
C TYR D 117 -44.78 -22.67 29.80
N LEU D 118 -43.89 -22.14 28.98
CA LEU D 118 -43.48 -22.86 27.78
C LEU D 118 -42.88 -24.21 28.14
N HIS D 119 -42.05 -24.24 29.21
CA HIS D 119 -41.44 -25.47 29.67
C HIS D 119 -42.47 -26.47 30.13
N GLN D 120 -43.48 -26.00 30.87
CA GLN D 120 -44.54 -26.91 31.29
C GLN D 120 -45.32 -27.45 30.10
N LYS D 121 -45.43 -26.65 29.03
CA LYS D 121 -46.11 -27.08 27.84
C LYS D 121 -45.19 -27.82 26.87
N GLY D 122 -43.91 -27.99 27.23
CA GLY D 122 -43.01 -28.67 26.32
C GLY D 122 -42.71 -27.92 25.04
N ARG D 123 -42.65 -26.61 25.10
CA ARG D 123 -42.51 -25.82 23.89
C ARG D 123 -41.34 -24.86 23.94
N LEU D 124 -40.55 -24.86 25.02
CA LEU D 124 -39.58 -23.78 25.25
C LEU D 124 -38.50 -23.73 24.17
N ILE D 125 -37.91 -24.88 23.84
CA ILE D 125 -36.90 -24.90 22.78
C ILE D 125 -37.53 -24.48 21.46
N HIS D 126 -38.80 -24.82 21.24
CA HIS D 126 -39.44 -24.43 19.98
C HIS D 126 -39.71 -22.93 19.93
N PHE D 127 -40.08 -22.33 21.07
CA PHE D 127 -40.25 -20.88 21.09
C PHE D 127 -38.89 -20.19 20.95
N THR D 128 -37.84 -20.77 21.53
CA THR D 128 -36.50 -20.20 21.39
C THR D 128 -36.13 -20.05 19.94
N ASN D 129 -36.41 -21.07 19.13
CA ASN D 129 -36.06 -20.98 17.72
C ASN D 129 -36.90 -19.99 16.97
N LEU D 130 -38.06 -19.57 17.52
CA LEU D 130 -38.85 -18.49 16.92
C LEU D 130 -38.08 -17.18 16.86
N SER D 131 -37.17 -16.95 17.81
CA SER D 131 -36.36 -15.73 17.91
C SER D 131 -37.21 -14.46 17.93
N THR D 132 -38.22 -14.43 18.81
CA THR D 132 -39.06 -13.24 18.94
C THR D 132 -39.41 -12.96 20.39
N PHE D 133 -39.45 -11.66 20.72
CA PHE D 133 -39.91 -11.24 22.03
C PHE D 133 -41.41 -11.09 22.09
N LEU D 134 -42.09 -11.26 20.95
CA LEU D 134 -43.47 -10.88 20.77
C LEU D 134 -44.23 -12.15 20.40
N PRO D 135 -44.74 -12.88 21.38
CA PRO D 135 -45.55 -14.05 21.06
C PRO D 135 -46.87 -13.60 20.44
N ALA D 136 -47.53 -14.55 19.78
CA ALA D 136 -48.88 -14.32 19.30
C ALA D 136 -49.83 -13.97 20.45
N ARG D 137 -50.80 -13.09 20.17
CA ARG D 137 -51.81 -12.80 21.19
C ARG D 137 -52.54 -14.07 21.58
N LEU D 138 -52.75 -14.97 20.63
CA LEU D 138 -53.37 -16.23 20.99
C LEU D 138 -52.55 -16.97 22.04
N GLU D 139 -51.22 -16.99 21.86
CA GLU D 139 -50.37 -17.76 22.78
C GLU D 139 -50.26 -17.09 24.15
N PHE D 140 -50.09 -15.76 24.17
CA PHE D 140 -49.93 -15.08 25.45
C PHE D 140 -51.20 -15.16 26.28
N GLU D 141 -52.37 -15.17 25.64
CA GLU D 141 -53.60 -15.39 26.39
C GLU D 141 -53.58 -16.76 27.03
N ASP D 142 -53.06 -17.75 26.30
CA ASP D 142 -53.02 -19.10 26.83
C ASP D 142 -52.13 -19.20 28.04
N TYR D 143 -51.03 -18.46 28.05
CA TYR D 143 -50.18 -18.42 29.24
C TYR D 143 -50.95 -17.91 30.47
N MET D 144 -51.76 -16.86 30.30
CA MET D 144 -52.46 -16.30 31.45
C MET D 144 -53.59 -17.20 31.89
N ARG D 145 -54.22 -17.87 30.92
CA ARG D 145 -55.19 -18.91 31.26
C ARG D 145 -54.52 -20.00 32.07
N TRP D 146 -53.30 -20.38 31.69
CA TRP D 146 -52.54 -21.35 32.44
C TRP D 146 -52.24 -20.82 33.84
N CYS D 147 -51.92 -19.53 33.95
CA CYS D 147 -51.76 -18.94 35.29
C CYS D 147 -53.10 -18.89 36.03
N ALA D 148 -54.14 -18.37 35.37
CA ALA D 148 -55.39 -18.11 36.07
C ALA D 148 -56.00 -19.39 36.63
N GLN D 149 -55.85 -20.50 35.91
CA GLN D 149 -56.49 -21.74 36.35
C GLN D 149 -55.91 -22.24 37.66
N GLN D 150 -54.69 -21.84 38.00
CA GLN D 150 -54.12 -22.24 39.28
C GLN D 150 -54.71 -21.50 40.47
N PHE D 151 -55.57 -20.52 40.25
CA PHE D 151 -56.25 -19.77 41.31
C PHE D 151 -57.75 -19.98 41.27
N SER D 152 -58.19 -21.03 40.57
CA SER D 152 -59.60 -21.26 40.34
C SER D 152 -60.38 -21.36 41.65
N ASP D 153 -59.69 -21.71 42.72
CA ASP D 153 -60.33 -21.89 44.02
C ASP D 153 -60.72 -20.57 44.68
N VAL D 154 -60.13 -19.44 44.28
CA VAL D 154 -60.41 -18.15 44.90
C VAL D 154 -61.07 -17.17 43.92
N VAL D 155 -61.50 -17.64 42.77
CA VAL D 155 -62.13 -16.79 41.75
C VAL D 155 -63.55 -17.29 41.51
N ALA D 156 -64.51 -16.38 41.56
CA ALA D 156 -65.90 -16.68 41.27
C ALA D 156 -66.27 -16.04 39.93
N TYR D 157 -66.40 -16.87 38.89
CA TYR D 157 -66.67 -16.39 37.54
C TYR D 157 -68.16 -16.19 37.31
N GLY D 158 -68.48 -15.45 36.25
CA GLY D 158 -69.85 -15.11 35.98
C GLY D 158 -70.46 -14.22 37.04
N GLU D 159 -69.65 -13.38 37.69
CA GLU D 159 -70.09 -12.53 38.80
C GLU D 159 -69.84 -11.08 38.46
N GLU D 160 -70.91 -10.32 38.27
CA GLU D 160 -70.83 -8.90 37.94
C GLU D 160 -70.99 -8.08 39.22
N VAL D 161 -69.89 -7.51 39.72
CA VAL D 161 -69.99 -6.63 40.88
C VAL D 161 -70.70 -5.36 40.46
N VAL D 162 -71.70 -4.97 41.24
CA VAL D 162 -72.51 -3.80 40.89
C VAL D 162 -72.45 -2.69 41.92
N GLU D 163 -72.08 -2.96 43.17
CA GLU D 163 -71.97 -1.89 44.15
C GLU D 163 -71.06 -2.31 45.29
N VAL D 164 -70.39 -1.32 45.87
CA VAL D 164 -69.65 -1.46 47.13
C VAL D 164 -70.26 -0.52 48.16
N ILE D 165 -70.58 -1.07 49.33
CA ILE D 165 -71.48 -0.45 50.30
C ILE D 165 -70.70 -0.30 51.61
N PRO D 166 -70.71 0.87 52.26
CA PRO D 166 -69.96 1.00 53.51
C PRO D 166 -70.55 0.09 54.57
N GLY D 167 -69.71 -0.25 55.54
CA GLY D 167 -70.13 -1.06 56.66
C GLY D 167 -69.45 -0.61 57.93
N LYS D 168 -70.17 -0.75 59.04
CA LYS D 168 -69.65 -0.38 60.34
C LYS D 168 -69.81 -1.55 61.29
N SER D 169 -68.68 -2.10 61.74
CA SER D 169 -68.72 -3.22 62.67
C SER D 169 -69.18 -2.80 64.08
N ASP D 170 -69.00 -1.54 64.48
CA ASP D 170 -69.49 -1.10 65.79
C ASP D 170 -70.62 -0.08 65.59
N PRO D 171 -71.85 -0.41 66.01
CA PRO D 171 -72.93 0.61 66.01
C PRO D 171 -72.54 1.94 66.64
N SER D 172 -71.97 1.91 67.86
CA SER D 172 -71.71 3.14 68.60
C SER D 172 -70.64 4.00 67.92
N SER D 173 -69.64 3.38 67.32
CA SER D 173 -68.65 4.12 66.56
C SER D 173 -69.24 4.53 65.23
N SER D 174 -68.78 5.68 64.72
CA SER D 174 -69.24 6.17 63.43
C SER D 174 -68.26 5.90 62.31
N VAL D 175 -67.20 5.13 62.55
CA VAL D 175 -66.17 4.89 61.52
C VAL D 175 -66.41 3.54 60.83
N VAL D 176 -66.32 3.56 59.50
CA VAL D 176 -66.45 2.39 58.64
C VAL D 176 -65.18 1.55 58.68
N ASP D 177 -65.33 0.23 58.88
CA ASP D 177 -64.16 -0.64 58.96
C ASP D 177 -64.27 -1.87 58.06
N PHE D 178 -65.30 -1.97 57.23
CA PHE D 178 -65.34 -2.96 56.16
C PHE D 178 -66.28 -2.49 55.07
N PHE D 179 -66.32 -3.27 53.98
CA PHE D 179 -67.18 -3.00 52.83
C PHE D 179 -67.92 -4.27 52.44
N THR D 180 -69.15 -4.08 51.97
CA THR D 180 -69.94 -5.16 51.40
C THR D 180 -69.95 -5.03 49.89
N VAL D 181 -69.43 -6.04 49.20
CA VAL D 181 -69.35 -6.06 47.74
C VAL D 181 -70.49 -6.93 47.24
N ARG D 182 -71.36 -6.35 46.43
CA ARG D 182 -72.52 -7.07 45.92
C ARG D 182 -72.34 -7.33 44.44
N SER D 183 -72.57 -8.58 44.03
CA SER D 183 -72.36 -8.99 42.65
C SER D 183 -73.59 -9.70 42.13
N ARG D 184 -73.92 -9.42 40.88
CA ARG D 184 -75.03 -10.05 40.19
C ARG D 184 -74.50 -11.20 39.33
N ASN D 185 -75.08 -12.38 39.49
CA ASN D 185 -74.70 -13.53 38.68
C ASN D 185 -75.27 -13.40 37.27
N VAL D 186 -74.40 -13.49 36.26
CA VAL D 186 -74.83 -13.26 34.89
C VAL D 186 -75.75 -14.36 34.37
N GLU D 187 -75.76 -15.53 35.02
CA GLU D 187 -76.62 -16.63 34.58
C GLU D 187 -78.00 -16.57 35.22
N THR D 188 -78.04 -16.44 36.55
CA THR D 188 -79.26 -16.54 37.33
C THR D 188 -79.84 -15.20 37.74
N GLY D 189 -79.03 -14.15 37.73
CA GLY D 189 -79.48 -12.89 38.26
C GLY D 189 -79.46 -12.80 39.77
N GLU D 190 -79.05 -13.86 40.47
CA GLU D 190 -79.06 -13.82 41.91
C GLU D 190 -77.99 -12.85 42.43
N ILE D 191 -78.35 -12.08 43.44
CA ILE D 191 -77.43 -11.09 44.01
C ILE D 191 -76.69 -11.75 45.16
N SER D 192 -75.39 -11.53 45.22
CA SER D 192 -74.53 -12.08 46.25
C SER D 192 -73.78 -10.94 46.92
N ALA D 193 -73.73 -10.96 48.25
CA ALA D 193 -72.98 -9.96 49.00
C ALA D 193 -71.81 -10.63 49.71
N ARG D 194 -70.64 -9.97 49.67
CA ARG D 194 -69.45 -10.43 50.39
C ARG D 194 -68.83 -9.27 51.16
N ARG D 195 -68.38 -9.55 52.38
CA ARG D 195 -67.79 -8.55 53.25
C ARG D 195 -66.28 -8.67 53.22
N THR D 196 -65.60 -7.53 53.18
CA THR D 196 -64.15 -7.49 53.13
C THR D 196 -63.64 -6.24 53.81
N ARG D 197 -62.43 -6.33 54.38
CA ARG D 197 -61.80 -5.15 54.94
C ARG D 197 -61.23 -4.27 53.85
N LYS D 198 -60.80 -4.85 52.73
CA LYS D 198 -60.16 -4.11 51.67
C LYS D 198 -60.67 -4.57 50.31
N VAL D 199 -60.70 -3.62 49.38
CA VAL D 199 -61.27 -3.83 48.05
C VAL D 199 -60.27 -3.34 47.04
N VAL D 200 -60.06 -4.14 45.97
CA VAL D 200 -59.30 -3.72 44.79
C VAL D 200 -60.27 -3.67 43.62
N ILE D 201 -60.28 -2.57 42.89
CA ILE D 201 -61.07 -2.41 41.68
C ILE D 201 -60.09 -2.51 40.53
N ALA D 202 -60.21 -3.59 39.71
CA ALA D 202 -59.32 -3.84 38.56
C ALA D 202 -60.19 -4.34 37.39
N ILE D 203 -60.92 -3.42 36.77
CA ILE D 203 -61.96 -3.76 35.82
C ILE D 203 -61.64 -3.29 34.41
N GLY D 204 -60.39 -2.94 34.12
CA GLY D 204 -60.02 -2.61 32.74
C GLY D 204 -60.74 -1.39 32.20
N GLY D 205 -61.28 -1.51 30.98
CA GLY D 205 -61.91 -0.39 30.33
C GLY D 205 -63.30 -0.73 29.82
N THR D 206 -64.06 0.31 29.52
CA THR D 206 -65.29 0.19 28.76
C THR D 206 -65.08 0.81 27.39
N ALA D 207 -65.74 0.22 26.39
CA ALA D 207 -65.61 0.67 25.02
C ALA D 207 -66.01 2.14 24.89
N LYS D 208 -65.15 2.94 24.27
CA LYS D 208 -65.45 4.35 24.04
C LYS D 208 -65.97 4.51 22.62
N MET D 209 -67.20 5.07 22.49
CA MET D 209 -67.80 5.29 21.18
C MET D 209 -67.87 6.79 20.90
N PRO D 210 -67.70 7.20 19.64
CA PRO D 210 -67.94 8.61 19.28
C PRO D 210 -69.41 8.96 19.47
N SER D 211 -69.65 10.16 20.03
CA SER D 211 -71.00 10.53 20.45
C SER D 211 -71.98 10.58 19.28
N GLY D 212 -71.55 11.11 18.13
CA GLY D 212 -72.48 11.30 17.04
C GLY D 212 -72.90 10.04 16.30
N LEU D 213 -72.29 8.86 16.63
CA LEU D 213 -72.71 7.60 16.04
C LEU D 213 -73.93 7.03 16.76
N PRO D 214 -74.89 6.51 16.02
CA PRO D 214 -76.10 5.92 16.60
C PRO D 214 -75.89 4.46 16.98
N GLN D 215 -76.85 3.94 17.73
CA GLN D 215 -76.88 2.55 18.13
C GLN D 215 -77.47 1.69 17.01
N ASP D 216 -76.74 0.64 16.63
CA ASP D 216 -77.23 -0.25 15.59
C ASP D 216 -76.43 -1.54 15.61
N PRO D 217 -77.07 -2.71 15.45
CA PRO D 217 -76.29 -3.96 15.44
C PRO D 217 -75.20 -4.01 14.38
N ARG D 218 -75.33 -3.24 13.30
CA ARG D 218 -74.28 -3.20 12.30
C ARG D 218 -73.18 -2.21 12.65
N ILE D 219 -73.24 -1.63 13.84
CA ILE D 219 -72.20 -0.76 14.38
C ILE D 219 -71.64 -1.46 15.60
N ILE D 220 -70.43 -2.03 15.47
CA ILE D 220 -69.86 -2.92 16.47
C ILE D 220 -68.50 -2.39 16.89
N HIS D 221 -68.30 -2.22 18.20
CA HIS D 221 -67.01 -1.80 18.71
C HIS D 221 -65.97 -2.89 18.50
N SER D 222 -64.70 -2.49 18.41
CA SER D 222 -63.62 -3.45 18.14
C SER D 222 -63.51 -4.52 19.21
N SER D 223 -63.83 -4.17 20.47
CA SER D 223 -63.79 -5.14 21.56
C SER D 223 -64.72 -6.33 21.29
N LYS D 224 -65.64 -6.20 20.34
CA LYS D 224 -66.56 -7.27 20.02
C LYS D 224 -66.37 -7.77 18.59
N TYR D 225 -65.18 -7.59 18.01
CA TYR D 225 -64.96 -7.95 16.62
C TYR D 225 -65.07 -9.45 16.39
N CYS D 226 -64.17 -10.24 16.98
CA CYS D 226 -64.14 -11.67 16.73
C CYS D 226 -65.39 -12.37 17.26
N THR D 227 -66.02 -11.81 18.29
CA THR D 227 -67.12 -12.48 18.96
C THR D 227 -68.48 -12.15 18.34
N THR D 228 -68.62 -11.00 17.69
CA THR D 228 -69.92 -10.54 17.17
C THR D 228 -69.98 -10.44 15.65
N LEU D 229 -68.93 -9.95 15.00
CA LEU D 229 -69.05 -9.69 13.57
C LEU D 229 -69.37 -10.94 12.76
N PRO D 230 -68.74 -12.10 12.98
CA PRO D 230 -69.15 -13.29 12.21
C PRO D 230 -70.62 -13.64 12.40
N ALA D 231 -71.18 -13.41 13.59
CA ALA D 231 -72.60 -13.65 13.78
C ALA D 231 -73.47 -12.69 12.99
N LEU D 232 -72.94 -11.50 12.64
CA LEU D 232 -73.67 -10.55 11.81
C LEU D 232 -73.51 -10.87 10.33
N LEU D 233 -72.28 -11.14 9.89
CA LEU D 233 -71.98 -11.43 8.49
C LEU D 233 -71.58 -12.90 8.43
N LYS D 234 -72.59 -13.76 8.26
CA LYS D 234 -72.36 -15.19 8.41
C LYS D 234 -71.62 -15.79 7.23
N ASP D 235 -71.87 -15.28 6.03
CA ASP D 235 -71.35 -15.88 4.81
C ASP D 235 -70.06 -15.15 4.44
N LYS D 236 -68.93 -15.83 4.61
CA LYS D 236 -67.63 -15.20 4.41
C LYS D 236 -67.34 -14.83 2.95
N SER D 237 -68.08 -15.41 1.98
CA SER D 237 -67.73 -15.20 0.60
C SER D 237 -68.57 -14.14 -0.13
N LYS D 238 -69.63 -13.61 0.49
CA LYS D 238 -70.42 -12.57 -0.17
C LYS D 238 -69.64 -11.25 -0.17
N PRO D 239 -69.80 -10.41 -1.24
CA PRO D 239 -69.04 -9.13 -1.36
C PRO D 239 -69.58 -7.99 -0.50
N TYR D 240 -69.39 -8.14 0.81
CA TYR D 240 -69.83 -7.12 1.75
C TYR D 240 -69.04 -5.83 1.62
N ASN D 241 -69.68 -4.72 1.94
CA ASN D 241 -68.99 -3.48 2.24
C ASN D 241 -68.90 -3.34 3.75
N ILE D 242 -67.68 -3.30 4.28
CA ILE D 242 -67.43 -3.18 5.72
C ILE D 242 -66.49 -2.01 5.95
N ALA D 243 -66.88 -1.09 6.83
CA ALA D 243 -66.07 0.07 7.15
C ALA D 243 -65.44 -0.05 8.53
N VAL D 244 -64.29 0.57 8.69
CA VAL D 244 -63.54 0.56 9.94
C VAL D 244 -63.19 2.00 10.30
N LEU D 245 -63.53 2.41 11.52
CA LEU D 245 -63.34 3.79 11.93
C LEU D 245 -62.20 3.86 12.94
N GLY D 246 -61.14 4.60 12.59
CA GLY D 246 -59.97 4.69 13.43
C GLY D 246 -58.65 4.57 12.71
N SER D 247 -57.56 4.81 13.42
CA SER D 247 -56.23 4.81 12.83
C SER D 247 -55.20 4.23 13.77
N GLY D 248 -55.63 3.59 14.86
CA GLY D 248 -54.72 2.97 15.78
C GLY D 248 -54.56 1.48 15.51
N GLN D 249 -53.92 0.81 16.46
CA GLN D 249 -53.54 -0.58 16.28
C GLN D 249 -54.76 -1.45 15.98
N SER D 250 -55.86 -1.25 16.72
CA SER D 250 -57.03 -2.11 16.53
C SER D 250 -57.68 -1.90 15.17
N ALA D 251 -57.73 -0.65 14.69
CA ALA D 251 -58.33 -0.37 13.39
C ALA D 251 -57.52 -1.03 12.27
N ALA D 252 -56.20 -0.89 12.32
CA ALA D 252 -55.35 -1.51 11.32
C ALA D 252 -55.46 -3.03 11.40
N GLU D 253 -55.50 -3.59 12.60
CA GLU D 253 -55.63 -5.04 12.72
C GLU D 253 -56.94 -5.55 12.14
N ILE D 254 -58.04 -4.80 12.36
CA ILE D 254 -59.34 -5.22 11.86
C ILE D 254 -59.44 -5.00 10.35
N PHE D 255 -58.98 -3.84 9.87
CA PHE D 255 -58.92 -3.53 8.44
C PHE D 255 -58.14 -4.59 7.66
N HIS D 256 -56.95 -4.97 8.17
CA HIS D 256 -56.15 -6.00 7.53
C HIS D 256 -56.84 -7.35 7.60
N ASP D 257 -57.42 -7.68 8.76
CA ASP D 257 -58.01 -9.00 8.92
C ASP D 257 -59.24 -9.18 8.05
N LEU D 258 -60.09 -8.15 7.92
CA LEU D 258 -61.30 -8.25 7.10
C LEU D 258 -60.98 -8.67 5.68
N GLN D 259 -59.86 -8.18 5.15
CA GLN D 259 -59.52 -8.46 3.76
C GLN D 259 -59.18 -9.93 3.55
N LYS D 260 -58.68 -10.60 4.59
CA LYS D 260 -58.45 -12.04 4.54
C LYS D 260 -59.69 -12.85 4.95
N ARG D 261 -60.45 -12.35 5.94
CA ARG D 261 -61.61 -13.07 6.44
C ARG D 261 -62.75 -13.04 5.44
N TYR D 262 -63.02 -11.89 4.82
CA TYR D 262 -64.03 -11.77 3.77
C TYR D 262 -63.32 -11.36 2.49
N PRO D 263 -62.69 -12.31 1.78
CA PRO D 263 -61.79 -11.94 0.70
C PRO D 263 -62.49 -11.27 -0.46
N ASN D 264 -63.81 -11.33 -0.53
CA ASN D 264 -64.55 -10.68 -1.59
C ASN D 264 -65.19 -9.37 -1.15
N SER D 265 -64.95 -8.94 0.09
CA SER D 265 -65.55 -7.72 0.62
C SER D 265 -64.83 -6.48 0.09
N ARG D 266 -65.47 -5.33 0.25
CA ARG D 266 -64.80 -4.05 0.03
C ARG D 266 -64.72 -3.32 1.38
N THR D 267 -63.51 -3.15 1.89
CA THR D 267 -63.33 -2.53 3.19
C THR D 267 -62.83 -1.10 3.03
N THR D 268 -63.20 -0.26 4.00
CA THR D 268 -62.88 1.15 4.00
C THR D 268 -62.38 1.52 5.39
N LEU D 269 -61.16 2.04 5.48
CA LEU D 269 -60.61 2.55 6.75
C LEU D 269 -60.78 4.06 6.79
N ILE D 270 -61.52 4.55 7.78
CA ILE D 270 -61.86 5.97 7.91
C ILE D 270 -61.12 6.54 9.12
N MET D 271 -60.23 7.50 8.90
CA MET D 271 -59.43 8.06 9.98
C MET D 271 -59.48 9.58 9.95
N ARG D 272 -59.49 10.19 11.15
CA ARG D 272 -59.43 11.66 11.26
C ARG D 272 -58.03 12.17 10.94
N ASP D 273 -57.02 11.38 11.28
CA ASP D 273 -55.64 11.71 10.99
C ASP D 273 -55.36 11.54 9.50
N SER D 274 -54.24 12.11 9.05
CA SER D 274 -53.84 11.99 7.65
C SER D 274 -53.20 10.64 7.35
N ALA D 275 -52.67 9.95 8.36
CA ALA D 275 -51.96 8.71 8.15
C ALA D 275 -51.94 7.92 9.44
N MET D 276 -51.77 6.60 9.28
CA MET D 276 -51.40 5.71 10.36
C MET D 276 -49.96 5.99 10.78
N ARG D 277 -49.72 6.05 12.10
CA ARG D 277 -48.39 6.42 12.56
C ARG D 277 -47.80 5.30 13.41
N PRO D 278 -46.49 5.14 13.38
CA PRO D 278 -45.88 3.99 14.04
C PRO D 278 -45.84 4.16 15.55
N SER D 279 -46.10 3.06 16.26
CA SER D 279 -45.94 3.05 17.70
C SER D 279 -44.45 3.14 18.05
N ASP D 280 -44.17 3.81 19.16
CA ASP D 280 -42.80 4.16 19.56
C ASP D 280 -42.40 3.30 20.75
N ASP D 281 -41.44 2.39 20.52
CA ASP D 281 -40.82 1.61 21.59
C ASP D 281 -39.30 1.61 21.45
N SER D 282 -38.74 2.63 20.78
CA SER D 282 -37.32 2.95 20.80
C SER D 282 -36.80 3.02 22.24
N PRO D 283 -35.53 2.67 22.49
CA PRO D 283 -35.14 2.30 23.87
C PRO D 283 -35.10 3.44 24.91
N PHE D 284 -34.70 4.65 24.54
CA PHE D 284 -34.69 5.70 25.55
C PHE D 284 -36.11 6.14 25.88
N VAL D 285 -36.95 6.32 24.85
CA VAL D 285 -38.35 6.68 25.06
C VAL D 285 -39.04 5.63 25.92
N ASN D 286 -38.71 4.36 25.67
CA ASN D 286 -39.40 3.24 26.30
C ASN D 286 -39.11 3.09 27.79
N GLU D 287 -38.19 3.89 28.35
CA GLU D 287 -37.89 3.78 29.77
C GLU D 287 -39.04 4.29 30.64
N ILE D 288 -40.01 4.98 30.05
CA ILE D 288 -41.17 5.42 30.82
C ILE D 288 -41.99 4.25 31.35
N PHE D 289 -41.87 3.09 30.72
CA PHE D 289 -42.60 1.94 31.24
C PHE D 289 -41.79 1.16 32.26
N ASN D 290 -40.54 1.53 32.52
CA ASN D 290 -39.79 0.80 33.54
C ASN D 290 -40.50 0.94 34.88
N PRO D 291 -40.62 -0.14 35.66
CA PRO D 291 -41.31 -0.04 36.97
C PRO D 291 -40.71 0.98 37.91
N GLU D 292 -39.40 1.25 37.83
CA GLU D 292 -38.78 2.15 38.79
C GLU D 292 -39.09 3.60 38.48
N ARG D 293 -39.74 3.87 37.35
CA ARG D 293 -40.12 5.22 36.97
C ARG D 293 -41.42 5.68 37.59
N VAL D 294 -42.23 4.76 38.10
CA VAL D 294 -43.51 5.14 38.70
C VAL D 294 -43.33 6.10 39.86
N ASP D 295 -42.29 5.89 40.69
CA ASP D 295 -41.98 6.82 41.77
C ASP D 295 -41.75 8.23 41.24
N LYS D 296 -40.87 8.36 40.24
CA LYS D 296 -40.51 9.68 39.74
C LYS D 296 -41.68 10.35 39.03
N PHE D 297 -42.45 9.59 38.25
CA PHE D 297 -43.60 10.17 37.55
C PHE D 297 -44.67 10.64 38.54
N TYR D 298 -45.01 9.80 39.53
CA TYR D 298 -46.13 10.12 40.43
C TYR D 298 -45.91 11.42 41.17
N SER D 299 -44.66 11.67 41.59
CA SER D 299 -44.28 12.85 42.36
C SER D 299 -44.21 14.12 41.52
N GLN D 300 -44.42 14.04 40.21
CA GLN D 300 -44.42 15.25 39.41
C GLN D 300 -45.75 15.99 39.58
N SER D 301 -45.73 17.29 39.30
CA SER D 301 -46.95 18.06 39.41
C SER D 301 -47.91 17.67 38.28
N ALA D 302 -49.20 17.98 38.50
CA ALA D 302 -50.23 17.63 37.52
C ALA D 302 -49.90 18.20 36.16
N ALA D 303 -49.38 19.44 36.12
CA ALA D 303 -48.99 20.05 34.85
C ALA D 303 -47.86 19.26 34.19
N GLU D 304 -46.85 18.86 34.98
CA GLU D 304 -45.73 18.09 34.41
C GLU D 304 -46.20 16.71 33.93
N ARG D 305 -47.11 16.07 34.68
CA ARG D 305 -47.63 14.77 34.28
C ARG D 305 -48.46 14.90 33.01
N GLN D 306 -49.31 15.93 32.92
CA GLN D 306 -50.13 16.10 31.72
C GLN D 306 -49.26 16.37 30.51
N ARG D 307 -48.23 17.19 30.68
CA ARG D 307 -47.28 17.46 29.60
C ARG D 307 -46.50 16.19 29.25
N SER D 308 -46.16 15.38 30.26
CA SER D 308 -45.42 14.15 29.99
C SER D 308 -46.26 13.15 29.20
N LEU D 309 -47.54 12.98 29.57
CA LEU D 309 -48.41 12.06 28.84
C LEU D 309 -48.53 12.45 27.37
N LEU D 310 -48.67 13.74 27.09
CA LEU D 310 -48.83 14.23 25.72
C LEU D 310 -47.57 14.01 24.88
N ALA D 311 -46.41 14.33 25.42
CA ALA D 311 -45.16 14.22 24.68
C ALA D 311 -44.82 12.76 24.31
N ASP D 312 -45.27 11.79 25.11
CA ASP D 312 -44.99 10.37 24.83
C ASP D 312 -46.20 9.60 24.28
N LYS D 313 -47.21 10.33 23.77
CA LYS D 313 -48.45 9.70 23.31
C LYS D 313 -48.21 8.63 22.25
N ALA D 314 -47.19 8.80 21.41
CA ALA D 314 -46.91 7.88 20.31
C ALA D 314 -46.42 6.50 20.77
N THR D 315 -46.17 6.33 22.08
CA THR D 315 -45.86 5.02 22.64
C THR D 315 -47.08 4.14 22.84
N ASN D 316 -48.30 4.71 22.80
CA ASN D 316 -49.45 3.89 23.18
C ASN D 316 -50.77 4.22 22.48
N TYR D 317 -50.98 5.47 22.05
CA TYR D 317 -52.30 5.91 21.60
C TYR D 317 -52.30 6.31 20.13
N SER D 318 -53.33 5.84 19.41
CA SER D 318 -53.52 6.12 17.97
C SER D 318 -52.26 5.80 17.17
N VAL D 319 -51.67 4.65 17.45
CA VAL D 319 -50.46 4.23 16.77
C VAL D 319 -50.57 2.76 16.42
N VAL D 320 -49.82 2.36 15.40
CA VAL D 320 -49.83 1.00 14.91
C VAL D 320 -48.39 0.51 14.88
N ARG D 321 -48.20 -0.76 15.22
CA ARG D 321 -46.91 -1.41 15.02
C ARG D 321 -46.44 -1.21 13.58
N LEU D 322 -45.19 -0.72 13.43
CA LEU D 322 -44.66 -0.36 12.12
C LEU D 322 -44.79 -1.52 11.13
N GLU D 323 -44.54 -2.75 11.56
CA GLU D 323 -44.63 -3.89 10.65
C GLU D 323 -46.02 -4.00 10.04
N LEU D 324 -47.06 -3.72 10.82
CA LEU D 324 -48.40 -3.78 10.28
C LEU D 324 -48.63 -2.65 9.29
N ILE D 325 -48.19 -1.43 9.61
CA ILE D 325 -48.30 -0.31 8.67
C ILE D 325 -47.66 -0.67 7.34
N GLU D 326 -46.47 -1.25 7.38
CA GLU D 326 -45.76 -1.57 6.15
C GLU D 326 -46.49 -2.64 5.35
N GLU D 327 -47.10 -3.60 6.04
CA GLU D 327 -47.81 -4.66 5.32
C GLU D 327 -49.05 -4.10 4.63
N ILE D 328 -49.86 -3.33 5.38
CA ILE D 328 -51.02 -2.66 4.80
C ILE D 328 -50.59 -1.79 3.62
N TYR D 329 -49.45 -1.10 3.74
CA TYR D 329 -48.99 -0.28 2.62
C TYR D 329 -48.61 -1.14 1.41
N ASN D 330 -47.98 -2.28 1.63
CA ASN D 330 -47.65 -3.16 0.51
C ASN D 330 -48.93 -3.63 -0.18
N ASP D 331 -49.97 -3.90 0.59
CA ASP D 331 -51.24 -4.32 0.02
C ASP D 331 -51.87 -3.23 -0.84
N MET D 332 -51.81 -1.98 -0.38
CA MET D 332 -52.30 -0.88 -1.19
C MET D 332 -51.46 -0.71 -2.44
N TYR D 333 -50.14 -0.92 -2.33
CA TYR D 333 -49.30 -0.76 -3.50
C TYR D 333 -49.63 -1.81 -4.58
N LEU D 334 -49.85 -3.06 -4.16
CA LEU D 334 -50.18 -4.08 -5.16
C LEU D 334 -51.48 -3.72 -5.89
N GLN D 335 -52.46 -3.14 -5.17
CA GLN D 335 -53.68 -2.68 -5.84
C GLN D 335 -53.34 -1.59 -6.84
N ARG D 336 -52.36 -0.76 -6.53
CA ARG D 336 -51.96 0.26 -7.48
C ARG D 336 -51.29 -0.36 -8.71
N VAL D 337 -50.56 -1.45 -8.51
CA VAL D 337 -49.95 -2.18 -9.61
C VAL D 337 -51.02 -2.68 -10.58
N LYS D 338 -52.13 -3.17 -10.05
CA LYS D 338 -53.18 -3.78 -10.85
C LYS D 338 -54.08 -2.74 -11.51
N ASN D 339 -54.24 -1.58 -10.90
CA ASN D 339 -55.07 -0.48 -11.38
C ASN D 339 -54.54 0.82 -10.79
N PRO D 340 -54.12 1.78 -11.61
CA PRO D 340 -53.58 3.02 -11.03
C PRO D 340 -54.63 3.91 -10.40
N ASP D 341 -55.93 3.73 -10.70
CA ASP D 341 -56.95 4.63 -10.20
C ASP D 341 -57.46 4.18 -8.83
N GLU D 342 -57.07 4.94 -7.78
CA GLU D 342 -57.37 4.54 -6.40
C GLU D 342 -58.85 4.28 -6.18
N THR D 343 -59.72 5.07 -6.82
CA THR D 343 -61.13 5.02 -6.46
C THR D 343 -61.80 3.70 -6.83
N GLN D 344 -61.21 2.91 -7.74
CA GLN D 344 -61.78 1.64 -8.13
C GLN D 344 -61.23 0.47 -7.32
N TRP D 345 -60.39 0.75 -6.33
CA TRP D 345 -59.75 -0.29 -5.56
C TRP D 345 -60.76 -1.03 -4.68
N GLN D 346 -60.48 -2.32 -4.43
CA GLN D 346 -61.36 -3.10 -3.56
C GLN D 346 -61.35 -2.56 -2.13
N HIS D 347 -60.16 -2.31 -1.57
CA HIS D 347 -59.98 -1.91 -0.18
C HIS D 347 -59.32 -0.55 -0.18
N ARG D 348 -59.91 0.41 0.52
CA ARG D 348 -59.49 1.80 0.46
C ARG D 348 -59.25 2.38 1.84
N ILE D 349 -58.44 3.43 1.90
CA ILE D 349 -58.22 4.21 3.13
C ILE D 349 -58.61 5.65 2.85
N LEU D 350 -59.49 6.19 3.69
CA LEU D 350 -59.99 7.56 3.54
C LEU D 350 -59.50 8.43 4.69
N PRO D 351 -58.43 9.20 4.50
CA PRO D 351 -57.86 9.99 5.60
C PRO D 351 -58.53 11.36 5.77
N GLU D 352 -58.30 11.95 6.95
CA GLU D 352 -58.82 13.29 7.27
C GLU D 352 -60.31 13.35 6.92
N ARG D 353 -61.03 12.41 7.50
CA ARG D 353 -62.46 12.25 7.26
C ARG D 353 -63.13 12.27 8.62
N LYS D 354 -64.37 12.74 8.66
CA LYS D 354 -65.21 12.56 9.83
C LYS D 354 -66.59 12.15 9.36
N ILE D 355 -67.26 11.34 10.18
CA ILE D 355 -68.63 10.91 9.90
C ILE D 355 -69.60 12.00 10.34
N THR D 356 -70.41 12.49 9.40
CA THR D 356 -71.38 13.54 9.71
C THR D 356 -72.78 13.00 9.96
N ARG D 357 -73.09 11.78 9.54
CA ARG D 357 -74.42 11.20 9.71
C ARG D 357 -74.35 9.72 9.36
N VAL D 358 -75.18 8.92 10.03
CA VAL D 358 -75.37 7.51 9.67
C VAL D 358 -76.87 7.24 9.57
N GLU D 359 -77.34 6.87 8.37
CA GLU D 359 -78.73 6.49 8.13
C GLU D 359 -78.83 4.96 8.22
N HIS D 360 -79.71 4.47 9.11
CA HIS D 360 -79.78 3.04 9.39
C HIS D 360 -81.19 2.51 9.59
N HIS D 361 -82.23 3.30 9.31
CA HIS D 361 -83.60 2.86 9.47
C HIS D 361 -84.10 2.25 8.16
N GLY D 362 -84.95 1.23 8.27
CA GLY D 362 -85.54 0.59 7.12
C GLY D 362 -85.07 -0.84 6.89
N PRO D 363 -85.48 -1.43 5.76
CA PRO D 363 -85.15 -2.84 5.50
C PRO D 363 -83.82 -3.06 4.78
N GLN D 364 -83.34 -2.02 4.09
CA GLN D 364 -82.11 -2.15 3.30
C GLN D 364 -80.96 -2.64 4.17
N SER D 365 -80.25 -3.65 3.68
CA SER D 365 -79.26 -4.32 4.51
C SER D 365 -78.10 -3.43 4.89
N ARG D 366 -77.84 -2.37 4.12
CA ARG D 366 -76.64 -1.56 4.26
C ARG D 366 -76.98 -0.20 4.89
N MET D 367 -76.09 0.30 5.74
CA MET D 367 -76.21 1.64 6.27
C MET D 367 -75.53 2.65 5.33
N ARG D 368 -75.93 3.90 5.44
CA ARG D 368 -75.34 4.97 4.63
C ARG D 368 -74.53 5.88 5.56
N ILE D 369 -73.21 5.84 5.42
CA ILE D 369 -72.32 6.73 6.18
C ILE D 369 -72.08 7.98 5.36
N HIS D 370 -72.26 9.15 5.98
CA HIS D 370 -71.96 10.42 5.33
C HIS D 370 -70.65 10.99 5.89
N LEU D 371 -69.76 11.37 4.98
CA LEU D 371 -68.42 11.81 5.34
C LEU D 371 -68.16 13.22 4.84
N LYS D 372 -67.45 13.99 5.65
CA LYS D 372 -66.88 15.26 5.23
C LYS D 372 -65.41 15.26 5.63
N SER D 373 -64.64 16.14 5.00
CA SER D 373 -63.26 16.36 5.41
C SER D 373 -63.23 16.87 6.85
N SER D 374 -62.14 16.55 7.54
CA SER D 374 -61.94 16.91 8.93
C SER D 374 -61.25 18.25 9.09
N LYS D 375 -61.08 19.00 8.02
CA LYS D 375 -60.50 20.34 8.07
C LYS D 375 -61.41 21.36 8.79
N LYS D 386 -69.55 16.18 -0.22
CA LYS D 386 -70.50 15.15 0.21
C LYS D 386 -70.09 13.77 -0.31
N GLU D 387 -69.54 12.93 0.56
CA GLU D 387 -69.17 11.56 0.24
C GLU D 387 -70.00 10.61 1.08
N THR D 388 -70.46 9.49 0.48
CA THR D 388 -71.29 8.53 1.20
C THR D 388 -70.86 7.11 0.90
N LEU D 389 -70.94 6.25 1.93
CA LEU D 389 -70.67 4.82 1.82
C LEU D 389 -71.87 4.03 2.29
N GLU D 390 -72.21 2.97 1.54
CA GLU D 390 -73.20 2.00 1.97
C GLU D 390 -72.44 0.78 2.52
N VAL D 391 -72.66 0.46 3.79
CA VAL D 391 -71.85 -0.54 4.49
C VAL D 391 -72.77 -1.58 5.11
N ASP D 392 -72.32 -2.83 5.13
CA ASP D 392 -73.04 -3.85 5.89
C ASP D 392 -72.69 -3.83 7.37
N ALA D 393 -71.57 -3.21 7.74
CA ALA D 393 -71.14 -3.11 9.13
C ALA D 393 -70.14 -1.96 9.24
N LEU D 394 -70.13 -1.33 10.41
CA LEU D 394 -69.16 -0.28 10.73
C LEU D 394 -68.45 -0.75 11.99
N MET D 395 -67.17 -1.10 11.85
CA MET D 395 -66.35 -1.47 12.99
C MET D 395 -65.73 -0.22 13.57
N VAL D 396 -65.88 -0.04 14.89
CA VAL D 396 -65.49 1.18 15.57
C VAL D 396 -64.36 0.85 16.55
N ALA D 397 -63.15 1.27 16.20
CA ALA D 397 -61.95 1.00 16.96
C ALA D 397 -61.46 2.32 17.54
N THR D 398 -62.21 2.81 18.54
CA THR D 398 -61.94 4.12 19.10
C THR D 398 -61.47 4.05 20.56
N GLY D 399 -61.03 2.90 21.02
CA GLY D 399 -60.37 2.81 22.30
C GLY D 399 -61.34 2.77 23.47
N TYR D 400 -60.85 3.17 24.64
CA TYR D 400 -61.57 2.91 25.87
C TYR D 400 -61.52 4.11 26.81
N ASN D 401 -62.54 4.19 27.66
CA ASN D 401 -62.55 5.02 28.85
C ASN D 401 -62.38 4.13 30.08
N ARG D 402 -61.71 4.66 31.10
CA ARG D 402 -61.44 3.88 32.31
C ARG D 402 -61.97 4.63 33.54
N ASN D 403 -63.29 4.84 33.54
CA ASN D 403 -63.99 5.57 34.59
C ASN D 403 -65.09 4.73 35.23
N ALA D 404 -65.12 3.43 34.95
CA ALA D 404 -66.18 2.59 35.49
C ALA D 404 -66.09 2.48 37.01
N HIS D 405 -64.93 2.79 37.61
CA HIS D 405 -64.84 2.69 39.06
C HIS D 405 -65.70 3.73 39.77
N GLU D 406 -66.01 4.86 39.11
CA GLU D 406 -66.78 5.90 39.79
C GLU D 406 -68.23 5.48 40.05
N ARG D 407 -68.89 4.84 39.07
CA ARG D 407 -70.26 4.37 39.31
C ARG D 407 -70.30 3.24 40.34
N LEU D 408 -69.34 2.33 40.27
CA LEU D 408 -69.30 1.21 41.19
C LEU D 408 -69.08 1.66 42.64
N LEU D 409 -68.40 2.79 42.83
CA LEU D 409 -68.06 3.28 44.16
C LEU D 409 -68.98 4.40 44.63
N SER D 410 -70.11 4.61 43.94
CA SER D 410 -70.98 5.74 44.23
C SER D 410 -71.53 5.69 45.64
N LYS D 411 -71.86 4.50 46.14
CA LYS D 411 -72.42 4.41 47.48
C LYS D 411 -71.38 4.59 48.59
N VAL D 412 -70.09 4.69 48.24
CA VAL D 412 -69.01 5.00 49.18
C VAL D 412 -68.34 6.33 48.84
N GLN D 413 -68.91 7.09 47.90
CA GLN D 413 -68.29 8.33 47.46
C GLN D 413 -68.30 9.41 48.52
N HIS D 414 -69.14 9.30 49.53
CA HIS D 414 -69.15 10.24 50.63
C HIS D 414 -68.00 10.06 51.62
N LEU D 415 -67.18 9.02 51.49
CA LEU D 415 -66.07 8.86 52.42
C LEU D 415 -64.82 9.59 51.97
N ARG D 416 -64.81 10.18 50.78
CA ARG D 416 -63.67 10.96 50.29
C ARG D 416 -63.50 12.24 51.11
N PRO D 417 -62.28 12.80 51.12
CA PRO D 417 -62.09 14.12 51.72
C PRO D 417 -62.92 15.18 50.99
N THR D 418 -63.25 16.24 51.72
CA THR D 418 -64.09 17.31 51.22
C THR D 418 -63.48 18.00 50.00
N GLY D 419 -64.31 18.21 48.98
CA GLY D 419 -63.89 19.01 47.84
C GLY D 419 -63.28 18.23 46.71
N GLN D 420 -63.19 16.91 46.84
CA GLN D 420 -62.73 16.07 45.76
C GLN D 420 -63.97 15.58 45.02
N ASP D 421 -63.95 15.68 43.69
CA ASP D 421 -65.01 15.09 42.90
C ASP D 421 -64.53 13.86 42.15
N GLN D 422 -63.27 13.45 42.36
CA GLN D 422 -62.71 12.24 41.77
C GLN D 422 -61.91 11.50 42.83
N TRP D 423 -61.79 10.18 42.65
CA TRP D 423 -60.96 9.39 43.55
C TRP D 423 -59.50 9.67 43.26
N LYS D 424 -58.74 9.92 44.32
CA LYS D 424 -57.33 10.27 44.22
C LYS D 424 -56.48 9.17 44.87
N PRO D 425 -55.87 8.28 44.11
CA PRO D 425 -55.02 7.26 44.73
C PRO D 425 -53.67 7.80 45.13
N HIS D 426 -53.15 7.23 46.21
CA HIS D 426 -51.78 7.49 46.63
C HIS D 426 -50.82 6.76 45.71
N ARG D 427 -49.52 6.97 45.95
CA ARG D 427 -48.51 6.25 45.18
C ARG D 427 -48.76 4.74 45.22
N ASP D 428 -49.19 4.21 46.37
CA ASP D 428 -49.45 2.78 46.53
C ASP D 428 -50.85 2.35 46.07
N TYR D 429 -51.57 3.22 45.35
CA TYR D 429 -52.83 2.96 44.62
C TYR D 429 -54.05 2.93 45.53
N ARG D 430 -53.89 3.13 46.83
CA ARG D 430 -55.00 3.21 47.77
C ARG D 430 -55.66 4.57 47.67
N VAL D 431 -57.01 4.60 47.60
CA VAL D 431 -57.70 5.87 47.41
C VAL D 431 -57.77 6.63 48.73
N GLU D 432 -57.78 7.94 48.63
CA GLU D 432 -57.91 8.79 49.81
C GLU D 432 -59.31 8.67 50.39
N MET D 433 -59.39 8.36 51.68
CA MET D 433 -60.63 8.38 52.45
C MET D 433 -60.55 9.45 53.53
N ASP D 434 -61.70 9.94 53.96
CA ASP D 434 -61.68 10.83 55.12
C ASP D 434 -61.23 10.01 56.32
N PRO D 435 -60.12 10.38 56.97
CA PRO D 435 -59.60 9.57 58.06
C PRO D 435 -60.49 9.54 59.28
N SER D 436 -61.46 10.44 59.38
CA SER D 436 -62.42 10.38 60.48
C SER D 436 -63.64 9.52 60.18
N LYS D 437 -63.81 9.04 58.95
CA LYS D 437 -64.96 8.19 58.64
C LYS D 437 -64.62 6.73 58.41
N VAL D 438 -63.38 6.40 58.06
CA VAL D 438 -63.01 5.01 57.79
C VAL D 438 -61.80 4.63 58.63
N SER D 439 -61.87 3.48 59.29
CA SER D 439 -60.74 2.98 60.04
C SER D 439 -59.56 2.71 59.13
N SER D 440 -58.36 2.82 59.69
CA SER D 440 -57.14 2.57 58.94
C SER D 440 -56.98 1.11 58.54
N GLU D 441 -57.72 0.19 59.15
CA GLU D 441 -57.65 -1.21 58.73
C GLU D 441 -58.46 -1.48 57.45
N ALA D 442 -59.17 -0.49 56.94
CA ALA D 442 -60.02 -0.60 55.75
C ALA D 442 -59.55 0.34 54.66
N GLY D 443 -59.80 -0.05 53.42
CA GLY D 443 -59.42 0.81 52.30
C GLY D 443 -59.83 0.20 50.99
N ILE D 444 -59.76 1.03 49.96
CA ILE D 444 -60.10 0.65 48.59
C ILE D 444 -58.93 1.06 47.69
N TRP D 445 -58.50 0.14 46.83
CA TRP D 445 -57.42 0.35 45.89
C TRP D 445 -57.93 0.28 44.46
N LEU D 446 -57.34 1.09 43.58
CA LEU D 446 -57.63 1.09 42.16
C LEU D 446 -56.46 0.54 41.38
N GLN D 447 -56.77 -0.19 40.32
CA GLN D 447 -55.73 -0.82 39.48
C GLN D 447 -56.09 -0.60 38.02
N GLY D 448 -55.15 -0.10 37.25
CA GLY D 448 -55.31 -0.02 35.83
C GLY D 448 -55.99 1.22 35.31
N CYS D 449 -56.58 2.04 36.19
CA CYS D 449 -57.27 3.24 35.75
C CYS D 449 -56.56 4.51 36.21
N ASN D 450 -55.25 4.43 36.47
CA ASN D 450 -54.50 5.49 37.14
C ASN D 450 -53.44 6.12 36.26
N GLU D 451 -53.56 5.98 34.94
CA GLU D 451 -52.56 6.55 34.04
C GLU D 451 -52.27 8.00 34.37
N ARG D 452 -53.31 8.76 34.75
CA ARG D 452 -53.13 10.18 34.98
C ARG D 452 -52.15 10.46 36.11
N THR D 453 -52.13 9.62 37.12
CA THR D 453 -51.26 9.80 38.29
C THR D 453 -50.01 8.92 38.25
N HIS D 454 -50.04 7.78 37.54
CA HIS D 454 -48.99 6.78 37.65
C HIS D 454 -48.24 6.45 36.38
N GLY D 455 -48.64 6.98 35.23
CA GLY D 455 -47.88 6.88 34.00
C GLY D 455 -48.53 5.96 32.99
N LEU D 456 -48.00 6.06 31.76
CA LEU D 456 -48.56 5.35 30.61
C LEU D 456 -48.52 3.83 30.77
N SER D 457 -47.71 3.33 31.71
CA SER D 457 -47.64 1.89 31.92
C SER D 457 -48.81 1.35 32.70
N ASP D 458 -49.69 2.23 33.23
CA ASP D 458 -50.65 1.77 34.22
C ASP D 458 -51.69 0.82 33.64
N SER D 459 -52.20 1.12 32.43
CA SER D 459 -53.24 0.29 31.83
C SER D 459 -52.72 -0.91 31.06
N LEU D 460 -51.41 -1.11 30.98
CA LEU D 460 -50.77 -2.14 30.16
C LEU D 460 -50.27 -3.31 31.03
N LEU D 461 -49.53 -4.25 30.42
CA LEU D 461 -48.87 -5.30 31.19
C LEU D 461 -47.52 -4.87 31.74
N SER D 462 -47.07 -3.65 31.42
CA SER D 462 -45.68 -3.23 31.56
C SER D 462 -45.12 -3.38 32.96
N VAL D 463 -45.87 -3.01 33.99
CA VAL D 463 -45.34 -3.10 35.35
C VAL D 463 -46.15 -4.06 36.21
N LEU D 464 -46.98 -4.92 35.60
CA LEU D 464 -47.89 -5.72 36.40
C LEU D 464 -47.15 -6.61 37.37
N ALA D 465 -46.01 -7.19 36.95
CA ALA D 465 -45.26 -8.08 37.82
C ALA D 465 -44.78 -7.38 39.09
N VAL D 466 -44.19 -6.19 38.95
CA VAL D 466 -43.67 -5.48 40.11
C VAL D 466 -44.81 -4.87 40.93
N ARG D 467 -45.83 -4.34 40.24
CA ARG D 467 -46.95 -3.70 40.94
C ARG D 467 -47.71 -4.72 41.78
N GLY D 468 -47.91 -5.93 41.25
CA GLY D 468 -48.47 -6.99 42.06
C GLY D 468 -47.70 -7.18 43.35
N GLY D 469 -46.38 -7.06 43.27
CA GLY D 469 -45.56 -7.17 44.47
C GLY D 469 -45.85 -6.07 45.47
N GLU D 470 -45.86 -4.81 45.00
CA GLU D 470 -46.16 -3.67 45.86
C GLU D 470 -47.54 -3.82 46.48
N MET D 471 -48.51 -4.28 45.68
CA MET D 471 -49.87 -4.42 46.17
C MET D 471 -49.97 -5.45 47.31
N VAL D 472 -49.23 -6.56 47.22
CA VAL D 472 -49.31 -7.53 48.33
C VAL D 472 -48.70 -6.94 49.60
N GLN D 473 -47.58 -6.21 49.47
CA GLN D 473 -46.99 -5.59 50.67
C GLN D 473 -47.88 -4.51 51.23
N SER D 474 -48.50 -3.69 50.37
CA SER D 474 -49.42 -2.67 50.88
C SER D 474 -50.59 -3.29 51.60
N ILE D 475 -51.19 -4.33 51.03
CA ILE D 475 -52.46 -4.86 51.54
C ILE D 475 -52.25 -5.91 52.63
N PHE D 476 -51.23 -6.76 52.49
CA PHE D 476 -51.00 -7.87 53.38
C PHE D 476 -49.67 -7.78 54.13
N GLY D 477 -48.89 -6.72 53.93
CA GLY D 477 -47.56 -6.62 54.48
C GLY D 477 -47.50 -6.82 55.99
N GLU D 478 -48.23 -5.97 56.72
CA GLU D 478 -48.29 -6.13 58.17
C GLU D 478 -48.94 -7.46 58.55
N GLN D 479 -49.87 -7.94 57.72
CA GLN D 479 -50.54 -9.20 58.00
C GLN D 479 -49.59 -10.39 57.93
N LEU D 480 -48.63 -10.39 57.00
CA LEU D 480 -47.67 -11.48 56.94
C LEU D 480 -46.47 -11.29 57.87
N GLU D 481 -46.34 -10.13 58.52
CA GLU D 481 -45.22 -9.86 59.43
C GLU D 481 -45.56 -10.08 60.91
N LEU E 24 33.83 48.18 0.41
CA LEU E 24 33.06 49.28 -0.20
C LEU E 24 32.28 50.07 0.85
N ARG E 25 32.38 51.38 0.76
CA ARG E 25 31.77 52.26 1.74
C ARG E 25 30.35 52.59 1.36
N SER E 26 29.52 52.83 2.37
CA SER E 26 28.12 53.14 2.11
C SER E 26 27.97 54.52 1.50
N THR E 27 26.90 54.71 0.76
CA THR E 27 26.41 55.94 0.16
C THR E 27 25.12 56.33 0.89
N PRO E 28 24.96 57.60 1.25
CA PRO E 28 23.71 58.04 1.89
C PRO E 28 22.49 57.71 1.03
N GLN E 29 21.43 57.25 1.69
CA GLN E 29 20.29 56.64 0.99
C GLN E 29 19.61 57.63 0.03
N ASP E 30 19.53 58.91 0.42
CA ASP E 30 18.86 59.96 -0.32
C ASP E 30 19.70 60.58 -1.43
N GLU E 31 20.95 60.16 -1.59
CA GLU E 31 21.90 60.69 -2.56
C GLU E 31 21.74 59.98 -3.91
N LEU E 32 22.30 60.59 -4.95
CA LEU E 32 22.18 60.06 -6.31
C LEU E 32 23.29 59.03 -6.57
N HIS E 33 22.89 57.76 -6.68
CA HIS E 33 23.84 56.66 -6.85
C HIS E 33 24.33 56.58 -8.30
N ASP E 34 25.50 56.00 -8.47
CA ASP E 34 26.00 55.64 -9.80
C ASP E 34 25.36 54.35 -10.29
N LEU E 35 25.17 53.37 -9.40
CA LEU E 35 24.58 52.08 -9.73
C LEU E 35 23.77 51.58 -8.54
N LEU E 36 22.56 51.10 -8.81
CA LEU E 36 21.75 50.41 -7.82
C LEU E 36 21.36 49.06 -8.40
N CYS E 37 21.71 47.97 -7.69
CA CYS E 37 21.37 46.62 -8.13
C CYS E 37 20.20 46.08 -7.33
N VAL E 38 19.22 45.57 -8.06
CA VAL E 38 18.04 44.95 -7.48
C VAL E 38 18.33 43.46 -7.38
N GLY E 39 18.40 42.96 -6.16
CA GLY E 39 18.76 41.59 -5.89
C GLY E 39 20.21 41.53 -5.41
N PHE E 40 20.46 40.81 -4.33
CA PHE E 40 21.84 40.53 -3.92
C PHE E 40 22.02 39.02 -3.80
N GLY E 41 21.78 38.34 -4.93
CA GLY E 41 22.15 36.95 -5.08
C GLY E 41 23.48 36.87 -5.78
N PRO E 42 23.84 35.68 -6.25
CA PRO E 42 25.18 35.51 -6.85
C PRO E 42 25.51 36.49 -7.98
N ALA E 43 24.54 36.81 -8.85
CA ALA E 43 24.87 37.68 -9.98
C ALA E 43 25.25 39.09 -9.50
N SER E 44 24.48 39.66 -8.58
CA SER E 44 24.88 40.95 -8.00
C SER E 44 26.11 40.81 -7.12
N LEU E 45 26.22 39.70 -6.39
CA LEU E 45 27.41 39.50 -5.55
C LEU E 45 28.67 39.48 -6.40
N ALA E 46 28.61 38.83 -7.58
CA ALA E 46 29.76 38.77 -8.47
C ALA E 46 30.12 40.16 -9.03
N ILE E 47 29.13 41.04 -9.22
CA ILE E 47 29.41 42.43 -9.60
C ILE E 47 30.12 43.16 -8.46
N ALA E 48 29.60 43.02 -7.23
CA ALA E 48 30.21 43.69 -6.08
C ALA E 48 31.64 43.25 -5.87
N ILE E 49 31.89 41.95 -5.99
CA ILE E 49 33.25 41.40 -5.88
C ILE E 49 34.13 41.97 -6.99
N ALA E 50 33.63 41.99 -8.23
CA ALA E 50 34.41 42.53 -9.35
C ALA E 50 34.74 44.02 -9.17
N LEU E 51 33.81 44.80 -8.59
CA LEU E 51 34.12 46.19 -8.34
C LEU E 51 35.21 46.33 -7.28
N HIS E 52 35.12 45.54 -6.21
CA HIS E 52 36.19 45.56 -5.21
C HIS E 52 37.55 45.31 -5.87
N ASP E 53 37.64 44.23 -6.65
CA ASP E 53 38.90 43.87 -7.30
C ASP E 53 39.36 44.95 -8.28
N ALA E 54 38.43 45.63 -8.94
CA ALA E 54 38.80 46.71 -9.84
C ALA E 54 39.39 47.90 -9.09
N LEU E 55 39.02 48.07 -7.83
CA LEU E 55 39.49 49.20 -7.03
C LEU E 55 40.74 48.86 -6.22
N ASP E 56 41.21 47.62 -6.30
CA ASP E 56 42.41 47.17 -5.58
C ASP E 56 43.63 47.39 -6.46
N PRO E 57 44.60 48.21 -6.05
CA PRO E 57 45.78 48.44 -6.92
C PRO E 57 46.58 47.18 -7.23
N ARG E 58 46.60 46.18 -6.32
CA ARG E 58 47.34 44.96 -6.57
C ARG E 58 46.85 44.23 -7.80
N LEU E 59 45.56 44.33 -8.10
CA LEU E 59 44.89 43.49 -9.08
C LEU E 59 44.64 44.19 -10.42
N ASN E 60 44.78 45.50 -10.49
CA ASN E 60 44.55 46.20 -11.75
C ASN E 60 45.79 47.01 -12.11
N GLN E 69 35.54 56.14 -5.06
CA GLN E 69 34.69 54.95 -5.22
C GLN E 69 33.32 55.30 -5.76
N PRO E 70 32.84 54.51 -6.73
CA PRO E 70 31.49 54.74 -7.26
C PRO E 70 30.44 54.55 -6.17
N LYS E 71 29.32 55.25 -6.35
CA LYS E 71 28.24 55.21 -5.38
C LYS E 71 27.29 54.11 -5.77
N ILE E 72 27.35 53.01 -5.04
CA ILE E 72 26.63 51.79 -5.39
C ILE E 72 25.83 51.36 -4.17
N CYS E 73 24.63 50.82 -4.41
CA CYS E 73 23.92 50.14 -3.34
C CYS E 73 23.18 48.94 -3.90
N PHE E 74 22.95 47.95 -3.04
CA PHE E 74 22.26 46.72 -3.39
C PHE E 74 21.01 46.57 -2.53
N LEU E 75 19.91 46.19 -3.16
CA LEU E 75 18.65 45.98 -2.46
C LEU E 75 18.27 44.51 -2.61
N GLU E 76 17.97 43.86 -1.49
CA GLU E 76 17.66 42.43 -1.42
C GLU E 76 16.43 42.20 -0.55
N ARG E 77 15.51 41.38 -1.07
CA ARG E 77 14.23 41.09 -0.42
C ARG E 77 14.40 40.27 0.85
N GLN E 78 15.32 39.30 0.82
CA GLN E 78 15.57 38.45 1.98
C GLN E 78 16.26 39.24 3.10
N LYS E 79 16.06 38.77 4.33
CA LYS E 79 16.56 39.48 5.50
C LYS E 79 18.06 39.37 5.66
N GLN E 80 18.71 38.39 5.02
CA GLN E 80 20.16 38.27 5.00
C GLN E 80 20.49 37.46 3.75
N PHE E 81 21.76 37.44 3.37
CA PHE E 81 22.14 36.67 2.20
C PHE E 81 21.80 35.20 2.41
N ALA E 82 21.16 34.61 1.40
CA ALA E 82 20.87 33.18 1.38
C ALA E 82 20.75 32.75 -0.08
N TRP E 83 21.15 31.51 -0.33
CA TRP E 83 21.19 30.94 -1.68
C TRP E 83 20.25 29.73 -1.73
N HIS E 84 19.03 29.96 -2.21
CA HIS E 84 18.04 28.90 -2.39
C HIS E 84 17.91 28.05 -1.13
N SER E 85 17.63 28.74 -0.01
CA SER E 85 17.57 28.04 1.28
C SER E 85 16.46 27.01 1.31
N GLY E 86 15.43 27.17 0.48
CA GLY E 86 14.40 26.15 0.40
C GLY E 86 14.89 24.84 -0.17
N MET E 87 16.03 24.83 -0.83
CA MET E 87 16.55 23.59 -1.38
C MET E 87 17.94 23.24 -0.85
N LEU E 88 18.27 23.69 0.36
CA LEU E 88 19.51 23.23 1.00
C LEU E 88 19.26 21.84 1.60
N VAL E 89 19.04 20.89 0.71
CA VAL E 89 18.70 19.53 1.14
C VAL E 89 19.94 18.85 1.71
N PRO E 90 19.82 18.08 2.78
CA PRO E 90 20.99 17.37 3.32
C PRO E 90 21.63 16.50 2.25
N GLY E 91 22.96 16.54 2.21
CA GLY E 91 23.72 15.78 1.24
C GLY E 91 23.71 16.37 -0.15
N SER E 92 22.95 17.45 -0.38
CA SER E 92 22.89 18.02 -1.70
C SER E 92 24.23 18.65 -2.04
N LYS E 93 24.65 18.49 -3.30
CA LYS E 93 25.97 18.88 -3.76
C LYS E 93 25.87 19.93 -4.86
N MET E 94 26.95 20.69 -5.04
CA MET E 94 27.07 21.53 -6.22
C MET E 94 27.14 20.68 -7.49
N GLN E 95 26.66 21.23 -8.60
CA GLN E 95 26.73 20.57 -9.89
C GLN E 95 27.61 21.36 -10.85
N ILE E 96 28.62 22.04 -10.31
CA ILE E 96 29.59 22.82 -11.07
C ILE E 96 30.90 22.78 -10.29
N SER E 97 32.01 22.73 -11.02
CA SER E 97 33.31 22.70 -10.36
C SER E 97 33.49 23.94 -9.49
N PHE E 98 34.19 23.79 -8.35
CA PHE E 98 34.45 24.97 -7.51
C PHE E 98 35.30 26.02 -8.20
N ILE E 99 35.99 25.65 -9.28
CA ILE E 99 36.80 26.63 -10.00
C ILE E 99 35.93 27.69 -10.64
N LYS E 100 34.70 27.35 -11.03
CA LYS E 100 33.79 28.32 -11.62
C LYS E 100 33.11 29.11 -10.52
N ASP E 101 33.88 29.59 -9.54
CA ASP E 101 33.34 30.36 -8.43
C ASP E 101 33.15 31.81 -8.85
N LEU E 102 33.02 32.72 -7.88
CA LEU E 102 32.70 34.09 -8.22
C LEU E 102 33.91 34.92 -8.57
N ALA E 103 35.10 34.31 -8.65
CA ALA E 103 36.24 35.15 -8.97
C ALA E 103 37.30 34.42 -9.76
N THR E 104 37.49 33.14 -9.49
CA THR E 104 38.72 32.49 -9.95
C THR E 104 38.84 32.56 -11.48
N LEU E 105 37.74 32.32 -12.20
CA LEU E 105 37.84 32.35 -13.66
C LEU E 105 38.16 33.74 -14.18
N ARG E 106 37.93 34.79 -13.39
CA ARG E 106 38.31 36.14 -13.81
C ARG E 106 39.71 36.49 -13.38
N ASP E 107 40.09 36.09 -12.16
CA ASP E 107 41.43 36.32 -11.61
C ASP E 107 41.66 35.38 -10.42
N PRO E 108 42.46 34.32 -10.57
CA PRO E 108 42.73 33.42 -9.44
C PRO E 108 43.38 34.08 -8.24
N ARG E 109 43.96 35.26 -8.40
CA ARG E 109 44.53 35.92 -7.23
C ARG E 109 43.48 36.62 -6.38
N SER E 110 42.23 36.69 -6.81
CA SER E 110 41.27 37.46 -6.04
C SER E 110 41.13 36.90 -4.63
N SER E 111 40.82 37.80 -3.70
CA SER E 111 40.61 37.41 -2.31
C SER E 111 39.29 36.69 -2.11
N PHE E 112 38.43 36.68 -3.14
CA PHE E 112 37.08 36.12 -3.08
C PHE E 112 36.97 34.75 -3.77
N THR E 113 38.09 34.08 -4.04
CA THR E 113 38.02 32.73 -4.59
C THR E 113 37.59 31.73 -3.51
N PHE E 114 37.05 30.59 -3.96
CA PHE E 114 36.62 29.56 -3.03
C PHE E 114 37.77 29.00 -2.22
N LEU E 115 38.95 28.85 -2.83
CA LEU E 115 40.06 28.26 -2.09
C LEU E 115 40.58 29.22 -1.02
N ASN E 116 40.59 30.52 -1.30
CA ASN E 116 40.99 31.49 -0.29
C ASN E 116 39.96 31.55 0.84
N TYR E 117 38.68 31.37 0.51
CA TYR E 117 37.65 31.25 1.56
C TYR E 117 37.97 30.09 2.50
N LEU E 118 38.30 28.93 1.94
CA LEU E 118 38.65 27.78 2.77
C LEU E 118 39.89 28.06 3.61
N HIS E 119 40.90 28.69 3.01
CA HIS E 119 42.11 29.04 3.74
C HIS E 119 41.80 30.02 4.87
N GLN E 120 40.97 31.03 4.61
CA GLN E 120 40.57 31.93 5.68
C GLN E 120 39.83 31.20 6.79
N LYS E 121 39.08 30.15 6.46
CA LYS E 121 38.38 29.37 7.46
C LYS E 121 39.24 28.26 8.06
N GLY E 122 40.51 28.15 7.68
CA GLY E 122 41.37 27.10 8.20
C GLY E 122 40.95 25.73 7.74
N ARG E 123 40.45 25.63 6.50
CA ARG E 123 39.87 24.40 5.97
C ARG E 123 40.47 23.98 4.63
N LEU E 124 41.49 24.70 4.12
CA LEU E 124 41.96 24.43 2.76
C LEU E 124 42.57 23.04 2.65
N ILE E 125 43.39 22.64 3.62
CA ILE E 125 43.98 21.31 3.52
C ILE E 125 42.93 20.21 3.68
N HIS E 126 41.93 20.43 4.55
CA HIS E 126 40.92 19.40 4.79
C HIS E 126 40.00 19.21 3.59
N PHE E 127 39.73 20.29 2.85
CA PHE E 127 38.99 20.20 1.60
C PHE E 127 39.79 19.44 0.55
N THR E 128 41.10 19.62 0.55
CA THR E 128 41.93 18.91 -0.41
C THR E 128 41.75 17.41 -0.29
N ASN E 129 41.72 16.90 0.94
CA ASN E 129 41.52 15.47 1.14
C ASN E 129 40.10 14.98 0.84
N LEU E 130 39.12 15.89 0.67
CA LEU E 130 37.81 15.46 0.18
C LEU E 130 37.90 14.87 -1.23
N SER E 131 38.81 15.38 -2.04
CA SER E 131 38.94 14.97 -3.44
C SER E 131 37.60 15.09 -4.14
N THR E 132 37.10 16.32 -4.19
CA THR E 132 35.89 16.61 -4.93
C THR E 132 35.98 18.02 -5.50
N PHE E 133 35.40 18.21 -6.67
CA PHE E 133 35.20 19.54 -7.23
C PHE E 133 33.84 20.12 -6.85
N LEU E 134 33.00 19.34 -6.18
CA LEU E 134 31.59 19.63 -5.97
C LEU E 134 31.35 19.69 -4.46
N PRO E 135 31.48 20.87 -3.86
CA PRO E 135 31.22 20.99 -2.43
C PRO E 135 29.75 20.75 -2.12
N ALA E 136 29.46 20.51 -0.84
CA ALA E 136 28.07 20.48 -0.41
C ALA E 136 27.44 21.84 -0.71
N ARG E 137 26.15 21.84 -1.07
CA ARG E 137 25.51 23.12 -1.29
C ARG E 137 25.55 23.96 -0.01
N LEU E 138 25.43 23.30 1.15
CA LEU E 138 25.58 24.04 2.41
C LEU E 138 26.91 24.77 2.48
N GLU E 139 27.99 24.11 2.06
CA GLU E 139 29.30 24.75 2.17
C GLU E 139 29.42 25.88 1.17
N PHE E 140 28.91 25.68 -0.05
CA PHE E 140 29.03 26.71 -1.08
C PHE E 140 28.18 27.94 -0.75
N GLU E 141 27.00 27.77 -0.13
CA GLU E 141 26.26 28.94 0.34
C GLU E 141 27.08 29.69 1.39
N ASP E 142 27.72 28.96 2.30
CA ASP E 142 28.57 29.61 3.29
C ASP E 142 29.71 30.36 2.62
N TYR E 143 30.27 29.79 1.55
CA TYR E 143 31.30 30.50 0.82
C TYR E 143 30.77 31.84 0.34
N MET E 144 29.55 31.86 -0.21
CA MET E 144 28.99 33.09 -0.75
C MET E 144 28.52 34.03 0.35
N ARG E 145 28.02 33.49 1.47
CA ARG E 145 27.72 34.31 2.63
C ARG E 145 28.97 35.04 3.13
N TRP E 146 30.11 34.34 3.14
CA TRP E 146 31.37 34.95 3.56
C TRP E 146 31.79 36.11 2.66
N CYS E 147 31.56 35.97 1.35
CA CYS E 147 31.81 37.04 0.38
C CYS E 147 30.84 38.20 0.58
N ALA E 148 29.56 37.90 0.70
CA ALA E 148 28.54 38.92 0.79
C ALA E 148 28.76 39.82 2.02
N GLN E 149 29.18 39.25 3.14
CA GLN E 149 29.28 40.04 4.37
C GLN E 149 30.32 41.15 4.27
N GLN E 150 31.30 41.00 3.40
CA GLN E 150 32.26 42.07 3.19
C GLN E 150 31.64 43.26 2.47
N PHE E 151 30.38 43.15 2.06
CA PHE E 151 29.67 44.24 1.41
C PHE E 151 28.45 44.66 2.21
N SER E 152 28.36 44.28 3.48
CA SER E 152 27.17 44.58 4.26
C SER E 152 26.90 46.09 4.34
N ASP E 153 27.94 46.93 4.16
CA ASP E 153 27.76 48.38 4.20
C ASP E 153 27.08 48.93 2.95
N VAL E 154 27.05 48.19 1.84
CA VAL E 154 26.42 48.71 0.64
C VAL E 154 25.20 47.90 0.25
N VAL E 155 24.75 46.99 1.11
CA VAL E 155 23.61 46.14 0.82
C VAL E 155 22.53 46.44 1.85
N ALA E 156 21.31 46.69 1.37
CA ALA E 156 20.14 46.91 2.21
C ALA E 156 19.23 45.70 2.09
N TYR E 157 19.17 44.92 3.16
CA TYR E 157 18.41 43.69 3.24
C TYR E 157 16.96 43.96 3.65
N GLY E 158 16.10 42.97 3.41
CA GLY E 158 14.68 43.10 3.69
C GLY E 158 13.96 44.15 2.88
N GLU E 159 14.42 44.44 1.66
CA GLU E 159 13.85 45.48 0.80
C GLU E 159 13.40 44.85 -0.52
N GLU E 160 12.10 44.79 -0.74
CA GLU E 160 11.53 44.24 -1.96
C GLU E 160 11.30 45.36 -2.96
N VAL E 161 12.12 45.42 -4.00
CA VAL E 161 11.91 46.42 -5.04
C VAL E 161 10.57 46.13 -5.70
N VAL E 162 9.78 47.19 -5.89
CA VAL E 162 8.45 47.11 -6.50
C VAL E 162 8.32 47.94 -7.78
N GLU E 163 9.14 48.96 -7.99
CA GLU E 163 8.98 49.81 -9.18
C GLU E 163 10.30 50.46 -9.51
N VAL E 164 10.47 50.72 -10.81
CA VAL E 164 11.53 51.57 -11.35
C VAL E 164 10.82 52.66 -12.14
N ILE E 165 11.20 53.92 -11.90
CA ILE E 165 10.47 55.05 -12.43
C ILE E 165 11.48 56.04 -13.01
N PRO E 166 11.21 56.65 -14.17
CA PRO E 166 12.18 57.56 -14.78
C PRO E 166 12.31 58.85 -13.97
N GLY E 167 13.43 59.51 -14.19
CA GLY E 167 13.72 60.76 -13.51
C GLY E 167 14.45 61.72 -14.41
N LYS E 168 14.24 63.01 -14.15
CA LYS E 168 14.88 64.11 -14.85
C LYS E 168 15.47 65.06 -13.82
N SER E 169 16.79 65.26 -13.87
CA SER E 169 17.43 66.15 -12.90
C SER E 169 17.09 67.61 -13.19
N ASP E 170 16.85 67.95 -14.45
CA ASP E 170 16.27 69.22 -14.83
C ASP E 170 14.96 68.93 -15.56
N PRO E 171 13.82 69.38 -15.06
CA PRO E 171 12.56 69.12 -15.77
C PRO E 171 12.41 69.88 -17.06
N SER E 172 13.22 70.93 -17.28
CA SER E 172 13.16 71.68 -18.53
C SER E 172 13.37 70.77 -19.73
N SER E 173 14.34 69.87 -19.64
CA SER E 173 14.51 68.90 -20.70
C SER E 173 13.51 67.77 -20.58
N SER E 174 13.17 67.17 -21.72
CA SER E 174 12.35 65.96 -21.74
C SER E 174 13.19 64.69 -21.78
N VAL E 175 14.50 64.80 -21.56
CA VAL E 175 15.43 63.67 -21.62
C VAL E 175 15.63 63.09 -20.22
N VAL E 176 15.45 61.78 -20.09
CA VAL E 176 15.61 61.05 -18.83
C VAL E 176 17.09 60.83 -18.53
N ASP E 177 17.51 61.16 -17.29
CA ASP E 177 18.90 60.97 -16.89
C ASP E 177 19.08 60.27 -15.55
N PHE E 178 18.02 59.84 -14.88
CA PHE E 178 18.18 58.92 -13.76
C PHE E 178 16.87 58.18 -13.56
N PHE E 179 16.89 57.21 -12.65
CA PHE E 179 15.75 56.36 -12.31
C PHE E 179 15.57 56.36 -10.81
N THR E 180 14.32 56.30 -10.36
CA THR E 180 14.03 56.15 -8.94
C THR E 180 13.51 54.75 -8.68
N VAL E 181 14.20 54.02 -7.79
CA VAL E 181 13.88 52.65 -7.48
C VAL E 181 13.18 52.60 -6.13
N ARG E 182 11.96 52.08 -6.11
CA ARG E 182 11.17 52.00 -4.89
C ARG E 182 11.07 50.56 -4.40
N SER E 183 11.33 50.37 -3.11
CA SER E 183 11.34 49.07 -2.46
C SER E 183 10.45 49.10 -1.23
N ARG E 184 9.76 48.00 -0.98
CA ARG E 184 8.91 47.87 0.20
C ARG E 184 9.64 47.06 1.27
N ASN E 185 9.70 47.60 2.48
CA ASN E 185 10.33 46.91 3.60
C ASN E 185 9.48 45.73 4.03
N VAL E 186 10.08 44.54 4.11
CA VAL E 186 9.31 43.35 4.42
C VAL E 186 8.81 43.33 5.87
N GLU E 187 9.42 44.08 6.77
CA GLU E 187 8.97 44.04 8.15
C GLU E 187 7.82 45.01 8.40
N THR E 188 7.98 46.24 7.95
CA THR E 188 7.05 47.31 8.26
C THR E 188 6.07 47.63 7.13
N GLY E 189 6.39 47.28 5.88
CA GLY E 189 5.58 47.70 4.75
C GLY E 189 5.82 49.11 4.23
N GLU E 190 6.76 49.86 4.79
CA GLU E 190 7.00 51.23 4.35
C GLU E 190 7.68 51.25 2.98
N ILE E 191 7.30 52.24 2.17
CA ILE E 191 7.87 52.43 0.84
C ILE E 191 8.99 53.46 0.91
N SER E 192 10.20 53.01 0.61
CA SER E 192 11.38 53.86 0.51
C SER E 192 11.81 53.97 -0.95
N ALA E 193 12.53 55.05 -1.29
CA ALA E 193 12.88 55.36 -2.67
C ALA E 193 14.33 55.81 -2.78
N ARG E 194 15.05 55.29 -3.77
CA ARG E 194 16.43 55.65 -4.03
C ARG E 194 16.58 56.01 -5.49
N ARG E 195 17.39 57.05 -5.75
CA ARG E 195 17.69 57.56 -7.09
C ARG E 195 19.06 57.10 -7.55
N THR E 196 19.17 56.74 -8.83
CA THR E 196 20.44 56.25 -9.34
C THR E 196 20.52 56.57 -10.82
N ARG E 197 21.75 56.68 -11.33
CA ARG E 197 21.92 56.86 -12.76
C ARG E 197 21.70 55.57 -13.52
N LYS E 198 22.04 54.43 -12.91
CA LYS E 198 21.98 53.15 -13.59
C LYS E 198 21.39 52.09 -12.67
N VAL E 199 20.69 51.12 -13.27
CA VAL E 199 19.97 50.10 -12.55
C VAL E 199 20.38 48.74 -13.10
N VAL E 200 20.62 47.79 -12.20
CA VAL E 200 20.84 46.39 -12.54
C VAL E 200 19.68 45.58 -11.97
N ILE E 201 19.06 44.76 -12.81
CA ILE E 201 18.01 43.86 -12.37
C ILE E 201 18.55 42.43 -12.43
N ALA E 202 18.80 41.83 -11.26
CA ALA E 202 19.37 40.48 -11.18
C ALA E 202 18.62 39.76 -10.07
N ILE E 203 17.39 39.37 -10.37
CA ILE E 203 16.43 38.91 -9.40
C ILE E 203 16.11 37.42 -9.57
N GLY E 204 16.97 36.69 -10.26
CA GLY E 204 16.79 35.25 -10.34
C GLY E 204 15.48 34.91 -11.02
N GLY E 205 14.78 33.92 -10.47
CA GLY E 205 13.55 33.47 -11.07
C GLY E 205 12.42 33.36 -10.08
N THR E 206 11.21 33.33 -10.63
CA THR E 206 9.98 33.10 -9.88
C THR E 206 9.51 31.67 -10.14
N ALA E 207 8.92 31.06 -9.12
CA ALA E 207 8.51 29.67 -9.20
C ALA E 207 7.55 29.44 -10.35
N LYS E 208 7.78 28.39 -11.13
CA LYS E 208 6.85 28.00 -12.19
C LYS E 208 5.92 26.93 -11.63
N MET E 209 4.63 27.21 -11.65
CA MET E 209 3.72 26.18 -11.21
C MET E 209 2.90 25.71 -12.40
N PRO E 210 2.57 24.44 -12.47
CA PRO E 210 1.68 24.00 -13.54
C PRO E 210 0.32 24.67 -13.38
N SER E 211 -0.20 25.24 -14.46
CA SER E 211 -1.54 25.80 -14.35
C SER E 211 -2.50 24.63 -14.19
N GLY E 212 -3.55 24.84 -13.40
CA GLY E 212 -4.48 23.78 -13.10
C GLY E 212 -4.23 23.06 -11.80
N LEU E 213 -3.14 23.32 -11.15
CA LEU E 213 -3.14 22.90 -9.76
C LEU E 213 -3.79 24.01 -8.94
N PRO E 214 -4.59 23.70 -7.93
CA PRO E 214 -5.18 24.76 -7.13
C PRO E 214 -4.21 25.23 -6.05
N GLN E 215 -4.49 26.40 -5.51
CA GLN E 215 -3.68 26.97 -4.44
C GLN E 215 -4.09 26.35 -3.12
N ASP E 216 -3.12 25.80 -2.39
CA ASP E 216 -3.42 25.13 -1.15
C ASP E 216 -2.13 25.04 -0.38
N PRO E 217 -2.14 25.26 0.93
CA PRO E 217 -0.90 25.17 1.72
C PRO E 217 -0.21 23.82 1.62
N ARG E 218 -0.93 22.76 1.29
CA ARG E 218 -0.33 21.45 1.16
C ARG E 218 0.27 21.20 -0.23
N ILE E 219 0.29 22.22 -1.10
CA ILE E 219 0.89 22.12 -2.42
C ILE E 219 2.05 23.11 -2.45
N ILE E 220 3.27 22.61 -2.35
CA ILE E 220 4.46 23.42 -2.08
C ILE E 220 5.48 23.25 -3.20
N HIS E 221 5.89 24.35 -3.79
CA HIS E 221 6.94 24.34 -4.79
C HIS E 221 8.27 23.97 -4.15
N SER E 222 9.19 23.42 -4.98
CA SER E 222 10.46 22.92 -4.45
C SER E 222 11.27 24.02 -3.79
N SER E 223 11.13 25.26 -4.27
CA SER E 223 11.81 26.41 -3.65
C SER E 223 11.44 26.62 -2.20
N LYS E 224 10.33 26.03 -1.73
CA LYS E 224 9.91 26.18 -0.34
C LYS E 224 9.94 24.85 0.38
N TYR E 225 10.74 23.89 -0.09
CA TYR E 225 10.75 22.56 0.50
C TYR E 225 11.28 22.58 1.93
N CYS E 226 12.55 22.96 2.10
CA CYS E 226 13.13 22.92 3.44
C CYS E 226 12.48 23.93 4.38
N THR E 227 11.97 25.02 3.84
CA THR E 227 11.51 26.12 4.67
C THR E 227 10.03 26.02 5.04
N THR E 228 9.21 25.33 4.25
CA THR E 228 7.77 25.28 4.44
C THR E 228 7.24 23.90 4.81
N LEU E 229 7.79 22.83 4.23
CA LEU E 229 7.24 21.49 4.46
C LEU E 229 7.34 21.05 5.91
N PRO E 230 8.45 21.24 6.62
CA PRO E 230 8.46 20.84 8.05
C PRO E 230 7.37 21.49 8.90
N ALA E 231 7.01 22.76 8.68
CA ALA E 231 5.93 23.35 9.48
C ALA E 231 4.58 22.72 9.17
N LEU E 232 4.43 22.14 7.97
CA LEU E 232 3.18 21.46 7.62
C LEU E 232 3.16 20.06 8.21
N LEU E 233 4.26 19.31 8.04
CA LEU E 233 4.37 17.91 8.46
C LEU E 233 5.33 17.84 9.66
N LYS E 234 4.79 17.99 10.87
CA LYS E 234 5.65 18.21 12.04
C LYS E 234 6.32 16.93 12.54
N ASP E 235 5.65 15.78 12.49
CA ASP E 235 6.12 14.56 13.14
C ASP E 235 6.91 13.69 12.16
N LYS E 236 8.23 13.60 12.37
CA LYS E 236 9.11 12.89 11.45
C LYS E 236 8.81 11.40 11.33
N SER E 237 8.09 10.81 12.28
CA SER E 237 7.84 9.38 12.29
C SER E 237 6.47 9.01 11.75
N LYS E 238 5.65 10.01 11.35
CA LYS E 238 4.31 9.74 10.89
C LYS E 238 4.29 9.11 9.50
N PRO E 239 3.31 8.24 9.22
CA PRO E 239 3.21 7.59 7.89
C PRO E 239 2.55 8.51 6.87
N TYR E 240 3.22 9.61 6.52
CA TYR E 240 2.65 10.53 5.55
C TYR E 240 2.67 9.95 4.15
N ASN E 241 1.68 10.31 3.35
CA ASN E 241 1.74 10.13 1.91
C ASN E 241 2.16 11.46 1.31
N ILE E 242 3.31 11.46 0.65
CA ILE E 242 3.85 12.67 0.04
C ILE E 242 4.18 12.38 -1.42
N ALA E 243 3.67 13.22 -2.32
CA ALA E 243 3.90 13.11 -3.74
C ALA E 243 4.88 14.19 -4.20
N VAL E 244 5.63 13.87 -5.24
CA VAL E 244 6.63 14.76 -5.81
C VAL E 244 6.35 14.82 -7.30
N LEU E 245 6.21 16.02 -7.82
CA LEU E 245 5.82 16.26 -9.20
C LEU E 245 7.01 16.83 -9.95
N GLY E 246 7.46 16.14 -10.98
CA GLY E 246 8.64 16.55 -11.74
C GLY E 246 9.61 15.40 -11.93
N SER E 247 10.65 15.67 -12.74
CA SER E 247 11.63 14.63 -13.02
C SER E 247 13.04 15.18 -13.16
N GLY E 248 13.30 16.42 -12.75
CA GLY E 248 14.63 16.98 -12.79
C GLY E 248 15.31 16.86 -11.43
N GLN E 249 16.41 17.61 -11.29
CA GLN E 249 17.27 17.48 -10.12
C GLN E 249 16.50 17.72 -8.81
N SER E 250 15.62 18.74 -8.77
CA SER E 250 14.91 19.04 -7.53
C SER E 250 13.91 17.94 -7.16
N ALA E 251 13.23 17.38 -8.14
CA ALA E 251 12.30 16.28 -7.86
C ALA E 251 13.03 15.10 -7.27
N ALA E 252 14.16 14.74 -7.88
CA ALA E 252 14.94 13.60 -7.41
C ALA E 252 15.48 13.85 -6.02
N GLU E 253 16.04 15.04 -5.79
CA GLU E 253 16.58 15.36 -4.47
C GLU E 253 15.48 15.38 -3.40
N ILE E 254 14.29 15.89 -3.73
CA ILE E 254 13.20 15.91 -2.76
C ILE E 254 12.66 14.50 -2.51
N PHE E 255 12.39 13.76 -3.59
CA PHE E 255 11.92 12.38 -3.46
C PHE E 255 12.83 11.57 -2.56
N HIS E 256 14.13 11.67 -2.81
CA HIS E 256 15.12 10.96 -2.02
C HIS E 256 15.17 11.47 -0.59
N ASP E 257 15.13 12.80 -0.41
CA ASP E 257 15.25 13.34 0.96
C ASP E 257 14.06 12.94 1.81
N LEU E 258 12.84 12.96 1.25
CA LEU E 258 11.65 12.58 2.02
C LEU E 258 11.80 11.19 2.61
N GLN E 259 12.44 10.28 1.88
CA GLN E 259 12.58 8.91 2.38
C GLN E 259 13.48 8.84 3.60
N LYS E 260 14.42 9.76 3.76
CA LYS E 260 15.21 9.79 4.98
C LYS E 260 14.54 10.62 6.08
N ARG E 261 13.87 11.71 5.71
CA ARG E 261 13.30 12.63 6.70
C ARG E 261 12.06 12.05 7.38
N TYR E 262 11.18 11.40 6.62
CA TYR E 262 9.98 10.74 7.16
C TYR E 262 10.10 9.25 6.83
N PRO E 263 10.81 8.48 7.66
CA PRO E 263 11.16 7.10 7.24
C PRO E 263 9.97 6.18 7.11
N ASN E 264 8.83 6.51 7.70
CA ASN E 264 7.64 5.69 7.64
C ASN E 264 6.64 6.20 6.60
N SER E 265 7.01 7.20 5.83
CA SER E 265 6.12 7.76 4.84
C SER E 265 6.02 6.82 3.62
N ARG E 266 5.00 7.05 2.81
CA ARG E 266 4.85 6.44 1.49
C ARG E 266 4.99 7.59 0.51
N THR E 267 6.06 7.59 -0.27
CA THR E 267 6.29 8.66 -1.21
C THR E 267 6.07 8.20 -2.65
N THR E 268 5.63 9.14 -3.49
CA THR E 268 5.35 8.88 -4.90
C THR E 268 5.96 9.98 -5.77
N LEU E 269 6.81 9.58 -6.71
CA LEU E 269 7.36 10.50 -7.70
C LEU E 269 6.51 10.38 -8.98
N ILE E 270 5.90 11.50 -9.39
CA ILE E 270 4.97 11.56 -10.51
C ILE E 270 5.66 12.31 -11.63
N MET E 271 5.92 11.66 -12.76
CA MET E 271 6.64 12.32 -13.85
C MET E 271 5.92 12.11 -15.17
N ARG E 272 5.95 13.16 -16.01
CA ARG E 272 5.40 13.05 -17.35
C ARG E 272 6.28 12.18 -18.24
N ASP E 273 7.59 12.21 -18.02
CA ASP E 273 8.58 11.44 -18.76
C ASP E 273 8.53 9.96 -18.36
N SER E 274 9.20 9.11 -19.17
CA SER E 274 9.31 7.69 -18.86
C SER E 274 10.41 7.38 -17.84
N ALA E 275 11.41 8.24 -17.73
CA ALA E 275 12.53 7.97 -16.84
C ALA E 275 13.24 9.26 -16.49
N MET E 276 13.91 9.25 -15.34
CA MET E 276 14.90 10.28 -15.05
C MET E 276 16.10 10.09 -15.97
N ARG E 277 16.57 11.18 -16.55
CA ARG E 277 17.65 11.09 -17.49
C ARG E 277 18.87 11.83 -16.95
N PRO E 278 20.08 11.36 -17.27
CA PRO E 278 21.28 11.91 -16.64
C PRO E 278 21.66 13.27 -17.20
N SER E 279 22.12 14.15 -16.33
CA SER E 279 22.65 15.44 -16.78
C SER E 279 24.01 15.24 -17.43
N ASP E 280 24.29 16.08 -18.42
CA ASP E 280 25.46 15.96 -19.26
C ASP E 280 26.46 17.07 -18.95
N ASP E 281 27.62 16.69 -18.40
CA ASP E 281 28.73 17.62 -18.21
C ASP E 281 29.99 17.17 -18.94
N SER E 282 29.86 16.22 -19.90
CA SER E 282 30.98 15.68 -20.65
C SER E 282 31.79 16.83 -21.24
N PRO E 283 33.11 16.69 -21.38
CA PRO E 283 33.97 17.89 -21.50
C PRO E 283 33.78 18.70 -22.77
N PHE E 284 33.52 18.05 -23.92
CA PHE E 284 33.25 18.81 -25.15
C PHE E 284 31.87 19.48 -25.09
N VAL E 285 30.85 18.73 -24.66
CA VAL E 285 29.51 19.29 -24.53
C VAL E 285 29.53 20.48 -23.55
N ASN E 286 30.32 20.36 -22.48
CA ASN E 286 30.30 21.37 -21.43
C ASN E 286 30.96 22.69 -21.83
N GLU E 287 31.62 22.76 -22.98
CA GLU E 287 32.28 24.01 -23.32
C GLU E 287 31.33 25.13 -23.70
N ILE E 288 30.03 24.84 -23.92
CA ILE E 288 29.08 25.92 -24.19
C ILE E 288 28.96 26.86 -23.01
N PHE E 289 29.33 26.39 -21.81
CA PHE E 289 29.29 27.21 -20.61
C PHE E 289 30.56 28.01 -20.40
N ASN E 290 31.54 27.88 -21.31
CA ASN E 290 32.75 28.67 -21.21
C ASN E 290 32.45 30.17 -21.35
N PRO E 291 33.10 31.03 -20.55
CA PRO E 291 32.84 32.48 -20.65
C PRO E 291 33.08 33.06 -22.04
N GLU E 292 34.07 32.55 -22.78
CA GLU E 292 34.41 33.07 -24.10
C GLU E 292 33.42 32.64 -25.16
N ARG E 293 32.48 31.76 -24.84
CA ARG E 293 31.44 31.36 -25.77
C ARG E 293 30.26 32.31 -25.79
N VAL E 294 30.13 33.19 -24.78
CA VAL E 294 28.99 34.09 -24.74
C VAL E 294 29.01 35.02 -25.95
N ASP E 295 30.21 35.47 -26.36
CA ASP E 295 30.31 36.28 -27.57
C ASP E 295 29.79 35.54 -28.79
N LYS E 296 30.20 34.28 -28.98
CA LYS E 296 29.77 33.52 -30.14
C LYS E 296 28.28 33.22 -30.09
N PHE E 297 27.76 32.84 -28.92
CA PHE E 297 26.34 32.53 -28.84
C PHE E 297 25.50 33.77 -29.15
N TYR E 298 25.85 34.91 -28.54
CA TYR E 298 25.01 36.10 -28.70
C TYR E 298 24.94 36.56 -30.14
N SER E 299 26.06 36.51 -30.86
CA SER E 299 26.13 37.00 -32.24
C SER E 299 25.44 36.10 -33.25
N GLN E 300 24.91 34.95 -32.83
CA GLN E 300 24.21 34.02 -33.72
C GLN E 300 22.77 34.47 -33.95
N SER E 301 22.19 34.00 -35.05
CA SER E 301 20.83 34.40 -35.37
C SER E 301 19.87 33.79 -34.38
N ALA E 302 18.66 34.35 -34.31
CA ALA E 302 17.67 33.87 -33.36
C ALA E 302 17.43 32.39 -33.56
N ALA E 303 17.30 31.95 -34.81
CA ALA E 303 17.01 30.54 -35.08
C ALA E 303 18.10 29.63 -34.55
N GLU E 304 19.37 29.97 -34.79
CA GLU E 304 20.47 29.13 -34.34
C GLU E 304 20.60 29.08 -32.83
N ARG E 305 20.30 30.19 -32.15
CA ARG E 305 20.37 30.17 -30.69
C ARG E 305 19.33 29.23 -30.11
N GLN E 306 18.12 29.24 -30.67
CA GLN E 306 17.06 28.36 -30.20
C GLN E 306 17.39 26.89 -30.45
N ARG E 307 17.92 26.57 -31.62
CA ARG E 307 18.28 25.19 -31.92
C ARG E 307 19.46 24.75 -31.07
N SER E 308 20.40 25.65 -30.82
CA SER E 308 21.53 25.27 -29.97
C SER E 308 21.05 24.95 -28.56
N LEU E 309 20.18 25.81 -28.00
CA LEU E 309 19.64 25.58 -26.66
C LEU E 309 18.89 24.26 -26.62
N LEU E 310 18.13 23.96 -27.67
CA LEU E 310 17.35 22.74 -27.71
C LEU E 310 18.26 21.52 -27.77
N ALA E 311 19.32 21.58 -28.59
CA ALA E 311 20.24 20.44 -28.68
C ALA E 311 20.96 20.18 -27.36
N ASP E 312 21.16 21.22 -26.54
CA ASP E 312 21.90 21.11 -25.30
C ASP E 312 20.99 21.08 -24.06
N LYS E 313 19.70 20.77 -24.22
CA LYS E 313 18.79 20.82 -23.07
C LYS E 313 19.28 19.94 -21.93
N ALA E 314 19.97 18.85 -22.25
CA ALA E 314 20.41 17.84 -21.29
C ALA E 314 21.48 18.35 -20.34
N THR E 315 22.11 19.48 -20.62
CA THR E 315 23.08 19.99 -19.66
C THR E 315 22.41 20.63 -18.45
N ASN E 316 21.12 20.93 -18.51
CA ASN E 316 20.61 21.74 -17.41
C ASN E 316 19.14 21.52 -17.05
N TYR E 317 18.29 21.10 -17.98
CA TYR E 317 16.85 21.10 -17.75
C TYR E 317 16.33 19.67 -17.75
N SER E 318 15.47 19.34 -16.78
CA SER E 318 14.87 18.00 -16.65
C SER E 318 15.92 16.89 -16.64
N VAL E 319 16.99 17.09 -15.87
CA VAL E 319 18.06 16.12 -15.78
C VAL E 319 18.50 16.00 -14.33
N VAL E 320 19.08 14.84 -14.02
CA VAL E 320 19.53 14.49 -12.68
C VAL E 320 20.97 14.01 -12.76
N ARG E 321 21.77 14.37 -11.77
CA ARG E 321 23.12 13.83 -11.64
C ARG E 321 23.05 12.31 -11.60
N LEU E 322 23.89 11.67 -12.42
CA LEU E 322 23.85 10.21 -12.56
C LEU E 322 23.91 9.53 -11.20
N GLU E 323 24.83 10.00 -10.35
CA GLU E 323 25.02 9.41 -9.03
C GLU E 323 23.73 9.41 -8.21
N LEU E 324 22.93 10.47 -8.31
CA LEU E 324 21.65 10.48 -7.60
C LEU E 324 20.63 9.51 -8.24
N ILE E 325 20.58 9.46 -9.58
CA ILE E 325 19.76 8.45 -10.25
C ILE E 325 20.15 7.06 -9.76
N GLU E 326 21.47 6.77 -9.75
CA GLU E 326 21.95 5.45 -9.36
C GLU E 326 21.63 5.14 -7.91
N GLU E 327 21.71 6.15 -7.02
CA GLU E 327 21.33 5.90 -5.63
C GLU E 327 19.84 5.63 -5.51
N ILE E 328 19.03 6.39 -6.23
CA ILE E 328 17.59 6.19 -6.21
C ILE E 328 17.24 4.83 -6.80
N TYR E 329 17.99 4.41 -7.81
CA TYR E 329 17.74 3.09 -8.40
C TYR E 329 18.08 2.00 -7.41
N ASN E 330 19.21 2.13 -6.69
CA ASN E 330 19.55 1.14 -5.70
C ASN E 330 18.48 1.08 -4.60
N ASP E 331 17.92 2.22 -4.18
CA ASP E 331 16.85 2.15 -3.19
C ASP E 331 15.61 1.43 -3.73
N MET E 332 15.22 1.70 -4.99
CA MET E 332 14.13 0.93 -5.59
C MET E 332 14.47 -0.54 -5.70
N TYR E 333 15.72 -0.86 -6.06
CA TYR E 333 16.10 -2.26 -6.19
C TYR E 333 16.04 -2.99 -4.85
N LEU E 334 16.52 -2.36 -3.78
CA LEU E 334 16.39 -2.95 -2.45
C LEU E 334 14.92 -3.22 -2.10
N GLN E 335 14.02 -2.34 -2.53
CA GLN E 335 12.60 -2.61 -2.32
C GLN E 335 12.14 -3.83 -3.12
N ARG E 336 12.71 -4.05 -4.31
CA ARG E 336 12.32 -5.21 -5.10
C ARG E 336 12.78 -6.51 -4.43
N VAL E 337 13.95 -6.48 -3.77
CA VAL E 337 14.41 -7.68 -3.05
C VAL E 337 13.37 -8.10 -2.01
N LYS E 338 12.74 -7.13 -1.35
CA LYS E 338 11.80 -7.44 -0.27
C LYS E 338 10.45 -7.91 -0.78
N ASN E 339 9.94 -7.34 -1.90
CA ASN E 339 8.61 -7.60 -2.46
C ASN E 339 8.61 -7.45 -3.98
N PRO E 340 8.39 -8.52 -4.74
CA PRO E 340 8.49 -8.40 -6.20
C PRO E 340 7.39 -7.57 -6.81
N ASP E 341 6.28 -7.40 -6.10
CA ASP E 341 5.12 -6.65 -6.62
C ASP E 341 5.39 -5.17 -6.37
N GLU E 342 5.79 -4.47 -7.43
CA GLU E 342 6.16 -3.06 -7.34
C GLU E 342 5.00 -2.19 -6.85
N THR E 343 3.77 -2.50 -7.25
CA THR E 343 2.66 -1.67 -6.81
C THR E 343 2.50 -1.64 -5.30
N GLN E 344 3.14 -2.58 -4.58
CA GLN E 344 3.05 -2.66 -3.14
C GLN E 344 4.20 -1.96 -2.41
N TRP E 345 5.10 -1.30 -3.12
CA TRP E 345 6.30 -0.72 -2.50
C TRP E 345 5.97 0.48 -1.63
N GLN E 346 6.83 0.73 -0.64
CA GLN E 346 6.65 1.91 0.20
C GLN E 346 6.77 3.18 -0.62
N HIS E 347 7.80 3.26 -1.47
CA HIS E 347 8.11 4.43 -2.28
C HIS E 347 8.08 4.01 -3.74
N ARG E 348 7.28 4.70 -4.54
CA ARG E 348 7.08 4.33 -5.94
C ARG E 348 7.38 5.51 -6.85
N ILE E 349 7.70 5.17 -8.08
CA ILE E 349 7.87 6.11 -9.17
C ILE E 349 6.78 5.77 -10.19
N LEU E 350 6.00 6.76 -10.60
CA LEU E 350 4.92 6.56 -11.55
C LEU E 350 5.28 7.29 -12.83
N PRO E 351 5.87 6.63 -13.82
CA PRO E 351 6.27 7.33 -15.03
C PRO E 351 5.09 7.53 -15.99
N GLU E 352 5.26 8.48 -16.90
CA GLU E 352 4.30 8.76 -17.95
C GLU E 352 2.91 9.04 -17.37
N ARG E 353 2.88 10.01 -16.45
CA ARG E 353 1.70 10.40 -15.72
C ARG E 353 1.47 11.89 -15.88
N LYS E 354 0.21 12.30 -15.80
CA LYS E 354 -0.10 13.70 -15.66
C LYS E 354 -1.18 13.85 -14.61
N ILE E 355 -1.11 14.94 -13.86
CA ILE E 355 -2.16 15.24 -12.89
C ILE E 355 -3.31 15.89 -13.64
N THR E 356 -4.49 15.25 -13.61
CA THR E 356 -5.68 15.80 -14.26
C THR E 356 -6.59 16.55 -13.31
N ARG E 357 -6.48 16.30 -12.00
CA ARG E 357 -7.33 16.90 -10.99
C ARG E 357 -6.69 16.68 -9.63
N VAL E 358 -6.88 17.65 -8.75
CA VAL E 358 -6.55 17.53 -7.33
C VAL E 358 -7.77 17.96 -6.54
N GLU E 359 -8.33 17.04 -5.76
CA GLU E 359 -9.48 17.36 -4.92
C GLU E 359 -8.99 17.76 -3.53
N HIS E 360 -9.39 18.94 -3.06
CA HIS E 360 -8.92 19.43 -1.78
C HIS E 360 -10.06 20.05 -0.97
N HIS E 361 -11.19 19.34 -0.87
CA HIS E 361 -12.28 19.75 0.03
C HIS E 361 -11.84 19.58 1.48
N GLY E 362 -12.02 20.63 2.26
CA GLY E 362 -11.18 20.85 3.42
C GLY E 362 -11.49 20.22 4.78
N PRO E 363 -12.38 19.20 4.89
CA PRO E 363 -12.39 18.45 6.16
C PRO E 363 -11.13 17.62 6.27
N GLN E 364 -10.97 16.67 5.33
CA GLN E 364 -9.92 15.67 5.39
C GLN E 364 -8.56 16.33 5.50
N SER E 365 -7.61 15.61 6.10
CA SER E 365 -6.22 16.06 6.10
C SER E 365 -5.55 15.81 4.76
N ARG E 366 -6.09 14.91 3.94
CA ARG E 366 -5.44 14.48 2.71
C ARG E 366 -6.16 15.00 1.48
N MET E 367 -5.38 15.36 0.45
CA MET E 367 -5.83 15.70 -0.88
C MET E 367 -5.88 14.42 -1.70
N ARG E 368 -6.71 14.42 -2.75
CA ARG E 368 -6.86 13.29 -3.66
C ARG E 368 -6.40 13.71 -5.04
N ILE E 369 -5.26 13.21 -5.48
CA ILE E 369 -4.72 13.47 -6.81
C ILE E 369 -5.28 12.43 -7.78
N HIS E 370 -5.80 12.90 -8.92
CA HIS E 370 -6.27 12.04 -10.01
C HIS E 370 -5.24 12.03 -11.13
N LEU E 371 -4.87 10.84 -11.58
CA LEU E 371 -3.81 10.68 -12.57
C LEU E 371 -4.34 9.99 -13.81
N LYS E 372 -3.85 10.42 -14.97
CA LYS E 372 -4.05 9.73 -16.23
C LYS E 372 -2.69 9.55 -16.90
N SER E 373 -2.65 8.71 -17.91
CA SER E 373 -1.44 8.58 -18.72
C SER E 373 -1.05 9.94 -19.29
N SER E 374 0.24 10.14 -19.48
CA SER E 374 0.70 11.40 -20.04
C SER E 374 0.88 11.33 -21.55
N LYS E 375 0.60 10.17 -22.14
CA LYS E 375 0.74 9.99 -23.57
C LYS E 375 -0.31 10.82 -24.33
N PRO E 376 -0.02 11.20 -25.58
CA PRO E 376 -1.02 11.87 -26.42
C PRO E 376 -2.17 10.93 -26.81
N LYS E 386 -6.69 4.98 -14.84
CA LYS E 386 -7.12 6.11 -14.02
C LYS E 386 -6.81 5.91 -12.51
N GLU E 387 -5.66 6.43 -12.09
CA GLU E 387 -5.11 6.28 -10.74
C GLU E 387 -5.48 7.45 -9.84
N THR E 388 -5.57 7.18 -8.53
CA THR E 388 -5.72 8.24 -7.55
C THR E 388 -4.80 7.95 -6.38
N LEU E 389 -4.18 9.02 -5.83
CA LEU E 389 -3.34 8.98 -4.65
C LEU E 389 -3.92 9.94 -3.60
N GLU E 390 -3.99 9.50 -2.35
CA GLU E 390 -4.35 10.40 -1.25
C GLU E 390 -3.08 10.84 -0.54
N VAL E 391 -2.81 12.14 -0.55
CA VAL E 391 -1.53 12.67 -0.09
C VAL E 391 -1.74 13.75 0.96
N ASP E 392 -0.80 13.82 1.89
CA ASP E 392 -0.76 14.90 2.87
C ASP E 392 -0.11 16.15 2.31
N ALA E 393 0.67 16.01 1.25
CA ALA E 393 1.40 17.12 0.67
C ALA E 393 1.83 16.73 -0.73
N LEU E 394 1.92 17.75 -1.58
CA LEU E 394 2.40 17.60 -2.94
C LEU E 394 3.51 18.61 -3.11
N MET E 395 4.73 18.11 -3.29
CA MET E 395 5.87 18.94 -3.63
C MET E 395 5.95 19.03 -5.16
N VAL E 396 6.01 20.27 -5.66
CA VAL E 396 5.92 20.58 -7.08
C VAL E 396 7.28 21.12 -7.53
N ALA E 397 8.01 20.30 -8.26
CA ALA E 397 9.39 20.58 -8.65
C ALA E 397 9.43 20.80 -10.16
N THR E 398 8.87 21.92 -10.58
CA THR E 398 8.68 22.26 -11.98
C THR E 398 9.52 23.48 -12.42
N GLY E 399 10.51 23.89 -11.64
CA GLY E 399 11.46 24.88 -12.12
C GLY E 399 10.92 26.29 -12.00
N TYR E 400 11.47 27.20 -12.82
CA TYR E 400 11.27 28.63 -12.61
C TYR E 400 11.00 29.37 -13.92
N ASN E 401 10.27 30.49 -13.81
CA ASN E 401 10.16 31.52 -14.84
C ASN E 401 11.05 32.68 -14.45
N ARG E 402 11.60 33.36 -15.46
CA ARG E 402 12.53 34.46 -15.24
C ARG E 402 12.06 35.69 -16.00
N ASN E 403 10.86 36.16 -15.70
CA ASN E 403 10.29 37.30 -16.42
C ASN E 403 9.87 38.44 -15.49
N ALA E 404 10.26 38.38 -14.21
CA ALA E 404 9.78 39.34 -13.22
C ALA E 404 10.29 40.75 -13.48
N HIS E 405 11.35 40.89 -14.26
CA HIS E 405 11.86 42.22 -14.53
C HIS E 405 10.87 43.06 -15.33
N GLU E 406 9.96 42.41 -16.08
CA GLU E 406 9.03 43.17 -16.91
C GLU E 406 8.00 43.95 -16.08
N ARG E 407 7.47 43.34 -15.02
CA ARG E 407 6.59 44.09 -14.15
C ARG E 407 7.36 45.18 -13.43
N LEU E 408 8.57 44.87 -12.97
CA LEU E 408 9.40 45.84 -12.26
C LEU E 408 9.72 47.04 -13.15
N LEU E 409 9.78 46.82 -14.46
CA LEU E 409 10.13 47.87 -15.42
C LEU E 409 8.93 48.43 -16.19
N SER E 410 7.70 48.15 -15.76
CA SER E 410 6.56 48.62 -16.54
C SER E 410 6.52 50.15 -16.61
N LYS E 411 6.94 50.84 -15.55
CA LYS E 411 6.86 52.30 -15.59
C LYS E 411 7.96 52.95 -16.41
N VAL E 412 8.95 52.22 -16.92
CA VAL E 412 9.94 52.79 -17.83
C VAL E 412 9.88 52.16 -19.22
N GLN E 413 8.88 51.31 -19.46
CA GLN E 413 8.89 50.63 -20.76
C GLN E 413 8.56 51.57 -21.91
N HIS E 414 8.05 52.78 -21.61
CA HIS E 414 7.79 53.79 -22.64
C HIS E 414 9.06 54.43 -23.19
N LEU E 415 10.21 54.14 -22.59
CA LEU E 415 11.51 54.61 -23.04
C LEU E 415 12.17 53.64 -24.04
N ARG E 416 11.56 52.48 -24.26
CA ARG E 416 12.06 51.55 -25.26
C ARG E 416 11.87 52.12 -26.66
N PRO E 417 12.70 51.70 -27.61
CA PRO E 417 12.50 52.11 -29.00
C PRO E 417 11.12 51.73 -29.52
N THR E 418 10.70 52.45 -30.54
CA THR E 418 9.36 52.30 -31.07
C THR E 418 9.08 50.87 -31.50
N GLY E 419 7.94 50.33 -31.04
CA GLY E 419 7.43 49.06 -31.47
C GLY E 419 7.88 47.86 -30.68
N GLN E 420 8.68 48.04 -29.62
CA GLN E 420 9.16 46.90 -28.86
C GLN E 420 8.17 46.59 -27.73
N ASP E 421 7.88 45.31 -27.58
CA ASP E 421 7.07 44.83 -26.46
C ASP E 421 7.90 44.03 -25.47
N GLN E 422 9.21 43.93 -25.70
CA GLN E 422 10.09 43.22 -24.80
C GLN E 422 11.37 44.03 -24.66
N TRP E 423 12.04 43.85 -23.52
CA TRP E 423 13.35 44.44 -23.34
C TRP E 423 14.37 43.66 -24.18
N LYS E 424 15.23 44.39 -24.91
CA LYS E 424 16.24 43.82 -25.80
C LYS E 424 17.63 44.13 -25.25
N PRO E 425 18.29 43.17 -24.61
CA PRO E 425 19.63 43.41 -24.08
C PRO E 425 20.70 43.24 -25.16
N HIS E 426 21.66 44.16 -25.14
CA HIS E 426 22.81 44.10 -26.01
C HIS E 426 23.74 43.00 -25.51
N ARG E 427 24.88 42.82 -26.20
CA ARG E 427 25.86 41.86 -25.71
C ARG E 427 26.26 42.17 -24.26
N ASP E 428 26.45 43.44 -23.92
CA ASP E 428 26.88 43.81 -22.56
C ASP E 428 25.73 43.92 -21.57
N TYR E 429 24.54 43.43 -21.91
CA TYR E 429 23.37 43.21 -21.05
C TYR E 429 22.59 44.49 -20.76
N ARG E 430 23.00 45.64 -21.30
CA ARG E 430 22.27 46.90 -21.19
C ARG E 430 21.09 46.90 -22.17
N VAL E 431 19.89 47.26 -21.69
CA VAL E 431 18.67 47.18 -22.49
C VAL E 431 18.57 48.36 -23.44
N GLU E 432 17.90 48.12 -24.57
CA GLU E 432 17.70 49.15 -25.59
C GLU E 432 16.72 50.23 -25.11
N MET E 433 17.19 51.47 -25.17
CA MET E 433 16.39 52.67 -24.92
C MET E 433 16.43 53.60 -26.13
N ASP E 434 15.38 54.38 -26.27
CA ASP E 434 15.31 55.45 -27.25
C ASP E 434 16.35 56.53 -26.92
N PRO E 435 17.34 56.77 -27.80
CA PRO E 435 18.40 57.75 -27.45
C PRO E 435 17.94 59.21 -27.44
N SER E 436 16.77 59.53 -28.01
CA SER E 436 16.23 60.87 -27.87
C SER E 436 15.35 61.04 -26.63
N LYS E 437 15.09 59.94 -25.89
CA LYS E 437 14.29 59.93 -24.66
C LYS E 437 15.10 59.67 -23.40
N VAL E 438 16.27 59.05 -23.51
CA VAL E 438 17.06 58.65 -22.35
C VAL E 438 18.50 59.14 -22.54
N SER E 439 19.05 59.77 -21.51
CA SER E 439 20.44 60.16 -21.56
C SER E 439 21.35 58.94 -21.64
N SER E 440 22.47 59.11 -22.35
CA SER E 440 23.41 58.00 -22.49
C SER E 440 24.13 57.64 -21.19
N GLU E 441 24.13 58.56 -20.21
CA GLU E 441 24.68 58.32 -18.88
C GLU E 441 23.74 57.53 -17.98
N ALA E 442 22.52 57.24 -18.42
CA ALA E 442 21.54 56.48 -17.65
C ALA E 442 21.18 55.21 -18.40
N GLY E 443 20.86 54.13 -17.68
CA GLY E 443 20.56 52.88 -18.37
C GLY E 443 20.22 51.76 -17.39
N ILE E 444 19.70 50.67 -17.93
CA ILE E 444 19.26 49.54 -17.15
C ILE E 444 19.82 48.24 -17.75
N TRP E 445 20.39 47.39 -16.90
CA TRP E 445 21.00 46.12 -17.28
C TRP E 445 20.21 44.95 -16.70
N LEU E 446 20.16 43.85 -17.44
CA LEU E 446 19.50 42.64 -16.99
C LEU E 446 20.56 41.58 -16.73
N GLN E 447 20.38 40.82 -15.66
CA GLN E 447 21.31 39.75 -15.30
C GLN E 447 20.55 38.50 -14.89
N GLY E 448 20.90 37.37 -15.52
CA GLY E 448 20.35 36.08 -15.11
C GLY E 448 19.06 35.66 -15.78
N CYS E 449 18.42 36.56 -16.51
CA CYS E 449 17.17 36.24 -17.22
C CYS E 449 17.34 36.28 -18.72
N ASN E 450 18.57 36.14 -19.22
CA ASN E 450 18.91 36.36 -20.62
C ASN E 450 19.40 35.10 -21.33
N GLU E 451 19.07 33.92 -20.82
CA GLU E 451 19.49 32.67 -21.45
C GLU E 451 19.25 32.67 -22.97
N ARG E 452 18.12 33.24 -23.42
CA ARG E 452 17.75 33.20 -24.84
C ARG E 452 18.73 33.95 -25.73
N THR E 453 19.34 35.03 -25.24
CA THR E 453 20.27 35.83 -26.04
C THR E 453 21.73 35.53 -25.75
N HIS E 454 22.05 34.99 -24.57
CA HIS E 454 23.42 34.86 -24.12
C HIS E 454 23.84 33.43 -23.80
N GLY E 455 22.92 32.47 -23.80
CA GLY E 455 23.28 31.07 -23.66
C GLY E 455 22.85 30.45 -22.32
N LEU E 456 22.99 29.12 -22.28
CA LEU E 456 22.57 28.33 -21.14
C LEU E 456 23.34 28.66 -19.85
N SER E 457 24.49 29.32 -19.93
CA SER E 457 25.25 29.68 -18.74
C SER E 457 24.70 30.90 -18.02
N ASP E 458 23.63 31.52 -18.56
CA ASP E 458 23.23 32.82 -18.06
C ASP E 458 22.65 32.77 -16.64
N SER E 459 21.81 31.78 -16.34
CA SER E 459 21.16 31.70 -15.04
C SER E 459 21.98 30.94 -13.99
N LEU E 460 23.17 30.46 -14.34
CA LEU E 460 23.98 29.60 -13.50
C LEU E 460 25.12 30.39 -12.86
N LEU E 461 26.04 29.67 -12.22
CA LEU E 461 27.27 30.27 -11.72
C LEU E 461 28.39 30.33 -12.76
N SER E 462 28.17 29.75 -13.97
CA SER E 462 29.26 29.42 -14.89
C SER E 462 30.10 30.61 -15.27
N VAL E 463 29.46 31.72 -15.59
CA VAL E 463 30.17 32.87 -16.12
C VAL E 463 30.13 34.07 -15.17
N LEU E 464 29.75 33.86 -13.90
CA LEU E 464 29.49 35.03 -13.05
C LEU E 464 30.76 35.83 -12.81
N ALA E 465 31.88 35.14 -12.57
CA ALA E 465 33.15 35.81 -12.30
C ALA E 465 33.57 36.69 -13.46
N VAL E 466 33.45 36.16 -14.68
CA VAL E 466 33.80 36.94 -15.86
C VAL E 466 32.75 38.01 -16.12
N ARG E 467 31.47 37.65 -16.00
CA ARG E 467 30.43 38.62 -16.28
C ARG E 467 30.51 39.79 -15.30
N GLY E 468 30.85 39.50 -14.05
CA GLY E 468 31.06 40.56 -13.10
C GLY E 468 32.08 41.57 -13.57
N GLY E 469 33.20 41.07 -14.10
CA GLY E 469 34.23 41.99 -14.58
C GLY E 469 33.77 42.85 -15.73
N GLU E 470 33.17 42.23 -16.75
CA GLU E 470 32.63 43.02 -17.88
C GLU E 470 31.55 43.97 -17.43
N MET E 471 30.68 43.54 -16.50
CA MET E 471 29.65 44.46 -16.01
C MET E 471 30.28 45.66 -15.32
N VAL E 472 31.36 45.46 -14.57
CA VAL E 472 32.05 46.57 -13.94
C VAL E 472 32.68 47.49 -14.99
N GLN E 473 33.25 46.93 -16.06
CA GLN E 473 33.85 47.76 -17.11
C GLN E 473 32.80 48.54 -17.88
N SER E 474 31.73 47.90 -18.32
CA SER E 474 30.78 48.64 -19.14
C SER E 474 30.02 49.67 -18.31
N ILE E 475 29.76 49.40 -17.03
CA ILE E 475 29.02 50.34 -16.19
C ILE E 475 29.95 51.38 -15.56
N PHE E 476 31.13 50.97 -15.08
CA PHE E 476 32.06 51.85 -14.36
C PHE E 476 33.36 52.12 -15.11
N GLY E 477 33.52 51.60 -16.32
CA GLY E 477 34.79 51.72 -17.03
C GLY E 477 35.32 53.12 -17.18
N GLU E 478 34.52 54.01 -17.79
CA GLU E 478 34.96 55.39 -18.00
C GLU E 478 35.24 56.12 -16.70
N GLN E 479 34.50 55.80 -15.64
CA GLN E 479 34.66 56.48 -14.36
C GLN E 479 36.01 56.20 -13.73
N LEU E 480 36.46 54.96 -13.76
CA LEU E 480 37.73 54.59 -13.13
C LEU E 480 38.92 54.80 -14.04
N GLU E 481 38.72 55.19 -15.30
CA GLU E 481 39.84 55.39 -16.21
C GLU E 481 40.24 56.86 -16.25
N LEU F 24 62.71 39.51 -7.97
CA LEU F 24 63.87 39.57 -7.09
C LEU F 24 65.10 40.01 -7.88
N ARG F 25 65.84 40.99 -7.37
CA ARG F 25 66.98 41.53 -8.12
C ARG F 25 68.26 40.76 -7.79
N SER F 26 69.16 40.67 -8.77
CA SER F 26 70.41 39.96 -8.60
C SER F 26 71.37 40.72 -7.69
N THR F 27 72.28 39.97 -7.07
CA THR F 27 73.41 40.43 -6.28
C THR F 27 74.71 40.13 -7.01
N PRO F 28 75.66 41.09 -7.03
CA PRO F 28 76.96 40.85 -7.67
C PRO F 28 77.63 39.59 -7.15
N GLN F 29 78.28 38.87 -8.09
CA GLN F 29 78.79 37.53 -7.80
C GLN F 29 79.83 37.53 -6.67
N ASP F 30 80.64 38.58 -6.58
CA ASP F 30 81.71 38.62 -5.58
C ASP F 30 81.28 39.17 -4.23
N GLU F 31 80.05 39.67 -4.09
CA GLU F 31 79.67 40.33 -2.85
C GLU F 31 79.17 39.29 -1.82
N LEU F 32 79.02 39.76 -0.58
CA LEU F 32 78.60 38.92 0.54
C LEU F 32 77.09 38.73 0.52
N HIS F 33 76.66 37.50 0.23
CA HIS F 33 75.24 37.22 0.11
C HIS F 33 74.59 37.04 1.49
N ASP F 34 73.29 37.33 1.54
CA ASP F 34 72.50 37.09 2.73
C ASP F 34 72.07 35.62 2.83
N LEU F 35 71.74 35.01 1.70
CA LEU F 35 71.36 33.61 1.62
C LEU F 35 71.83 33.04 0.29
N LEU F 36 72.40 31.84 0.35
CA LEU F 36 72.74 31.08 -0.85
C LEU F 36 72.08 29.71 -0.72
N CYS F 37 71.27 29.35 -1.71
CA CYS F 37 70.61 28.06 -1.75
C CYS F 37 71.32 27.20 -2.78
N VAL F 38 71.70 26.00 -2.37
CA VAL F 38 72.30 25.02 -3.25
C VAL F 38 71.19 24.16 -3.83
N GLY F 39 71.03 24.22 -5.16
CA GLY F 39 70.00 23.45 -5.83
C GLY F 39 68.82 24.34 -6.13
N PHE F 40 68.29 24.26 -7.35
CA PHE F 40 67.06 24.97 -7.64
C PHE F 40 66.01 23.98 -8.12
N GLY F 41 65.66 23.04 -7.26
CA GLY F 41 64.53 22.19 -7.49
C GLY F 41 63.33 22.78 -6.78
N PRO F 42 62.24 21.99 -6.66
CA PRO F 42 61.00 22.54 -6.09
C PRO F 42 61.14 23.09 -4.68
N ALA F 43 61.95 22.45 -3.82
CA ALA F 43 62.05 22.95 -2.45
C ALA F 43 62.69 24.32 -2.41
N SER F 44 63.76 24.53 -3.18
CA SER F 44 64.39 25.84 -3.21
C SER F 44 63.50 26.84 -3.93
N LEU F 45 62.82 26.40 -5.00
CA LEU F 45 61.91 27.27 -5.73
C LEU F 45 60.77 27.76 -4.84
N ALA F 46 60.22 26.89 -3.99
CA ALA F 46 59.18 27.33 -3.07
C ALA F 46 59.70 28.39 -2.11
N ILE F 47 60.99 28.33 -1.75
CA ILE F 47 61.59 29.37 -0.92
C ILE F 47 61.61 30.69 -1.67
N ALA F 48 62.03 30.66 -2.94
CA ALA F 48 62.10 31.87 -3.75
C ALA F 48 60.72 32.49 -3.93
N ILE F 49 59.71 31.64 -4.14
CA ILE F 49 58.35 32.15 -4.26
C ILE F 49 57.91 32.79 -2.95
N ALA F 50 58.16 32.10 -1.84
CA ALA F 50 57.76 32.62 -0.52
C ALA F 50 58.42 33.96 -0.22
N LEU F 51 59.66 34.16 -0.67
CA LEU F 51 60.31 35.45 -0.47
C LEU F 51 59.62 36.53 -1.29
N HIS F 52 59.32 36.23 -2.56
CA HIS F 52 58.58 37.16 -3.41
C HIS F 52 57.29 37.59 -2.73
N ASP F 53 56.50 36.63 -2.29
CA ASP F 53 55.24 36.95 -1.61
C ASP F 53 55.49 37.65 -0.28
N ALA F 54 56.61 37.34 0.40
CA ALA F 54 56.91 38.02 1.64
C ALA F 54 57.21 39.50 1.40
N LEU F 55 57.73 39.84 0.22
CA LEU F 55 58.13 41.20 -0.12
C LEU F 55 57.09 41.99 -0.90
N ASP F 56 55.93 41.42 -1.23
CA ASP F 56 54.91 42.15 -1.96
C ASP F 56 54.02 42.86 -0.95
N PRO F 57 53.95 44.20 -0.94
CA PRO F 57 53.12 44.89 0.05
C PRO F 57 51.66 44.51 -0.05
N ARG F 58 51.22 44.09 -1.23
CA ARG F 58 49.84 43.64 -1.43
C ARG F 58 49.48 42.40 -0.61
N LEU F 59 50.46 41.52 -0.34
CA LEU F 59 50.26 40.27 0.38
C LEU F 59 50.84 40.29 1.79
N ASN F 60 51.72 41.22 2.10
CA ASN F 60 52.34 41.33 3.43
C ASN F 60 52.17 42.77 3.92
N LYS F 61 53.04 43.20 4.84
CA LYS F 61 52.97 44.55 5.40
C LYS F 61 54.32 45.04 5.89
N GLN F 69 65.55 44.60 -0.15
CA GLN F 69 65.50 43.18 -0.52
C GLN F 69 66.74 42.42 -0.11
N PRO F 70 66.52 41.26 0.49
CA PRO F 70 67.66 40.39 0.84
C PRO F 70 68.47 39.97 -0.38
N LYS F 71 69.74 39.68 -0.14
CA LYS F 71 70.67 39.27 -1.18
C LYS F 71 70.66 37.75 -1.29
N ILE F 72 70.06 37.23 -2.36
CA ILE F 72 69.84 35.79 -2.52
C ILE F 72 70.49 35.32 -3.82
N CYS F 73 71.16 34.18 -3.77
CA CYS F 73 71.76 33.53 -4.94
C CYS F 73 71.47 32.04 -4.89
N PHE F 74 71.00 31.48 -6.01
CA PHE F 74 70.72 30.07 -6.14
C PHE F 74 71.70 29.43 -7.13
N LEU F 75 72.18 28.23 -6.80
CA LEU F 75 73.07 27.46 -7.67
C LEU F 75 72.45 26.12 -8.04
N GLU F 76 72.38 25.82 -9.33
CA GLU F 76 71.76 24.60 -9.83
C GLU F 76 72.71 23.90 -10.79
N ARG F 77 72.92 22.60 -10.59
CA ARG F 77 73.84 21.85 -11.45
C ARG F 77 73.28 21.67 -12.86
N GLN F 78 71.97 21.53 -13.01
CA GLN F 78 71.39 21.37 -14.34
C GLN F 78 71.50 22.67 -15.13
N LYS F 79 71.48 22.53 -16.47
CA LYS F 79 71.67 23.64 -17.40
C LYS F 79 70.47 24.58 -17.44
N GLN F 80 69.31 24.12 -16.98
CA GLN F 80 68.09 24.92 -16.87
C GLN F 80 67.18 24.18 -15.90
N PHE F 81 66.08 24.83 -15.51
CA PHE F 81 65.14 24.18 -14.60
C PHE F 81 64.56 22.93 -15.23
N ALA F 82 64.55 21.84 -14.47
CA ALA F 82 63.94 20.59 -14.92
C ALA F 82 63.57 19.79 -13.69
N TRP F 83 62.46 19.05 -13.80
CA TRP F 83 61.91 18.28 -12.69
C TRP F 83 61.84 16.79 -13.04
N HIS F 84 62.87 16.03 -12.60
CA HIS F 84 62.98 14.57 -12.78
C HIS F 84 62.72 14.14 -14.22
N SER F 85 63.57 14.63 -15.13
CA SER F 85 63.40 14.37 -16.56
C SER F 85 63.54 12.90 -16.92
N GLY F 86 64.27 12.12 -16.12
CA GLY F 86 64.43 10.71 -16.40
C GLY F 86 63.15 9.91 -16.29
N MET F 87 62.12 10.45 -15.62
CA MET F 87 60.87 9.74 -15.45
C MET F 87 59.67 10.53 -15.97
N LEU F 88 59.90 11.45 -16.91
CA LEU F 88 58.81 12.12 -17.61
C LEU F 88 58.31 11.21 -18.74
N VAL F 89 57.73 10.09 -18.33
CA VAL F 89 57.20 9.07 -19.23
C VAL F 89 55.85 9.54 -19.77
N PRO F 90 55.54 9.28 -21.03
CA PRO F 90 54.26 9.73 -21.58
C PRO F 90 53.10 9.25 -20.74
N GLY F 91 52.17 10.16 -20.48
CA GLY F 91 50.97 9.89 -19.71
C GLY F 91 51.12 9.84 -18.21
N SER F 92 52.33 9.97 -17.67
CA SER F 92 52.47 9.88 -16.23
C SER F 92 51.82 11.08 -15.58
N LYS F 93 51.14 10.85 -14.47
CA LYS F 93 50.37 11.88 -13.80
C LYS F 93 50.97 12.18 -12.42
N MET F 94 50.70 13.38 -11.93
CA MET F 94 51.04 13.70 -10.55
C MET F 94 50.27 12.77 -9.62
N GLN F 95 50.83 12.58 -8.42
CA GLN F 95 50.19 11.78 -7.40
C GLN F 95 49.81 12.63 -6.19
N ILE F 96 49.49 13.90 -6.42
CA ILE F 96 49.09 14.79 -5.34
C ILE F 96 48.20 15.87 -5.95
N SER F 97 47.19 16.30 -5.20
CA SER F 97 46.28 17.33 -5.67
C SER F 97 47.04 18.61 -6.02
N PHE F 98 46.59 19.28 -7.09
CA PHE F 98 47.23 20.53 -7.49
C PHE F 98 47.11 21.63 -6.44
N ILE F 99 46.21 21.50 -5.46
CA ILE F 99 46.13 22.50 -4.39
C ILE F 99 47.41 22.49 -3.58
N LYS F 100 48.09 21.34 -3.53
CA LYS F 100 49.38 21.23 -2.87
C LYS F 100 50.50 21.67 -3.81
N ASP F 101 50.30 22.81 -4.49
CA ASP F 101 51.32 23.39 -5.37
C ASP F 101 52.36 24.19 -4.57
N LEU F 102 53.08 25.10 -5.24
CA LEU F 102 54.18 25.82 -4.61
C LEU F 102 53.74 27.05 -3.82
N ALA F 103 52.45 27.34 -3.70
CA ALA F 103 52.04 28.56 -3.00
C ALA F 103 50.68 28.46 -2.31
N THR F 104 49.75 27.70 -2.88
CA THR F 104 48.33 27.81 -2.54
C THR F 104 48.06 27.52 -1.06
N LEU F 105 48.67 26.47 -0.52
CA LEU F 105 48.43 26.10 0.87
C LEU F 105 48.88 27.17 1.85
N ARG F 106 49.76 28.07 1.42
CA ARG F 106 50.21 29.23 2.18
C ARG F 106 49.40 30.49 1.88
N ASP F 107 49.09 30.75 0.60
CA ASP F 107 48.30 31.91 0.20
C ASP F 107 47.70 31.70 -1.19
N PRO F 108 46.41 31.42 -1.29
CA PRO F 108 45.79 31.24 -2.61
C PRO F 108 45.83 32.48 -3.47
N ARG F 109 46.06 33.65 -2.87
CA ARG F 109 46.15 34.90 -3.63
C ARG F 109 47.47 35.04 -4.33
N SER F 110 48.41 34.13 -4.08
CA SER F 110 49.73 34.20 -4.66
C SER F 110 49.62 34.15 -6.18
N SER F 111 50.51 34.86 -6.86
CA SER F 111 50.53 34.76 -8.31
C SER F 111 51.12 33.45 -8.80
N PHE F 112 51.75 32.68 -7.92
CA PHE F 112 52.46 31.45 -8.28
C PHE F 112 51.63 30.19 -8.02
N THR F 113 50.32 30.33 -7.86
CA THR F 113 49.45 29.16 -7.75
C THR F 113 49.35 28.45 -9.11
N PHE F 114 48.99 27.17 -9.08
CA PHE F 114 48.80 26.44 -10.32
C PHE F 114 47.64 27.01 -11.14
N LEU F 115 46.58 27.44 -10.46
CA LEU F 115 45.42 27.96 -11.16
C LEU F 115 45.73 29.28 -11.85
N ASN F 116 46.49 30.17 -11.20
CA ASN F 116 46.89 31.40 -11.88
C ASN F 116 47.87 31.13 -13.01
N TYR F 117 48.72 30.11 -12.87
CA TYR F 117 49.58 29.71 -13.98
C TYR F 117 48.74 29.42 -15.22
N LEU F 118 47.64 28.69 -15.03
CA LEU F 118 46.73 28.41 -16.12
C LEU F 118 46.13 29.67 -16.71
N HIS F 119 45.72 30.62 -15.85
CA HIS F 119 45.09 31.85 -16.32
C HIS F 119 46.03 32.62 -17.23
N GLN F 120 47.30 32.71 -16.84
CA GLN F 120 48.28 33.40 -17.67
C GLN F 120 48.47 32.70 -19.02
N LYS F 121 48.28 31.37 -19.05
CA LYS F 121 48.41 30.60 -20.28
C LYS F 121 47.09 30.48 -21.02
N GLY F 122 45.99 31.01 -20.47
CA GLY F 122 44.68 30.89 -21.09
C GLY F 122 44.11 29.49 -21.15
N ARG F 123 44.37 28.65 -20.16
CA ARG F 123 43.98 27.25 -20.18
C ARG F 123 43.10 26.88 -19.00
N LEU F 124 42.77 27.85 -18.14
CA LEU F 124 42.11 27.55 -16.87
C LEU F 124 40.74 26.92 -17.09
N ILE F 125 39.97 27.42 -18.05
CA ILE F 125 38.66 26.83 -18.34
C ILE F 125 38.82 25.42 -18.87
N HIS F 126 39.88 25.18 -19.67
CA HIS F 126 40.05 23.85 -20.26
C HIS F 126 40.50 22.83 -19.22
N PHE F 127 41.35 23.25 -18.27
CA PHE F 127 41.73 22.36 -17.17
C PHE F 127 40.54 22.01 -16.29
N THR F 128 39.62 22.97 -16.09
CA THR F 128 38.39 22.70 -15.34
C THR F 128 37.60 21.56 -15.97
N ASN F 129 37.53 21.52 -17.30
CA ASN F 129 36.80 20.44 -17.97
C ASN F 129 37.52 19.09 -17.94
N LEU F 130 38.82 19.04 -17.60
CA LEU F 130 39.47 17.77 -17.33
C LEU F 130 38.89 17.07 -16.10
N SER F 131 38.40 17.85 -15.13
CA SER F 131 37.82 17.33 -13.90
C SER F 131 38.79 16.42 -13.16
N THR F 132 40.03 16.88 -13.01
CA THR F 132 41.05 16.10 -12.35
C THR F 132 41.89 16.98 -11.43
N PHE F 133 42.31 16.40 -10.32
CA PHE F 133 43.29 17.06 -9.47
C PHE F 133 44.73 16.73 -9.83
N LEU F 134 44.94 15.84 -10.81
CA LEU F 134 46.27 15.27 -11.09
C LEU F 134 46.67 15.62 -12.51
N PRO F 135 47.29 16.78 -12.73
CA PRO F 135 47.75 17.11 -14.09
C PRO F 135 48.81 16.14 -14.51
N ALA F 136 49.01 16.03 -15.82
CA ALA F 136 50.13 15.22 -16.29
C ALA F 136 51.41 15.76 -15.71
N ARG F 137 52.35 14.85 -15.42
CA ARG F 137 53.65 15.28 -14.93
C ARG F 137 54.29 16.26 -15.90
N LEU F 138 54.03 16.09 -17.20
CA LEU F 138 54.52 17.05 -18.18
C LEU F 138 53.99 18.45 -17.89
N GLU F 139 52.69 18.56 -17.59
CA GLU F 139 52.11 19.88 -17.38
C GLU F 139 52.58 20.48 -16.06
N PHE F 140 52.65 19.67 -15.01
CA PHE F 140 53.05 20.20 -13.72
C PHE F 140 54.49 20.70 -13.73
N GLU F 141 55.37 20.06 -14.51
CA GLU F 141 56.73 20.57 -14.67
C GLU F 141 56.73 21.95 -15.33
N ASP F 142 55.88 22.14 -16.35
CA ASP F 142 55.80 23.42 -17.03
C ASP F 142 55.36 24.53 -16.08
N TYR F 143 54.47 24.20 -15.14
CA TYR F 143 54.08 25.17 -14.13
C TYR F 143 55.29 25.66 -13.33
N MET F 144 56.16 24.74 -12.91
CA MET F 144 57.32 25.14 -12.11
C MET F 144 58.38 25.83 -12.96
N ARG F 145 58.52 25.43 -14.22
CA ARG F 145 59.35 26.21 -15.13
C ARG F 145 58.82 27.63 -15.26
N TRP F 146 57.50 27.78 -15.38
CA TRP F 146 56.91 29.12 -15.47
C TRP F 146 57.20 29.94 -14.22
N CYS F 147 57.18 29.31 -13.04
CA CYS F 147 57.61 29.98 -11.82
C CYS F 147 59.09 30.30 -11.85
N ALA F 148 59.91 29.30 -12.20
CA ALA F 148 61.35 29.47 -12.07
C ALA F 148 61.85 30.60 -12.95
N GLN F 149 61.30 30.74 -14.17
CA GLN F 149 61.86 31.73 -15.10
C GLN F 149 61.72 33.15 -14.57
N GLN F 150 60.78 33.40 -13.67
CA GLN F 150 60.72 34.71 -13.02
C GLN F 150 61.80 34.92 -11.97
N PHE F 151 62.65 33.93 -11.68
CA PHE F 151 63.76 34.12 -10.75
C PHE F 151 65.10 33.99 -11.46
N SER F 152 65.11 34.08 -12.79
CA SER F 152 66.34 33.87 -13.54
C SER F 152 67.43 34.86 -13.12
N ASP F 153 67.05 36.01 -12.58
CA ASP F 153 68.04 37.00 -12.22
C ASP F 153 68.83 36.60 -10.98
N VAL F 154 68.31 35.71 -10.15
CA VAL F 154 68.99 35.32 -8.93
C VAL F 154 69.35 33.85 -8.93
N VAL F 155 69.24 33.17 -10.07
CA VAL F 155 69.58 31.76 -10.19
C VAL F 155 70.72 31.62 -11.18
N ALA F 156 71.76 30.91 -10.78
CA ALA F 156 72.92 30.64 -11.63
C ALA F 156 72.95 29.17 -12.00
N TYR F 157 72.62 28.87 -13.26
CA TYR F 157 72.56 27.49 -13.74
C TYR F 157 73.95 27.01 -14.20
N GLY F 158 74.05 25.69 -14.37
CA GLY F 158 75.30 25.04 -14.74
C GLY F 158 76.38 25.09 -13.69
N GLU F 159 76.02 25.10 -12.39
CA GLU F 159 76.98 25.22 -11.30
C GLU F 159 76.83 24.04 -10.34
N GLU F 160 77.83 23.16 -10.26
CA GLU F 160 77.78 22.06 -9.31
C GLU F 160 78.57 22.43 -8.06
N VAL F 161 77.85 22.70 -6.97
CA VAL F 161 78.46 23.02 -5.70
C VAL F 161 79.23 21.80 -5.20
N VAL F 162 80.49 22.02 -4.82
CA VAL F 162 81.35 20.92 -4.43
C VAL F 162 81.84 21.01 -3.00
N GLU F 163 81.82 22.18 -2.37
CA GLU F 163 82.17 22.28 -0.96
C GLU F 163 81.60 23.56 -0.35
N VAL F 164 81.31 23.48 0.95
CA VAL F 164 80.97 24.63 1.79
C VAL F 164 82.06 24.72 2.86
N ILE F 165 82.78 25.82 2.90
CA ILE F 165 83.90 25.96 3.84
C ILE F 165 83.66 27.11 4.81
N PRO F 166 84.11 26.99 6.07
CA PRO F 166 83.84 28.03 7.05
C PRO F 166 84.61 29.31 6.74
N GLY F 167 84.14 30.40 7.30
CA GLY F 167 84.82 31.68 7.10
C GLY F 167 84.79 32.56 8.34
N LYS F 168 85.86 33.33 8.48
CA LYS F 168 86.00 34.31 9.55
C LYS F 168 86.43 35.64 8.96
N SER F 169 85.59 36.66 9.12
CA SER F 169 85.93 37.99 8.63
C SER F 169 87.04 38.62 9.45
N ASP F 170 87.22 38.15 10.68
CA ASP F 170 88.41 38.43 11.49
C ASP F 170 89.14 37.12 11.70
N PRO F 171 90.35 36.95 11.16
CA PRO F 171 91.15 35.77 11.49
C PRO F 171 91.23 35.47 12.99
N SER F 172 91.28 36.50 13.84
CA SER F 172 91.47 36.32 15.28
C SER F 172 90.18 36.45 16.08
N SER F 173 89.05 36.09 15.50
CA SER F 173 87.81 35.94 16.24
C SER F 173 87.54 34.46 16.49
N SER F 174 86.81 34.17 17.55
CA SER F 174 86.66 32.77 17.93
C SER F 174 85.58 32.07 17.12
N VAL F 175 84.57 32.81 16.66
CA VAL F 175 83.42 32.27 15.96
C VAL F 175 83.53 32.48 14.45
N VAL F 176 83.08 31.47 13.70
CA VAL F 176 82.88 31.58 12.25
C VAL F 176 81.62 32.39 12.01
N ASP F 177 81.65 33.32 11.06
CA ASP F 177 80.45 34.12 10.80
C ASP F 177 80.02 34.17 9.32
N PHE F 178 80.66 33.42 8.44
CA PHE F 178 80.12 33.23 7.10
C PHE F 178 80.69 31.96 6.52
N PHE F 179 80.15 31.56 5.37
CA PHE F 179 80.56 30.34 4.69
C PHE F 179 80.84 30.66 3.23
N THR F 180 81.86 30.00 2.66
CA THR F 180 82.18 30.11 1.25
C THR F 180 81.72 28.84 0.52
N VAL F 181 80.87 29.02 -0.49
CA VAL F 181 80.34 27.94 -1.30
C VAL F 181 81.07 27.94 -2.63
N ARG F 182 81.71 26.81 -2.97
CA ARG F 182 82.46 26.69 -4.21
C ARG F 182 81.68 25.79 -5.16
N SER F 183 81.50 26.25 -6.40
CA SER F 183 80.73 25.50 -7.38
C SER F 183 81.58 25.32 -8.62
N ARG F 184 81.51 24.13 -9.20
CA ARG F 184 82.23 23.80 -10.42
C ARG F 184 81.27 23.87 -11.59
N ASN F 185 81.66 24.62 -12.61
CA ASN F 185 80.84 24.74 -13.81
C ASN F 185 80.89 23.44 -14.61
N VAL F 186 79.70 22.89 -14.93
CA VAL F 186 79.63 21.61 -15.63
C VAL F 186 80.07 21.70 -17.07
N GLU F 187 80.13 22.90 -17.65
CA GLU F 187 80.60 23.07 -19.02
C GLU F 187 82.11 23.30 -19.10
N THR F 188 82.63 24.20 -18.27
CA THR F 188 84.03 24.60 -18.33
C THR F 188 84.90 23.95 -17.27
N GLY F 189 84.32 23.47 -16.18
CA GLY F 189 85.09 23.01 -15.06
C GLY F 189 85.66 24.08 -14.16
N GLU F 190 85.44 25.37 -14.47
CA GLU F 190 86.03 26.43 -13.66
C GLU F 190 85.37 26.48 -12.29
N ILE F 191 86.20 26.62 -11.26
CA ILE F 191 85.75 26.65 -9.87
C ILE F 191 85.57 28.10 -9.45
N SER F 192 84.37 28.46 -9.02
CA SER F 192 84.09 29.81 -8.55
C SER F 192 83.58 29.76 -7.11
N ALA F 193 83.72 30.88 -6.41
CA ALA F 193 83.39 30.93 -4.98
C ALA F 193 82.49 32.12 -4.67
N ARG F 194 81.49 31.89 -3.83
CA ARG F 194 80.57 32.93 -3.38
C ARG F 194 80.48 32.91 -1.86
N ARG F 195 80.40 34.09 -1.27
CA ARG F 195 80.31 34.22 0.17
C ARG F 195 78.88 34.53 0.58
N THR F 196 78.44 33.88 1.66
CA THR F 196 77.10 34.11 2.16
C THR F 196 77.09 33.94 3.66
N ARG F 197 76.17 34.65 4.32
CA ARG F 197 75.99 34.51 5.76
C ARG F 197 75.23 33.23 6.12
N LYS F 198 74.35 32.78 5.24
CA LYS F 198 73.52 31.61 5.50
C LYS F 198 73.45 30.75 4.24
N VAL F 199 73.31 29.44 4.43
CA VAL F 199 73.32 28.46 3.34
C VAL F 199 72.13 27.52 3.50
N VAL F 200 71.44 27.25 2.39
CA VAL F 200 70.36 26.27 2.33
C VAL F 200 70.81 25.11 1.45
N ILE F 201 70.67 23.89 1.95
CA ILE F 201 71.01 22.67 1.20
C ILE F 201 69.71 22.01 0.81
N ALA F 202 69.40 22.01 -0.50
CA ALA F 202 68.17 21.46 -1.05
C ALA F 202 68.54 20.74 -2.35
N ILE F 203 69.14 19.57 -2.21
CA ILE F 203 69.76 18.89 -3.34
C ILE F 203 69.03 17.60 -3.71
N GLY F 204 67.80 17.42 -3.22
CA GLY F 204 67.04 16.27 -3.66
C GLY F 204 67.71 14.98 -3.25
N GLY F 205 67.77 14.04 -4.20
CA GLY F 205 68.32 12.73 -3.93
C GLY F 205 69.33 12.29 -4.98
N THR F 206 70.14 11.31 -4.58
CA THR F 206 71.04 10.59 -5.48
C THR F 206 70.48 9.19 -5.71
N ALA F 207 70.67 8.67 -6.92
CA ALA F 207 70.08 7.37 -7.26
C ALA F 207 70.58 6.28 -6.33
N LYS F 208 69.65 5.49 -5.79
CA LYS F 208 69.99 4.36 -4.93
C LYS F 208 69.98 3.08 -5.76
N MET F 209 71.10 2.37 -5.77
CA MET F 209 71.23 1.12 -6.51
C MET F 209 71.43 -0.06 -5.56
N PRO F 210 70.90 -1.24 -5.90
CA PRO F 210 71.25 -2.46 -5.16
C PRO F 210 72.75 -2.75 -5.26
N SER F 211 73.33 -3.17 -4.12
CA SER F 211 74.78 -3.31 -4.01
C SER F 211 75.33 -4.34 -4.98
N GLY F 212 74.78 -5.55 -5.00
CA GLY F 212 75.36 -6.63 -5.79
C GLY F 212 75.32 -6.44 -7.29
N LEU F 213 74.70 -5.38 -7.79
CA LEU F 213 74.67 -5.07 -9.22
C LEU F 213 75.97 -4.39 -9.67
N PRO F 214 76.50 -4.78 -10.82
CA PRO F 214 77.74 -4.17 -11.33
C PRO F 214 77.46 -2.92 -12.16
N GLN F 215 78.52 -2.16 -12.38
CA GLN F 215 78.46 -0.97 -13.23
C GLN F 215 78.53 -1.38 -14.68
N ASP F 216 77.55 -0.94 -15.48
CA ASP F 216 77.51 -1.28 -16.90
C ASP F 216 76.57 -0.32 -17.61
N PRO F 217 76.91 0.13 -18.81
CA PRO F 217 76.05 1.10 -19.52
C PRO F 217 74.64 0.61 -19.77
N ARG F 218 74.43 -0.69 -19.83
CA ARG F 218 73.11 -1.26 -20.07
C ARG F 218 72.32 -1.47 -18.77
N ILE F 219 72.83 -0.98 -17.65
CA ILE F 219 72.14 -1.05 -16.37
C ILE F 219 71.86 0.41 -16.00
N ILE F 220 70.63 0.86 -16.22
CA ILE F 220 70.31 2.28 -16.18
C ILE F 220 69.28 2.50 -15.09
N HIS F 221 69.59 3.39 -14.16
CA HIS F 221 68.66 3.73 -13.08
C HIS F 221 67.44 4.46 -13.63
N SER F 222 66.32 4.33 -12.91
CA SER F 222 65.05 4.89 -13.38
C SER F 222 65.14 6.40 -13.57
N SER F 223 65.95 7.08 -12.76
CA SER F 223 66.17 8.52 -12.90
C SER F 223 66.75 8.87 -14.26
N LYS F 224 67.25 7.89 -15.00
CA LYS F 224 67.84 8.13 -16.32
C LYS F 224 67.07 7.40 -17.43
N TYR F 225 65.80 7.06 -17.20
CA TYR F 225 65.07 6.25 -18.18
C TYR F 225 64.90 7.00 -19.49
N CYS F 226 64.16 8.12 -19.47
CA CYS F 226 63.86 8.83 -20.71
C CYS F 226 65.10 9.42 -21.36
N THR F 227 66.12 9.77 -20.57
CA THR F 227 67.26 10.50 -21.10
C THR F 227 68.38 9.60 -21.62
N THR F 228 68.48 8.37 -21.12
CA THR F 228 69.57 7.48 -21.51
C THR F 228 69.10 6.27 -22.29
N LEU F 229 67.93 5.72 -21.99
CA LEU F 229 67.53 4.51 -22.70
C LEU F 229 67.38 4.72 -24.20
N PRO F 230 66.73 5.78 -24.70
CA PRO F 230 66.68 5.97 -26.16
C PRO F 230 68.05 6.06 -26.80
N ALA F 231 69.03 6.64 -26.11
CA ALA F 231 70.39 6.71 -26.63
C ALA F 231 71.06 5.35 -26.70
N LEU F 232 70.65 4.40 -25.85
CA LEU F 232 71.21 3.05 -25.91
C LEU F 232 70.52 2.15 -26.93
N LEU F 233 69.18 2.17 -26.97
CA LEU F 233 68.38 1.33 -27.85
C LEU F 233 67.71 2.24 -28.88
N LYS F 234 68.38 2.45 -30.03
CA LYS F 234 67.93 3.50 -30.94
C LYS F 234 66.69 3.11 -31.74
N ASP F 235 66.53 1.83 -32.09
CA ASP F 235 65.48 1.39 -33.00
C ASP F 235 64.28 0.86 -32.19
N LYS F 236 63.18 1.62 -32.21
CA LYS F 236 62.03 1.30 -31.37
C LYS F 236 61.34 -0.01 -31.74
N SER F 237 61.59 -0.54 -32.94
CA SER F 237 60.89 -1.73 -33.42
C SER F 237 61.71 -3.01 -33.26
N LYS F 238 62.96 -2.90 -32.84
CA LYS F 238 63.80 -4.08 -32.68
C LYS F 238 63.26 -4.92 -31.52
N PRO F 239 63.36 -6.24 -31.62
CA PRO F 239 62.81 -7.11 -30.53
C PRO F 239 63.74 -7.22 -29.33
N TYR F 240 63.86 -6.12 -28.60
CA TYR F 240 64.68 -6.12 -27.40
C TYR F 240 64.07 -6.98 -26.29
N ASN F 241 64.93 -7.56 -25.47
CA ASN F 241 64.54 -8.05 -24.14
C ASN F 241 65.00 -7.01 -23.12
N ILE F 242 64.07 -6.44 -22.37
CA ILE F 242 64.37 -5.41 -21.39
C ILE F 242 63.75 -5.81 -20.06
N ALA F 243 64.54 -5.75 -18.99
CA ALA F 243 64.10 -6.07 -17.64
C ALA F 243 63.96 -4.80 -16.80
N VAL F 244 63.06 -4.87 -15.83
CA VAL F 244 62.78 -3.79 -14.89
C VAL F 244 62.78 -4.35 -13.47
N LEU F 245 63.59 -3.76 -12.58
CA LEU F 245 63.75 -4.25 -11.22
C LEU F 245 63.08 -3.30 -10.23
N GLY F 246 62.14 -3.81 -9.46
CA GLY F 246 61.42 -3.03 -8.47
C GLY F 246 59.93 -3.26 -8.57
N SER F 247 59.21 -2.72 -7.57
CA SER F 247 57.77 -2.94 -7.50
C SER F 247 57.01 -1.69 -7.07
N GLY F 248 57.65 -0.52 -7.12
CA GLY F 248 57.01 0.73 -6.80
C GLY F 248 56.54 1.47 -8.03
N GLN F 249 56.15 2.72 -7.81
CA GLN F 249 55.57 3.53 -8.87
C GLN F 249 56.52 3.64 -10.06
N SER F 250 57.80 3.90 -9.79
CA SER F 250 58.75 4.12 -10.87
C SER F 250 58.92 2.86 -11.71
N ALA F 251 58.96 1.69 -11.08
CA ALA F 251 59.13 0.46 -11.82
C ALA F 251 57.94 0.21 -12.74
N ALA F 252 56.72 0.41 -12.21
CA ALA F 252 55.51 0.16 -12.96
C ALA F 252 55.40 1.07 -14.18
N GLU F 253 55.76 2.34 -14.02
CA GLU F 253 55.66 3.26 -15.14
C GLU F 253 56.59 2.85 -16.27
N ILE F 254 57.79 2.38 -15.93
CA ILE F 254 58.77 1.99 -16.93
C ILE F 254 58.35 0.69 -17.62
N PHE F 255 57.95 -0.32 -16.84
CA PHE F 255 57.46 -1.56 -17.42
C PHE F 255 56.31 -1.31 -18.38
N HIS F 256 55.33 -0.50 -17.94
CA HIS F 256 54.18 -0.17 -18.77
C HIS F 256 54.59 0.65 -19.99
N ASP F 257 55.44 1.66 -19.79
CA ASP F 257 55.82 2.52 -20.91
C ASP F 257 56.66 1.75 -21.93
N LEU F 258 57.55 0.86 -21.48
CA LEU F 258 58.39 0.09 -22.40
C LEU F 258 57.54 -0.69 -23.40
N GLN F 259 56.40 -1.22 -22.95
CA GLN F 259 55.60 -2.03 -23.84
C GLN F 259 54.97 -1.18 -24.94
N LYS F 260 54.75 0.11 -24.67
CA LYS F 260 54.31 1.00 -25.73
C LYS F 260 55.49 1.55 -26.51
N ARG F 261 56.60 1.87 -25.82
CA ARG F 261 57.76 2.51 -26.44
C ARG F 261 58.51 1.57 -27.37
N TYR F 262 58.64 0.30 -26.99
CA TYR F 262 59.21 -0.74 -27.84
C TYR F 262 58.13 -1.80 -28.05
N PRO F 263 57.25 -1.61 -29.03
CA PRO F 263 56.09 -2.51 -29.16
C PRO F 263 56.47 -3.94 -29.50
N ASN F 264 57.66 -4.19 -30.01
CA ASN F 264 58.06 -5.56 -30.30
C ASN F 264 59.00 -6.12 -29.24
N SER F 265 59.26 -5.36 -28.18
CA SER F 265 60.20 -5.81 -27.16
C SER F 265 59.57 -6.88 -26.29
N ARG F 266 60.41 -7.60 -25.59
CA ARG F 266 59.99 -8.50 -24.52
C ARG F 266 60.49 -7.91 -23.20
N THR F 267 59.56 -7.51 -22.36
CA THR F 267 59.86 -6.88 -21.10
C THR F 267 59.54 -7.84 -19.95
N THR F 268 60.32 -7.71 -18.87
CA THR F 268 60.17 -8.52 -17.66
C THR F 268 60.31 -7.60 -16.45
N LEU F 269 59.29 -7.61 -15.58
CA LEU F 269 59.32 -6.89 -14.30
C LEU F 269 59.73 -7.85 -13.19
N ILE F 270 60.85 -7.57 -12.52
CA ILE F 270 61.44 -8.46 -11.53
C ILE F 270 61.23 -7.85 -10.16
N MET F 271 60.42 -8.48 -9.31
CA MET F 271 60.12 -7.91 -8.01
C MET F 271 60.35 -8.90 -6.88
N ARG F 272 60.90 -8.40 -5.77
CA ARG F 272 61.09 -9.23 -4.59
C ARG F 272 59.77 -9.51 -3.89
N ASP F 273 58.83 -8.57 -3.94
CA ASP F 273 57.52 -8.78 -3.36
C ASP F 273 56.72 -9.71 -4.25
N SER F 274 55.61 -10.22 -3.70
CA SER F 274 54.76 -11.12 -4.46
C SER F 274 53.86 -10.38 -5.45
N ALA F 275 53.60 -9.09 -5.24
CA ALA F 275 52.67 -8.33 -6.09
C ALA F 275 52.94 -6.83 -5.96
N MET F 276 52.53 -6.09 -6.99
CA MET F 276 52.43 -4.64 -6.88
C MET F 276 51.28 -4.28 -5.95
N ARG F 277 51.54 -3.37 -5.01
CA ARG F 277 50.60 -3.02 -3.97
C ARG F 277 50.20 -1.55 -4.08
N PRO F 278 48.94 -1.22 -3.76
CA PRO F 278 48.42 0.13 -4.06
C PRO F 278 48.93 1.20 -3.11
N SER F 279 49.18 2.38 -3.66
CA SER F 279 49.55 3.52 -2.85
C SER F 279 48.32 4.01 -2.07
N ASP F 280 48.58 4.55 -0.88
CA ASP F 280 47.52 4.90 0.06
C ASP F 280 47.33 6.41 0.05
N ASP F 281 46.11 6.82 -0.31
CA ASP F 281 45.67 8.20 -0.47
C ASP F 281 44.46 8.52 0.39
N SER F 282 43.83 7.51 0.97
CA SER F 282 42.57 7.66 1.68
C SER F 282 42.65 8.80 2.70
N PRO F 283 41.56 9.53 2.91
CA PRO F 283 41.69 10.88 3.50
C PRO F 283 42.15 10.93 4.95
N PHE F 284 41.78 9.97 5.80
CA PHE F 284 42.28 10.03 7.17
C PHE F 284 43.76 9.72 7.21
N VAL F 285 44.18 8.66 6.51
CA VAL F 285 45.61 8.31 6.48
C VAL F 285 46.39 9.49 5.93
N ASN F 286 45.86 10.16 4.92
CA ASN F 286 46.57 11.19 4.20
C ASN F 286 46.83 12.45 5.01
N GLU F 287 46.29 12.57 6.22
CA GLU F 287 46.52 13.79 6.98
C GLU F 287 47.95 13.91 7.51
N ILE F 288 48.76 12.85 7.44
CA ILE F 288 50.16 12.96 7.85
C ILE F 288 50.95 13.92 6.96
N PHE F 289 50.46 14.20 5.76
CA PHE F 289 51.12 15.14 4.86
C PHE F 289 50.63 16.58 5.02
N ASN F 290 49.66 16.85 5.89
CA ASN F 290 49.21 18.22 6.13
C ASN F 290 50.35 19.06 6.71
N PRO F 291 50.49 20.33 6.31
CA PRO F 291 51.61 21.15 6.82
C PRO F 291 51.66 21.24 8.34
N GLU F 292 50.50 21.26 9.01
CA GLU F 292 50.41 21.45 10.45
C GLU F 292 50.73 20.19 11.26
N ARG F 293 50.91 19.04 10.61
CA ARG F 293 51.32 17.84 11.32
C ARG F 293 52.80 17.79 11.60
N VAL F 294 53.59 18.62 10.92
CA VAL F 294 55.04 18.56 11.10
C VAL F 294 55.43 18.88 12.54
N ASP F 295 54.73 19.82 13.19
CA ASP F 295 55.01 20.13 14.58
C ASP F 295 54.84 18.91 15.48
N LYS F 296 53.70 18.23 15.39
CA LYS F 296 53.46 17.10 16.28
C LYS F 296 54.45 15.98 16.00
N PHE F 297 54.73 15.75 14.72
CA PHE F 297 55.64 14.68 14.34
C PHE F 297 57.03 14.93 14.90
N TYR F 298 57.52 16.17 14.77
CA TYR F 298 58.88 16.47 15.20
C TYR F 298 59.05 16.24 16.70
N SER F 299 58.04 16.61 17.49
CA SER F 299 58.08 16.53 18.95
C SER F 299 57.93 15.12 19.48
N GLN F 300 57.69 14.13 18.62
CA GLN F 300 57.54 12.77 19.11
C GLN F 300 58.91 12.18 19.39
N SER F 301 58.92 11.14 20.21
CA SER F 301 60.21 10.51 20.52
C SER F 301 60.73 9.79 19.28
N ALA F 302 62.03 9.52 19.29
CA ALA F 302 62.68 8.89 18.15
C ALA F 302 62.01 7.58 17.80
N ALA F 303 61.72 6.76 18.82
CA ALA F 303 61.07 5.47 18.58
C ALA F 303 59.70 5.67 17.96
N GLU F 304 58.96 6.67 18.43
CA GLU F 304 57.63 6.92 17.89
C GLU F 304 57.72 7.37 16.43
N ARG F 305 58.72 8.17 16.08
CA ARG F 305 58.82 8.65 14.70
C ARG F 305 59.13 7.50 13.75
N GLN F 306 60.04 6.61 14.13
CA GLN F 306 60.35 5.45 13.30
C GLN F 306 59.15 4.52 13.19
N ARG F 307 58.36 4.39 14.27
CA ARG F 307 57.15 3.59 14.21
C ARG F 307 56.11 4.19 13.26
N SER F 308 55.94 5.52 13.29
CA SER F 308 54.95 6.15 12.43
C SER F 308 55.34 6.07 10.95
N LEU F 309 56.62 6.29 10.65
CA LEU F 309 57.05 6.20 9.27
C LEU F 309 56.78 4.81 8.69
N LEU F 310 57.09 3.77 9.48
CA LEU F 310 56.94 2.42 8.95
C LEU F 310 55.46 2.10 8.72
N ALA F 311 54.60 2.43 9.68
CA ALA F 311 53.16 2.19 9.56
C ALA F 311 52.54 2.94 8.38
N ASP F 312 53.20 3.99 7.88
CA ASP F 312 52.72 4.79 6.76
C ASP F 312 53.45 4.52 5.44
N LYS F 313 54.20 3.40 5.35
CA LYS F 313 55.00 3.12 4.16
C LYS F 313 54.15 3.04 2.88
N ALA F 314 52.90 2.58 2.98
CA ALA F 314 52.04 2.45 1.80
C ALA F 314 51.61 3.80 1.23
N THR F 315 51.91 4.89 1.92
CA THR F 315 51.66 6.21 1.39
C THR F 315 52.72 6.67 0.39
N ASN F 316 53.90 6.04 0.35
CA ASN F 316 54.94 6.64 -0.47
C ASN F 316 55.96 5.65 -1.04
N TYR F 317 56.15 4.51 -0.39
CA TYR F 317 57.29 3.63 -0.69
C TYR F 317 56.86 2.25 -1.16
N SER F 318 57.49 1.80 -2.25
CA SER F 318 57.22 0.49 -2.85
C SER F 318 55.73 0.31 -3.09
N VAL F 319 55.10 1.34 -3.67
CA VAL F 319 53.67 1.35 -3.94
C VAL F 319 53.37 1.97 -5.30
N VAL F 320 52.20 1.61 -5.85
CA VAL F 320 51.77 2.02 -7.18
C VAL F 320 50.38 2.60 -7.12
N ARG F 321 50.15 3.69 -7.86
CA ARG F 321 48.80 4.22 -8.04
C ARG F 321 47.90 3.10 -8.56
N LEU F 322 46.76 2.92 -7.87
CA LEU F 322 45.88 1.79 -8.15
C LEU F 322 45.48 1.69 -9.62
N GLU F 323 45.13 2.82 -10.23
CA GLU F 323 44.66 2.81 -11.62
C GLU F 323 45.71 2.20 -12.54
N LEU F 324 46.99 2.49 -12.27
CA LEU F 324 48.06 1.89 -13.06
C LEU F 324 48.16 0.39 -12.81
N ILE F 325 48.01 -0.03 -11.54
CA ILE F 325 48.01 -1.46 -11.25
C ILE F 325 46.96 -2.15 -12.12
N GLU F 326 45.76 -1.56 -12.19
CA GLU F 326 44.66 -2.16 -12.93
C GLU F 326 44.96 -2.17 -14.43
N GLU F 327 45.64 -1.14 -14.95
CA GLU F 327 45.94 -1.09 -16.37
C GLU F 327 47.06 -2.07 -16.74
N ILE F 328 47.95 -2.38 -15.80
CA ILE F 328 48.93 -3.44 -16.04
C ILE F 328 48.26 -4.81 -15.92
N TYR F 329 47.29 -4.95 -15.01
CA TYR F 329 46.60 -6.23 -14.86
C TYR F 329 45.76 -6.54 -16.10
N ASN F 330 45.07 -5.53 -16.63
CA ASN F 330 44.30 -5.71 -17.87
C ASN F 330 45.18 -6.15 -19.03
N ASP F 331 46.39 -5.60 -19.13
CA ASP F 331 47.30 -6.00 -20.20
C ASP F 331 47.75 -7.44 -20.04
N MET F 332 48.03 -7.87 -18.81
CA MET F 332 48.36 -9.27 -18.56
C MET F 332 47.16 -10.17 -18.83
N TYR F 333 45.94 -9.70 -18.50
CA TYR F 333 44.76 -10.49 -18.78
C TYR F 333 44.54 -10.62 -20.28
N LEU F 334 44.80 -9.54 -21.03
CA LEU F 334 44.65 -9.58 -22.48
C LEU F 334 45.60 -10.60 -23.11
N GLN F 335 46.84 -10.71 -22.60
CA GLN F 335 47.75 -11.73 -23.10
C GLN F 335 47.27 -13.14 -22.79
N ARG F 336 46.59 -13.32 -21.66
CA ARG F 336 46.04 -14.63 -21.31
C ARG F 336 44.92 -15.04 -22.28
N VAL F 337 44.16 -14.06 -22.77
CA VAL F 337 43.12 -14.31 -23.77
C VAL F 337 43.72 -14.87 -25.05
N LYS F 338 44.84 -14.32 -25.50
CA LYS F 338 45.46 -14.75 -26.76
C LYS F 338 46.23 -16.06 -26.60
N ASN F 339 46.79 -16.31 -25.43
CA ASN F 339 47.58 -17.51 -25.18
C ASN F 339 47.49 -17.85 -23.70
N PRO F 340 46.91 -19.00 -23.35
CA PRO F 340 46.70 -19.32 -21.93
C PRO F 340 47.98 -19.64 -21.17
N ASP F 341 49.08 -19.95 -21.87
CA ASP F 341 50.35 -20.31 -21.23
C ASP F 341 51.17 -19.05 -20.94
N GLU F 342 51.45 -18.80 -19.65
CA GLU F 342 52.08 -17.55 -19.27
C GLU F 342 53.51 -17.44 -19.79
N THR F 343 54.21 -18.56 -19.95
CA THR F 343 55.64 -18.48 -20.30
C THR F 343 55.88 -17.98 -21.72
N GLN F 344 54.89 -18.03 -22.59
CA GLN F 344 55.04 -17.56 -23.97
C GLN F 344 54.64 -16.10 -24.16
N TRP F 345 54.21 -15.41 -23.09
CA TRP F 345 53.71 -14.04 -23.23
C TRP F 345 54.85 -13.11 -23.60
N GLN F 346 54.49 -12.04 -24.33
CA GLN F 346 55.48 -11.03 -24.70
C GLN F 346 56.03 -10.29 -23.46
N HIS F 347 55.16 -9.92 -22.52
CA HIS F 347 55.56 -9.16 -21.35
C HIS F 347 55.18 -9.92 -20.08
N ARG F 348 56.14 -10.11 -19.17
CA ARG F 348 55.91 -10.96 -18.00
C ARG F 348 56.29 -10.25 -16.70
N ILE F 349 55.70 -10.72 -15.60
CA ILE F 349 55.98 -10.26 -14.24
C ILE F 349 56.51 -11.44 -13.44
N LEU F 350 57.68 -11.27 -12.81
CA LEU F 350 58.30 -12.34 -12.02
C LEU F 350 58.32 -11.95 -10.55
N PRO F 351 57.39 -12.45 -9.72
CA PRO F 351 57.36 -12.07 -8.31
C PRO F 351 58.34 -12.86 -7.46
N GLU F 352 58.64 -12.30 -6.29
CA GLU F 352 59.50 -12.94 -5.29
C GLU F 352 60.81 -13.42 -5.91
N ARG F 353 61.53 -12.48 -6.54
CA ARG F 353 62.77 -12.80 -7.24
C ARG F 353 63.88 -11.90 -6.72
N LYS F 354 65.11 -12.42 -6.71
CA LYS F 354 66.27 -11.58 -6.46
C LYS F 354 67.37 -11.95 -7.45
N ILE F 355 68.13 -10.95 -7.86
CA ILE F 355 69.24 -11.17 -8.79
C ILE F 355 70.45 -11.64 -8.00
N THR F 356 70.91 -12.86 -8.28
CA THR F 356 72.04 -13.44 -7.58
C THR F 356 73.34 -13.25 -8.32
N ARG F 357 73.29 -12.94 -9.62
CA ARG F 357 74.46 -12.75 -10.45
C ARG F 357 74.03 -12.08 -11.75
N VAL F 358 74.87 -11.19 -12.25
CA VAL F 358 74.73 -10.54 -13.55
C VAL F 358 76.05 -10.70 -14.27
N GLU F 359 76.03 -11.35 -15.43
CA GLU F 359 77.26 -11.49 -16.22
C GLU F 359 77.38 -10.42 -17.30
N ARG F 366 74.10 -8.85 -25.07
CA ARG F 366 73.13 -9.09 -24.01
C ARG F 366 73.80 -9.50 -22.71
N MET F 367 73.23 -9.09 -21.58
CA MET F 367 73.65 -9.56 -20.27
C MET F 367 72.84 -10.79 -19.84
N ARG F 368 73.41 -11.55 -18.91
CA ARG F 368 72.77 -12.74 -18.37
C ARG F 368 72.43 -12.46 -16.92
N ILE F 369 71.14 -12.28 -16.63
CA ILE F 369 70.66 -12.10 -15.26
C ILE F 369 70.32 -13.46 -14.67
N HIS F 370 70.90 -13.76 -13.52
CA HIS F 370 70.64 -15.01 -12.81
C HIS F 370 69.74 -14.70 -11.61
N LEU F 371 68.64 -15.44 -11.50
CA LEU F 371 67.61 -15.15 -10.51
C LEU F 371 67.42 -16.35 -9.59
N LYS F 372 67.16 -16.07 -8.33
CA LYS F 372 66.68 -17.06 -7.39
C LYS F 372 65.45 -16.48 -6.70
N SER F 373 64.66 -17.37 -6.09
CA SER F 373 63.55 -16.90 -5.28
C SER F 373 64.07 -16.04 -4.13
N SER F 374 63.26 -15.07 -3.74
CA SER F 374 63.64 -14.18 -2.65
C SER F 374 63.16 -14.68 -1.30
N LYS F 375 62.52 -15.86 -1.26
CA LYS F 375 62.09 -16.44 -0.01
C LYS F 375 63.30 -16.88 0.82
N PRO F 376 63.43 -16.43 2.08
CA PRO F 376 64.57 -16.80 2.92
C PRO F 376 64.65 -18.30 3.21
N LYS F 386 66.13 -22.54 -10.75
CA LYS F 386 67.23 -21.82 -11.39
C LYS F 386 66.84 -21.21 -12.73
N GLU F 387 66.49 -19.93 -12.71
CA GLU F 387 66.02 -19.20 -13.88
C GLU F 387 67.11 -18.23 -14.35
N THR F 388 67.19 -18.05 -15.67
CA THR F 388 68.10 -17.08 -16.25
C THR F 388 67.38 -16.31 -17.35
N LEU F 389 67.63 -15.00 -17.41
CA LEU F 389 67.09 -14.12 -18.45
C LEU F 389 68.22 -13.40 -19.18
N GLU F 390 68.13 -13.40 -20.50
CA GLU F 390 69.04 -12.61 -21.33
C GLU F 390 68.32 -11.32 -21.75
N VAL F 391 68.92 -10.17 -21.38
CA VAL F 391 68.28 -8.87 -21.54
C VAL F 391 69.22 -7.89 -22.24
N ASP F 392 68.63 -6.99 -23.05
CA ASP F 392 69.36 -5.91 -23.73
C ASP F 392 69.62 -4.72 -22.82
N ALA F 393 68.86 -4.59 -21.74
CA ALA F 393 68.99 -3.49 -20.80
C ALA F 393 68.30 -3.93 -19.52
N LEU F 394 68.79 -3.40 -18.40
CA LEU F 394 68.20 -3.61 -17.09
C LEU F 394 67.90 -2.26 -16.49
N MET F 395 66.60 -1.93 -16.37
CA MET F 395 66.17 -0.71 -15.72
C MET F 395 65.97 -0.99 -14.23
N VAL F 396 66.61 -0.19 -13.40
CA VAL F 396 66.67 -0.42 -11.96
C VAL F 396 65.93 0.72 -11.27
N ALA F 397 64.75 0.42 -10.77
CA ALA F 397 63.86 1.43 -10.18
C ALA F 397 63.74 1.19 -8.68
N THR F 398 64.83 1.51 -7.96
CA THR F 398 64.93 1.24 -6.53
C THR F 398 64.98 2.52 -5.70
N GLY F 399 64.55 3.64 -6.25
CA GLY F 399 64.45 4.85 -5.44
C GLY F 399 65.76 5.62 -5.32
N TYR F 400 65.89 6.35 -4.21
CA TYR F 400 66.95 7.34 -4.05
C TYR F 400 67.49 7.28 -2.62
N ASN F 401 68.73 7.73 -2.47
CA ASN F 401 69.31 8.02 -1.16
C ASN F 401 69.29 9.52 -0.93
N ARG F 402 69.19 9.93 0.33
CA ARG F 402 69.13 11.35 0.68
C ARG F 402 70.21 11.72 1.70
N ASN F 403 71.47 11.42 1.38
CA ASN F 403 72.57 11.71 2.29
C ASN F 403 73.73 12.46 1.64
N ALA F 404 73.54 13.02 0.44
CA ALA F 404 74.63 13.70 -0.26
C ALA F 404 75.08 14.99 0.43
N HIS F 405 74.23 15.56 1.31
CA HIS F 405 74.59 16.79 2.00
C HIS F 405 75.74 16.60 2.96
N GLU F 406 75.97 15.36 3.42
CA GLU F 406 77.05 15.10 4.36
C GLU F 406 78.41 15.32 3.72
N ARG F 407 78.59 14.91 2.45
CA ARG F 407 79.86 15.17 1.77
C ARG F 407 80.05 16.67 1.52
N LEU F 408 78.99 17.37 1.14
CA LEU F 408 79.10 18.79 0.84
C LEU F 408 79.49 19.59 2.08
N LEU F 409 79.12 19.13 3.27
CA LEU F 409 79.37 19.84 4.51
C LEU F 409 80.52 19.27 5.31
N SER F 410 81.33 18.40 4.71
CA SER F 410 82.36 17.71 5.48
C SER F 410 83.36 18.69 6.10
N LYS F 411 83.70 19.75 5.39
CA LYS F 411 84.69 20.69 5.91
C LYS F 411 84.14 21.62 6.98
N VAL F 412 82.84 21.56 7.28
CA VAL F 412 82.29 22.36 8.38
C VAL F 412 81.72 21.51 9.49
N GLN F 413 81.84 20.18 9.44
CA GLN F 413 81.25 19.37 10.50
C GLN F 413 82.02 19.50 11.82
N HIS F 414 83.21 20.11 11.80
CA HIS F 414 83.87 20.39 13.07
C HIS F 414 83.16 21.47 13.88
N LEU F 415 82.11 22.08 13.32
CA LEU F 415 81.26 23.06 13.98
C LEU F 415 80.04 22.45 14.66
N ARG F 416 79.82 21.15 14.53
CA ARG F 416 78.73 20.51 15.25
C ARG F 416 79.03 20.43 16.75
N PRO F 417 77.99 20.32 17.56
CA PRO F 417 78.18 20.01 18.98
C PRO F 417 78.93 18.68 19.14
N THR F 418 79.53 18.51 20.31
CA THR F 418 80.33 17.32 20.59
C THR F 418 79.50 16.03 20.48
N GLY F 419 80.05 15.04 19.78
CA GLY F 419 79.48 13.70 19.75
C GLY F 419 78.51 13.41 18.62
N GLN F 420 78.30 14.33 17.70
CA GLN F 420 77.38 14.10 16.59
C GLN F 420 78.11 13.56 15.37
N ASP F 421 77.55 12.50 14.79
CA ASP F 421 78.00 11.95 13.51
C ASP F 421 76.99 12.20 12.41
N GLN F 422 75.87 12.87 12.74
CA GLN F 422 74.86 13.25 11.76
C GLN F 422 74.40 14.66 12.08
N TRP F 423 73.96 15.37 11.07
CA TRP F 423 73.46 16.73 11.26
C TRP F 423 72.07 16.65 11.88
N LYS F 424 71.86 17.43 12.94
CA LYS F 424 70.59 17.37 13.68
C LYS F 424 69.82 18.67 13.46
N PRO F 425 68.84 18.71 12.56
CA PRO F 425 68.07 19.94 12.34
C PRO F 425 66.97 20.13 13.38
N HIS F 426 66.77 21.39 13.77
CA HIS F 426 65.64 21.76 14.62
C HIS F 426 64.36 21.80 13.79
N ARG F 427 63.23 22.08 14.46
CA ARG F 427 61.94 22.18 13.78
C ARG F 427 62.00 23.15 12.60
N ASP F 428 62.70 24.27 12.75
CA ASP F 428 62.80 25.24 11.67
C ASP F 428 63.88 24.88 10.65
N TYR F 429 64.41 23.65 10.70
CA TYR F 429 65.30 23.05 9.71
C TYR F 429 66.73 23.53 9.82
N ARG F 430 67.04 24.43 10.75
CA ARG F 430 68.42 24.87 11.00
C ARG F 430 69.11 23.82 11.83
N VAL F 431 70.32 23.40 11.41
CA VAL F 431 71.06 22.36 12.10
C VAL F 431 71.83 22.97 13.27
N GLU F 432 72.05 22.18 14.31
CA GLU F 432 72.78 22.67 15.48
C GLU F 432 74.25 22.94 15.15
N MET F 433 74.70 24.13 15.49
CA MET F 433 76.10 24.51 15.48
C MET F 433 76.54 24.77 16.91
N ASP F 434 77.82 24.55 17.18
CA ASP F 434 78.36 24.91 18.49
C ASP F 434 78.32 26.43 18.64
N PRO F 435 77.53 26.98 19.57
CA PRO F 435 77.41 28.44 19.65
C PRO F 435 78.70 29.12 20.07
N SER F 436 79.67 28.38 20.60
CA SER F 436 80.99 28.91 20.89
C SER F 436 81.92 28.84 19.67
N LYS F 437 81.47 28.19 18.60
CA LYS F 437 82.23 28.12 17.35
C LYS F 437 81.59 28.86 16.18
N VAL F 438 80.27 29.11 16.19
CA VAL F 438 79.58 29.74 15.07
C VAL F 438 78.73 30.90 15.55
N SER F 439 78.85 32.03 14.86
CA SER F 439 78.07 33.22 15.17
C SER F 439 76.59 33.01 14.88
N SER F 440 75.76 33.73 15.64
CA SER F 440 74.33 33.66 15.45
C SER F 440 73.88 34.26 14.13
N GLU F 441 74.73 35.04 13.46
CA GLU F 441 74.39 35.56 12.14
C GLU F 441 74.62 34.54 11.04
N ALA F 442 75.21 33.39 11.33
CA ALA F 442 75.53 32.38 10.33
C ALA F 442 74.82 31.07 10.63
N GLY F 443 74.47 30.33 9.57
CA GLY F 443 73.80 29.05 9.77
C GLY F 443 73.54 28.34 8.47
N ILE F 444 73.19 27.05 8.60
CA ILE F 444 72.92 26.16 7.48
C ILE F 444 71.63 25.40 7.75
N TRP F 445 70.77 25.32 6.74
CA TRP F 445 69.52 24.59 6.81
C TRP F 445 69.54 23.39 5.86
N LEU F 446 68.80 22.35 6.22
CA LEU F 446 68.63 21.17 5.38
C LEU F 446 67.20 21.09 4.87
N GLN F 447 67.03 20.71 3.61
CA GLN F 447 65.72 20.62 2.99
C GLN F 447 65.60 19.33 2.19
N GLY F 448 64.52 18.59 2.44
CA GLY F 448 64.20 17.40 1.66
C GLY F 448 64.80 16.11 2.17
N CYS F 449 65.75 16.18 3.10
CA CYS F 449 66.39 15.00 3.67
C CYS F 449 66.07 14.83 5.16
N ASN F 450 64.96 15.41 5.63
CA ASN F 450 64.63 15.45 7.05
C ASN F 450 63.37 14.68 7.37
N GLU F 451 63.02 13.73 6.49
CA GLU F 451 61.88 12.86 6.70
C GLU F 451 61.92 12.19 8.07
N ARG F 452 63.10 11.78 8.51
CA ARG F 452 63.21 11.08 9.78
C ARG F 452 62.78 11.95 10.96
N THR F 453 62.97 13.28 10.87
CA THR F 453 62.61 14.17 11.97
C THR F 453 61.28 14.90 11.76
N HIS F 454 60.85 15.08 10.51
CA HIS F 454 59.70 15.92 10.23
C HIS F 454 58.58 15.19 9.52
N GLY F 455 58.78 13.96 9.09
CA GLY F 455 57.68 13.21 8.53
C GLY F 455 57.82 13.02 7.02
N LEU F 456 56.94 12.18 6.50
CA LEU F 456 57.01 11.72 5.12
C LEU F 456 56.83 12.83 4.08
N SER F 457 56.25 13.98 4.44
CA SER F 457 56.01 15.03 3.45
C SER F 457 57.25 15.82 3.08
N ASP F 458 58.36 15.61 3.78
CA ASP F 458 59.54 16.45 3.67
C ASP F 458 60.21 16.29 2.30
N SER F 459 60.20 15.07 1.76
CA SER F 459 60.81 14.78 0.47
C SER F 459 59.87 15.02 -0.71
N LEU F 460 58.62 15.36 -0.45
CA LEU F 460 57.55 15.51 -1.44
C LEU F 460 57.24 16.99 -1.68
N LEU F 461 56.20 17.24 -2.47
CA LEU F 461 55.66 18.59 -2.65
C LEU F 461 54.64 18.95 -1.58
N SER F 462 54.32 18.03 -0.67
CA SER F 462 53.13 18.17 0.16
C SER F 462 53.13 19.48 0.97
N VAL F 463 54.26 19.83 1.58
CA VAL F 463 54.28 20.98 2.48
C VAL F 463 55.17 22.10 1.97
N LEU F 464 55.57 22.08 0.69
CA LEU F 464 56.56 23.05 0.21
C LEU F 464 56.06 24.49 0.26
N ALA F 465 54.81 24.74 -0.10
CA ALA F 465 54.31 26.10 -0.04
C ALA F 465 54.34 26.65 1.37
N VAL F 466 53.89 25.85 2.34
CA VAL F 466 53.87 26.30 3.73
C VAL F 466 55.29 26.34 4.30
N ARG F 467 56.08 25.30 4.00
CA ARG F 467 57.43 25.22 4.49
C ARG F 467 58.29 26.35 3.92
N GLY F 468 58.11 26.64 2.64
CA GLY F 468 58.81 27.78 2.04
C GLY F 468 58.59 29.05 2.82
N GLY F 469 57.36 29.24 3.30
CA GLY F 469 57.06 30.40 4.13
C GLY F 469 57.80 30.38 5.44
N GLU F 470 57.80 29.22 6.13
CA GLU F 470 58.52 29.12 7.40
C GLU F 470 60.00 29.45 7.22
N MET F 471 60.59 29.00 6.11
CA MET F 471 62.01 29.24 5.86
C MET F 471 62.34 30.72 5.71
N VAL F 472 61.49 31.48 5.02
CA VAL F 472 61.73 32.91 4.85
C VAL F 472 61.66 33.62 6.21
N GLN F 473 60.69 33.24 7.05
CA GLN F 473 60.59 33.80 8.39
C GLN F 473 61.74 33.33 9.27
N SER F 474 62.17 32.07 9.10
CA SER F 474 63.29 31.58 9.89
C SER F 474 64.60 32.23 9.45
N ILE F 475 64.81 32.39 8.14
CA ILE F 475 66.07 32.90 7.61
C ILE F 475 66.09 34.42 7.52
N PHE F 476 64.98 35.04 7.09
CA PHE F 476 64.90 36.48 6.90
C PHE F 476 63.92 37.18 7.83
N GLY F 477 63.27 36.44 8.74
CA GLY F 477 62.23 37.00 9.58
C GLY F 477 62.63 38.26 10.31
N GLU F 478 63.70 38.18 11.11
CA GLU F 478 64.21 39.36 11.80
C GLU F 478 64.74 40.42 10.83
N GLN F 479 65.28 40.00 9.68
CA GLN F 479 65.89 40.95 8.74
C GLN F 479 64.88 41.92 8.13
N LEU F 480 63.71 41.44 7.74
CA LEU F 480 62.72 42.30 7.10
C LEU F 480 61.78 43.00 8.08
N GLU F 481 61.88 42.72 9.38
CA GLU F 481 60.97 43.32 10.34
C GLU F 481 61.53 44.61 10.93
N LEU G 24 18.31 -33.76 -1.64
CA LEU G 24 18.92 -34.70 -0.70
C LEU G 24 17.87 -35.27 0.25
N ARG G 25 17.87 -36.58 0.43
CA ARG G 25 16.86 -37.28 1.22
C ARG G 25 17.23 -37.37 2.70
N SER G 26 16.20 -37.39 3.56
CA SER G 26 16.41 -37.46 4.99
C SER G 26 16.87 -38.85 5.43
N THR G 27 17.67 -38.88 6.50
CA THR G 27 18.10 -40.08 7.18
C THR G 27 17.51 -40.11 8.57
N PRO G 28 16.99 -41.25 9.02
CA PRO G 28 16.52 -41.36 10.40
C PRO G 28 17.59 -40.92 11.39
N GLN G 29 17.16 -40.18 12.41
CA GLN G 29 18.08 -39.48 13.31
C GLN G 29 18.99 -40.43 14.08
N ASP G 30 18.50 -41.60 14.48
CA ASP G 30 19.24 -42.52 15.35
C ASP G 30 20.18 -43.45 14.59
N GLU G 31 20.20 -43.38 13.28
CA GLU G 31 21.00 -44.29 12.47
C GLU G 31 22.45 -43.79 12.38
N LEU G 32 23.34 -44.68 11.92
CA LEU G 32 24.74 -44.36 11.74
C LEU G 32 24.90 -43.57 10.46
N HIS G 33 25.19 -42.27 10.58
CA HIS G 33 25.33 -41.41 9.42
C HIS G 33 26.70 -41.58 8.77
N ASP G 34 26.76 -41.24 7.48
CA ASP G 34 28.07 -41.21 6.84
C ASP G 34 28.82 -39.93 7.18
N LEU G 35 28.11 -38.80 7.23
CA LEU G 35 28.72 -37.52 7.59
C LEU G 35 27.70 -36.68 8.33
N LEU G 36 28.14 -36.07 9.44
CA LEU G 36 27.35 -35.12 10.18
C LEU G 36 28.18 -33.84 10.28
N CYS G 37 27.60 -32.71 9.86
CA CYS G 37 28.26 -31.42 9.88
C CYS G 37 27.67 -30.52 10.97
N VAL G 38 28.56 -29.98 11.80
CA VAL G 38 28.20 -29.03 12.85
C VAL G 38 28.29 -27.62 12.27
N GLY G 39 27.15 -26.92 12.23
CA GLY G 39 27.03 -25.56 11.72
C GLY G 39 26.48 -25.55 10.30
N PHE G 40 25.49 -24.69 10.03
CA PHE G 40 25.01 -24.59 8.67
C PHE G 40 25.12 -23.15 8.20
N GLY G 41 26.33 -22.61 8.22
CA GLY G 41 26.62 -21.36 7.57
C GLY G 41 27.18 -21.62 6.19
N PRO G 42 27.70 -20.57 5.53
CA PRO G 42 28.15 -20.73 4.13
C PRO G 42 29.12 -21.88 3.90
N ALA G 43 30.01 -22.16 4.86
CA ALA G 43 31.01 -23.19 4.64
C ALA G 43 30.37 -24.57 4.48
N SER G 44 29.43 -24.92 5.38
CA SER G 44 28.73 -26.19 5.29
C SER G 44 27.74 -26.21 4.14
N LEU G 45 27.07 -25.09 3.89
CA LEU G 45 26.11 -25.02 2.79
C LEU G 45 26.78 -25.34 1.47
N ALA G 46 28.01 -24.85 1.29
CA ALA G 46 28.76 -25.18 0.08
C ALA G 46 29.02 -26.68 -0.03
N ILE G 47 29.20 -27.36 1.11
CA ILE G 47 29.33 -28.81 1.08
C ILE G 47 28.04 -29.44 0.57
N ALA G 48 26.90 -28.99 1.11
CA ALA G 48 25.61 -29.52 0.70
C ALA G 48 25.33 -29.26 -0.78
N ILE G 49 25.68 -28.06 -1.26
CA ILE G 49 25.53 -27.78 -2.68
C ILE G 49 26.44 -28.69 -3.50
N ALA G 50 27.70 -28.79 -3.09
CA ALA G 50 28.64 -29.60 -3.84
C ALA G 50 28.19 -31.06 -3.86
N LEU G 51 27.61 -31.53 -2.76
CA LEU G 51 27.11 -32.90 -2.74
C LEU G 51 25.95 -33.07 -3.71
N HIS G 52 25.02 -32.12 -3.72
CA HIS G 52 23.92 -32.15 -4.68
C HIS G 52 24.44 -32.22 -6.12
N ASP G 53 25.33 -31.30 -6.50
CA ASP G 53 25.83 -31.29 -7.87
C ASP G 53 26.60 -32.55 -8.17
N ALA G 54 27.27 -33.14 -7.18
CA ALA G 54 27.98 -34.39 -7.41
C ALA G 54 27.02 -35.55 -7.71
N LEU G 55 25.78 -35.49 -7.21
CA LEU G 55 24.81 -36.53 -7.44
C LEU G 55 23.91 -36.26 -8.65
N ASP G 56 24.09 -35.13 -9.34
CA ASP G 56 23.24 -34.76 -10.46
C ASP G 56 23.86 -35.26 -11.77
N PRO G 57 23.23 -36.21 -12.48
CA PRO G 57 23.80 -36.67 -13.76
C PRO G 57 23.94 -35.56 -14.79
N ARG G 58 23.12 -34.51 -14.71
CA ARG G 58 23.27 -33.40 -15.64
C ARG G 58 24.64 -32.75 -15.48
N LEU G 59 25.19 -32.73 -14.28
CA LEU G 59 26.45 -32.05 -14.07
C LEU G 59 27.63 -32.97 -13.86
N ASN G 60 27.41 -34.19 -13.35
CA ASN G 60 28.47 -35.16 -13.07
C ASN G 60 28.08 -36.54 -13.56
N LYS G 61 29.07 -37.35 -13.90
CA LYS G 61 28.85 -38.75 -14.29
C LYS G 61 30.10 -39.58 -14.02
N GLN G 69 22.70 -42.63 -2.11
CA GLN G 69 23.03 -41.33 -1.53
C GLN G 69 23.68 -41.49 -0.17
N PRO G 70 24.74 -40.73 0.09
CA PRO G 70 25.36 -40.77 1.42
C PRO G 70 24.36 -40.34 2.49
N LYS G 71 24.56 -40.85 3.70
CA LYS G 71 23.70 -40.55 4.83
C LYS G 71 24.29 -39.33 5.52
N ILE G 72 23.68 -38.17 5.28
CA ILE G 72 24.28 -36.91 5.70
C ILE G 72 23.28 -36.14 6.55
N CYS G 73 23.81 -35.32 7.46
CA CYS G 73 22.99 -34.58 8.42
C CYS G 73 23.71 -33.29 8.78
N PHE G 74 22.98 -32.17 8.79
CA PHE G 74 23.52 -30.89 9.24
C PHE G 74 22.81 -30.46 10.53
N LEU G 75 23.60 -29.94 11.49
CA LEU G 75 23.09 -29.42 12.76
C LEU G 75 23.49 -27.96 12.90
N GLU G 76 22.49 -27.08 13.07
CA GLU G 76 22.67 -25.63 13.16
C GLU G 76 21.88 -25.12 14.36
N ARG G 77 22.56 -24.35 15.23
CA ARG G 77 21.94 -23.90 16.48
C ARG G 77 20.85 -22.85 16.26
N GLN G 78 21.00 -21.98 15.27
CA GLN G 78 19.96 -20.99 14.99
C GLN G 78 18.71 -21.67 14.45
N LYS G 79 17.57 -21.03 14.69
CA LYS G 79 16.26 -21.61 14.35
C LYS G 79 16.04 -21.66 12.85
N GLN G 80 16.83 -20.95 12.07
CA GLN G 80 16.66 -20.89 10.64
C GLN G 80 17.98 -20.45 10.05
N PHE G 81 18.11 -20.57 8.73
CA PHE G 81 19.34 -20.09 8.13
C PHE G 81 19.45 -18.59 8.34
N ALA G 82 20.61 -18.15 8.80
CA ALA G 82 20.84 -16.72 8.94
C ALA G 82 22.34 -16.46 8.87
N TRP G 83 22.71 -15.39 8.22
CA TRP G 83 24.11 -15.07 7.97
C TRP G 83 24.43 -13.74 8.66
N HIS G 84 25.02 -13.83 9.85
CA HIS G 84 25.47 -12.68 10.61
C HIS G 84 24.38 -11.61 10.68
N SER G 85 23.19 -12.05 11.13
CA SER G 85 22.05 -11.15 11.13
C SER G 85 22.26 -9.96 12.06
N GLY G 86 23.15 -10.09 13.04
CA GLY G 86 23.45 -9.01 13.93
C GLY G 86 24.14 -7.84 13.27
N MET G 87 24.73 -8.06 12.08
CA MET G 87 25.44 -7.02 11.34
C MET G 87 24.84 -6.78 9.95
N LEU G 88 23.55 -7.07 9.76
CA LEU G 88 22.88 -6.73 8.51
C LEU G 88 22.45 -5.27 8.54
N VAL G 89 23.46 -4.40 8.50
CA VAL G 89 23.25 -2.96 8.63
C VAL G 89 22.72 -2.40 7.31
N PRO G 90 21.76 -1.49 7.34
CA PRO G 90 21.25 -0.90 6.10
C PRO G 90 22.39 -0.33 5.28
N GLY G 91 22.38 -0.62 3.97
CA GLY G 91 23.43 -0.16 3.09
C GLY G 91 24.73 -0.96 3.14
N SER G 92 24.84 -1.95 4.01
CA SER G 92 26.10 -2.69 4.04
C SER G 92 26.20 -3.57 2.78
N LYS G 93 27.39 -3.63 2.20
CA LYS G 93 27.56 -4.33 0.94
C LYS G 93 28.53 -5.49 1.15
N MET G 94 28.52 -6.42 0.21
CA MET G 94 29.50 -7.48 0.28
C MET G 94 30.88 -6.91 -0.02
N GLN G 95 31.88 -7.66 0.38
CA GLN G 95 33.27 -7.29 0.14
C GLN G 95 33.91 -8.28 -0.81
N ILE G 96 33.10 -8.88 -1.69
CA ILE G 96 33.59 -9.87 -2.62
C ILE G 96 32.68 -9.91 -3.85
N SER G 97 33.28 -10.15 -5.02
CA SER G 97 32.52 -10.26 -6.25
C SER G 97 31.46 -11.34 -6.11
N PHE G 98 30.27 -11.09 -6.65
CA PHE G 98 29.23 -12.12 -6.58
C PHE G 98 29.65 -13.40 -7.31
N ILE G 99 30.66 -13.33 -8.19
CA ILE G 99 31.12 -14.51 -8.90
C ILE G 99 31.66 -15.55 -7.93
N LYS G 100 32.23 -15.08 -6.81
CA LYS G 100 32.78 -15.97 -5.81
C LYS G 100 31.69 -16.43 -4.86
N ASP G 101 30.55 -16.83 -5.43
CA ASP G 101 29.43 -17.33 -4.63
C ASP G 101 29.68 -18.78 -4.25
N LEU G 102 28.62 -19.49 -3.91
CA LEU G 102 28.77 -20.84 -3.42
C LEU G 102 28.85 -21.87 -4.53
N ALA G 103 28.90 -21.47 -5.80
CA ALA G 103 28.94 -22.51 -6.84
C ALA G 103 29.73 -22.13 -8.11
N THR G 104 29.69 -20.86 -8.52
CA THR G 104 30.08 -20.51 -9.88
C THR G 104 31.54 -20.91 -10.16
N LEU G 105 32.45 -20.67 -9.22
CA LEU G 105 33.85 -21.02 -9.46
C LEU G 105 34.08 -22.52 -9.55
N ARG G 106 33.17 -23.32 -9.00
CA ARG G 106 33.30 -24.76 -9.21
C ARG G 106 32.59 -25.20 -10.48
N ASP G 107 31.39 -24.66 -10.76
CA ASP G 107 30.64 -25.00 -11.97
C ASP G 107 29.62 -23.89 -12.26
N PRO G 108 29.90 -23.02 -13.22
CA PRO G 108 28.96 -21.93 -13.53
C PRO G 108 27.60 -22.43 -14.00
N ARG G 109 27.47 -23.70 -14.36
CA ARG G 109 26.19 -24.24 -14.76
C ARG G 109 25.31 -24.61 -13.57
N SER G 110 25.85 -24.61 -12.35
CA SER G 110 25.09 -25.07 -11.19
C SER G 110 23.79 -24.27 -11.01
N SER G 111 22.79 -24.92 -10.43
CA SER G 111 21.57 -24.21 -10.13
C SER G 111 21.74 -23.30 -8.92
N PHE G 112 22.83 -23.43 -8.17
CA PHE G 112 23.00 -22.68 -6.94
C PHE G 112 23.87 -21.43 -7.11
N THR G 113 24.11 -20.98 -8.35
CA THR G 113 24.86 -19.75 -8.58
C THR G 113 24.01 -18.53 -8.20
N PHE G 114 24.67 -17.40 -7.96
CA PHE G 114 23.93 -16.18 -7.63
C PHE G 114 23.10 -15.68 -8.80
N LEU G 115 23.61 -15.84 -10.03
CA LEU G 115 22.86 -15.39 -11.20
C LEU G 115 21.62 -16.24 -11.41
N ASN G 116 21.69 -17.55 -11.13
CA ASN G 116 20.47 -18.36 -11.25
C ASN G 116 19.44 -18.04 -10.17
N TYR G 117 19.89 -17.76 -8.93
CA TYR G 117 18.97 -17.34 -7.88
C TYR G 117 18.20 -16.08 -8.28
N LEU G 118 18.90 -15.08 -8.85
CA LEU G 118 18.21 -13.89 -9.31
C LEU G 118 17.22 -14.23 -10.40
N HIS G 119 17.63 -15.10 -11.32
CA HIS G 119 16.74 -15.49 -12.41
C HIS G 119 15.47 -16.09 -11.86
N GLN G 120 15.61 -16.96 -10.86
CA GLN G 120 14.44 -17.61 -10.27
C GLN G 120 13.51 -16.61 -9.58
N LYS G 121 14.06 -15.54 -9.04
CA LYS G 121 13.27 -14.53 -8.36
C LYS G 121 12.75 -13.46 -9.33
N GLY G 122 13.04 -13.57 -10.63
CA GLY G 122 12.62 -12.57 -11.60
C GLY G 122 13.31 -11.24 -11.43
N ARG G 123 14.57 -11.26 -10.98
CA ARG G 123 15.32 -10.07 -10.64
C ARG G 123 16.65 -9.97 -11.39
N LEU G 124 16.93 -10.91 -12.30
CA LEU G 124 18.25 -10.93 -12.90
C LEU G 124 18.46 -9.70 -13.77
N ILE G 125 17.46 -9.34 -14.57
CA ILE G 125 17.62 -8.17 -15.43
C ILE G 125 17.77 -6.90 -14.59
N HIS G 126 17.06 -6.83 -13.46
CA HIS G 126 17.14 -5.64 -12.64
C HIS G 126 18.48 -5.52 -11.93
N PHE G 127 19.08 -6.66 -11.52
CA PHE G 127 20.43 -6.60 -10.90
C PHE G 127 21.46 -6.12 -11.90
N THR G 128 21.27 -6.50 -13.17
CA THR G 128 22.17 -6.08 -14.24
C THR G 128 22.26 -4.56 -14.30
N ASN G 129 21.12 -3.90 -14.15
CA ASN G 129 21.12 -2.46 -14.22
C ASN G 129 21.78 -1.82 -13.00
N LEU G 130 22.03 -2.58 -11.91
CA LEU G 130 22.82 -2.06 -10.80
C LEU G 130 24.26 -1.78 -11.17
N SER G 131 24.77 -2.48 -12.20
CA SER G 131 26.18 -2.44 -12.60
C SER G 131 27.14 -2.50 -11.39
N THR G 132 26.93 -3.49 -10.52
CA THR G 132 27.81 -3.73 -9.40
C THR G 132 28.09 -5.22 -9.26
N PHE G 133 29.31 -5.52 -8.81
CA PHE G 133 29.72 -6.86 -8.37
C PHE G 133 29.46 -7.06 -6.88
N LEU G 134 28.96 -6.04 -6.18
CA LEU G 134 28.87 -6.05 -4.72
C LEU G 134 27.42 -5.87 -4.28
N PRO G 135 26.67 -6.96 -4.17
CA PRO G 135 25.29 -6.85 -3.70
C PRO G 135 25.25 -6.40 -2.26
N ALA G 136 24.08 -5.93 -1.83
CA ALA G 136 23.84 -5.69 -0.42
C ALA G 136 23.99 -6.98 0.35
N ARG G 137 24.47 -6.88 1.59
CA ARG G 137 24.57 -8.08 2.43
C ARG G 137 23.19 -8.70 2.63
N LEU G 138 22.18 -7.84 2.72
CA LEU G 138 20.82 -8.33 2.86
C LEU G 138 20.41 -9.21 1.68
N GLU G 139 20.79 -8.79 0.46
CA GLU G 139 20.44 -9.56 -0.72
C GLU G 139 21.21 -10.87 -0.76
N PHE G 140 22.50 -10.83 -0.45
CA PHE G 140 23.29 -12.05 -0.52
C PHE G 140 22.89 -13.05 0.56
N GLU G 141 22.46 -12.58 1.73
CA GLU G 141 21.92 -13.51 2.72
C GLU G 141 20.69 -14.19 2.16
N ASP G 142 19.82 -13.43 1.47
CA ASP G 142 18.65 -14.05 0.90
C ASP G 142 19.03 -15.09 -0.16
N TYR G 143 20.06 -14.80 -0.95
CA TYR G 143 20.57 -15.79 -1.89
C TYR G 143 20.95 -17.09 -1.19
N MET G 144 21.67 -17.00 -0.07
CA MET G 144 22.07 -18.23 0.63
C MET G 144 20.90 -18.86 1.35
N ARG G 145 19.97 -18.02 1.84
CA ARG G 145 18.72 -18.53 2.38
C ARG G 145 17.95 -19.32 1.32
N TRP G 146 17.89 -18.79 0.10
CA TRP G 146 17.20 -19.51 -0.97
C TRP G 146 17.86 -20.86 -1.24
N CYS G 147 19.19 -20.92 -1.19
CA CYS G 147 19.90 -22.19 -1.34
C CYS G 147 19.59 -23.14 -0.18
N ALA G 148 19.72 -22.64 1.05
CA ALA G 148 19.61 -23.49 2.24
C ALA G 148 18.24 -24.13 2.35
N GLN G 149 17.22 -23.41 1.94
CA GLN G 149 15.84 -23.87 2.07
C GLN G 149 15.57 -25.13 1.25
N GLN G 150 16.39 -25.39 0.22
CA GLN G 150 16.33 -26.61 -0.57
C GLN G 150 16.93 -27.83 0.15
N PHE G 151 17.57 -27.65 1.31
CA PHE G 151 18.16 -28.75 2.06
C PHE G 151 17.44 -28.98 3.38
N SER G 152 16.20 -28.50 3.52
CA SER G 152 15.52 -28.60 4.81
C SER G 152 15.35 -30.04 5.26
N ASP G 153 15.35 -31.01 4.35
CA ASP G 153 15.17 -32.39 4.78
C ASP G 153 16.41 -32.95 5.47
N VAL G 154 17.58 -32.36 5.26
CA VAL G 154 18.80 -32.90 5.85
C VAL G 154 19.43 -31.94 6.85
N VAL G 155 18.67 -30.94 7.30
CA VAL G 155 19.14 -29.98 8.29
C VAL G 155 18.20 -29.99 9.49
N ALA G 156 18.76 -30.04 10.69
CA ALA G 156 18.00 -29.92 11.93
C ALA G 156 18.32 -28.57 12.57
N TYR G 157 17.40 -27.61 12.47
CA TYR G 157 17.68 -26.29 13.03
C TYR G 157 17.38 -26.29 14.53
N GLY G 158 17.88 -25.27 15.20
CA GLY G 158 17.74 -25.17 16.65
C GLY G 158 18.49 -26.23 17.42
N GLU G 159 19.63 -26.67 16.91
CA GLU G 159 20.43 -27.71 17.55
C GLU G 159 21.84 -27.17 17.80
N GLU G 160 22.17 -26.96 19.08
CA GLU G 160 23.49 -26.50 19.46
C GLU G 160 24.32 -27.71 19.89
N VAL G 161 25.31 -28.07 19.07
CA VAL G 161 26.22 -29.16 19.39
C VAL G 161 27.05 -28.77 20.60
N VAL G 162 27.20 -29.68 21.56
CA VAL G 162 27.87 -29.34 22.80
C VAL G 162 29.12 -30.16 23.03
N GLU G 163 29.19 -31.35 22.46
CA GLU G 163 30.41 -32.14 22.57
C GLU G 163 30.40 -33.25 21.52
N VAL G 164 31.59 -33.66 21.11
CA VAL G 164 31.78 -34.85 20.31
C VAL G 164 32.63 -35.81 21.13
N ILE G 165 32.24 -37.07 21.16
CA ILE G 165 32.86 -38.05 22.05
C ILE G 165 33.34 -39.23 21.21
N PRO G 166 34.35 -39.97 21.65
CA PRO G 166 34.79 -41.13 20.88
C PRO G 166 33.78 -42.26 20.91
N GLY G 167 33.88 -43.15 19.92
CA GLY G 167 33.03 -44.33 19.89
C GLY G 167 33.72 -45.58 19.35
N LYS G 168 33.38 -46.74 19.91
CA LYS G 168 33.95 -48.03 19.47
C LYS G 168 32.82 -49.02 19.23
N SER G 169 32.65 -49.44 17.97
CA SER G 169 31.56 -50.33 17.61
C SER G 169 31.75 -51.73 18.16
N ASP G 170 32.98 -52.06 18.55
CA ASP G 170 33.28 -53.26 19.33
C ASP G 170 33.87 -52.80 20.65
N PRO G 171 33.08 -52.70 21.72
CA PRO G 171 33.58 -52.10 22.97
C PRO G 171 34.64 -52.92 23.70
N SER G 172 35.08 -54.07 23.18
CA SER G 172 36.22 -54.77 23.74
C SER G 172 37.53 -54.50 23.00
N SER G 173 37.46 -53.95 21.79
CA SER G 173 38.62 -53.46 21.06
C SER G 173 38.83 -51.97 21.31
N SER G 174 40.08 -51.51 21.14
CA SER G 174 40.47 -50.17 21.57
C SER G 174 40.58 -49.16 20.43
N VAL G 175 40.16 -49.51 19.22
CA VAL G 175 40.23 -48.60 18.08
C VAL G 175 38.88 -47.93 17.89
N VAL G 176 38.89 -46.60 17.80
CA VAL G 176 37.69 -45.80 17.56
C VAL G 176 37.33 -45.83 16.07
N ASP G 177 36.06 -46.11 15.77
CA ASP G 177 35.60 -46.21 14.40
C ASP G 177 34.38 -45.37 14.07
N PHE G 178 33.87 -44.59 15.02
CA PHE G 178 32.85 -43.59 14.75
C PHE G 178 32.88 -42.54 15.85
N PHE G 179 32.08 -41.49 15.66
CA PHE G 179 31.97 -40.43 16.64
C PHE G 179 30.50 -40.21 16.93
N THR G 180 30.18 -39.96 18.20
CA THR G 180 28.82 -39.62 18.64
C THR G 180 28.75 -38.14 18.99
N VAL G 181 27.84 -37.42 18.35
CA VAL G 181 27.67 -35.97 18.54
C VAL G 181 26.39 -35.73 19.34
N ARG G 182 26.51 -35.02 20.47
CA ARG G 182 25.37 -34.68 21.30
C ARG G 182 25.05 -33.20 21.12
N SER G 183 23.78 -32.90 20.87
CA SER G 183 23.33 -31.54 20.58
C SER G 183 22.17 -31.16 21.49
N ARG G 184 22.13 -29.90 21.89
CA ARG G 184 21.05 -29.39 22.71
C ARG G 184 20.00 -28.71 21.85
N ASN G 185 18.74 -29.12 22.03
CA ASN G 185 17.64 -28.47 21.33
C ASN G 185 17.43 -27.07 21.88
N VAL G 186 17.45 -26.08 21.00
CA VAL G 186 17.37 -24.70 21.44
C VAL G 186 15.99 -24.36 22.00
N GLU G 187 14.95 -25.09 21.61
CA GLU G 187 13.61 -24.81 22.12
C GLU G 187 13.33 -25.54 23.42
N THR G 188 13.71 -26.83 23.50
CA THR G 188 13.38 -27.68 24.64
C THR G 188 14.51 -27.81 25.65
N GLY G 189 15.75 -27.50 25.28
CA GLY G 189 16.86 -27.78 26.16
C GLY G 189 17.28 -29.23 26.19
N GLU G 190 16.61 -30.09 25.43
CA GLU G 190 16.88 -31.52 25.45
C GLU G 190 18.18 -31.86 24.72
N ILE G 191 18.90 -32.83 25.27
CA ILE G 191 20.14 -33.31 24.66
C ILE G 191 19.78 -34.50 23.78
N SER G 192 20.09 -34.38 22.50
CA SER G 192 20.00 -35.50 21.57
C SER G 192 21.37 -36.09 21.33
N ALA G 193 21.39 -37.27 20.72
CA ALA G 193 22.64 -37.89 20.31
C ALA G 193 22.45 -38.54 18.95
N ARG G 194 23.41 -38.27 18.05
CA ARG G 194 23.43 -38.85 16.73
C ARG G 194 24.81 -39.44 16.49
N ARG G 195 24.86 -40.60 15.84
CA ARG G 195 26.10 -41.30 15.57
C ARG G 195 26.50 -41.10 14.11
N THR G 196 27.79 -40.89 13.88
CA THR G 196 28.28 -40.68 12.53
C THR G 196 29.72 -41.15 12.43
N ARG G 197 30.08 -41.62 11.23
CA ARG G 197 31.44 -42.08 10.94
C ARG G 197 32.42 -40.93 10.74
N LYS G 198 31.93 -39.78 10.27
CA LYS G 198 32.79 -38.65 9.95
C LYS G 198 32.13 -37.37 10.47
N VAL G 199 32.95 -36.40 10.86
CA VAL G 199 32.46 -35.14 11.41
C VAL G 199 33.15 -34.00 10.69
N VAL G 200 32.39 -32.96 10.35
CA VAL G 200 32.93 -31.70 9.86
C VAL G 200 32.57 -30.61 10.85
N ILE G 201 33.56 -29.81 11.24
CA ILE G 201 33.34 -28.67 12.13
C ILE G 201 33.43 -27.43 11.25
N ALA G 202 32.29 -26.73 11.07
CA ALA G 202 32.22 -25.54 10.23
C ALA G 202 31.39 -24.50 10.98
N ILE G 203 31.96 -23.97 12.06
CA ILE G 203 31.20 -23.15 13.00
C ILE G 203 31.65 -21.70 12.99
N GLY G 204 32.40 -21.28 11.97
CA GLY G 204 32.75 -19.87 11.86
C GLY G 204 33.55 -19.41 13.07
N GLY G 205 33.15 -18.26 13.63
CA GLY G 205 33.90 -17.66 14.70
C GLY G 205 33.02 -17.38 15.92
N THR G 206 33.68 -17.16 17.04
CA THR G 206 33.05 -16.68 18.26
C THR G 206 33.47 -15.25 18.56
N ALA G 207 32.54 -14.47 19.10
CA ALA G 207 32.81 -13.07 19.37
C ALA G 207 34.04 -12.92 20.27
N LYS G 208 34.97 -12.07 19.85
CA LYS G 208 36.15 -11.72 20.66
C LYS G 208 36.01 -10.32 21.23
N MET G 209 36.13 -10.21 22.54
CA MET G 209 36.08 -9.02 23.37
C MET G 209 37.46 -8.73 23.99
N PRO G 210 37.83 -7.46 24.19
CA PRO G 210 39.07 -7.17 24.92
C PRO G 210 39.01 -7.70 26.34
N SER G 211 40.10 -8.33 26.78
CA SER G 211 40.08 -9.02 28.07
C SER G 211 39.84 -8.09 29.25
N GLY G 212 39.84 -6.77 29.06
CA GLY G 212 39.70 -5.83 30.14
C GLY G 212 38.34 -5.19 30.30
N LEU G 213 37.42 -5.45 29.38
CA LEU G 213 36.05 -4.94 29.50
C LEU G 213 35.22 -5.82 30.42
N PRO G 214 34.39 -5.22 31.27
CA PRO G 214 33.54 -5.99 32.18
C PRO G 214 32.27 -6.43 31.46
N GLN G 215 31.57 -7.37 32.10
CA GLN G 215 30.28 -7.80 31.61
C GLN G 215 29.23 -6.81 32.07
N ASP G 216 28.43 -6.30 31.12
CA ASP G 216 27.40 -5.32 31.41
C ASP G 216 26.41 -5.35 30.27
N PRO G 217 25.10 -5.27 30.55
CA PRO G 217 24.13 -5.32 29.44
C PRO G 217 24.32 -4.25 28.40
N ARG G 218 24.94 -3.13 28.76
CA ARG G 218 25.17 -2.02 27.84
C ARG G 218 26.46 -2.13 27.05
N ILE G 219 27.17 -3.26 27.12
CA ILE G 219 28.41 -3.50 26.37
C ILE G 219 28.15 -4.65 25.40
N ILE G 220 28.01 -4.31 24.11
CA ILE G 220 27.52 -5.26 23.11
C ILE G 220 28.57 -5.44 22.02
N HIS G 221 28.97 -6.69 21.78
CA HIS G 221 29.87 -7.00 20.67
C HIS G 221 29.16 -6.72 19.34
N SER G 222 29.96 -6.44 18.30
CA SER G 222 29.40 -6.07 17.01
C SER G 222 28.52 -7.16 16.41
N SER G 223 28.80 -8.44 16.69
CA SER G 223 27.95 -9.52 16.20
C SER G 223 26.51 -9.40 16.68
N LYS G 224 26.26 -8.59 17.70
CA LYS G 224 24.91 -8.46 18.23
C LYS G 224 24.35 -7.05 18.05
N TYR G 225 24.85 -6.29 17.09
CA TYR G 225 24.45 -4.89 16.96
C TYR G 225 22.97 -4.75 16.60
N CYS G 226 22.56 -5.28 15.43
CA CYS G 226 21.19 -5.11 14.97
C CYS G 226 20.19 -5.81 15.87
N THR G 227 20.61 -6.88 16.56
CA THR G 227 19.67 -7.70 17.32
C THR G 227 19.53 -7.30 18.78
N THR G 228 20.53 -6.64 19.37
CA THR G 228 20.52 -6.31 20.80
C THR G 228 20.44 -4.83 21.10
N LEU G 229 21.11 -3.99 20.33
CA LEU G 229 21.14 -2.57 20.68
C LEU G 229 19.76 -1.92 20.65
N PRO G 230 18.93 -2.10 19.60
CA PRO G 230 17.60 -1.47 19.63
C PRO G 230 16.76 -1.86 20.83
N ALA G 231 16.87 -3.10 21.33
CA ALA G 231 16.16 -3.48 22.54
C ALA G 231 16.69 -2.76 23.79
N LEU G 232 17.96 -2.35 23.74
CA LEU G 232 18.56 -1.61 24.86
C LEU G 232 18.24 -0.12 24.77
N LEU G 233 18.39 0.46 23.59
CA LEU G 233 18.14 1.87 23.34
C LEU G 233 16.89 1.91 22.45
N LYS G 234 15.71 1.95 23.10
CA LYS G 234 14.47 1.76 22.38
C LYS G 234 14.07 2.98 21.58
N ASP G 235 14.44 4.18 22.02
CA ASP G 235 13.92 5.43 21.48
C ASP G 235 14.87 5.95 20.41
N LYS G 236 14.47 5.84 19.14
CA LYS G 236 15.36 6.20 18.04
C LYS G 236 15.66 7.69 18.02
N SER G 237 14.86 8.51 18.69
CA SER G 237 15.06 9.95 18.65
C SER G 237 15.73 10.49 19.92
N LYS G 238 15.95 9.67 20.93
CA LYS G 238 16.56 10.16 22.16
C LYS G 238 18.03 10.50 21.92
N PRO G 239 18.56 11.55 22.59
CA PRO G 239 19.97 11.94 22.37
C PRO G 239 20.96 11.10 23.17
N TYR G 240 21.11 9.83 22.79
CA TYR G 240 22.06 8.95 23.46
C TYR G 240 23.50 9.34 23.14
N ASN G 241 24.41 9.03 24.07
CA ASN G 241 25.84 8.99 23.78
C ASN G 241 26.21 7.53 23.51
N ILE G 242 26.76 7.25 22.34
CA ILE G 242 27.08 5.88 21.96
C ILE G 242 28.53 5.83 21.51
N ALA G 243 29.29 4.90 22.10
CA ALA G 243 30.71 4.71 21.80
C ALA G 243 30.92 3.43 20.99
N VAL G 244 31.91 3.47 20.10
CA VAL G 244 32.27 2.33 19.27
C VAL G 244 33.77 2.09 19.38
N LEU G 245 34.14 0.84 19.66
CA LEU G 245 35.52 0.45 19.90
C LEU G 245 36.02 -0.40 18.74
N GLY G 246 37.08 0.08 18.08
CA GLY G 246 37.65 -0.59 16.93
C GLY G 246 37.89 0.37 15.77
N SER G 247 38.55 -0.17 14.76
CA SER G 247 38.90 0.63 13.59
C SER G 247 38.74 -0.18 12.30
N GLY G 248 38.02 -1.31 12.36
CA GLY G 248 37.80 -2.13 11.20
C GLY G 248 36.44 -1.91 10.57
N GLN G 249 36.12 -2.80 9.62
CA GLN G 249 34.93 -2.64 8.81
C GLN G 249 33.67 -2.58 9.68
N SER G 250 33.55 -3.49 10.65
CA SER G 250 32.36 -3.52 11.49
C SER G 250 32.26 -2.27 12.35
N ALA G 251 33.40 -1.81 12.86
CA ALA G 251 33.38 -0.59 13.67
C ALA G 251 32.93 0.58 12.82
N ALA G 252 33.48 0.68 11.62
CA ALA G 252 33.11 1.76 10.72
C ALA G 252 31.64 1.69 10.35
N GLU G 253 31.14 0.48 10.06
CA GLU G 253 29.73 0.32 9.69
C GLU G 253 28.80 0.65 10.86
N ILE G 254 29.20 0.29 12.08
CA ILE G 254 28.38 0.61 13.22
C ILE G 254 28.40 2.11 13.49
N PHE G 255 29.58 2.71 13.43
CA PHE G 255 29.73 4.15 13.61
C PHE G 255 28.87 4.92 12.62
N HIS G 256 28.93 4.54 11.34
CA HIS G 256 28.15 5.25 10.32
C HIS G 256 26.65 5.04 10.53
N ASP G 257 26.23 3.82 10.83
CA ASP G 257 24.80 3.52 10.97
C ASP G 257 24.20 4.21 12.21
N LEU G 258 24.94 4.24 13.33
CA LEU G 258 24.40 4.84 14.53
C LEU G 258 23.93 6.26 14.27
N GLN G 259 24.69 6.98 13.43
CA GLN G 259 24.38 8.37 13.17
C GLN G 259 23.07 8.50 12.38
N LYS G 260 22.74 7.49 11.57
CA LYS G 260 21.45 7.54 10.90
C LYS G 260 20.32 6.97 11.74
N ARG G 261 20.58 5.89 12.51
CA ARG G 261 19.51 5.23 13.25
C ARG G 261 19.02 6.10 14.41
N TYR G 262 19.93 6.73 15.12
CA TYR G 262 19.62 7.67 16.20
C TYR G 262 20.14 9.04 15.79
N PRO G 263 19.34 9.81 15.04
CA PRO G 263 19.87 11.07 14.45
C PRO G 263 20.21 12.12 15.48
N ASN G 264 19.76 11.98 16.73
CA ASN G 264 20.09 12.95 17.75
C ASN G 264 21.18 12.47 18.68
N SER G 265 21.74 11.29 18.43
CA SER G 265 22.78 10.77 19.31
C SER G 265 24.11 11.45 19.04
N ARG G 266 25.01 11.32 20.00
CA ARG G 266 26.41 11.70 19.87
C ARG G 266 27.26 10.42 19.93
N THR G 267 27.93 10.13 18.82
CA THR G 267 28.72 8.91 18.73
C THR G 267 30.21 9.20 18.79
N THR G 268 30.96 8.24 19.31
CA THR G 268 32.41 8.34 19.44
C THR G 268 33.01 7.03 18.97
N LEU G 269 33.91 7.12 18.00
CA LEU G 269 34.69 5.97 17.54
C LEU G 269 36.06 6.03 18.19
N ILE G 270 36.39 5.00 18.96
CA ILE G 270 37.62 4.91 19.76
C ILE G 270 38.54 3.89 19.11
N MET G 271 39.70 4.35 18.62
CA MET G 271 40.62 3.44 17.95
C MET G 271 42.01 3.48 18.54
N ARG G 272 42.65 2.32 18.61
CA ARG G 272 44.04 2.24 19.05
C ARG G 272 44.98 2.78 17.97
N ASP G 273 44.62 2.58 16.70
CA ASP G 273 45.34 3.07 15.53
C ASP G 273 45.12 4.56 15.35
N SER G 274 45.98 5.16 14.53
CA SER G 274 45.84 6.59 14.25
C SER G 274 44.74 6.89 13.23
N ALA G 275 44.40 5.93 12.38
CA ALA G 275 43.43 6.20 11.33
C ALA G 275 42.86 4.90 10.79
N MET G 276 41.64 5.00 10.25
CA MET G 276 41.10 3.91 9.44
C MET G 276 41.90 3.77 8.15
N ARG G 277 42.23 2.53 7.79
CA ARG G 277 43.05 2.30 6.63
C ARG G 277 42.28 1.47 5.60
N PRO G 278 42.50 1.69 4.29
CA PRO G 278 41.63 1.06 3.28
C PRO G 278 41.95 -0.41 3.08
N SER G 279 40.91 -1.21 2.91
CA SER G 279 41.14 -2.62 2.60
C SER G 279 41.66 -2.78 1.16
N ASP G 280 42.53 -3.78 0.95
CA ASP G 280 43.19 -4.00 -0.34
C ASP G 280 42.57 -5.18 -1.08
N ASP G 281 41.95 -4.91 -2.25
CA ASP G 281 41.64 -5.96 -3.23
C ASP G 281 42.05 -5.54 -4.64
N SER G 282 43.09 -4.72 -4.73
CA SER G 282 43.82 -4.53 -5.97
C SER G 282 44.18 -5.87 -6.58
N PRO G 283 44.15 -6.00 -7.91
CA PRO G 283 44.01 -7.33 -8.51
C PRO G 283 45.20 -8.26 -8.34
N PHE G 284 46.44 -7.77 -8.34
CA PHE G 284 47.55 -8.70 -8.15
C PHE G 284 47.61 -9.23 -6.72
N VAL G 285 47.45 -8.34 -5.73
CA VAL G 285 47.44 -8.74 -4.33
C VAL G 285 46.30 -9.73 -4.09
N ASN G 286 45.17 -9.51 -4.74
CA ASN G 286 43.95 -10.27 -4.48
C ASN G 286 44.04 -11.72 -4.94
N GLU G 287 45.09 -12.10 -5.68
CA GLU G 287 45.19 -13.46 -6.16
C GLU G 287 45.45 -14.48 -5.06
N ILE G 288 45.76 -14.05 -3.83
CA ILE G 288 45.92 -15.02 -2.74
C ILE G 288 44.58 -15.72 -2.42
N PHE G 289 43.47 -15.12 -2.81
CA PHE G 289 42.16 -15.72 -2.61
C PHE G 289 41.74 -16.64 -3.76
N ASN G 290 42.57 -16.80 -4.78
CA ASN G 290 42.26 -17.74 -5.84
C ASN G 290 42.16 -19.16 -5.26
N PRO G 291 41.20 -19.96 -5.70
CA PRO G 291 41.07 -21.32 -5.14
C PRO G 291 42.31 -22.17 -5.30
N GLU G 292 43.07 -21.99 -6.39
CA GLU G 292 44.24 -22.81 -6.66
C GLU G 292 45.46 -22.41 -5.83
N ARG G 293 45.39 -21.32 -5.09
CA ARG G 293 46.53 -20.97 -4.26
C ARG G 293 46.60 -21.79 -2.99
N VAL G 294 45.51 -22.45 -2.62
CA VAL G 294 45.54 -23.26 -1.40
C VAL G 294 46.59 -24.34 -1.55
N ASP G 295 46.78 -24.88 -2.77
CA ASP G 295 47.87 -25.82 -3.00
C ASP G 295 49.22 -25.19 -2.66
N LYS G 296 49.52 -24.02 -3.25
CA LYS G 296 50.83 -23.41 -3.07
C LYS G 296 51.06 -22.93 -1.64
N PHE G 297 50.06 -22.27 -1.04
CA PHE G 297 50.19 -21.72 0.31
C PHE G 297 50.42 -22.82 1.33
N TYR G 298 49.64 -23.89 1.27
CA TYR G 298 49.70 -24.93 2.29
C TYR G 298 51.08 -25.55 2.35
N SER G 299 51.71 -25.77 1.20
CA SER G 299 53.01 -26.45 1.12
C SER G 299 54.18 -25.59 1.58
N GLN G 300 53.98 -24.33 1.94
CA GLN G 300 55.08 -23.52 2.42
C GLN G 300 55.38 -23.79 3.89
N SER G 301 56.60 -23.47 4.32
CA SER G 301 56.93 -23.68 5.71
C SER G 301 56.16 -22.69 6.58
N ALA G 302 56.09 -23.01 7.88
CA ALA G 302 55.35 -22.17 8.82
C ALA G 302 55.85 -20.73 8.76
N ALA G 303 57.16 -20.52 8.69
CA ALA G 303 57.72 -19.17 8.67
C ALA G 303 57.24 -18.40 7.46
N GLU G 304 57.27 -19.03 6.28
CA GLU G 304 56.80 -18.35 5.08
C GLU G 304 55.29 -18.11 5.12
N ARG G 305 54.54 -19.04 5.71
CA ARG G 305 53.10 -18.84 5.81
C ARG G 305 52.78 -17.66 6.72
N GLN G 306 53.49 -17.56 7.85
CA GLN G 306 53.28 -16.42 8.75
C GLN G 306 53.74 -15.11 8.11
N ARG G 307 54.85 -15.12 7.37
CA ARG G 307 55.29 -13.89 6.72
C ARG G 307 54.33 -13.48 5.61
N SER G 308 53.79 -14.46 4.87
CA SER G 308 52.81 -14.14 3.82
C SER G 308 51.53 -13.58 4.41
N LEU G 309 51.06 -14.16 5.52
CA LEU G 309 49.89 -13.60 6.16
C LEU G 309 50.13 -12.16 6.56
N LEU G 310 51.32 -11.88 7.11
CA LEU G 310 51.61 -10.54 7.62
C LEU G 310 51.67 -9.50 6.52
N ALA G 311 52.36 -9.82 5.41
CA ALA G 311 52.49 -8.84 4.34
C ALA G 311 51.14 -8.51 3.73
N ASP G 312 50.17 -9.42 3.82
CA ASP G 312 48.84 -9.25 3.24
C ASP G 312 47.76 -8.92 4.28
N LYS G 313 48.11 -8.46 5.47
CA LYS G 313 47.11 -8.22 6.50
C LYS G 313 46.05 -7.21 6.04
N ALA G 314 46.44 -6.22 5.22
CA ALA G 314 45.48 -5.20 4.82
C ALA G 314 44.38 -5.73 3.91
N THR G 315 44.46 -6.98 3.46
CA THR G 315 43.39 -7.54 2.64
C THR G 315 42.16 -7.94 3.45
N ASN G 316 42.27 -8.08 4.77
CA ASN G 316 41.17 -8.67 5.53
C ASN G 316 41.02 -8.16 6.96
N TYR G 317 42.09 -7.66 7.57
CA TYR G 317 42.07 -7.36 9.00
C TYR G 317 42.34 -5.88 9.28
N SER G 318 41.51 -5.31 10.16
CA SER G 318 41.57 -3.91 10.59
C SER G 318 41.60 -2.95 9.40
N VAL G 319 40.70 -3.18 8.45
CA VAL G 319 40.58 -2.34 7.27
C VAL G 319 39.11 -2.11 6.96
N VAL G 320 38.88 -1.03 6.24
CA VAL G 320 37.54 -0.59 5.88
C VAL G 320 37.55 -0.37 4.37
N ARG G 321 36.45 -0.70 3.71
CA ARG G 321 36.24 -0.34 2.31
C ARG G 321 36.47 1.15 2.08
N LEU G 322 37.32 1.47 1.10
CA LEU G 322 37.70 2.87 0.86
C LEU G 322 36.48 3.78 0.76
N GLU G 323 35.46 3.33 0.03
CA GLU G 323 34.28 4.15 -0.18
C GLU G 323 33.57 4.47 1.14
N LEU G 324 33.51 3.51 2.08
CA LEU G 324 32.96 3.83 3.39
C LEU G 324 33.86 4.82 4.13
N ILE G 325 35.18 4.70 4.00
CA ILE G 325 36.09 5.68 4.60
C ILE G 325 35.80 7.09 4.08
N GLU G 326 35.62 7.23 2.76
CA GLU G 326 35.43 8.56 2.17
C GLU G 326 34.11 9.19 2.59
N GLU G 327 33.10 8.37 2.89
CA GLU G 327 31.81 8.87 3.31
C GLU G 327 31.85 9.33 4.76
N ILE G 328 32.43 8.51 5.64
CA ILE G 328 32.67 8.94 7.02
C ILE G 328 33.52 10.21 7.04
N TYR G 329 34.48 10.29 6.12
CA TYR G 329 35.29 11.50 6.06
C TYR G 329 34.43 12.68 5.62
N ASN G 330 33.52 12.44 4.68
CA ASN G 330 32.64 13.52 4.28
C ASN G 330 31.73 13.98 5.42
N ASP G 331 31.22 13.06 6.22
CA ASP G 331 30.37 13.48 7.34
C ASP G 331 31.17 14.32 8.34
N MET G 332 32.41 13.93 8.64
CA MET G 332 33.23 14.73 9.53
C MET G 332 33.51 16.10 8.92
N TYR G 333 33.76 16.16 7.61
CA TYR G 333 34.10 17.43 6.99
C TYR G 333 32.94 18.43 7.08
N LEU G 334 31.72 17.95 6.86
CA LEU G 334 30.54 18.80 6.95
C LEU G 334 30.39 19.38 8.35
N GLN G 335 30.77 18.62 9.38
CA GLN G 335 30.76 19.14 10.75
C GLN G 335 31.76 20.28 10.93
N ARG G 336 32.89 20.20 10.23
CA ARG G 336 33.89 21.26 10.26
C ARG G 336 33.36 22.53 9.60
N VAL G 337 32.53 22.37 8.55
CA VAL G 337 31.86 23.50 7.94
C VAL G 337 30.94 24.18 8.93
N LYS G 338 30.17 23.39 9.69
CA LYS G 338 29.20 23.97 10.61
C LYS G 338 29.88 24.49 11.86
N ASN G 339 30.97 23.85 12.31
CA ASN G 339 31.68 24.22 13.53
C ASN G 339 33.15 23.85 13.40
N PRO G 340 34.07 24.83 13.41
CA PRO G 340 35.49 24.50 13.22
C PRO G 340 36.12 23.78 14.40
N ASP G 341 35.49 23.80 15.58
CA ASP G 341 36.04 23.21 16.80
C ASP G 341 35.66 21.74 16.89
N GLU G 342 36.63 20.86 16.60
CA GLU G 342 36.35 19.44 16.57
C GLU G 342 35.76 18.92 17.89
N THR G 343 36.12 19.54 19.03
CA THR G 343 35.67 19.05 20.34
C THR G 343 34.16 19.20 20.53
N GLN G 344 33.50 20.07 19.76
CA GLN G 344 32.07 20.25 19.91
C GLN G 344 31.25 19.42 18.93
N TRP G 345 31.87 18.61 18.09
CA TRP G 345 31.14 17.92 17.02
C TRP G 345 30.17 16.89 17.59
N GLN G 346 29.07 16.67 16.86
CA GLN G 346 28.10 15.65 17.26
C GLN G 346 28.73 14.26 17.23
N HIS G 347 29.53 13.97 16.21
CA HIS G 347 30.18 12.67 16.04
C HIS G 347 31.67 12.87 15.85
N ARG G 348 32.48 12.18 16.65
CA ARG G 348 33.92 12.35 16.63
C ARG G 348 34.62 10.99 16.53
N ILE G 349 35.85 11.05 16.05
CA ILE G 349 36.74 9.91 15.98
C ILE G 349 37.89 10.21 16.92
N LEU G 350 38.17 9.30 17.84
CA LEU G 350 39.26 9.48 18.79
C LEU G 350 40.36 8.46 18.49
N PRO G 351 41.41 8.85 17.79
CA PRO G 351 42.49 7.91 17.47
C PRO G 351 43.48 7.79 18.62
N GLU G 352 44.25 6.70 18.57
CA GLU G 352 45.34 6.42 19.50
C GLU G 352 44.90 6.59 20.96
N ARG G 353 43.85 5.84 21.28
CA ARG G 353 43.19 5.86 22.58
C ARG G 353 43.19 4.43 23.10
N LYS G 354 43.26 4.27 24.42
CA LYS G 354 43.03 2.96 25.02
C LYS G 354 42.12 3.14 26.23
N ILE G 355 41.23 2.18 26.42
CA ILE G 355 40.31 2.23 27.56
C ILE G 355 41.04 1.72 28.79
N THR G 356 41.19 2.60 29.80
CA THR G 356 41.85 2.22 31.03
C THR G 356 40.87 1.81 32.11
N ARG G 357 39.59 2.15 31.99
CA ARG G 357 38.63 1.86 33.04
C ARG G 357 37.22 2.11 32.53
N VAL G 358 36.29 1.33 33.02
CA VAL G 358 34.87 1.52 32.74
C VAL G 358 34.14 1.53 34.08
N GLU G 359 33.48 2.63 34.41
CA GLU G 359 32.66 2.71 35.61
C GLU G 359 31.23 2.39 35.21
N HIS G 360 30.68 1.30 35.73
CA HIS G 360 29.39 0.81 35.25
C HIS G 360 28.42 0.43 36.34
N HIS G 361 28.75 0.61 37.61
CA HIS G 361 27.83 0.26 38.67
C HIS G 361 26.93 1.44 39.01
N GLY G 362 26.11 1.26 40.03
CA GLY G 362 25.29 2.32 40.54
C GLY G 362 24.00 2.51 39.76
N PRO G 363 23.17 3.44 40.22
CA PRO G 363 21.88 3.67 39.55
C PRO G 363 22.02 4.26 38.15
N GLN G 364 23.16 4.90 37.85
CA GLN G 364 23.26 5.74 36.68
C GLN G 364 22.97 4.96 35.40
N SER G 365 22.24 5.60 34.48
CA SER G 365 21.92 5.01 33.20
C SER G 365 23.11 5.01 32.24
N ARG G 366 24.13 5.82 32.50
CA ARG G 366 25.29 5.93 31.60
C ARG G 366 26.53 5.36 32.27
N MET G 367 27.37 4.73 31.47
CA MET G 367 28.67 4.26 31.94
C MET G 367 29.72 5.34 31.72
N ARG G 368 30.78 5.30 32.53
CA ARG G 368 31.89 6.23 32.42
C ARG G 368 33.11 5.48 31.94
N ILE G 369 33.49 5.70 30.68
CA ILE G 369 34.69 5.14 30.09
C ILE G 369 35.83 6.13 30.29
N HIS G 370 36.96 5.65 30.80
CA HIS G 370 38.15 6.49 30.97
C HIS G 370 39.16 6.15 29.89
N LEU G 371 39.67 7.18 29.20
CA LEU G 371 40.54 7.01 28.05
C LEU G 371 41.91 7.66 28.29
N LYS G 372 42.95 6.99 27.79
CA LYS G 372 44.29 7.57 27.71
C LYS G 372 44.83 7.38 26.29
N SER G 373 45.86 8.14 25.94
CA SER G 373 46.58 7.91 24.70
C SER G 373 47.24 6.53 24.73
N SER G 374 47.35 5.91 23.54
CA SER G 374 48.00 4.62 23.41
C SER G 374 49.47 4.74 23.00
N LYS G 375 50.00 5.95 22.87
CA LYS G 375 51.41 6.15 22.52
C LYS G 375 52.32 5.73 23.68
N GLU G 387 40.79 11.68 30.18
CA GLU G 387 39.64 11.84 29.29
C GLU G 387 38.52 10.87 29.68
N THR G 388 37.28 11.35 29.62
CA THR G 388 36.14 10.55 30.03
C THR G 388 35.02 10.69 29.02
N LEU G 389 34.30 9.59 28.82
CA LEU G 389 33.06 9.59 28.04
C LEU G 389 31.96 9.02 28.91
N GLU G 390 30.80 9.68 28.92
CA GLU G 390 29.61 9.14 29.54
C GLU G 390 28.71 8.61 28.43
N VAL G 391 28.46 7.29 28.42
CA VAL G 391 27.80 6.64 27.30
C VAL G 391 26.67 5.74 27.80
N ASP G 392 25.59 5.69 27.01
CA ASP G 392 24.49 4.77 27.24
C ASP G 392 24.78 3.38 26.74
N ALA G 393 25.74 3.24 25.84
CA ALA G 393 26.03 1.93 25.28
C ALA G 393 27.43 1.96 24.70
N LEU G 394 28.08 0.80 24.72
CA LEU G 394 29.41 0.63 24.13
C LEU G 394 29.35 -0.53 23.16
N MET G 395 29.47 -0.24 21.86
CA MET G 395 29.59 -1.24 20.82
C MET G 395 31.07 -1.58 20.60
N VAL G 396 31.38 -2.88 20.63
CA VAL G 396 32.76 -3.37 20.62
C VAL G 396 32.98 -4.17 19.35
N ALA G 397 33.75 -3.61 18.42
CA ALA G 397 33.96 -4.21 17.11
C ALA G 397 35.39 -4.71 16.99
N THR G 398 35.67 -5.79 17.72
CA THR G 398 37.02 -6.31 17.85
C THR G 398 37.19 -7.71 17.27
N GLY G 399 36.27 -8.14 16.40
CA GLY G 399 36.48 -9.36 15.63
C GLY G 399 36.11 -10.65 16.34
N TYR G 400 36.79 -11.73 15.94
CA TYR G 400 36.41 -13.08 16.34
C TYR G 400 37.63 -13.92 16.69
N ASN G 401 37.38 -14.96 17.47
CA ASN G 401 38.29 -16.08 17.63
C ASN G 401 37.70 -17.28 16.88
N ARG G 402 38.58 -18.11 16.33
CA ARG G 402 38.19 -19.32 15.61
C ARG G 402 38.95 -20.51 16.19
N ASN G 403 38.74 -20.70 17.50
CA ASN G 403 39.33 -21.79 18.25
C ASN G 403 38.26 -22.59 18.98
N ALA G 404 36.98 -22.36 18.63
CA ALA G 404 35.87 -22.99 19.34
C ALA G 404 35.81 -24.49 19.12
N HIS G 405 36.43 -24.99 18.05
CA HIS G 405 36.44 -26.42 17.80
C HIS G 405 37.26 -27.17 18.86
N GLU G 406 38.22 -26.49 19.47
CA GLU G 406 39.07 -27.15 20.45
C GLU G 406 38.27 -27.55 21.67
N ARG G 407 37.34 -26.70 22.10
CA ARG G 407 36.43 -27.12 23.16
C ARG G 407 35.51 -28.22 22.66
N LEU G 408 35.00 -28.10 21.43
CA LEU G 408 34.09 -29.11 20.90
C LEU G 408 34.77 -30.47 20.75
N LEU G 409 36.07 -30.49 20.49
CA LEU G 409 36.81 -31.73 20.27
C LEU G 409 37.69 -32.12 21.45
N SER G 410 37.46 -31.51 22.62
CA SER G 410 38.35 -31.77 23.75
C SER G 410 38.36 -33.25 24.14
N LYS G 411 37.20 -33.91 24.09
CA LYS G 411 37.07 -35.29 24.55
C LYS G 411 37.64 -36.30 23.56
N VAL G 412 38.09 -35.86 22.38
CA VAL G 412 38.77 -36.70 21.41
C VAL G 412 40.20 -36.24 21.16
N GLN G 413 40.68 -35.26 21.94
CA GLN G 413 42.01 -34.74 21.69
C GLN G 413 43.09 -35.76 22.02
N HIS G 414 42.76 -36.81 22.76
CA HIS G 414 43.71 -37.88 23.06
C HIS G 414 43.99 -38.80 21.88
N LEU G 415 43.27 -38.66 20.77
CA LEU G 415 43.49 -39.46 19.58
C LEU G 415 44.49 -38.85 18.60
N ARG G 416 44.95 -37.63 18.86
CA ARG G 416 45.98 -37.01 18.03
C ARG G 416 47.32 -37.71 18.24
N PRO G 417 48.22 -37.63 17.25
CA PRO G 417 49.58 -38.16 17.46
C PRO G 417 50.30 -37.50 18.63
N THR G 418 51.27 -38.23 19.17
CA THR G 418 51.98 -37.81 20.37
C THR G 418 52.65 -36.45 20.15
N GLY G 419 52.47 -35.54 21.11
CA GLY G 419 53.15 -34.27 21.11
C GLY G 419 52.38 -33.11 20.49
N GLN G 420 51.13 -33.30 20.07
CA GLN G 420 50.32 -32.23 19.51
C GLN G 420 49.46 -31.57 20.59
N ASP G 421 49.45 -30.24 20.59
CA ASP G 421 48.55 -29.47 21.46
C ASP G 421 47.44 -28.79 20.67
N GLN G 422 47.43 -28.93 19.35
CA GLN G 422 46.40 -28.39 18.48
C GLN G 422 46.12 -29.43 17.40
N TRP G 423 44.94 -29.32 16.80
CA TRP G 423 44.60 -30.18 15.67
C TRP G 423 45.38 -29.72 14.44
N LYS G 424 45.94 -30.69 13.72
CA LYS G 424 46.77 -30.39 12.54
C LYS G 424 46.04 -30.84 11.29
N PRO G 425 45.37 -29.95 10.56
CA PRO G 425 44.64 -30.39 9.38
C PRO G 425 45.55 -30.60 8.17
N HIS G 426 45.27 -31.67 7.43
CA HIS G 426 45.99 -31.91 6.19
C HIS G 426 45.52 -30.93 5.12
N ARG G 427 46.14 -31.00 3.94
CA ARG G 427 45.74 -30.17 2.82
C ARG G 427 44.24 -30.30 2.55
N ASP G 428 43.71 -31.52 2.69
CA ASP G 428 42.29 -31.77 2.49
C ASP G 428 41.44 -31.46 3.72
N TYR G 429 41.99 -30.76 4.71
CA TYR G 429 41.29 -30.22 5.88
C TYR G 429 41.04 -31.31 6.90
N ARG G 430 41.46 -32.55 6.62
CA ARG G 430 41.34 -33.62 7.59
C ARG G 430 42.50 -33.56 8.59
N VAL G 431 42.17 -33.58 9.88
CA VAL G 431 43.20 -33.47 10.91
C VAL G 431 43.84 -34.82 11.13
N GLU G 432 45.11 -34.78 11.52
CA GLU G 432 45.86 -36.00 11.76
C GLU G 432 45.31 -36.75 12.97
N MET G 433 45.05 -38.03 12.79
CA MET G 433 44.74 -38.93 13.88
C MET G 433 45.84 -39.97 13.97
N ASP G 434 46.03 -40.50 15.17
CA ASP G 434 46.93 -41.64 15.34
C ASP G 434 46.34 -42.86 14.64
N PRO G 435 47.04 -43.47 13.68
CA PRO G 435 46.45 -44.60 12.94
C PRO G 435 46.23 -45.83 13.80
N SER G 436 46.82 -45.89 14.99
CA SER G 436 46.59 -46.99 15.92
C SER G 436 45.41 -46.78 16.86
N LYS G 437 44.83 -45.58 16.88
CA LYS G 437 43.70 -45.31 17.76
C LYS G 437 42.38 -45.09 17.02
N VAL G 438 42.43 -44.70 15.75
CA VAL G 438 41.23 -44.41 14.96
C VAL G 438 41.32 -45.19 13.65
N SER G 439 40.22 -45.84 13.29
CA SER G 439 40.14 -46.52 12.00
C SER G 439 40.19 -45.50 10.86
N SER G 440 40.70 -45.96 9.71
CA SER G 440 40.78 -45.07 8.55
C SER G 440 39.40 -44.72 8.00
N GLU G 441 38.36 -45.47 8.38
CA GLU G 441 37.01 -45.15 7.96
C GLU G 441 36.36 -44.01 8.77
N ALA G 442 37.02 -43.51 9.81
CA ALA G 442 36.50 -42.44 10.65
C ALA G 442 37.45 -41.25 10.63
N GLY G 443 36.89 -40.05 10.76
CA GLY G 443 37.73 -38.87 10.74
C GLY G 443 36.94 -37.59 10.99
N ILE G 444 37.70 -36.51 11.23
CA ILE G 444 37.14 -35.20 11.53
C ILE G 444 37.82 -34.18 10.64
N TRP G 445 37.03 -33.29 10.05
CA TRP G 445 37.49 -32.21 9.19
C TRP G 445 37.18 -30.85 9.83
N LEU G 446 38.07 -29.88 9.58
CA LEU G 446 37.93 -28.50 10.04
C LEU G 446 37.75 -27.57 8.86
N GLN G 447 36.85 -26.60 9.00
CA GLN G 447 36.56 -25.64 7.91
C GLN G 447 36.46 -24.24 8.47
N GLY G 448 37.21 -23.31 7.87
CA GLY G 448 37.11 -21.90 8.18
C GLY G 448 38.02 -21.40 9.29
N CYS G 449 38.64 -22.31 10.06
CA CYS G 449 39.53 -21.93 11.16
C CYS G 449 40.98 -22.29 10.84
N ASN G 450 41.31 -22.43 9.55
CA ASN G 450 42.60 -22.96 9.13
C ASN G 450 43.43 -21.96 8.33
N GLU G 451 43.14 -20.67 8.48
CA GLU G 451 43.88 -19.61 7.79
C GLU G 451 45.40 -19.79 7.91
N ARG G 452 45.88 -20.22 9.08
CA ARG G 452 47.33 -20.34 9.28
C ARG G 452 47.96 -21.36 8.33
N THR G 453 47.23 -22.43 8.00
CA THR G 453 47.74 -23.45 7.10
C THR G 453 47.22 -23.29 5.67
N HIS G 454 46.06 -22.66 5.46
CA HIS G 454 45.43 -22.66 4.15
C HIS G 454 45.24 -21.28 3.54
N GLY G 455 45.54 -20.23 4.26
CA GLY G 455 45.55 -18.91 3.65
C GLY G 455 44.37 -18.06 4.10
N LEU G 456 44.47 -16.79 3.72
CA LEU G 456 43.52 -15.78 4.18
C LEU G 456 42.11 -16.03 3.67
N SER G 457 41.94 -16.83 2.63
CA SER G 457 40.61 -17.10 2.08
C SER G 457 39.84 -18.13 2.89
N ASP G 458 40.49 -18.73 3.90
CA ASP G 458 39.90 -19.89 4.56
C ASP G 458 38.63 -19.50 5.35
N SER G 459 38.61 -18.33 5.97
CA SER G 459 37.42 -17.95 6.73
C SER G 459 36.39 -17.22 5.88
N LEU G 460 36.68 -16.95 4.63
CA LEU G 460 35.81 -16.13 3.79
C LEU G 460 34.98 -17.01 2.88
N LEU G 461 34.26 -16.37 1.96
CA LEU G 461 33.52 -17.04 0.88
C LEU G 461 34.37 -17.32 -0.34
N SER G 462 35.63 -16.87 -0.37
CA SER G 462 36.41 -16.81 -1.60
C SER G 462 36.53 -18.18 -2.27
N VAL G 463 36.77 -19.24 -1.50
CA VAL G 463 37.05 -20.54 -2.09
C VAL G 463 35.97 -21.57 -1.73
N LEU G 464 34.81 -21.12 -1.22
CA LEU G 464 33.80 -22.07 -0.74
C LEU G 464 33.28 -22.96 -1.84
N ALA G 465 33.10 -22.40 -3.04
CA ALA G 465 32.60 -23.16 -4.16
C ALA G 465 33.55 -24.31 -4.51
N VAL G 466 34.85 -24.01 -4.56
CA VAL G 466 35.86 -25.01 -4.89
C VAL G 466 36.13 -25.93 -3.71
N ARG G 467 36.20 -25.35 -2.51
CA ARG G 467 36.48 -26.14 -1.31
C ARG G 467 35.35 -27.13 -1.05
N GLY G 468 34.11 -26.70 -1.24
CA GLY G 468 33.01 -27.63 -1.17
C GLY G 468 33.19 -28.79 -2.12
N GLY G 469 33.69 -28.50 -3.32
CA GLY G 469 33.96 -29.55 -4.29
C GLY G 469 35.04 -30.51 -3.82
N GLU G 470 36.16 -29.96 -3.35
CA GLU G 470 37.24 -30.81 -2.83
C GLU G 470 36.77 -31.63 -1.65
N MET G 471 36.00 -31.02 -0.74
CA MET G 471 35.53 -31.73 0.46
C MET G 471 34.66 -32.92 0.09
N VAL G 472 33.79 -32.77 -0.91
CA VAL G 472 32.91 -33.88 -1.30
C VAL G 472 33.75 -35.02 -1.84
N GLN G 473 34.80 -34.71 -2.61
CA GLN G 473 35.68 -35.76 -3.10
C GLN G 473 36.44 -36.43 -1.97
N SER G 474 36.84 -35.67 -0.96
CA SER G 474 37.64 -36.24 0.12
C SER G 474 36.83 -37.20 0.98
N ILE G 475 35.57 -36.84 1.27
CA ILE G 475 34.75 -37.54 2.25
C ILE G 475 33.87 -38.61 1.59
N PHE G 476 33.38 -38.36 0.37
CA PHE G 476 32.49 -39.28 -0.31
C PHE G 476 33.09 -39.86 -1.57
N GLY G 477 34.35 -39.57 -1.88
CA GLY G 477 34.94 -39.98 -3.14
C GLY G 477 34.85 -41.45 -3.46
N GLU G 478 35.41 -42.29 -2.58
CA GLU G 478 35.36 -43.74 -2.77
C GLU G 478 33.93 -44.27 -2.70
N GLN G 479 33.09 -43.64 -1.88
CA GLN G 479 31.71 -44.07 -1.71
C GLN G 479 30.90 -43.91 -2.99
N LEU G 480 31.18 -42.85 -3.75
CA LEU G 480 30.45 -42.51 -4.98
C LEU G 480 30.89 -43.35 -6.18
N GLU G 481 31.84 -44.25 -6.00
CA GLU G 481 32.28 -45.12 -7.09
C GLU G 481 31.53 -46.45 -7.07
N LEU H 24 23.63 -30.13 -32.07
CA LEU H 24 22.67 -30.31 -33.16
C LEU H 24 23.24 -31.16 -34.30
N ARG H 25 22.47 -32.14 -34.74
CA ARG H 25 22.92 -33.03 -35.80
C ARG H 25 22.54 -32.46 -37.16
N SER H 26 23.39 -32.71 -38.14
CA SER H 26 23.13 -32.22 -39.49
C SER H 26 22.01 -33.03 -40.14
N THR H 27 21.35 -32.40 -41.13
CA THR H 27 20.33 -32.89 -42.05
C THR H 27 20.88 -32.95 -43.47
N PRO H 28 20.58 -33.98 -44.24
CA PRO H 28 20.98 -34.01 -45.65
C PRO H 28 20.56 -32.73 -46.39
N GLN H 29 21.47 -32.23 -47.26
CA GLN H 29 21.28 -30.94 -47.91
C GLN H 29 20.06 -30.91 -48.81
N ASP H 30 19.73 -32.03 -49.46
CA ASP H 30 18.65 -32.08 -50.46
C ASP H 30 17.27 -32.29 -49.84
N GLU H 31 17.19 -32.48 -48.52
CA GLU H 31 15.96 -32.80 -47.82
C GLU H 31 15.21 -31.54 -47.39
N LEU H 32 13.94 -31.73 -46.99
CA LEU H 32 13.06 -30.64 -46.56
C LEU H 32 13.30 -30.29 -45.09
N HIS H 33 13.86 -29.10 -44.85
CA HIS H 33 14.18 -28.68 -43.48
C HIS H 33 12.95 -28.13 -42.75
N ASP H 34 13.01 -28.19 -41.42
CA ASP H 34 12.01 -27.47 -40.63
C ASP H 34 12.29 -25.98 -40.59
N LEU H 35 13.57 -25.61 -40.51
CA LEU H 35 13.97 -24.20 -40.45
C LEU H 35 15.32 -24.00 -41.14
N LEU H 36 15.44 -22.91 -41.89
CA LEU H 36 16.72 -22.48 -42.44
C LEU H 36 16.96 -21.03 -42.02
N CYS H 37 18.12 -20.74 -41.42
CA CYS H 37 18.47 -19.37 -41.04
C CYS H 37 19.51 -18.80 -41.98
N VAL H 38 19.25 -17.59 -42.48
CA VAL H 38 20.18 -16.85 -43.32
C VAL H 38 21.03 -15.97 -42.42
N GLY H 39 22.34 -16.25 -42.38
CA GLY H 39 23.28 -15.49 -41.57
C GLY H 39 23.65 -16.21 -40.28
N PHE H 40 24.93 -16.24 -39.94
CA PHE H 40 25.28 -16.83 -38.66
C PHE H 40 26.02 -15.85 -37.76
N GLY H 41 25.37 -14.73 -37.47
CA GLY H 41 25.86 -13.80 -36.49
C GLY H 41 25.20 -14.08 -35.16
N PRO H 42 25.35 -13.15 -34.22
CA PRO H 42 24.86 -13.42 -32.85
C PRO H 42 23.39 -13.80 -32.75
N ALA H 43 22.51 -13.19 -33.54
CA ALA H 43 21.09 -13.46 -33.43
C ALA H 43 20.77 -14.90 -33.84
N SER H 44 21.35 -15.38 -34.92
CA SER H 44 21.10 -16.76 -35.31
C SER H 44 21.79 -17.74 -34.36
N LEU H 45 22.97 -17.35 -33.86
CA LEU H 45 23.68 -18.19 -32.90
C LEU H 45 22.86 -18.38 -31.64
N ALA H 46 22.16 -17.32 -31.20
CA ALA H 46 21.31 -17.45 -30.03
C ALA H 46 20.14 -18.42 -30.26
N ILE H 47 19.62 -18.49 -31.48
CA ILE H 47 18.57 -19.45 -31.79
C ILE H 47 19.10 -20.88 -31.64
N ALA H 48 20.28 -21.12 -32.20
CA ALA H 48 20.90 -22.45 -32.12
C ALA H 48 21.16 -22.85 -30.67
N ILE H 49 21.66 -21.92 -29.85
CA ILE H 49 21.87 -22.23 -28.43
C ILE H 49 20.56 -22.57 -27.77
N ALA H 50 19.53 -21.74 -28.00
CA ALA H 50 18.23 -21.95 -27.39
C ALA H 50 17.60 -23.27 -27.84
N LEU H 51 17.81 -23.66 -29.10
CA LEU H 51 17.26 -24.94 -29.54
C LEU H 51 17.95 -26.08 -28.80
N HIS H 52 19.28 -26.04 -28.74
CA HIS H 52 20.06 -27.00 -27.98
C HIS H 52 19.56 -27.11 -26.54
N ASP H 53 19.47 -25.97 -25.85
CA ASP H 53 19.04 -26.02 -24.45
C ASP H 53 17.63 -26.56 -24.32
N ALA H 54 16.76 -26.25 -25.28
CA ALA H 54 15.39 -26.74 -25.24
C ALA H 54 15.31 -28.27 -25.36
N LEU H 55 16.27 -28.88 -26.05
CA LEU H 55 16.31 -30.32 -26.26
C LEU H 55 17.10 -31.04 -25.17
N ASP H 56 17.65 -30.29 -24.22
CA ASP H 56 18.44 -30.86 -23.14
C ASP H 56 17.53 -31.19 -21.97
N PRO H 57 17.41 -32.47 -21.59
CA PRO H 57 16.55 -32.81 -20.44
C PRO H 57 17.02 -32.16 -19.16
N ARG H 58 18.32 -31.84 -19.08
CA ARG H 58 18.87 -31.14 -17.93
C ARG H 58 18.24 -29.76 -17.73
N LEU H 59 17.84 -29.10 -18.82
CA LEU H 59 17.35 -27.74 -18.76
C LEU H 59 15.84 -27.60 -18.96
N ASN H 60 15.18 -28.59 -19.54
CA ASN H 60 13.74 -28.53 -19.74
C ASN H 60 13.07 -29.81 -19.23
N GLN H 69 15.03 -34.64 -33.31
CA GLN H 69 15.56 -33.28 -33.48
C GLN H 69 15.06 -32.67 -34.78
N PRO H 70 14.64 -31.41 -34.71
CA PRO H 70 14.20 -30.72 -35.92
C PRO H 70 15.31 -30.59 -36.96
N LYS H 71 14.91 -30.52 -38.22
CA LYS H 71 15.83 -30.44 -39.36
C LYS H 71 16.12 -28.98 -39.63
N ILE H 72 17.30 -28.53 -39.21
CA ILE H 72 17.68 -27.13 -39.18
C ILE H 72 19.03 -26.99 -39.88
N CYS H 73 19.26 -25.82 -40.50
CA CYS H 73 20.61 -25.50 -40.99
C CYS H 73 20.76 -23.99 -41.12
N PHE H 74 22.02 -23.53 -41.03
CA PHE H 74 22.36 -22.13 -41.07
C PHE H 74 23.30 -21.88 -42.24
N LEU H 75 23.08 -20.79 -42.98
CA LEU H 75 23.94 -20.39 -44.09
C LEU H 75 24.56 -19.03 -43.77
N GLU H 76 25.89 -18.94 -43.86
CA GLU H 76 26.64 -17.73 -43.50
C GLU H 76 27.65 -17.40 -44.59
N ARG H 77 27.66 -16.13 -45.01
CA ARG H 77 28.56 -15.72 -46.10
C ARG H 77 30.02 -15.72 -45.66
N GLN H 78 30.31 -15.40 -44.40
CA GLN H 78 31.69 -15.38 -43.95
C GLN H 78 32.26 -16.79 -43.94
N LYS H 79 33.59 -16.87 -44.11
CA LYS H 79 34.27 -18.16 -44.22
C LYS H 79 34.30 -18.89 -42.88
N GLN H 80 34.09 -18.16 -41.80
CA GLN H 80 34.08 -18.69 -40.45
C GLN H 80 33.35 -17.67 -39.58
N PHE H 81 33.00 -18.06 -38.36
CA PHE H 81 32.33 -17.11 -37.49
C PHE H 81 33.25 -15.93 -37.20
N ALA H 82 32.70 -14.73 -37.32
CA ALA H 82 33.42 -13.49 -36.99
C ALA H 82 32.39 -12.41 -36.67
N TRP H 83 32.74 -11.55 -35.72
CA TRP H 83 31.83 -10.54 -35.20
C TRP H 83 32.42 -9.15 -35.47
N HIS H 84 31.90 -8.50 -36.51
CA HIS H 84 32.28 -7.12 -36.87
C HIS H 84 33.79 -6.98 -36.84
N SER H 85 34.45 -7.89 -37.59
CA SER H 85 35.89 -8.01 -37.52
C SER H 85 36.60 -6.76 -38.00
N GLY H 86 35.95 -5.94 -38.81
CA GLY H 86 36.53 -4.66 -39.23
C GLY H 86 36.67 -3.63 -38.10
N MET H 87 36.01 -3.84 -36.97
CA MET H 87 36.08 -2.88 -35.88
C MET H 87 36.64 -3.51 -34.61
N LEU H 88 37.40 -4.59 -34.72
CA LEU H 88 38.11 -5.15 -33.56
C LEU H 88 39.37 -4.32 -33.33
N VAL H 89 39.14 -3.08 -32.92
CA VAL H 89 40.24 -2.13 -32.63
C VAL H 89 40.89 -2.51 -31.31
N PRO H 90 42.22 -2.44 -31.19
CA PRO H 90 42.84 -2.72 -29.89
C PRO H 90 42.27 -1.87 -28.77
N GLY H 91 41.97 -2.53 -27.65
CA GLY H 91 41.46 -1.90 -26.45
C GLY H 91 40.00 -1.55 -26.46
N SER H 92 39.29 -1.73 -27.58
CA SER H 92 37.87 -1.42 -27.60
C SER H 92 37.12 -2.43 -26.75
N LYS H 93 36.07 -1.98 -26.09
CA LYS H 93 35.35 -2.80 -25.14
C LYS H 93 33.92 -3.01 -25.60
N MET H 94 33.30 -4.08 -25.10
CA MET H 94 31.85 -4.21 -25.19
C MET H 94 31.16 -3.02 -24.53
N GLN H 95 30.04 -2.60 -25.10
CA GLN H 95 29.20 -1.60 -24.45
C GLN H 95 27.98 -2.21 -23.79
N ILE H 96 28.11 -3.44 -23.28
CA ILE H 96 26.97 -4.13 -22.67
C ILE H 96 27.49 -5.10 -21.62
N SER H 97 26.72 -5.26 -20.54
CA SER H 97 27.13 -6.17 -19.47
C SER H 97 27.26 -7.61 -19.97
N PHE H 98 28.29 -8.31 -19.51
CA PHE H 98 28.46 -9.71 -19.93
C PHE H 98 27.28 -10.58 -19.50
N ILE H 99 26.46 -10.13 -18.55
CA ILE H 99 25.30 -10.91 -18.19
C ILE H 99 24.34 -10.97 -19.36
N LYS H 100 24.36 -9.97 -20.23
CA LYS H 100 23.53 -10.00 -21.42
C LYS H 100 24.19 -10.76 -22.56
N ASP H 101 24.78 -11.91 -22.24
CA ASP H 101 25.48 -12.72 -23.21
C ASP H 101 24.48 -13.52 -24.05
N LEU H 102 24.92 -14.59 -24.70
CA LEU H 102 23.98 -15.27 -25.59
C LEU H 102 23.10 -16.27 -24.84
N ALA H 103 23.17 -16.35 -23.51
CA ALA H 103 22.36 -17.36 -22.86
C ALA H 103 21.81 -16.92 -21.51
N THR H 104 22.59 -16.13 -20.76
CA THR H 104 22.36 -16.02 -19.33
C THR H 104 20.94 -15.51 -19.01
N LEU H 105 20.45 -14.51 -19.74
CA LEU H 105 19.15 -13.95 -19.37
C LEU H 105 17.99 -14.94 -19.60
N ARG H 106 18.19 -15.99 -20.41
CA ARG H 106 17.17 -17.03 -20.56
C ARG H 106 17.36 -18.17 -19.56
N ASP H 107 18.60 -18.58 -19.32
CA ASP H 107 18.89 -19.64 -18.38
C ASP H 107 20.34 -19.53 -17.94
N PRO H 108 20.57 -19.09 -16.71
CA PRO H 108 21.95 -19.03 -16.20
C PRO H 108 22.66 -20.38 -16.13
N ARG H 109 21.92 -21.51 -16.11
CA ARG H 109 22.52 -22.84 -16.09
C ARG H 109 23.05 -23.31 -17.45
N SER H 110 22.79 -22.57 -18.52
CA SER H 110 23.21 -23.01 -19.85
C SER H 110 24.73 -23.16 -19.89
N SER H 111 25.19 -24.10 -20.72
CA SER H 111 26.63 -24.24 -20.91
C SER H 111 27.18 -23.12 -21.78
N PHE H 112 26.32 -22.30 -22.36
CA PHE H 112 26.76 -21.26 -23.28
C PHE H 112 26.85 -19.89 -22.64
N THR H 113 26.87 -19.81 -21.30
CA THR H 113 27.04 -18.50 -20.68
C THR H 113 28.45 -17.99 -20.89
N PHE H 114 28.61 -16.67 -20.75
CA PHE H 114 29.95 -16.12 -20.83
C PHE H 114 30.81 -16.64 -19.68
N LEU H 115 30.21 -16.82 -18.49
CA LEU H 115 30.97 -17.31 -17.35
C LEU H 115 31.41 -18.76 -17.54
N ASN H 116 30.57 -19.59 -18.13
CA ASN H 116 31.00 -20.96 -18.35
C ASN H 116 32.11 -21.02 -19.39
N TYR H 117 32.06 -20.15 -20.39
CA TYR H 117 33.14 -20.08 -21.36
C TYR H 117 34.47 -19.78 -20.67
N LEU H 118 34.48 -18.76 -19.79
CA LEU H 118 35.70 -18.42 -19.04
C LEU H 118 36.15 -19.59 -18.19
N HIS H 119 35.20 -20.28 -17.55
CA HIS H 119 35.53 -21.46 -16.77
C HIS H 119 36.19 -22.53 -17.64
N GLN H 120 35.65 -22.77 -18.84
CA GLN H 120 36.25 -23.77 -19.74
C GLN H 120 37.67 -23.39 -20.15
N LYS H 121 37.94 -22.08 -20.26
CA LYS H 121 39.27 -21.60 -20.64
C LYS H 121 40.22 -21.46 -19.45
N GLY H 122 39.79 -21.78 -18.23
CA GLY H 122 40.69 -21.60 -17.11
C GLY H 122 41.01 -20.14 -16.83
N ARG H 123 40.04 -19.25 -17.06
CA ARG H 123 40.24 -17.82 -16.95
C ARG H 123 39.22 -17.15 -16.04
N LEU H 124 38.30 -17.90 -15.45
CA LEU H 124 37.19 -17.31 -14.72
C LEU H 124 37.67 -16.53 -13.49
N ILE H 125 38.57 -17.13 -12.69
CA ILE H 125 39.07 -16.43 -11.51
C ILE H 125 39.83 -15.19 -11.93
N HIS H 126 40.48 -15.24 -13.09
CA HIS H 126 41.24 -14.10 -13.55
C HIS H 126 40.34 -12.99 -14.06
N PHE H 127 39.21 -13.36 -14.68
CA PHE H 127 38.24 -12.35 -15.10
C PHE H 127 37.59 -11.71 -13.89
N THR H 128 37.39 -12.49 -12.82
CA THR H 128 36.80 -11.94 -11.61
C THR H 128 37.61 -10.77 -11.09
N ASN H 129 38.94 -10.90 -11.07
CA ASN H 129 39.77 -9.81 -10.58
C ASN H 129 39.88 -8.63 -11.55
N LEU H 130 39.41 -8.79 -12.79
CA LEU H 130 39.30 -7.62 -13.68
C LEU H 130 38.32 -6.61 -13.13
N SER H 131 37.35 -7.08 -12.34
CA SER H 131 36.27 -6.25 -11.81
C SER H 131 35.67 -5.37 -12.90
N THR H 132 35.25 -6.00 -14.00
CA THR H 132 34.58 -5.28 -15.08
C THR H 132 33.46 -6.13 -15.65
N PHE H 133 32.33 -5.48 -15.99
CA PHE H 133 31.21 -6.07 -16.73
C PHE H 133 31.40 -5.96 -18.22
N LEU H 134 32.46 -5.30 -18.68
CA LEU H 134 32.64 -4.95 -20.09
C LEU H 134 33.93 -5.58 -20.58
N PRO H 135 33.87 -6.81 -21.09
CA PRO H 135 35.07 -7.42 -21.67
C PRO H 135 35.47 -6.73 -22.95
N ALA H 136 36.72 -6.95 -23.35
CA ALA H 136 37.18 -6.49 -24.65
C ALA H 136 36.32 -7.06 -25.78
N ARG H 137 36.16 -6.28 -26.84
CA ARG H 137 35.46 -6.82 -28.00
C ARG H 137 36.19 -8.04 -28.54
N LEU H 138 37.53 -8.03 -28.52
CA LEU H 138 38.29 -9.21 -28.91
C LEU H 138 37.93 -10.40 -28.04
N GLU H 139 37.80 -10.19 -26.74
CA GLU H 139 37.47 -11.33 -25.89
C GLU H 139 36.06 -11.79 -26.15
N PHE H 140 35.13 -10.84 -26.27
CA PHE H 140 33.74 -11.21 -26.46
C PHE H 140 33.51 -11.90 -27.80
N GLU H 141 34.27 -11.54 -28.83
CA GLU H 141 34.18 -12.29 -30.09
C GLU H 141 34.65 -13.72 -29.93
N ASP H 142 35.70 -13.95 -29.11
CA ASP H 142 36.19 -15.32 -28.91
C ASP H 142 35.17 -16.17 -28.16
N TYR H 143 34.45 -15.58 -27.21
CA TYR H 143 33.36 -16.31 -26.55
C TYR H 143 32.31 -16.77 -27.54
N MET H 144 31.92 -15.90 -28.45
CA MET H 144 30.87 -16.29 -29.39
C MET H 144 31.42 -17.27 -30.44
N ARG H 145 32.70 -17.15 -30.81
CA ARG H 145 33.35 -18.14 -31.67
C ARG H 145 33.36 -19.50 -31.00
N TRP H 146 33.69 -19.52 -29.70
CA TRP H 146 33.64 -20.75 -28.91
C TRP H 146 32.24 -21.35 -28.91
N CYS H 147 31.21 -20.48 -28.87
CA CYS H 147 29.84 -20.95 -29.02
C CYS H 147 29.58 -21.51 -30.42
N ALA H 148 29.94 -20.74 -31.45
CA ALA H 148 29.57 -21.09 -32.83
C ALA H 148 30.19 -22.41 -33.26
N GLN H 149 31.42 -22.68 -32.80
CA GLN H 149 32.15 -23.87 -33.23
C GLN H 149 31.46 -25.15 -32.79
N GLN H 150 30.63 -25.08 -31.74
CA GLN H 150 29.84 -26.25 -31.33
C GLN H 150 28.69 -26.56 -32.26
N PHE H 151 28.40 -25.70 -33.24
CA PHE H 151 27.32 -25.96 -34.20
C PHE H 151 27.84 -26.16 -35.62
N SER H 152 29.13 -26.45 -35.78
CA SER H 152 29.73 -26.52 -37.11
C SER H 152 29.06 -27.54 -38.04
N ASP H 153 28.35 -28.54 -37.49
CA ASP H 153 27.71 -29.57 -38.33
C ASP H 153 26.46 -29.06 -39.04
N VAL H 154 25.83 -27.99 -38.54
CA VAL H 154 24.59 -27.47 -39.09
C VAL H 154 24.77 -26.09 -39.69
N VAL H 155 26.01 -25.66 -39.86
CA VAL H 155 26.32 -24.36 -40.46
C VAL H 155 27.13 -24.59 -41.72
N ALA H 156 26.73 -23.94 -42.79
CA ALA H 156 27.47 -23.93 -44.04
C ALA H 156 28.02 -22.52 -44.20
N TYR H 157 29.34 -22.37 -44.00
CA TYR H 157 29.99 -21.08 -44.13
C TYR H 157 30.37 -20.83 -45.58
N GLY H 158 30.68 -19.56 -45.88
CA GLY H 158 31.00 -19.20 -47.25
C GLY H 158 29.85 -19.33 -48.23
N GLU H 159 28.62 -19.12 -47.77
CA GLU H 159 27.42 -19.23 -48.60
C GLU H 159 26.69 -17.90 -48.52
N GLU H 160 26.67 -17.16 -49.62
CA GLU H 160 26.00 -15.87 -49.67
C GLU H 160 24.61 -16.07 -50.28
N VAL H 161 23.58 -15.98 -49.45
CA VAL H 161 22.21 -16.14 -49.91
C VAL H 161 21.85 -14.99 -50.84
N VAL H 162 21.28 -15.32 -52.00
CA VAL H 162 20.94 -14.33 -53.00
C VAL H 162 19.46 -14.29 -53.35
N GLU H 163 18.69 -15.36 -53.09
CA GLU H 163 17.27 -15.34 -53.39
C GLU H 163 16.54 -16.37 -52.54
N VAL H 164 15.28 -16.06 -52.20
CA VAL H 164 14.37 -17.00 -51.56
C VAL H 164 13.15 -17.16 -52.47
N ILE H 165 12.75 -18.40 -52.68
CA ILE H 165 11.81 -18.74 -53.76
C ILE H 165 10.63 -19.49 -53.16
N PRO H 166 9.40 -19.16 -53.52
CA PRO H 166 8.26 -19.94 -53.03
C PRO H 166 8.28 -21.33 -53.62
N GLY H 167 7.59 -22.23 -52.93
CA GLY H 167 7.48 -23.60 -53.40
C GLY H 167 6.10 -24.13 -53.07
N LYS H 168 5.59 -24.98 -53.97
CA LYS H 168 4.30 -25.64 -53.80
C LYS H 168 4.56 -27.13 -53.98
N SER H 169 4.46 -27.88 -52.88
CA SER H 169 4.71 -29.30 -52.93
C SER H 169 3.56 -30.04 -53.60
N ASP H 170 2.47 -29.37 -53.88
CA ASP H 170 1.26 -29.98 -54.41
C ASP H 170 1.06 -29.54 -55.85
N PRO H 171 1.20 -30.44 -56.83
CA PRO H 171 0.71 -30.14 -58.18
C PRO H 171 -0.76 -29.78 -58.21
N SER H 172 -1.53 -30.14 -57.19
CA SER H 172 -2.98 -29.94 -57.16
C SER H 172 -3.42 -28.74 -56.34
N SER H 173 -2.60 -28.30 -55.38
CA SER H 173 -2.91 -27.12 -54.58
C SER H 173 -2.07 -25.94 -55.05
N SER H 174 -2.68 -24.76 -55.04
CA SER H 174 -2.01 -23.52 -55.41
C SER H 174 -1.40 -22.81 -54.20
N VAL H 175 -1.27 -23.49 -53.05
CA VAL H 175 -0.81 -22.90 -51.81
C VAL H 175 0.69 -23.13 -51.67
N VAL H 176 1.42 -22.09 -51.29
CA VAL H 176 2.85 -22.20 -51.01
C VAL H 176 3.02 -22.84 -49.63
N ASP H 177 3.81 -23.92 -49.57
CA ASP H 177 4.03 -24.63 -48.32
C ASP H 177 5.50 -24.92 -48.04
N PHE H 178 6.42 -24.40 -48.87
CA PHE H 178 7.84 -24.38 -48.53
C PHE H 178 8.53 -23.28 -49.33
N PHE H 179 9.81 -23.05 -48.99
CA PHE H 179 10.66 -22.07 -49.65
C PHE H 179 11.98 -22.69 -50.06
N THR H 180 12.50 -22.27 -51.22
CA THR H 180 13.82 -22.67 -51.70
C THR H 180 14.76 -21.48 -51.61
N VAL H 181 15.84 -21.63 -50.84
CA VAL H 181 16.82 -20.56 -50.68
C VAL H 181 18.05 -20.91 -51.50
N ARG H 182 18.44 -20.02 -52.40
CA ARG H 182 19.61 -20.20 -53.26
C ARG H 182 20.73 -19.28 -52.78
N SER H 183 21.92 -19.85 -52.61
CA SER H 183 23.06 -19.11 -52.09
C SER H 183 24.25 -19.28 -53.04
N ARG H 184 25.02 -18.21 -53.19
CA ARG H 184 26.21 -18.24 -54.03
C ARG H 184 27.42 -18.53 -53.16
N ASN H 185 28.17 -19.56 -53.55
CA ASN H 185 29.38 -19.89 -52.82
C ASN H 185 30.43 -18.83 -53.10
N VAL H 186 30.98 -18.25 -52.02
CA VAL H 186 31.92 -17.14 -52.18
C VAL H 186 33.26 -17.62 -52.74
N GLU H 187 33.57 -18.92 -52.66
CA GLU H 187 34.83 -19.45 -53.17
C GLU H 187 34.73 -19.90 -54.64
N THR H 188 33.72 -20.68 -54.99
CA THR H 188 33.60 -21.23 -56.34
C THR H 188 32.61 -20.49 -57.22
N GLY H 189 31.70 -19.72 -56.64
CA GLY H 189 30.63 -19.09 -57.39
C GLY H 189 29.45 -19.98 -57.71
N GLU H 190 29.46 -21.25 -57.31
CA GLU H 190 28.37 -22.16 -57.62
C GLU H 190 27.13 -21.79 -56.83
N ILE H 191 25.96 -21.90 -57.47
CA ILE H 191 24.69 -21.59 -56.82
C ILE H 191 24.08 -22.90 -56.30
N SER H 192 23.80 -22.94 -55.01
CA SER H 192 23.19 -24.09 -54.35
C SER H 192 21.81 -23.71 -53.84
N ALA H 193 20.99 -24.72 -53.56
CA ALA H 193 19.58 -24.48 -53.21
C ALA H 193 19.10 -25.51 -52.20
N ARG H 194 18.37 -25.04 -51.18
CA ARG H 194 17.85 -25.90 -50.13
C ARG H 194 16.37 -25.62 -49.87
N ARG H 195 15.60 -26.66 -49.57
CA ARG H 195 14.18 -26.54 -49.29
C ARG H 195 13.93 -26.59 -47.78
N THR H 196 13.02 -25.72 -47.31
CA THR H 196 12.72 -25.61 -45.89
C THR H 196 11.25 -25.22 -45.69
N ARG H 197 10.69 -25.64 -44.55
CA ARG H 197 9.35 -25.22 -44.19
C ARG H 197 9.31 -23.79 -43.67
N LYS H 198 10.37 -23.34 -43.01
CA LYS H 198 10.41 -22.02 -42.41
C LYS H 198 11.79 -21.37 -42.62
N VAL H 199 11.80 -20.04 -42.74
CA VAL H 199 12.98 -19.26 -43.10
C VAL H 199 13.20 -18.15 -42.05
N VAL H 200 14.46 -17.93 -41.66
CA VAL H 200 14.83 -16.79 -40.84
C VAL H 200 15.83 -15.90 -41.58
N ILE H 201 15.57 -14.59 -41.60
CA ILE H 201 16.47 -13.58 -42.16
C ILE H 201 17.13 -12.78 -41.02
N ALA H 202 18.44 -12.97 -40.85
CA ALA H 202 19.21 -12.30 -39.79
C ALA H 202 20.55 -11.88 -40.40
N ILE H 203 20.52 -10.82 -41.21
CA ILE H 203 21.68 -10.44 -42.02
C ILE H 203 22.26 -9.10 -41.58
N GLY H 204 21.90 -8.62 -40.39
CA GLY H 204 22.48 -7.40 -39.86
C GLY H 204 22.21 -6.20 -40.75
N GLY H 205 23.24 -5.38 -40.94
CA GLY H 205 23.09 -4.15 -41.68
C GLY H 205 24.14 -3.99 -42.76
N THR H 206 23.82 -3.09 -43.69
CA THR H 206 24.73 -2.65 -44.73
C THR H 206 25.23 -1.25 -44.40
N ALA H 207 26.46 -0.99 -44.83
CA ALA H 207 27.09 0.30 -44.56
C ALA H 207 26.24 1.44 -45.09
N LYS H 208 26.04 2.45 -44.25
CA LYS H 208 25.33 3.66 -44.64
C LYS H 208 26.36 4.71 -45.01
N MET H 209 26.28 5.22 -46.23
CA MET H 209 27.18 6.28 -46.66
C MET H 209 26.42 7.57 -46.91
N PRO H 210 27.02 8.72 -46.63
CA PRO H 210 26.42 10.00 -47.05
C PRO H 210 26.30 10.00 -48.57
N SER H 211 25.16 10.50 -49.05
CA SER H 211 24.85 10.41 -50.48
C SER H 211 25.88 11.13 -51.35
N GLY H 212 26.35 12.29 -50.90
CA GLY H 212 27.25 13.12 -51.68
C GLY H 212 28.68 12.63 -51.78
N LEU H 213 29.03 11.55 -51.08
CA LEU H 213 30.38 11.01 -51.21
C LEU H 213 30.51 10.16 -52.48
N PRO H 214 31.61 10.31 -53.22
CA PRO H 214 31.86 9.46 -54.39
C PRO H 214 32.54 8.17 -53.99
N GLN H 215 32.51 7.22 -54.92
CA GLN H 215 33.21 5.95 -54.71
C GLN H 215 34.68 6.11 -55.07
N ASP H 216 35.56 5.75 -54.14
CA ASP H 216 37.00 5.86 -54.32
C ASP H 216 37.61 4.99 -53.23
N PRO H 217 38.68 4.24 -53.51
CA PRO H 217 39.26 3.38 -52.46
C PRO H 217 39.71 4.12 -51.21
N ARG H 218 40.02 5.42 -51.33
CA ARG H 218 40.45 6.21 -50.19
C ARG H 218 39.27 6.74 -49.38
N ILE H 219 38.05 6.30 -49.70
CA ILE H 219 36.85 6.62 -48.94
C ILE H 219 36.33 5.29 -48.41
N ILE H 220 36.60 5.02 -47.13
CA ILE H 220 36.43 3.70 -46.53
C ILE H 220 35.45 3.81 -45.36
N HIS H 221 34.39 3.01 -45.40
CA HIS H 221 33.43 2.95 -44.32
C HIS H 221 34.06 2.33 -43.08
N SER H 222 33.47 2.66 -41.92
CA SER H 222 33.98 2.19 -40.62
C SER H 222 33.96 0.68 -40.51
N SER H 223 32.98 0.04 -41.17
CA SER H 223 32.90 -1.41 -41.18
C SER H 223 34.13 -2.09 -41.77
N LYS H 224 34.96 -1.37 -42.53
CA LYS H 224 36.13 -1.98 -43.16
C LYS H 224 37.43 -1.34 -42.68
N TYR H 225 37.42 -0.77 -41.47
CA TYR H 225 38.58 -0.03 -40.97
C TYR H 225 39.81 -0.94 -40.81
N CYS H 226 39.72 -1.95 -39.94
CA CYS H 226 40.89 -2.79 -39.68
C CYS H 226 41.26 -3.66 -40.87
N THR H 227 40.29 -4.02 -41.70
CA THR H 227 40.56 -4.99 -42.77
C THR H 227 41.02 -4.37 -44.08
N THR H 228 40.67 -3.11 -44.38
CA THR H 228 41.04 -2.52 -45.67
C THR H 228 41.99 -1.33 -45.54
N LEU H 229 41.86 -0.50 -44.51
CA LEU H 229 42.73 0.67 -44.41
C LEU H 229 44.21 0.33 -44.33
N PRO H 230 44.66 -0.67 -43.56
CA PRO H 230 46.09 -1.01 -43.60
C PRO H 230 46.59 -1.32 -45.00
N ALA H 231 45.74 -1.89 -45.85
CA ALA H 231 46.15 -2.21 -47.22
C ALA H 231 46.44 -0.95 -48.04
N LEU H 232 45.81 0.18 -47.71
CA LEU H 232 46.09 1.41 -48.43
C LEU H 232 47.30 2.15 -47.86
N LEU H 233 47.38 2.27 -46.54
CA LEU H 233 48.45 2.99 -45.85
C LEU H 233 49.29 1.95 -45.10
N LYS H 234 50.33 1.46 -45.78
CA LYS H 234 51.10 0.32 -45.30
C LYS H 234 52.06 0.70 -44.17
N ASP H 235 52.60 1.92 -44.20
CA ASP H 235 53.73 2.32 -43.35
C ASP H 235 53.24 3.01 -42.08
N LYS H 236 53.44 2.36 -40.94
CA LYS H 236 52.90 2.87 -39.67
C LYS H 236 53.51 4.20 -39.24
N SER H 237 54.65 4.59 -39.82
CA SER H 237 55.38 5.79 -39.41
C SER H 237 55.20 6.99 -40.36
N LYS H 238 54.49 6.83 -41.47
CA LYS H 238 54.33 7.92 -42.42
C LYS H 238 53.37 9.00 -41.90
N PRO H 239 53.60 10.27 -42.28
CA PRO H 239 52.68 11.36 -41.87
C PRO H 239 51.46 11.47 -42.78
N TYR H 240 50.60 10.46 -42.74
CA TYR H 240 49.40 10.51 -43.56
C TYR H 240 48.44 11.57 -43.00
N ASN H 241 47.65 12.19 -43.87
CA ASN H 241 46.50 12.96 -43.43
C ASN H 241 45.27 12.08 -43.57
N ILE H 242 44.60 11.84 -42.45
CA ILE H 242 43.47 10.93 -42.36
C ILE H 242 42.31 11.67 -41.72
N ALA H 243 41.16 11.62 -42.36
CA ALA H 243 39.94 12.21 -41.85
C ALA H 243 38.97 11.12 -41.43
N VAL H 244 38.14 11.43 -40.44
CA VAL H 244 37.10 10.53 -39.90
C VAL H 244 35.79 11.30 -39.90
N LEU H 245 34.77 10.74 -40.54
CA LEU H 245 33.49 11.42 -40.73
C LEU H 245 32.44 10.74 -39.85
N GLY H 246 31.85 11.52 -38.95
CA GLY H 246 30.88 11.03 -37.99
C GLY H 246 31.24 11.49 -36.59
N SER H 247 30.31 11.23 -35.68
CA SER H 247 30.54 11.70 -34.31
C SER H 247 30.06 10.69 -33.27
N GLY H 248 29.79 9.45 -33.68
CA GLY H 248 29.39 8.41 -32.76
C GLY H 248 30.55 7.53 -32.35
N GLN H 249 30.22 6.41 -31.70
CA GLN H 249 31.24 5.56 -31.09
C GLN H 249 32.32 5.15 -32.09
N SER H 250 31.91 4.72 -33.28
CA SER H 250 32.87 4.22 -34.26
C SER H 250 33.81 5.33 -34.68
N ALA H 251 33.26 6.54 -34.86
CA ALA H 251 34.09 7.67 -35.25
C ALA H 251 35.09 8.01 -34.15
N ALA H 252 34.65 8.02 -32.90
CA ALA H 252 35.57 8.29 -31.80
C ALA H 252 36.61 7.18 -31.67
N GLU H 253 36.20 5.91 -31.82
CA GLU H 253 37.17 4.83 -31.71
C GLU H 253 38.22 4.88 -32.82
N ILE H 254 37.81 5.21 -34.04
CA ILE H 254 38.76 5.25 -35.15
C ILE H 254 39.71 6.44 -34.98
N PHE H 255 39.14 7.60 -34.66
CA PHE H 255 39.93 8.80 -34.43
C PHE H 255 41.00 8.53 -33.38
N HIS H 256 40.61 7.90 -32.27
CA HIS H 256 41.59 7.64 -31.21
C HIS H 256 42.60 6.58 -31.64
N ASP H 257 42.14 5.51 -32.30
CA ASP H 257 43.06 4.44 -32.67
C ASP H 257 44.10 4.93 -33.68
N LEU H 258 43.67 5.72 -34.67
CA LEU H 258 44.58 6.22 -35.69
C LEU H 258 45.77 6.94 -35.08
N GLN H 259 45.52 7.69 -34.01
CA GLN H 259 46.56 8.50 -33.38
C GLN H 259 47.61 7.62 -32.71
N LYS H 260 47.23 6.41 -32.31
CA LYS H 260 48.17 5.42 -31.81
C LYS H 260 48.77 4.60 -32.95
N ARG H 261 47.96 4.31 -33.99
CA ARG H 261 48.41 3.47 -35.07
C ARG H 261 49.42 4.18 -35.96
N TYR H 262 49.17 5.44 -36.32
CA TYR H 262 50.12 6.23 -37.11
C TYR H 262 50.57 7.37 -36.23
N PRO H 263 51.59 7.16 -35.39
CA PRO H 263 51.95 8.16 -34.37
C PRO H 263 52.46 9.48 -34.95
N ASN H 264 52.81 9.52 -36.23
CA ASN H 264 53.23 10.75 -36.88
C ASN H 264 52.16 11.36 -37.77
N SER H 265 50.97 10.77 -37.84
CA SER H 265 49.94 11.27 -38.74
C SER H 265 49.27 12.52 -38.18
N ARG H 266 48.61 13.25 -39.08
CA ARG H 266 47.74 14.37 -38.75
C ARG H 266 46.32 13.94 -39.11
N THR H 267 45.49 13.75 -38.09
CA THR H 267 44.12 13.27 -38.25
C THR H 267 43.13 14.40 -37.98
N THR H 268 41.99 14.34 -38.65
CA THR H 268 40.93 15.33 -38.50
C THR H 268 39.60 14.61 -38.36
N LEU H 269 38.89 14.92 -37.30
CA LEU H 269 37.56 14.38 -37.04
C LEU H 269 36.53 15.41 -37.50
N ILE H 270 35.71 15.03 -38.48
CA ILE H 270 34.73 15.91 -39.11
C ILE H 270 33.34 15.48 -38.63
N MET H 271 32.66 16.36 -37.88
CA MET H 271 31.37 16.03 -37.28
C MET H 271 30.31 17.09 -37.58
N ARG H 272 29.07 16.61 -37.72
CA ARG H 272 27.94 17.52 -37.90
C ARG H 272 27.52 18.15 -36.58
N ASP H 273 27.62 17.41 -35.49
CA ASP H 273 27.20 17.96 -34.21
C ASP H 273 28.27 18.92 -33.68
N SER H 274 27.89 19.67 -32.64
CA SER H 274 28.82 20.61 -32.02
C SER H 274 29.84 19.90 -31.14
N ALA H 275 29.51 18.71 -30.64
CA ALA H 275 30.38 17.97 -29.76
C ALA H 275 30.00 16.50 -29.84
N MET H 276 30.95 15.64 -29.49
CA MET H 276 30.66 14.24 -29.23
C MET H 276 29.79 14.13 -27.99
N ARG H 277 28.76 13.31 -28.05
CA ARG H 277 27.86 13.31 -26.90
C ARG H 277 27.82 11.95 -26.21
N PRO H 278 27.66 11.94 -24.89
CA PRO H 278 27.85 10.70 -24.13
C PRO H 278 26.65 9.80 -24.28
N SER H 279 26.92 8.51 -24.43
CA SER H 279 25.84 7.53 -24.49
C SER H 279 25.24 7.34 -23.11
N ASP H 280 23.95 7.04 -23.11
CA ASP H 280 23.14 6.95 -21.91
C ASP H 280 22.84 5.49 -21.61
N ASP H 281 23.42 4.97 -20.53
CA ASP H 281 22.91 3.74 -19.95
C ASP H 281 22.68 3.93 -18.47
N SER H 282 22.10 5.06 -18.09
CA SER H 282 21.65 5.23 -16.72
C SER H 282 20.52 4.25 -16.43
N PRO H 283 20.42 3.75 -15.21
CA PRO H 283 19.68 2.49 -14.99
C PRO H 283 18.21 2.57 -15.29
N PHE H 284 17.55 3.71 -15.04
CA PHE H 284 16.14 3.82 -15.39
C PHE H 284 15.93 3.91 -16.89
N VAL H 285 16.71 4.76 -17.57
CA VAL H 285 16.60 4.87 -19.02
C VAL H 285 16.85 3.53 -19.69
N ASN H 286 17.83 2.79 -19.21
CA ASN H 286 18.26 1.55 -19.83
C ASN H 286 17.23 0.43 -19.71
N GLU H 287 16.16 0.63 -18.96
CA GLU H 287 15.23 -0.47 -18.85
C GLU H 287 14.48 -0.73 -20.15
N ILE H 288 14.60 0.18 -21.12
CA ILE H 288 14.00 -0.06 -22.42
C ILE H 288 14.64 -1.27 -23.08
N PHE H 289 15.82 -1.66 -22.62
CA PHE H 289 16.47 -2.84 -23.17
C PHE H 289 16.11 -4.15 -22.46
N ASN H 290 15.27 -4.08 -21.43
CA ASN H 290 14.82 -5.30 -20.76
C ASN H 290 14.07 -6.20 -21.73
N PRO H 291 14.27 -7.52 -21.66
CA PRO H 291 13.52 -8.42 -22.56
C PRO H 291 12.02 -8.28 -22.43
N GLU H 292 11.51 -8.05 -21.21
CA GLU H 292 10.06 -8.00 -21.02
C GLU H 292 9.44 -6.72 -21.54
N ARG H 293 10.25 -5.75 -22.00
CA ARG H 293 9.71 -4.52 -22.55
C ARG H 293 9.28 -4.65 -24.01
N VAL H 294 9.74 -5.70 -24.69
CA VAL H 294 9.38 -5.87 -26.10
C VAL H 294 7.88 -6.02 -26.23
N ASP H 295 7.26 -6.70 -25.26
CA ASP H 295 5.80 -6.84 -25.19
C ASP H 295 5.11 -5.49 -25.15
N LYS H 296 5.54 -4.61 -24.23
CA LYS H 296 4.91 -3.29 -24.08
C LYS H 296 5.21 -2.40 -25.29
N PHE H 297 6.45 -2.45 -25.79
CA PHE H 297 6.81 -1.61 -26.93
C PHE H 297 6.00 -1.99 -28.16
N TYR H 298 5.93 -3.29 -28.48
CA TYR H 298 5.30 -3.73 -29.73
C TYR H 298 3.82 -3.35 -29.79
N SER H 299 3.11 -3.51 -28.67
CA SER H 299 1.69 -3.22 -28.61
C SER H 299 1.37 -1.72 -28.63
N GLN H 300 2.38 -0.86 -28.62
CA GLN H 300 2.16 0.57 -28.70
C GLN H 300 1.88 0.99 -30.13
N SER H 301 1.22 2.13 -30.28
CA SER H 301 0.89 2.64 -31.60
C SER H 301 2.15 3.14 -32.30
N ALA H 302 2.08 3.26 -33.62
CA ALA H 302 3.21 3.73 -34.39
C ALA H 302 3.71 5.09 -33.89
N ALA H 303 2.79 6.01 -33.62
CA ALA H 303 3.16 7.33 -33.15
C ALA H 303 3.87 7.27 -31.80
N GLU H 304 3.34 6.49 -30.86
CA GLU H 304 3.98 6.38 -29.57
C GLU H 304 5.35 5.72 -29.71
N ARG H 305 5.47 4.73 -30.59
CA ARG H 305 6.76 4.06 -30.80
C ARG H 305 7.79 5.01 -31.42
N GLN H 306 7.36 5.83 -32.40
CA GLN H 306 8.29 6.80 -33.00
C GLN H 306 8.70 7.87 -32.00
N ARG H 307 7.75 8.36 -31.18
CA ARG H 307 8.11 9.32 -30.14
C ARG H 307 8.99 8.66 -29.07
N SER H 308 8.71 7.39 -28.77
CA SER H 308 9.53 6.66 -27.81
C SER H 308 10.95 6.48 -28.33
N LEU H 309 11.08 6.06 -29.59
CA LEU H 309 12.42 5.85 -30.16
C LEU H 309 13.23 7.15 -30.16
N LEU H 310 12.58 8.27 -30.46
CA LEU H 310 13.29 9.54 -30.49
C LEU H 310 13.75 9.97 -29.10
N ALA H 311 12.87 9.85 -28.09
CA ALA H 311 13.20 10.33 -26.76
C ALA H 311 14.39 9.58 -26.14
N ASP H 312 14.61 8.34 -26.57
CA ASP H 312 15.70 7.51 -26.04
C ASP H 312 16.89 7.44 -27.00
N LYS H 313 16.99 8.40 -27.94
CA LYS H 313 18.01 8.33 -28.99
C LYS H 313 19.43 8.25 -28.43
N ALA H 314 19.70 8.88 -27.29
CA ALA H 314 21.07 8.90 -26.75
C ALA H 314 21.53 7.54 -26.26
N THR H 315 20.65 6.54 -26.17
CA THR H 315 21.13 5.24 -25.73
C THR H 315 21.90 4.51 -26.84
N ASN H 316 21.79 4.93 -28.09
CA ASN H 316 22.31 4.06 -29.12
C ASN H 316 22.84 4.77 -30.36
N TYR H 317 22.36 5.96 -30.69
CA TYR H 317 22.73 6.56 -31.96
C TYR H 317 23.46 7.88 -31.75
N SER H 318 24.59 8.03 -32.46
CA SER H 318 25.44 9.23 -32.43
C SER H 318 25.94 9.59 -31.02
N VAL H 319 26.39 8.58 -30.29
CA VAL H 319 26.88 8.76 -28.93
C VAL H 319 28.18 7.99 -28.73
N VAL H 320 28.97 8.44 -27.75
CA VAL H 320 30.29 7.88 -27.44
C VAL H 320 30.31 7.56 -25.95
N ARG H 321 30.91 6.42 -25.60
CA ARG H 321 31.09 6.10 -24.18
C ARG H 321 31.84 7.23 -23.49
N LEU H 322 31.28 7.71 -22.38
CA LEU H 322 31.86 8.87 -21.68
C LEU H 322 33.35 8.67 -21.43
N GLU H 323 33.76 7.45 -21.05
CA GLU H 323 35.17 7.20 -20.81
C GLU H 323 36.02 7.50 -22.05
N LEU H 324 35.51 7.15 -23.23
CA LEU H 324 36.24 7.44 -24.47
C LEU H 324 36.26 8.94 -24.75
N ILE H 325 35.15 9.62 -24.50
CA ILE H 325 35.10 11.08 -24.64
C ILE H 325 36.17 11.73 -23.78
N GLU H 326 36.27 11.31 -22.52
CA GLU H 326 37.19 11.95 -21.59
C GLU H 326 38.64 11.70 -22.00
N GLU H 327 38.95 10.50 -22.49
CA GLU H 327 40.34 10.28 -22.90
C GLU H 327 40.68 11.02 -24.19
N ILE H 328 39.68 11.26 -25.06
CA ILE H 328 39.93 12.04 -26.26
C ILE H 328 40.09 13.51 -25.91
N TYR H 329 39.28 14.00 -24.98
CA TYR H 329 39.41 15.38 -24.52
C TYR H 329 40.73 15.59 -23.82
N ASN H 330 41.11 14.64 -22.97
CA ASN H 330 42.42 14.73 -22.33
C ASN H 330 43.53 14.73 -23.38
N ASP H 331 43.38 13.95 -24.44
CA ASP H 331 44.41 13.96 -25.49
C ASP H 331 44.47 15.32 -26.21
N MET H 332 43.32 15.97 -26.41
CA MET H 332 43.32 17.34 -26.94
C MET H 332 43.95 18.33 -25.96
N TYR H 333 43.69 18.16 -24.66
CA TYR H 333 44.26 19.08 -23.68
C TYR H 333 45.77 19.00 -23.65
N LEU H 334 46.33 17.80 -23.74
CA LEU H 334 47.78 17.68 -23.73
C LEU H 334 48.38 18.49 -24.87
N GLN H 335 47.74 18.47 -26.05
CA GLN H 335 48.21 19.28 -27.15
C GLN H 335 48.12 20.78 -26.85
N ARG H 336 47.07 21.21 -26.13
CA ARG H 336 46.97 22.63 -25.82
C ARG H 336 48.07 23.06 -24.85
N VAL H 337 48.45 22.18 -23.93
CA VAL H 337 49.58 22.44 -23.05
C VAL H 337 50.87 22.63 -23.85
N LYS H 338 51.04 21.82 -24.89
CA LYS H 338 52.27 21.85 -25.69
C LYS H 338 52.26 23.01 -26.70
N ASN H 339 51.08 23.41 -27.21
CA ASN H 339 50.95 24.47 -28.19
C ASN H 339 49.58 25.12 -28.03
N PRO H 340 49.52 26.43 -27.70
CA PRO H 340 48.21 27.05 -27.44
C PRO H 340 47.36 27.29 -28.69
N ASP H 341 47.95 27.29 -29.89
CA ASP H 341 47.23 27.59 -31.13
C ASP H 341 46.63 26.30 -31.68
N GLU H 342 45.29 26.20 -31.68
CA GLU H 342 44.61 24.97 -32.09
C GLU H 342 44.87 24.59 -33.55
N THR H 343 45.41 25.53 -34.37
CA THR H 343 45.59 25.27 -35.79
C THR H 343 46.85 24.50 -36.09
N GLN H 344 47.81 24.47 -35.17
CA GLN H 344 49.03 23.72 -35.39
C GLN H 344 48.96 22.30 -34.81
N TRP H 345 47.80 21.90 -34.26
CA TRP H 345 47.69 20.63 -33.56
C TRP H 345 47.75 19.43 -34.49
N GLN H 346 48.35 18.35 -33.97
CA GLN H 346 48.48 17.14 -34.76
C GLN H 346 47.12 16.51 -35.04
N HIS H 347 46.27 16.43 -34.00
CA HIS H 347 44.94 15.83 -34.10
C HIS H 347 43.91 16.87 -33.69
N ARG H 348 42.96 17.14 -34.58
CA ARG H 348 42.02 18.23 -34.42
C ARG H 348 40.61 17.72 -34.62
N ILE H 349 39.64 18.45 -34.07
CA ILE H 349 38.23 18.19 -34.28
C ILE H 349 37.60 19.41 -34.94
N LEU H 350 36.85 19.17 -36.00
CA LEU H 350 36.14 20.22 -36.75
C LEU H 350 34.65 20.06 -36.53
N PRO H 351 34.07 20.74 -35.55
CA PRO H 351 32.64 20.59 -35.29
C PRO H 351 31.82 21.48 -36.22
N GLU H 352 30.53 21.15 -36.31
CA GLU H 352 29.56 21.85 -37.15
C GLU H 352 30.09 21.95 -38.58
N ARG H 353 30.36 20.78 -39.17
CA ARG H 353 30.90 20.71 -40.51
C ARG H 353 30.00 19.80 -41.35
N LYS H 354 29.96 20.08 -42.66
CA LYS H 354 29.38 19.13 -43.61
C LYS H 354 30.29 19.08 -44.83
N ILE H 355 30.44 17.89 -45.42
CA ILE H 355 31.24 17.73 -46.63
C ILE H 355 30.38 18.10 -47.85
N THR H 356 30.80 19.14 -48.57
CA THR H 356 30.05 19.59 -49.73
C THR H 356 30.60 19.06 -51.05
N ARG H 357 31.86 18.63 -51.09
CA ARG H 357 32.45 18.16 -52.33
C ARG H 357 33.79 17.52 -52.00
N VAL H 358 34.14 16.49 -52.76
CA VAL H 358 35.44 15.85 -52.68
C VAL H 358 36.01 15.77 -54.09
N GLU H 359 37.18 16.36 -54.29
CA GLU H 359 37.85 16.30 -55.57
C GLU H 359 38.78 15.09 -55.55
N HIS H 360 38.57 14.17 -56.49
CA HIS H 360 39.40 12.98 -56.59
C HIS H 360 39.65 12.63 -58.05
N SER H 365 47.53 12.76 -55.58
CA SER H 365 47.11 11.44 -55.09
C SER H 365 46.33 11.56 -53.78
N ARG H 366 46.57 12.62 -53.02
CA ARG H 366 45.70 12.95 -51.90
C ARG H 366 44.39 13.56 -52.41
N MET H 367 43.33 13.35 -51.66
CA MET H 367 42.06 13.97 -51.98
C MET H 367 41.95 15.34 -51.31
N ARG H 368 41.10 16.19 -51.88
CA ARG H 368 40.82 17.51 -51.33
C ARG H 368 39.37 17.53 -50.87
N ILE H 369 39.15 17.53 -49.55
CA ILE H 369 37.81 17.60 -48.96
C ILE H 369 37.43 19.06 -48.79
N HIS H 370 36.23 19.42 -49.24
CA HIS H 370 35.70 20.76 -49.07
C HIS H 370 34.66 20.74 -47.95
N LEU H 371 34.80 21.66 -46.99
CA LEU H 371 33.95 21.70 -45.81
C LEU H 371 33.24 23.04 -45.70
N LYS H 372 31.99 23.01 -45.27
CA LYS H 372 31.25 24.21 -44.90
C LYS H 372 30.63 23.99 -43.53
N SER H 373 30.19 25.10 -42.92
CA SER H 373 29.42 24.98 -41.69
C SER H 373 28.15 24.21 -41.97
N SER H 374 27.72 23.40 -41.01
CA SER H 374 26.56 22.52 -41.18
C SER H 374 25.24 23.16 -40.76
N LYS H 375 25.24 24.43 -40.35
CA LYS H 375 24.01 25.12 -40.07
C LYS H 375 23.26 25.33 -41.40
N PRO H 376 21.92 25.51 -41.35
CA PRO H 376 21.22 25.72 -42.63
C PRO H 376 21.21 27.19 -43.05
N LYS H 386 35.13 28.92 -45.84
CA LYS H 386 35.43 28.00 -46.93
C LYS H 386 36.78 27.32 -46.72
N GLU H 387 36.75 26.15 -46.09
CA GLU H 387 37.95 25.41 -45.70
C GLU H 387 38.09 24.12 -46.49
N THR H 388 39.32 23.71 -46.70
CA THR H 388 39.63 22.46 -47.39
C THR H 388 40.69 21.68 -46.63
N LEU H 389 40.56 20.36 -46.64
CA LEU H 389 41.54 19.45 -46.06
C LEU H 389 42.06 18.55 -47.17
N GLU H 390 43.37 18.35 -47.20
CA GLU H 390 44.00 17.37 -48.08
C GLU H 390 44.31 16.14 -47.24
N VAL H 391 43.76 14.99 -47.64
CA VAL H 391 43.80 13.77 -46.83
C VAL H 391 44.30 12.62 -47.67
N ASP H 392 45.04 11.70 -47.02
CA ASP H 392 45.42 10.44 -47.65
C ASP H 392 44.32 9.40 -47.57
N ALA H 393 43.36 9.58 -46.67
CA ALA H 393 42.27 8.62 -46.51
C ALA H 393 41.13 9.31 -45.75
N LEU H 394 39.91 8.83 -45.99
CA LEU H 394 38.71 9.27 -45.28
C LEU H 394 37.99 8.04 -44.73
N MET H 395 37.95 7.91 -43.40
CA MET H 395 37.17 6.85 -42.75
C MET H 395 35.76 7.38 -42.49
N VAL H 396 34.75 6.63 -42.93
CA VAL H 396 33.36 7.08 -42.93
C VAL H 396 32.58 6.21 -41.96
N ALA H 397 32.20 6.80 -40.82
CA ALA H 397 31.55 6.07 -39.72
C ALA H 397 30.11 6.54 -39.55
N THR H 398 29.25 6.18 -40.51
CA THR H 398 27.89 6.73 -40.51
C THR H 398 26.83 5.67 -40.21
N GLY H 399 27.22 4.54 -39.65
CA GLY H 399 26.24 3.58 -39.20
C GLY H 399 25.78 2.67 -40.33
N TYR H 400 24.58 2.11 -40.16
CA TYR H 400 24.11 1.03 -41.00
C TYR H 400 22.65 1.24 -41.36
N ASN H 401 22.26 0.67 -42.49
CA ASN H 401 20.88 0.44 -42.87
C ASN H 401 20.57 -1.04 -42.69
N ARG H 402 19.33 -1.36 -42.30
CA ARG H 402 18.97 -2.75 -42.07
C ARG H 402 17.71 -3.08 -42.87
N ASN H 403 17.81 -2.88 -44.19
CA ASN H 403 16.70 -3.12 -45.09
C ASN H 403 17.06 -4.15 -46.15
N ALA H 404 18.16 -4.88 -45.94
CA ALA H 404 18.63 -5.83 -46.94
C ALA H 404 17.67 -6.99 -47.14
N HIS H 405 16.79 -7.24 -46.15
CA HIS H 405 15.86 -8.36 -46.28
C HIS H 405 14.85 -8.16 -47.39
N GLU H 406 14.55 -6.92 -47.76
CA GLU H 406 13.56 -6.70 -48.82
C GLU H 406 14.08 -7.10 -50.20
N ARG H 407 15.36 -6.87 -50.48
CA ARG H 407 15.89 -7.35 -51.75
C ARG H 407 15.92 -8.88 -51.78
N LEU H 408 16.33 -9.49 -50.67
CA LEU H 408 16.41 -10.94 -50.56
C LEU H 408 15.03 -11.59 -50.64
N LEU H 409 13.99 -10.88 -50.21
CA LEU H 409 12.62 -11.41 -50.17
C LEU H 409 11.76 -10.95 -51.34
N SER H 410 12.39 -10.39 -52.38
CA SER H 410 11.60 -9.83 -53.48
C SER H 410 10.75 -10.89 -54.18
N LYS H 411 11.30 -12.09 -54.39
CA LYS H 411 10.59 -13.11 -55.13
C LYS H 411 9.48 -13.78 -54.32
N VAL H 412 9.31 -13.42 -53.05
CA VAL H 412 8.20 -13.91 -52.25
C VAL H 412 7.29 -12.80 -51.77
N GLN H 413 7.53 -11.55 -52.19
CA GLN H 413 6.73 -10.44 -51.67
C GLN H 413 5.32 -10.39 -52.25
N HIS H 414 5.04 -11.13 -53.32
CA HIS H 414 3.66 -11.20 -53.76
C HIS H 414 2.82 -12.02 -52.79
N LEU H 415 3.46 -12.68 -51.82
CA LEU H 415 2.78 -13.47 -50.81
C LEU H 415 2.34 -12.65 -49.62
N ARG H 416 2.70 -11.36 -49.56
CA ARG H 416 2.19 -10.48 -48.54
C ARG H 416 0.70 -10.25 -48.78
N PRO H 417 -0.04 -9.85 -47.75
CA PRO H 417 -1.44 -9.47 -47.95
C PRO H 417 -1.52 -8.33 -48.97
N THR H 418 -2.68 -8.22 -49.62
CA THR H 418 -2.84 -7.20 -50.65
C THR H 418 -2.65 -5.81 -50.03
N GLY H 419 -1.81 -5.00 -50.68
CA GLY H 419 -1.64 -3.61 -50.30
C GLY H 419 -0.49 -3.30 -49.35
N GLN H 420 0.31 -4.30 -48.96
CA GLN H 420 1.45 -4.04 -48.11
C GLN H 420 2.67 -3.81 -48.99
N ASP H 421 3.43 -2.76 -48.70
CA ASP H 421 4.68 -2.48 -49.39
C ASP H 421 5.89 -2.68 -48.48
N GLN H 422 5.67 -3.10 -47.24
CA GLN H 422 6.73 -3.42 -46.30
C GLN H 422 6.36 -4.70 -45.59
N TRP H 423 7.37 -5.43 -45.10
CA TRP H 423 7.12 -6.63 -44.33
C TRP H 423 6.65 -6.27 -42.92
N LYS H 424 5.55 -6.90 -42.49
CA LYS H 424 4.92 -6.58 -41.21
C LYS H 424 5.12 -7.76 -40.27
N PRO H 425 6.07 -7.70 -39.34
CA PRO H 425 6.27 -8.82 -38.41
C PRO H 425 5.31 -8.74 -37.22
N HIS H 426 4.78 -9.91 -36.84
CA HIS H 426 3.98 -10.00 -35.63
C HIS H 426 4.91 -9.97 -34.40
N ARG H 427 4.31 -9.99 -33.22
CA ARG H 427 5.09 -9.98 -31.98
C ARG H 427 6.14 -11.09 -31.97
N ASP H 428 5.78 -12.28 -32.43
CA ASP H 428 6.75 -13.37 -32.42
C ASP H 428 7.68 -13.35 -33.63
N TYR H 429 7.73 -12.24 -34.37
CA TYR H 429 8.70 -11.93 -35.44
C TYR H 429 8.36 -12.62 -36.77
N ARG H 430 7.25 -13.36 -36.84
CA ARG H 430 6.81 -13.95 -38.09
C ARG H 430 6.10 -12.90 -38.94
N VAL H 431 6.48 -12.79 -40.22
CA VAL H 431 5.90 -11.78 -41.10
C VAL H 431 4.53 -12.23 -41.59
N GLU H 432 3.67 -11.27 -41.86
CA GLU H 432 2.32 -11.58 -42.31
C GLU H 432 2.34 -12.14 -43.72
N MET H 433 1.72 -13.30 -43.90
CA MET H 433 1.44 -13.85 -45.21
C MET H 433 -0.06 -13.96 -45.42
N ASP H 434 -0.46 -13.90 -46.69
CA ASP H 434 -1.84 -14.14 -47.09
C ASP H 434 -2.21 -15.59 -46.78
N PRO H 435 -3.22 -15.85 -45.95
CA PRO H 435 -3.52 -17.24 -45.55
C PRO H 435 -4.08 -18.09 -46.68
N SER H 436 -4.58 -17.50 -47.75
CA SER H 436 -5.04 -18.28 -48.90
C SER H 436 -3.92 -18.60 -49.88
N LYS H 437 -2.72 -18.03 -49.67
CA LYS H 437 -1.56 -18.28 -50.52
C LYS H 437 -0.46 -19.07 -49.84
N VAL H 438 -0.41 -19.07 -48.51
CA VAL H 438 0.68 -19.70 -47.77
C VAL H 438 0.08 -20.64 -46.72
N SER H 439 0.59 -21.86 -46.66
CA SER H 439 0.19 -22.82 -45.64
C SER H 439 0.67 -22.39 -44.27
N SER H 440 -0.07 -22.79 -43.23
CA SER H 440 0.28 -22.46 -41.85
C SER H 440 1.55 -23.14 -41.37
N GLU H 441 1.98 -24.22 -42.03
CA GLU H 441 3.23 -24.86 -41.66
C GLU H 441 4.45 -24.13 -42.20
N ALA H 442 4.25 -23.08 -43.00
CA ALA H 442 5.34 -22.32 -43.59
C ALA H 442 5.30 -20.86 -43.13
N GLY H 443 6.45 -20.24 -43.09
CA GLY H 443 6.52 -18.84 -42.70
C GLY H 443 7.94 -18.35 -42.74
N ILE H 444 8.06 -17.02 -42.67
CA ILE H 444 9.34 -16.33 -42.70
C ILE H 444 9.40 -15.39 -41.49
N TRP H 445 10.53 -15.41 -40.79
CA TRP H 445 10.76 -14.57 -39.63
C TRP H 445 11.89 -13.58 -39.92
N LEU H 446 11.77 -12.39 -39.34
CA LEU H 446 12.82 -11.38 -39.42
C LEU H 446 13.43 -11.14 -38.05
N GLN H 447 14.74 -10.98 -38.01
CA GLN H 447 15.49 -10.80 -36.77
C GLN H 447 16.49 -9.67 -36.94
N GLY H 448 16.47 -8.71 -36.01
CA GLY H 448 17.50 -7.68 -35.98
C GLY H 448 17.21 -6.44 -36.80
N CYS H 449 16.17 -6.46 -37.62
CA CYS H 449 15.78 -5.30 -38.43
C CYS H 449 14.41 -4.75 -38.03
N ASN H 450 13.97 -5.00 -36.80
CA ASN H 450 12.61 -4.66 -36.35
C ASN H 450 12.62 -3.59 -35.25
N GLU H 451 13.69 -2.79 -35.14
CA GLU H 451 13.74 -1.75 -34.12
C GLU H 451 12.47 -0.90 -34.09
N ARG H 452 11.95 -0.54 -35.27
CA ARG H 452 10.79 0.33 -35.34
C ARG H 452 9.57 -0.32 -34.70
N THR H 453 9.46 -1.64 -34.77
CA THR H 453 8.29 -2.34 -34.25
C THR H 453 8.53 -2.97 -32.89
N HIS H 454 9.79 -3.24 -32.54
CA HIS H 454 10.12 -4.01 -31.35
C HIS H 454 11.07 -3.33 -30.37
N GLY H 455 11.57 -2.13 -30.66
CA GLY H 455 12.33 -1.36 -29.69
C GLY H 455 13.81 -1.30 -30.04
N LEU H 456 14.51 -0.39 -29.33
CA LEU H 456 15.92 -0.11 -29.61
C LEU H 456 16.83 -1.28 -29.33
N SER H 457 16.36 -2.30 -28.61
CA SER H 457 17.21 -3.45 -28.32
C SER H 457 17.30 -4.42 -29.50
N ASP H 458 16.51 -4.21 -30.55
CA ASP H 458 16.34 -5.25 -31.56
C ASP H 458 17.63 -5.54 -32.34
N SER H 459 18.41 -4.52 -32.66
CA SER H 459 19.64 -4.67 -33.44
C SER H 459 20.85 -5.00 -32.58
N LEU H 460 20.71 -5.07 -31.25
CA LEU H 460 21.81 -5.25 -30.33
C LEU H 460 21.84 -6.67 -29.79
N LEU H 461 22.76 -6.90 -28.85
CA LEU H 461 22.82 -8.16 -28.11
C LEU H 461 21.88 -8.20 -26.91
N SER H 462 21.16 -7.09 -26.62
CA SER H 462 20.48 -6.93 -25.32
C SER H 462 19.51 -8.07 -25.05
N VAL H 463 18.72 -8.45 -26.06
CA VAL H 463 17.66 -9.42 -25.86
C VAL H 463 17.90 -10.72 -26.64
N LEU H 464 19.13 -10.95 -27.13
CA LEU H 464 19.36 -12.10 -28.02
C LEU H 464 19.11 -13.43 -27.33
N ALA H 465 19.57 -13.57 -26.09
CA ALA H 465 19.37 -14.82 -25.35
C ALA H 465 17.89 -15.13 -25.18
N VAL H 466 17.09 -14.13 -24.79
CA VAL H 466 15.67 -14.33 -24.58
C VAL H 466 14.95 -14.46 -25.92
N ARG H 467 15.33 -13.63 -26.91
CA ARG H 467 14.70 -13.69 -28.22
C ARG H 467 14.96 -15.05 -28.89
N GLY H 468 16.15 -15.60 -28.70
CA GLY H 468 16.42 -16.95 -29.15
C GLY H 468 15.44 -17.95 -28.56
N GLY H 469 15.12 -17.80 -27.29
CA GLY H 469 14.16 -18.68 -26.65
C GLY H 469 12.77 -18.55 -27.24
N GLU H 470 12.31 -17.30 -27.43
CA GLU H 470 11.00 -17.08 -28.03
C GLU H 470 10.90 -17.68 -29.43
N MET H 471 11.98 -17.56 -30.21
CA MET H 471 11.96 -18.04 -31.59
C MET H 471 11.81 -19.56 -31.63
N VAL H 472 12.51 -20.27 -30.76
CA VAL H 472 12.40 -21.71 -30.74
C VAL H 472 10.99 -22.13 -30.33
N GLN H 473 10.40 -21.45 -29.36
CA GLN H 473 9.03 -21.79 -28.99
C GLN H 473 8.05 -21.46 -30.11
N SER H 474 8.32 -20.38 -30.85
CA SER H 474 7.46 -19.99 -31.96
C SER H 474 7.66 -20.91 -33.18
N ILE H 475 8.90 -21.29 -33.47
CA ILE H 475 9.19 -22.02 -34.70
C ILE H 475 9.10 -23.54 -34.50
N PHE H 476 9.54 -24.05 -33.35
CA PHE H 476 9.58 -25.49 -33.09
C PHE H 476 8.61 -25.91 -31.99
N GLY H 477 7.78 -25.00 -31.49
CA GLY H 477 6.89 -25.29 -30.37
C GLY H 477 5.98 -26.49 -30.57
N GLU H 478 5.13 -26.43 -31.60
CA GLU H 478 4.25 -27.55 -31.87
C GLU H 478 5.05 -28.81 -32.22
N GLN H 479 6.19 -28.65 -32.88
CA GLN H 479 7.03 -29.78 -33.28
C GLN H 479 7.64 -30.50 -32.08
N LEU H 480 8.05 -29.77 -31.05
CA LEU H 480 8.64 -30.45 -29.89
C LEU H 480 7.60 -30.95 -28.91
N GLU H 481 6.31 -30.67 -29.14
CA GLU H 481 5.24 -31.14 -28.27
C GLU H 481 4.65 -32.46 -28.81
#